data_1PD7
#
_entry.id   1PD7
#
loop_
_entity.id
_entity.type
_entity.pdbx_description
1 polymer 'Sin3b protein'
2 polymer Mad1
#
loop_
_entity_poly.entity_id
_entity_poly.type
_entity_poly.pdbx_seq_one_letter_code
_entity_poly.pdbx_strand_id
1 'polypeptide(L)'
;ESDSVEFNNAISYVNKIKTRFLDHPEIYRSFLEILHTYQKEQLHTKGRPFRGMSEEEVFTEVANLFRGQEDLLSEFGQFL
PEAKR
;
A
2 'polypeptide(L)' VRMNIQMLLEAADYLERREREAEH B
#
# COMPACT_ATOMS: atom_id res chain seq x y z
N GLU A 1 15.53 6.30 -19.44
CA GLU A 1 16.00 5.38 -18.39
C GLU A 1 14.93 4.79 -17.53
N SER A 2 13.81 5.51 -17.32
CA SER A 2 12.63 5.09 -16.64
C SER A 2 12.69 5.21 -15.16
N ASP A 3 11.73 5.96 -14.58
CA ASP A 3 11.64 6.23 -13.17
C ASP A 3 10.94 5.14 -12.44
N SER A 4 11.66 4.43 -11.56
CA SER A 4 11.10 3.38 -10.75
C SER A 4 11.69 3.36 -9.38
N VAL A 5 12.18 4.53 -8.93
CA VAL A 5 12.72 4.73 -7.61
C VAL A 5 11.63 4.62 -6.60
N GLU A 6 10.51 5.31 -6.88
CA GLU A 6 9.39 5.38 -6.00
C GLU A 6 8.56 4.13 -5.98
N PHE A 7 8.71 3.31 -7.03
CA PHE A 7 8.22 1.97 -7.08
C PHE A 7 8.91 1.15 -6.04
N ASN A 8 10.25 1.27 -5.94
CA ASN A 8 11.08 0.52 -5.06
C ASN A 8 10.92 1.01 -3.66
N ASN A 9 10.60 2.30 -3.47
CA ASN A 9 10.21 2.86 -2.21
C ASN A 9 8.95 2.27 -1.68
N ALA A 10 8.00 1.91 -2.58
CA ALA A 10 6.85 1.13 -2.23
C ALA A 10 7.18 -0.28 -1.93
N ILE A 11 8.05 -0.95 -2.70
CA ILE A 11 8.51 -2.28 -2.46
C ILE A 11 9.13 -2.46 -1.13
N SER A 12 10.11 -1.59 -0.80
CA SER A 12 10.80 -1.54 0.45
C SER A 12 9.91 -1.38 1.63
N TYR A 13 8.80 -0.62 1.47
CA TYR A 13 7.78 -0.45 2.46
C TYR A 13 7.00 -1.70 2.70
N VAL A 14 6.42 -2.32 1.65
CA VAL A 14 5.69 -3.54 1.71
C VAL A 14 6.49 -4.67 2.25
N ASN A 15 7.75 -4.79 1.80
CA ASN A 15 8.69 -5.73 2.33
C ASN A 15 9.03 -5.53 3.77
N LYS A 16 9.13 -4.28 4.27
CA LYS A 16 9.30 -3.97 5.66
C LYS A 16 8.12 -4.37 6.48
N ILE A 17 6.90 -4.10 5.98
CA ILE A 17 5.64 -4.50 6.53
C ILE A 17 5.58 -5.98 6.67
N LYS A 18 5.89 -6.73 5.60
CA LYS A 18 5.89 -8.16 5.61
C LYS A 18 6.91 -8.78 6.51
N THR A 19 8.07 -8.14 6.68
CA THR A 19 9.12 -8.56 7.55
C THR A 19 8.85 -8.26 8.98
N ARG A 20 8.15 -7.17 9.33
CA ARG A 20 7.77 -6.93 10.69
C ARG A 20 6.54 -7.66 11.11
N PHE A 21 5.57 -7.90 10.21
CA PHE A 21 4.43 -8.70 10.52
C PHE A 21 4.64 -10.16 10.28
N LEU A 22 5.67 -10.75 10.90
CA LEU A 22 5.90 -12.17 10.94
C LEU A 22 5.18 -12.81 12.09
N ASP A 23 4.98 -12.05 13.18
CA ASP A 23 4.18 -12.48 14.28
C ASP A 23 2.73 -12.44 13.94
N HIS A 24 2.39 -11.67 12.89
CA HIS A 24 1.05 -11.38 12.49
C HIS A 24 0.87 -11.68 11.05
N PRO A 25 0.64 -12.87 10.58
CA PRO A 25 0.52 -13.16 9.18
C PRO A 25 -0.79 -12.75 8.62
N GLU A 26 -1.72 -12.29 9.47
CA GLU A 26 -3.09 -11.99 9.14
C GLU A 26 -3.23 -10.65 8.49
N ILE A 27 -2.34 -9.71 8.84
CA ILE A 27 -2.31 -8.35 8.40
C ILE A 27 -2.19 -8.24 6.92
N TYR A 28 -1.45 -9.19 6.31
CA TYR A 28 -1.27 -9.34 4.90
C TYR A 28 -2.53 -9.62 4.14
N ARG A 29 -3.59 -10.10 4.81
CA ARG A 29 -4.90 -10.14 4.24
C ARG A 29 -5.56 -8.80 4.28
N SER A 30 -5.75 -8.22 5.48
CA SER A 30 -6.65 -7.14 5.72
C SER A 30 -6.14 -5.81 5.31
N PHE A 31 -4.83 -5.56 5.37
CA PHE A 31 -4.17 -4.36 4.93
C PHE A 31 -4.55 -3.97 3.54
N LEU A 32 -4.35 -4.89 2.58
CA LEU A 32 -4.58 -4.64 1.19
C LEU A 32 -6.03 -4.60 0.87
N GLU A 33 -6.83 -5.48 1.51
CA GLU A 33 -8.27 -5.47 1.51
C GLU A 33 -8.90 -4.15 1.75
N ILE A 34 -8.36 -3.35 2.69
CA ILE A 34 -8.72 -1.99 2.92
C ILE A 34 -8.33 -1.09 1.80
N LEU A 35 -7.10 -1.15 1.26
CA LEU A 35 -6.73 -0.37 0.12
C LEU A 35 -7.42 -0.77 -1.14
N HIS A 36 -7.99 -1.98 -1.23
CA HIS A 36 -8.80 -2.43 -2.32
C HIS A 36 -10.09 -1.71 -2.47
N THR A 37 -10.62 -1.10 -1.40
CA THR A 37 -11.72 -0.18 -1.39
C THR A 37 -11.33 1.10 -2.05
N TYR A 38 -10.07 1.53 -1.87
CA TYR A 38 -9.48 2.65 -2.53
C TYR A 38 -9.32 2.45 -4.00
N GLN A 39 -8.52 1.42 -4.37
CA GLN A 39 -8.04 1.17 -5.69
C GLN A 39 -9.06 0.77 -6.70
N LYS A 40 -10.24 0.31 -6.23
CA LYS A 40 -11.41 -0.09 -6.95
C LYS A 40 -11.84 0.79 -8.07
N GLU A 41 -11.76 2.12 -7.88
CA GLU A 41 -12.05 3.18 -8.79
C GLU A 41 -11.66 3.00 -10.21
N GLN A 42 -10.40 2.62 -10.47
CA GLN A 42 -9.84 2.38 -11.77
C GLN A 42 -10.54 1.32 -12.58
N LEU A 43 -11.09 0.29 -11.92
CA LEU A 43 -11.77 -0.78 -12.59
C LEU A 43 -13.26 -0.66 -12.49
N HIS A 44 -13.77 0.27 -11.67
CA HIS A 44 -15.16 0.43 -11.37
C HIS A 44 -15.86 1.18 -12.45
N THR A 45 -15.22 2.23 -13.00
CA THR A 45 -15.76 3.04 -14.05
C THR A 45 -15.58 2.41 -15.39
N LYS A 46 -16.26 2.92 -16.43
CA LYS A 46 -15.93 2.59 -17.79
C LYS A 46 -15.39 3.82 -18.42
N GLY A 47 -14.32 4.37 -17.82
CA GLY A 47 -13.76 5.62 -18.26
C GLY A 47 -12.75 6.19 -17.31
N ARG A 48 -13.15 7.16 -16.48
CA ARG A 48 -12.22 7.98 -15.77
C ARG A 48 -11.76 7.43 -14.46
N PRO A 49 -10.62 7.75 -13.94
CA PRO A 49 -10.26 7.43 -12.59
C PRO A 49 -10.93 8.30 -11.57
N PHE A 50 -10.86 7.92 -10.28
CA PHE A 50 -11.50 8.65 -9.23
C PHE A 50 -10.58 8.75 -8.06
N ARG A 51 -11.11 9.05 -6.86
CA ARG A 51 -10.36 9.13 -5.65
C ARG A 51 -10.55 7.93 -4.77
N GLY A 52 -11.55 7.08 -5.05
CA GLY A 52 -11.90 5.98 -4.21
C GLY A 52 -12.88 6.41 -3.18
N MET A 53 -12.35 6.86 -2.02
CA MET A 53 -13.11 7.31 -0.89
C MET A 53 -12.40 8.49 -0.30
N SER A 54 -12.45 8.70 1.03
CA SER A 54 -11.61 9.64 1.68
C SER A 54 -10.36 8.99 2.15
N GLU A 55 -9.19 9.59 1.86
CA GLU A 55 -7.89 9.08 2.16
C GLU A 55 -7.65 8.84 3.61
N GLU A 56 -8.36 9.59 4.48
CA GLU A 56 -8.45 9.40 5.89
C GLU A 56 -9.02 8.10 6.34
N GLU A 57 -9.86 7.39 5.56
CA GLU A 57 -10.51 6.20 6.03
C GLU A 57 -9.60 5.04 5.87
N VAL A 58 -8.88 5.01 4.74
CA VAL A 58 -8.04 3.92 4.35
C VAL A 58 -6.86 3.83 5.25
N PHE A 59 -6.38 5.02 5.66
CA PHE A 59 -5.51 5.26 6.76
C PHE A 59 -6.04 4.74 8.05
N THR A 60 -7.25 5.15 8.46
CA THR A 60 -7.86 4.82 9.72
C THR A 60 -7.90 3.37 10.04
N GLU A 61 -8.22 2.54 9.03
CA GLU A 61 -8.31 1.12 9.18
C GLU A 61 -6.94 0.53 9.35
N VAL A 62 -5.98 0.74 8.44
CA VAL A 62 -4.63 0.28 8.48
C VAL A 62 -3.92 0.52 9.76
N ALA A 63 -4.26 1.64 10.44
CA ALA A 63 -3.72 2.05 11.70
C ALA A 63 -4.07 1.12 12.80
N ASN A 64 -5.28 0.53 12.76
CA ASN A 64 -5.72 -0.35 13.81
C ASN A 64 -5.09 -1.70 13.72
N LEU A 65 -4.78 -2.12 12.48
CA LEU A 65 -4.04 -3.30 12.14
C LEU A 65 -2.62 -3.26 12.61
N PHE A 66 -1.96 -2.12 12.36
CA PHE A 66 -0.53 -1.98 12.45
C PHE A 66 -0.11 -1.60 13.81
N ARG A 67 -1.09 -1.16 14.61
CA ARG A 67 -1.04 -0.45 15.85
C ARG A 67 0.07 -0.77 16.80
N GLY A 68 0.78 0.29 17.23
CA GLY A 68 2.05 0.22 17.89
C GLY A 68 3.09 0.84 17.04
N GLN A 69 3.08 0.57 15.73
CA GLN A 69 4.07 1.08 14.81
C GLN A 69 3.58 2.29 14.06
N GLU A 70 3.96 3.49 14.54
CA GLU A 70 3.64 4.74 13.93
C GLU A 70 4.53 5.03 12.77
N ASP A 71 5.73 4.43 12.74
CA ASP A 71 6.77 4.61 11.79
C ASP A 71 6.42 4.08 10.43
N LEU A 72 5.55 3.05 10.36
CA LEU A 72 5.00 2.61 9.12
C LEU A 72 4.06 3.59 8.51
N LEU A 73 3.16 4.22 9.29
CA LEU A 73 2.21 5.18 8.81
C LEU A 73 2.84 6.47 8.39
N SER A 74 4.09 6.68 8.85
CA SER A 74 4.95 7.73 8.42
C SER A 74 5.26 7.63 6.96
N GLU A 75 5.69 6.45 6.50
CA GLU A 75 5.90 6.15 5.12
C GLU A 75 4.64 6.03 4.31
N PHE A 76 3.48 5.78 4.95
CA PHE A 76 2.21 5.77 4.30
C PHE A 76 1.85 7.11 3.77
N GLY A 77 2.36 8.18 4.40
CA GLY A 77 2.11 9.55 4.09
C GLY A 77 2.63 9.99 2.77
N GLN A 78 3.57 9.23 2.17
CA GLN A 78 4.09 9.46 0.86
C GLN A 78 3.12 9.14 -0.21
N PHE A 79 2.30 8.09 0.03
CA PHE A 79 1.37 7.53 -0.90
C PHE A 79 0.05 8.22 -0.77
N LEU A 80 -0.04 9.17 0.19
CA LEU A 80 -1.16 10.07 0.29
C LEU A 80 -0.82 11.39 -0.30
N PRO A 81 -1.31 11.79 -1.44
CA PRO A 81 -1.02 13.07 -2.00
C PRO A 81 -1.80 14.17 -1.34
N GLU A 82 -1.24 14.80 -0.30
CA GLU A 82 -1.84 15.94 0.34
C GLU A 82 -1.22 17.22 -0.09
N ALA A 83 -0.14 17.67 0.58
CA ALA A 83 0.36 19.00 0.46
C ALA A 83 1.74 18.97 -0.10
N LYS A 84 2.53 17.98 0.35
CA LYS A 84 3.86 17.67 -0.04
C LYS A 84 4.85 18.66 0.49
N ARG A 85 5.00 18.70 1.82
CA ARG A 85 5.92 19.57 2.49
C ARG A 85 6.64 18.80 3.59
N VAL B 1 5.98 10.94 -11.20
CA VAL B 1 5.61 10.99 -9.77
C VAL B 1 4.27 10.40 -9.51
N ARG B 2 4.19 9.07 -9.30
CA ARG B 2 2.96 8.36 -9.19
C ARG B 2 2.80 7.74 -7.84
N MET B 3 3.14 8.46 -6.75
CA MET B 3 3.00 7.94 -5.43
C MET B 3 1.62 8.13 -4.90
N ASN B 4 0.73 7.19 -5.24
CA ASN B 4 -0.60 7.10 -4.72
C ASN B 4 -0.73 5.74 -4.10
N ILE B 5 -1.83 5.43 -3.41
CA ILE B 5 -2.04 4.20 -2.74
C ILE B 5 -2.10 3.02 -3.66
N GLN B 6 -2.40 3.22 -4.95
CA GLN B 6 -2.22 2.29 -6.01
C GLN B 6 -0.93 1.54 -6.03
N MET B 7 0.16 2.18 -5.57
CA MET B 7 1.46 1.60 -5.46
C MET B 7 1.54 0.48 -4.48
N LEU B 8 0.69 0.46 -3.43
CA LEU B 8 0.70 -0.56 -2.42
C LEU B 8 0.13 -1.86 -2.85
N LEU B 9 -0.89 -1.82 -3.75
CA LEU B 9 -1.48 -2.98 -4.34
C LEU B 9 -0.64 -3.47 -5.47
N GLU B 10 0.22 -2.61 -6.02
CA GLU B 10 1.13 -2.94 -7.07
C GLU B 10 2.33 -3.63 -6.51
N ALA B 11 2.98 -3.01 -5.51
CA ALA B 11 4.08 -3.57 -4.77
C ALA B 11 3.77 -4.87 -4.10
N ALA B 12 2.56 -5.05 -3.55
CA ALA B 12 2.12 -6.29 -2.97
C ALA B 12 2.02 -7.41 -3.94
N ASP B 13 1.33 -7.25 -5.09
CA ASP B 13 1.17 -8.28 -6.06
C ASP B 13 2.45 -8.62 -6.75
N TYR B 14 3.32 -7.62 -6.97
CA TYR B 14 4.69 -7.76 -7.37
C TYR B 14 5.47 -8.65 -6.46
N LEU B 15 5.48 -8.37 -5.14
CA LEU B 15 6.24 -9.10 -4.17
C LEU B 15 5.77 -10.49 -3.92
N GLU B 16 4.45 -10.78 -4.04
CA GLU B 16 3.90 -12.10 -4.03
C GLU B 16 4.46 -12.97 -5.12
N ARG B 17 4.48 -12.42 -6.35
CA ARG B 17 4.94 -13.02 -7.55
C ARG B 17 6.42 -13.19 -7.61
N ARG B 18 7.19 -12.28 -6.98
CA ARG B 18 8.61 -12.32 -6.83
C ARG B 18 9.12 -13.51 -6.08
N GLU B 19 8.44 -13.93 -5.00
CA GLU B 19 8.80 -15.10 -4.26
C GLU B 19 8.73 -16.34 -5.08
N ARG B 20 7.70 -16.46 -5.92
CA ARG B 20 7.45 -17.57 -6.79
C ARG B 20 8.38 -17.64 -7.95
N GLU B 21 8.89 -16.49 -8.42
CA GLU B 21 9.91 -16.36 -9.41
C GLU B 21 11.21 -16.91 -8.94
N ALA B 22 11.57 -16.64 -7.67
CA ALA B 22 12.84 -16.92 -7.07
C ALA B 22 13.17 -18.35 -6.85
N GLU B 23 12.17 -19.25 -6.74
CA GLU B 23 12.37 -20.63 -6.43
C GLU B 23 12.99 -21.41 -7.54
N HIS B 24 12.49 -21.23 -8.77
CA HIS B 24 12.93 -21.89 -9.97
C HIS B 24 12.59 -23.37 -10.04
N GLU A 1 18.02 4.35 -17.77
CA GLU A 1 19.01 3.72 -16.87
C GLU A 1 18.33 3.23 -15.63
N SER A 2 17.70 4.14 -14.86
CA SER A 2 16.77 3.75 -13.83
C SER A 2 15.72 4.80 -13.73
N ASP A 3 14.44 4.39 -13.83
CA ASP A 3 13.32 5.28 -13.88
C ASP A 3 12.30 4.96 -12.84
N SER A 4 11.96 3.68 -12.62
CA SER A 4 10.94 3.22 -11.74
C SER A 4 11.26 3.24 -10.29
N VAL A 5 12.06 4.23 -9.84
CA VAL A 5 12.53 4.49 -8.52
C VAL A 5 11.46 4.48 -7.49
N GLU A 6 10.39 5.26 -7.68
CA GLU A 6 9.31 5.37 -6.75
C GLU A 6 8.44 4.18 -6.67
N PHE A 7 8.48 3.30 -7.70
CA PHE A 7 7.92 1.99 -7.60
C PHE A 7 8.61 1.21 -6.54
N ASN A 8 9.95 1.27 -6.49
CA ASN A 8 10.79 0.56 -5.56
C ASN A 8 10.69 1.10 -4.17
N ASN A 9 10.33 2.40 -4.02
CA ASN A 9 10.09 3.01 -2.76
C ASN A 9 8.85 2.48 -2.15
N ALA A 10 7.84 2.15 -2.97
CA ALA A 10 6.68 1.43 -2.56
C ALA A 10 6.98 0.03 -2.17
N ILE A 11 7.79 -0.72 -2.96
CA ILE A 11 8.24 -2.04 -2.67
C ILE A 11 8.88 -2.17 -1.33
N SER A 12 9.81 -1.24 -1.03
CA SER A 12 10.53 -1.15 0.20
C SER A 12 9.67 -1.01 1.40
N TYR A 13 8.50 -0.36 1.26
CA TYR A 13 7.49 -0.27 2.28
C TYR A 13 6.81 -1.56 2.52
N VAL A 14 6.22 -2.17 1.48
CA VAL A 14 5.48 -3.39 1.55
C VAL A 14 6.30 -4.55 2.03
N ASN A 15 7.57 -4.65 1.59
CA ASN A 15 8.51 -5.58 2.12
C ASN A 15 8.74 -5.48 3.59
N LYS A 16 8.84 -4.28 4.17
CA LYS A 16 9.01 -4.06 5.57
C LYS A 16 7.83 -4.50 6.38
N ILE A 17 6.62 -4.29 5.84
CA ILE A 17 5.37 -4.74 6.37
C ILE A 17 5.29 -6.23 6.36
N LYS A 18 5.60 -6.86 5.21
CA LYS A 18 5.61 -8.28 5.05
C LYS A 18 6.57 -8.98 5.96
N THR A 19 7.75 -8.36 6.18
CA THR A 19 8.78 -8.84 7.04
C THR A 19 8.49 -8.71 8.49
N ARG A 20 7.89 -7.61 9.00
CA ARG A 20 7.53 -7.60 10.38
C ARG A 20 6.35 -8.43 10.71
N PHE A 21 5.30 -8.45 9.86
CA PHE A 21 4.12 -9.19 10.09
C PHE A 21 4.19 -10.62 9.66
N LEU A 22 5.28 -11.32 10.03
CA LEU A 22 5.39 -12.74 9.89
C LEU A 22 4.68 -13.44 11.00
N ASP A 23 4.74 -12.83 12.20
CA ASP A 23 4.02 -13.27 13.35
C ASP A 23 2.56 -12.94 13.28
N HIS A 24 2.15 -12.11 12.31
CA HIS A 24 0.79 -11.76 12.09
C HIS A 24 0.47 -11.81 10.64
N PRO A 25 0.40 -12.91 9.96
CA PRO A 25 0.24 -12.95 8.53
C PRO A 25 -1.14 -12.58 8.09
N GLU A 26 -2.09 -12.45 9.05
CA GLU A 26 -3.42 -11.99 8.83
C GLU A 26 -3.46 -10.55 8.46
N ILE A 27 -2.43 -9.75 8.82
CA ILE A 27 -2.31 -8.38 8.46
C ILE A 27 -2.14 -8.24 6.99
N TYR A 28 -1.32 -9.11 6.38
CA TYR A 28 -1.03 -9.16 4.98
C TYR A 28 -2.22 -9.49 4.16
N ARG A 29 -3.27 -10.09 4.76
CA ARG A 29 -4.56 -10.23 4.17
C ARG A 29 -5.36 -8.98 4.25
N SER A 30 -5.65 -8.49 5.47
CA SER A 30 -6.64 -7.49 5.70
C SER A 30 -6.21 -6.09 5.41
N PHE A 31 -4.90 -5.78 5.46
CA PHE A 31 -4.33 -4.54 5.06
C PHE A 31 -4.70 -4.13 3.68
N LEU A 32 -4.51 -5.03 2.69
CA LEU A 32 -4.72 -4.71 1.31
C LEU A 32 -6.16 -4.65 0.95
N GLU A 33 -6.99 -5.49 1.58
CA GLU A 33 -8.42 -5.46 1.46
C GLU A 33 -9.03 -4.12 1.69
N ILE A 34 -8.52 -3.35 2.66
CA ILE A 34 -8.85 -1.99 2.90
C ILE A 34 -8.42 -1.10 1.78
N LEU A 35 -7.17 -1.17 1.30
CA LEU A 35 -6.73 -0.38 0.19
C LEU A 35 -7.36 -0.73 -1.10
N HIS A 36 -7.89 -1.96 -1.26
CA HIS A 36 -8.65 -2.39 -2.39
C HIS A 36 -9.99 -1.74 -2.47
N THR A 37 -10.59 -1.38 -1.33
CA THR A 37 -11.75 -0.55 -1.22
C THR A 37 -11.50 0.80 -1.82
N TYR A 38 -10.28 1.33 -1.68
CA TYR A 38 -9.82 2.54 -2.28
C TYR A 38 -9.54 2.43 -3.74
N GLN A 39 -8.70 1.46 -4.14
CA GLN A 39 -8.21 1.24 -5.47
C GLN A 39 -9.22 0.80 -6.47
N LYS A 40 -10.39 0.28 -6.05
CA LYS A 40 -11.49 -0.14 -6.87
C LYS A 40 -11.91 0.75 -7.98
N GLU A 41 -11.74 2.08 -7.81
CA GLU A 41 -11.83 3.11 -8.79
C GLU A 41 -11.14 2.82 -10.08
N GLN A 42 -9.88 2.34 -10.02
CA GLN A 42 -9.16 1.74 -11.09
C GLN A 42 -8.81 2.65 -12.23
N LEU A 43 -8.87 3.96 -11.96
CA LEU A 43 -8.68 5.05 -12.88
C LEU A 43 -9.80 5.19 -13.86
N HIS A 44 -11.03 4.91 -13.42
CA HIS A 44 -12.23 5.01 -14.19
C HIS A 44 -12.58 6.41 -14.53
N THR A 45 -12.26 7.36 -13.63
CA THR A 45 -12.25 8.76 -13.97
C THR A 45 -11.06 9.40 -13.33
N LYS A 46 -10.76 10.65 -13.72
CA LYS A 46 -9.70 11.45 -13.20
C LYS A 46 -10.32 12.64 -12.53
N GLY A 47 -9.95 12.95 -11.28
CA GLY A 47 -10.41 14.15 -10.65
C GLY A 47 -10.59 14.03 -9.18
N ARG A 48 -11.73 13.46 -8.75
CA ARG A 48 -12.16 13.40 -7.39
C ARG A 48 -12.25 12.00 -6.89
N PRO A 49 -12.18 11.72 -5.63
CA PRO A 49 -12.49 10.41 -5.10
C PRO A 49 -13.96 10.16 -5.05
N PHE A 50 -14.44 9.16 -5.81
CA PHE A 50 -15.82 8.78 -5.88
C PHE A 50 -16.02 7.59 -5.02
N ARG A 51 -15.61 6.40 -5.50
CA ARG A 51 -15.67 5.18 -4.76
C ARG A 51 -14.57 5.11 -3.77
N GLY A 52 -13.41 5.74 -4.05
CA GLY A 52 -12.26 5.80 -3.19
C GLY A 52 -12.36 6.84 -2.12
N MET A 53 -13.53 6.83 -1.45
CA MET A 53 -13.93 7.43 -0.22
C MET A 53 -13.17 8.59 0.30
N SER A 54 -12.81 8.54 1.60
CA SER A 54 -11.79 9.37 2.18
C SER A 54 -10.51 8.62 2.26
N GLU A 55 -9.39 9.27 1.91
CA GLU A 55 -8.07 8.79 2.12
C GLU A 55 -7.77 8.61 3.58
N GLU A 56 -8.48 9.40 4.40
CA GLU A 56 -8.48 9.38 5.83
C GLU A 56 -8.97 8.10 6.41
N GLU A 57 -9.89 7.36 5.76
CA GLU A 57 -10.44 6.19 6.37
C GLU A 57 -9.52 5.05 6.12
N VAL A 58 -8.94 5.02 4.91
CA VAL A 58 -8.06 3.98 4.48
C VAL A 58 -6.84 3.95 5.32
N PHE A 59 -6.36 5.17 5.63
CA PHE A 59 -5.47 5.50 6.70
C PHE A 59 -5.89 5.05 8.06
N THR A 60 -7.08 5.46 8.54
CA THR A 60 -7.64 5.09 9.81
C THR A 60 -7.70 3.63 10.08
N GLU A 61 -8.05 2.85 9.03
CA GLU A 61 -8.13 1.42 9.07
C GLU A 61 -6.78 0.82 9.20
N VAL A 62 -5.81 1.11 8.32
CA VAL A 62 -4.46 0.64 8.34
C VAL A 62 -3.74 0.79 9.64
N ALA A 63 -4.07 1.86 10.38
CA ALA A 63 -3.55 2.13 11.68
C ALA A 63 -3.87 1.06 12.67
N ASN A 64 -5.10 0.52 12.61
CA ASN A 64 -5.56 -0.42 13.58
C ASN A 64 -4.96 -1.78 13.42
N LEU A 65 -4.57 -2.13 12.18
CA LEU A 65 -3.86 -3.32 11.83
C LEU A 65 -2.57 -3.44 12.55
N PHE A 66 -1.83 -2.32 12.56
CA PHE A 66 -0.42 -2.24 12.78
C PHE A 66 -0.15 -1.88 14.20
N ARG A 67 -0.99 -0.99 14.74
CA ARG A 67 -1.15 -0.55 16.10
C ARG A 67 0.00 -0.59 17.04
N GLY A 68 0.69 0.56 17.16
CA GLY A 68 1.85 0.74 17.97
C GLY A 68 3.01 1.11 17.10
N GLN A 69 2.97 0.69 15.83
CA GLN A 69 3.97 1.00 14.86
C GLN A 69 3.66 2.27 14.15
N GLU A 70 4.29 3.37 14.58
CA GLU A 70 4.11 4.69 14.07
C GLU A 70 4.91 4.95 12.83
N ASP A 71 6.02 4.23 12.62
CA ASP A 71 6.93 4.46 11.54
C ASP A 71 6.37 4.05 10.23
N LEU A 72 5.56 2.97 10.16
CA LEU A 72 4.87 2.61 8.97
C LEU A 72 3.87 3.63 8.53
N LEU A 73 3.07 4.25 9.42
CA LEU A 73 2.10 5.23 9.05
C LEU A 73 2.68 6.54 8.67
N SER A 74 3.91 6.80 9.15
CA SER A 74 4.70 7.95 8.82
C SER A 74 5.13 7.91 7.39
N GLU A 75 5.59 6.73 6.93
CA GLU A 75 5.95 6.47 5.57
C GLU A 75 4.78 6.24 4.67
N PHE A 76 3.60 5.91 5.22
CA PHE A 76 2.35 5.86 4.53
C PHE A 76 1.91 7.19 4.01
N GLY A 77 2.48 8.26 4.58
CA GLY A 77 2.39 9.65 4.24
C GLY A 77 3.01 10.04 2.95
N GLN A 78 3.86 9.20 2.33
CA GLN A 78 4.63 9.42 1.15
C GLN A 78 3.92 10.11 0.04
N PHE A 79 2.68 9.68 -0.23
CA PHE A 79 1.76 10.37 -1.08
C PHE A 79 0.83 11.21 -0.26
N LEU A 80 0.18 10.60 0.74
CA LEU A 80 -1.11 10.97 1.23
C LEU A 80 -1.47 12.41 1.40
N PRO A 81 -1.18 13.18 2.42
CA PRO A 81 -1.64 14.53 2.51
C PRO A 81 -0.93 15.46 1.59
N GLU A 82 -1.58 15.82 0.46
CA GLU A 82 -1.07 16.68 -0.56
C GLU A 82 -0.96 18.10 -0.10
N ALA A 83 -2.08 18.66 0.37
CA ALA A 83 -2.15 19.93 1.04
C ALA A 83 -3.51 19.93 1.66
N LYS A 84 -3.62 19.46 2.91
CA LYS A 84 -4.89 19.08 3.46
C LYS A 84 -5.45 20.13 4.35
N ARG A 85 -4.70 20.47 5.42
CA ARG A 85 -5.04 21.47 6.37
C ARG A 85 -4.23 22.74 6.16
N VAL B 1 3.17 6.23 -13.17
CA VAL B 1 4.25 7.07 -12.61
C VAL B 1 3.73 7.95 -11.54
N ARG B 2 4.58 8.38 -10.59
CA ARG B 2 4.23 9.07 -9.40
C ARG B 2 3.57 8.19 -8.39
N MET B 3 3.63 8.58 -7.11
CA MET B 3 3.06 7.81 -6.04
C MET B 3 1.58 7.95 -5.96
N ASN B 4 0.96 7.05 -5.18
CA ASN B 4 -0.43 7.04 -4.81
C ASN B 4 -0.52 5.92 -3.84
N ILE B 5 -1.71 5.60 -3.29
CA ILE B 5 -1.93 4.39 -2.57
C ILE B 5 -2.08 3.24 -3.50
N GLN B 6 -2.43 3.49 -4.78
CA GLN B 6 -2.55 2.50 -5.81
C GLN B 6 -1.40 1.59 -6.01
N MET B 7 -0.17 2.09 -5.80
CA MET B 7 1.05 1.35 -5.77
C MET B 7 1.08 0.22 -4.80
N LEU B 8 0.37 0.32 -3.66
CA LEU B 8 0.49 -0.61 -2.59
C LEU B 8 -0.07 -1.97 -2.85
N LEU B 9 -1.09 -2.04 -3.73
CA LEU B 9 -1.72 -3.25 -4.17
C LEU B 9 -0.88 -3.93 -5.20
N GLU B 10 -0.10 -3.11 -5.94
CA GLU B 10 0.73 -3.56 -7.01
C GLU B 10 2.01 -4.12 -6.50
N ALA B 11 2.64 -3.39 -5.55
CA ALA B 11 3.82 -3.76 -4.85
C ALA B 11 3.66 -5.00 -4.03
N ALA B 12 2.49 -5.19 -3.40
CA ALA B 12 2.16 -6.38 -2.66
C ALA B 12 2.11 -7.61 -3.50
N ASP B 13 1.47 -7.53 -4.68
CA ASP B 13 1.32 -8.59 -5.62
C ASP B 13 2.63 -9.02 -6.19
N TYR B 14 3.45 -8.03 -6.62
CA TYR B 14 4.79 -8.13 -7.06
C TYR B 14 5.70 -8.83 -6.09
N LEU B 15 5.70 -8.43 -4.81
CA LEU B 15 6.56 -9.01 -3.82
C LEU B 15 6.22 -10.41 -3.43
N GLU B 16 4.94 -10.83 -3.58
CA GLU B 16 4.52 -12.18 -3.43
C GLU B 16 4.96 -13.07 -4.55
N ARG B 17 5.19 -12.52 -5.75
CA ARG B 17 5.82 -13.22 -6.84
C ARG B 17 7.28 -13.39 -6.64
N ARG B 18 7.96 -12.38 -6.06
CA ARG B 18 9.34 -12.46 -5.68
C ARG B 18 9.68 -13.56 -4.75
N GLU B 19 8.73 -14.05 -3.94
CA GLU B 19 8.87 -15.21 -3.11
C GLU B 19 9.06 -16.46 -3.88
N ARG B 20 8.40 -16.61 -5.05
CA ARG B 20 8.56 -17.72 -5.93
C ARG B 20 9.86 -17.65 -6.63
N GLU B 21 10.15 -16.48 -7.22
CA GLU B 21 11.30 -16.16 -8.02
C GLU B 21 12.61 -16.19 -7.31
N ALA B 22 12.59 -16.11 -5.97
CA ALA B 22 13.67 -16.29 -5.05
C ALA B 22 14.40 -17.58 -5.18
N GLU B 23 13.80 -18.60 -5.80
CA GLU B 23 14.41 -19.85 -6.14
C GLU B 23 15.59 -19.76 -7.04
N HIS B 24 15.60 -18.82 -7.99
CA HIS B 24 16.65 -18.62 -8.94
C HIS B 24 17.08 -17.17 -9.03
N GLU A 1 15.02 6.25 -19.05
CA GLU A 1 14.14 5.19 -19.60
C GLU A 1 13.29 4.59 -18.54
N SER A 2 13.88 4.05 -17.46
CA SER A 2 13.16 3.83 -16.24
C SER A 2 14.04 4.16 -15.09
N ASP A 3 13.46 4.73 -14.01
CA ASP A 3 14.15 5.03 -12.80
C ASP A 3 13.49 4.27 -11.69
N SER A 4 12.25 4.66 -11.34
CA SER A 4 11.35 3.93 -10.52
C SER A 4 11.74 3.78 -9.08
N VAL A 5 12.36 4.83 -8.51
CA VAL A 5 12.74 4.93 -7.13
C VAL A 5 11.54 4.92 -6.23
N GLU A 6 10.51 5.69 -6.62
CA GLU A 6 9.25 5.77 -5.94
C GLU A 6 8.45 4.51 -5.94
N PHE A 7 8.67 3.67 -6.97
CA PHE A 7 8.09 2.36 -7.05
C PHE A 7 8.72 1.46 -6.05
N ASN A 8 10.03 1.63 -5.77
CA ASN A 8 10.78 0.85 -4.85
C ASN A 8 10.55 1.28 -3.45
N ASN A 9 10.15 2.54 -3.23
CA ASN A 9 9.60 3.00 -1.99
C ASN A 9 8.27 2.39 -1.74
N ALA A 10 7.46 2.16 -2.80
CA ALA A 10 6.23 1.45 -2.71
C ALA A 10 6.45 0.02 -2.38
N ILE A 11 7.44 -0.65 -2.99
CA ILE A 11 7.88 -1.97 -2.66
C ILE A 11 8.31 -2.12 -1.23
N SER A 12 9.26 -1.27 -0.81
CA SER A 12 9.91 -1.35 0.47
C SER A 12 8.99 -1.24 1.64
N TYR A 13 7.90 -0.45 1.48
CA TYR A 13 6.81 -0.36 2.41
C TYR A 13 6.13 -1.66 2.61
N VAL A 14 5.60 -2.28 1.54
CA VAL A 14 4.92 -3.55 1.57
C VAL A 14 5.81 -4.64 2.04
N ASN A 15 7.08 -4.64 1.61
CA ASN A 15 8.11 -5.48 2.13
C ASN A 15 8.33 -5.38 3.61
N LYS A 16 8.44 -4.18 4.19
CA LYS A 16 8.58 -3.98 5.60
C LYS A 16 7.44 -4.52 6.39
N ILE A 17 6.21 -4.36 5.89
CA ILE A 17 5.00 -4.91 6.41
C ILE A 17 5.02 -6.41 6.37
N LYS A 18 5.32 -7.02 5.21
CA LYS A 18 5.39 -8.43 5.04
C LYS A 18 6.40 -9.07 5.94
N THR A 19 7.56 -8.40 6.15
CA THR A 19 8.60 -8.85 7.00
C THR A 19 8.31 -8.70 8.45
N ARG A 20 7.65 -7.62 8.92
CA ARG A 20 7.28 -7.52 10.30
C ARG A 20 6.13 -8.39 10.68
N PHE A 21 5.08 -8.46 9.85
CA PHE A 21 3.87 -9.16 10.19
C PHE A 21 3.88 -10.60 9.78
N LEU A 22 5.00 -11.29 10.03
CA LEU A 22 5.15 -12.71 9.92
C LEU A 22 4.53 -13.39 11.10
N ASP A 23 4.57 -12.71 12.26
CA ASP A 23 3.89 -13.13 13.43
C ASP A 23 2.44 -12.76 13.43
N HIS A 24 1.95 -12.03 12.41
CA HIS A 24 0.55 -11.76 12.27
C HIS A 24 0.12 -11.77 10.84
N PRO A 25 0.00 -12.86 10.14
CA PRO A 25 -0.29 -12.85 8.74
C PRO A 25 -1.65 -12.38 8.35
N GLU A 26 -2.59 -12.23 9.30
CA GLU A 26 -3.86 -11.61 9.07
C GLU A 26 -3.76 -10.15 8.80
N ILE A 27 -2.64 -9.51 9.19
CA ILE A 27 -2.36 -8.12 9.00
C ILE A 27 -2.03 -7.89 7.56
N TYR A 28 -1.20 -8.76 6.96
CA TYR A 28 -0.85 -8.71 5.58
C TYR A 28 -2.04 -8.85 4.69
N ARG A 29 -2.89 -9.86 4.93
CA ARG A 29 -4.12 -10.07 4.24
C ARG A 29 -5.07 -8.92 4.32
N SER A 30 -5.33 -8.38 5.52
CA SER A 30 -6.32 -7.37 5.73
C SER A 30 -5.93 -5.99 5.36
N PHE A 31 -4.64 -5.59 5.44
CA PHE A 31 -4.25 -4.28 5.04
C PHE A 31 -4.44 -3.99 3.59
N LEU A 32 -4.17 -4.98 2.71
CA LEU A 32 -4.38 -4.86 1.30
C LEU A 32 -5.83 -4.87 0.97
N GLU A 33 -6.62 -5.67 1.70
CA GLU A 33 -8.05 -5.62 1.69
C GLU A 33 -8.64 -4.26 1.83
N ILE A 34 -8.11 -3.42 2.73
CA ILE A 34 -8.40 -2.03 2.89
C ILE A 34 -7.89 -1.20 1.77
N LEU A 35 -6.67 -1.39 1.23
CA LEU A 35 -6.23 -0.71 0.05
C LEU A 35 -7.05 -1.01 -1.16
N HIS A 36 -7.59 -2.24 -1.25
CA HIS A 36 -8.52 -2.66 -2.26
C HIS A 36 -9.82 -1.93 -2.17
N THR A 37 -10.37 -1.64 -0.99
CA THR A 37 -11.51 -0.80 -0.79
C THR A 37 -11.42 0.50 -1.53
N TYR A 38 -10.24 1.13 -1.52
CA TYR A 38 -9.92 2.26 -2.34
C TYR A 38 -9.85 1.91 -3.79
N GLN A 39 -8.88 1.05 -4.16
CA GLN A 39 -8.41 0.98 -5.51
C GLN A 39 -9.29 0.21 -6.43
N LYS A 40 -10.19 -0.66 -5.93
CA LYS A 40 -11.13 -1.48 -6.63
C LYS A 40 -12.12 -0.75 -7.48
N GLU A 41 -12.58 0.43 -7.04
CA GLU A 41 -13.48 1.25 -7.79
C GLU A 41 -12.76 2.03 -8.84
N GLN A 42 -11.52 2.43 -8.55
CA GLN A 42 -10.75 3.36 -9.33
C GLN A 42 -10.00 2.75 -10.45
N LEU A 43 -9.22 1.69 -10.18
CA LEU A 43 -8.45 0.92 -11.12
C LEU A 43 -7.52 1.68 -12.00
N HIS A 44 -7.41 1.33 -13.28
CA HIS A 44 -6.57 1.99 -14.22
C HIS A 44 -7.29 2.20 -15.51
N THR A 45 -8.48 2.82 -15.48
CA THR A 45 -9.23 3.12 -16.65
C THR A 45 -8.92 4.50 -17.14
N LYS A 46 -9.17 4.79 -18.43
CA LYS A 46 -8.78 6.01 -19.06
C LYS A 46 -9.97 6.86 -19.38
N GLY A 47 -10.02 8.08 -18.82
CA GLY A 47 -11.08 9.00 -19.09
C GLY A 47 -11.27 10.01 -18.00
N ARG A 48 -12.36 9.87 -17.23
CA ARG A 48 -12.84 10.83 -16.30
C ARG A 48 -12.03 11.00 -15.06
N PRO A 49 -12.12 12.08 -14.35
CA PRO A 49 -11.55 12.18 -13.03
C PRO A 49 -12.34 11.43 -12.01
N PHE A 50 -11.77 10.31 -11.53
CA PHE A 50 -12.34 9.49 -10.50
C PHE A 50 -11.57 9.71 -9.25
N ARG A 51 -12.18 9.50 -8.08
CA ARG A 51 -11.55 9.70 -6.81
C ARG A 51 -12.21 8.82 -5.81
N GLY A 52 -11.48 7.78 -5.36
CA GLY A 52 -11.90 6.93 -4.29
C GLY A 52 -11.93 7.62 -2.96
N MET A 53 -13.14 7.70 -2.37
CA MET A 53 -13.43 7.98 -1.00
C MET A 53 -12.67 9.09 -0.35
N SER A 54 -12.17 8.86 0.87
CA SER A 54 -11.09 9.64 1.40
C SER A 54 -9.89 8.76 1.61
N GLU A 55 -8.71 9.28 1.22
CA GLU A 55 -7.42 8.68 1.31
C GLU A 55 -6.95 8.58 2.71
N GLU A 56 -7.56 9.36 3.63
CA GLU A 56 -7.37 9.21 5.04
C GLU A 56 -8.12 8.07 5.65
N GLU A 57 -9.14 7.47 5.02
CA GLU A 57 -9.92 6.45 5.65
C GLU A 57 -9.19 5.15 5.52
N VAL A 58 -8.54 4.98 4.35
CA VAL A 58 -7.78 3.81 4.03
C VAL A 58 -6.64 3.67 4.99
N PHE A 59 -6.01 4.82 5.29
CA PHE A 59 -5.09 5.06 6.35
C PHE A 59 -5.64 4.70 7.69
N THR A 60 -6.80 5.24 8.07
CA THR A 60 -7.46 5.03 9.33
C THR A 60 -7.71 3.60 9.67
N GLU A 61 -8.07 2.78 8.67
CA GLU A 61 -8.27 1.38 8.91
C GLU A 61 -7.02 0.59 9.08
N VAL A 62 -5.97 0.80 8.26
CA VAL A 62 -4.68 0.20 8.40
C VAL A 62 -4.01 0.51 9.70
N ALA A 63 -4.34 1.66 10.28
CA ALA A 63 -3.79 2.18 11.50
C ALA A 63 -4.05 1.30 12.68
N ASN A 64 -5.19 0.59 12.66
CA ASN A 64 -5.55 -0.29 13.73
C ASN A 64 -4.75 -1.55 13.69
N LEU A 65 -4.47 -2.06 12.48
CA LEU A 65 -3.77 -3.28 12.23
C LEU A 65 -2.37 -3.23 12.74
N PHE A 66 -1.74 -2.06 12.55
CA PHE A 66 -0.33 -1.85 12.68
C PHE A 66 -0.09 -1.12 13.95
N ARG A 67 -0.99 -1.24 14.94
CA ARG A 67 -1.01 -0.35 16.06
C ARG A 67 0.14 -0.49 16.99
N GLY A 68 0.82 0.64 17.27
CA GLY A 68 2.02 0.69 18.04
C GLY A 68 3.21 1.03 17.21
N GLN A 69 3.29 0.50 15.98
CA GLN A 69 4.40 0.69 15.11
C GLN A 69 4.09 1.70 14.06
N GLU A 70 4.50 2.95 14.35
CA GLU A 70 4.12 4.11 13.61
C GLU A 70 4.84 4.37 12.33
N ASP A 71 6.01 3.77 12.10
CA ASP A 71 6.87 4.06 10.99
C ASP A 71 6.25 3.80 9.67
N LEU A 72 5.43 2.73 9.58
CA LEU A 72 4.62 2.38 8.45
C LEU A 72 3.65 3.44 8.05
N LEU A 73 2.99 4.12 9.00
CA LEU A 73 2.06 5.18 8.78
C LEU A 73 2.74 6.47 8.51
N SER A 74 3.97 6.62 9.03
CA SER A 74 4.81 7.76 8.86
C SER A 74 5.27 7.90 7.45
N GLU A 75 5.87 6.83 6.90
CA GLU A 75 6.33 6.72 5.56
C GLU A 75 5.23 6.65 4.57
N PHE A 76 4.00 6.33 5.01
CA PHE A 76 2.80 6.44 4.24
C PHE A 76 2.47 7.85 3.85
N GLY A 77 2.89 8.79 4.71
CA GLY A 77 2.68 10.22 4.63
C GLY A 77 3.27 10.89 3.44
N GLN A 78 4.23 10.25 2.75
CA GLN A 78 4.84 10.79 1.58
C GLN A 78 3.95 10.90 0.38
N PHE A 79 2.82 10.16 0.36
CA PHE A 79 1.72 10.43 -0.51
C PHE A 79 0.69 11.25 0.18
N LEU A 80 0.35 10.89 1.43
CA LEU A 80 -0.89 11.27 2.04
C LEU A 80 -0.90 12.63 2.65
N PRO A 81 -1.98 13.26 2.93
CA PRO A 81 -1.98 14.58 3.51
C PRO A 81 -1.60 14.59 4.95
N GLU A 82 -0.74 15.54 5.36
CA GLU A 82 -0.19 15.62 6.68
C GLU A 82 -0.45 16.97 7.25
N ALA A 83 -1.66 17.13 7.81
CA ALA A 83 -2.18 18.37 8.32
C ALA A 83 -2.93 18.06 9.56
N LYS A 84 -2.29 17.24 10.42
CA LYS A 84 -2.93 16.51 11.47
C LYS A 84 -2.97 17.31 12.73
N ARG A 85 -1.82 17.92 13.08
CA ARG A 85 -1.67 18.78 14.21
C ARG A 85 -2.30 20.15 13.99
N VAL B 1 3.69 13.48 -11.23
CA VAL B 1 3.56 12.08 -10.75
C VAL B 1 4.06 11.92 -9.37
N ARG B 2 3.55 10.92 -8.61
CA ARG B 2 4.07 10.58 -7.32
C ARG B 2 3.62 9.22 -6.93
N MET B 3 3.98 8.77 -5.71
CA MET B 3 3.61 7.48 -5.19
C MET B 3 2.21 7.39 -4.70
N ASN B 4 1.23 7.47 -5.62
CA ASN B 4 -0.16 7.27 -5.34
C ASN B 4 -0.41 5.86 -4.92
N ILE B 5 -1.36 5.61 -4.00
CA ILE B 5 -1.56 4.34 -3.36
C ILE B 5 -1.94 3.23 -4.28
N GLN B 6 -2.43 3.56 -5.49
CA GLN B 6 -2.56 2.64 -6.59
C GLN B 6 -1.42 1.74 -6.86
N MET B 7 -0.17 2.19 -6.67
CA MET B 7 1.02 1.41 -6.76
C MET B 7 1.13 0.25 -5.82
N LEU B 8 0.46 0.29 -4.66
CA LEU B 8 0.63 -0.67 -3.61
C LEU B 8 0.11 -2.05 -3.86
N LEU B 9 -1.04 -2.15 -4.54
CA LEU B 9 -1.67 -3.39 -4.89
C LEU B 9 -0.92 -4.08 -5.97
N GLU B 10 -0.10 -3.32 -6.71
CA GLU B 10 0.83 -3.81 -7.67
C GLU B 10 2.09 -4.30 -7.02
N ALA B 11 2.66 -3.49 -6.11
CA ALA B 11 3.82 -3.79 -5.34
C ALA B 11 3.73 -5.02 -4.51
N ALA B 12 2.57 -5.27 -3.88
CA ALA B 12 2.25 -6.47 -3.17
C ALA B 12 2.33 -7.69 -4.01
N ASP B 13 1.71 -7.67 -5.21
CA ASP B 13 1.66 -8.77 -6.12
C ASP B 13 2.99 -9.07 -6.74
N TYR B 14 3.79 -8.03 -7.03
CA TYR B 14 5.16 -8.08 -7.40
C TYR B 14 5.99 -8.78 -6.38
N LEU B 15 5.86 -8.41 -5.10
CA LEU B 15 6.61 -8.99 -4.03
C LEU B 15 6.25 -10.41 -3.72
N GLU B 16 4.97 -10.81 -3.79
CA GLU B 16 4.58 -12.18 -3.70
C GLU B 16 5.15 -13.01 -4.79
N ARG B 17 5.21 -12.48 -6.03
CA ARG B 17 5.89 -13.11 -7.12
C ARG B 17 7.35 -13.30 -6.88
N ARG B 18 8.03 -12.33 -6.24
CA ARG B 18 9.40 -12.45 -5.85
C ARG B 18 9.70 -13.48 -4.82
N GLU B 19 8.72 -13.88 -3.98
CA GLU B 19 8.86 -14.98 -3.08
C GLU B 19 8.81 -16.29 -3.80
N ARG B 20 7.93 -16.41 -4.80
CA ARG B 20 7.87 -17.53 -5.69
C ARG B 20 9.08 -17.69 -6.54
N GLU B 21 9.56 -16.60 -7.16
CA GLU B 21 10.67 -16.53 -8.05
C GLU B 21 11.97 -17.08 -7.55
N ALA B 22 12.29 -16.79 -6.28
CA ALA B 22 13.51 -17.19 -5.63
C ALA B 22 13.73 -18.65 -5.51
N GLU B 23 12.66 -19.47 -5.64
CA GLU B 23 12.71 -20.89 -5.59
C GLU B 23 13.18 -21.56 -6.83
N HIS B 24 13.19 -20.85 -7.98
CA HIS B 24 13.59 -21.38 -9.24
C HIS B 24 15.07 -21.70 -9.38
N GLU A 1 20.00 6.42 -15.69
CA GLU A 1 18.65 6.80 -15.22
C GLU A 1 18.02 5.78 -14.34
N SER A 2 18.21 4.48 -14.65
CA SER A 2 17.79 3.36 -13.87
C SER A 2 16.32 3.10 -13.97
N ASP A 3 15.84 2.03 -13.31
CA ASP A 3 14.47 1.61 -13.38
C ASP A 3 13.81 1.67 -12.05
N SER A 4 12.62 2.31 -11.99
CA SER A 4 11.59 2.04 -11.05
C SER A 4 11.84 2.38 -9.62
N VAL A 5 12.54 3.51 -9.37
CA VAL A 5 12.89 4.06 -8.10
C VAL A 5 11.78 4.19 -7.11
N GLU A 6 10.74 4.98 -7.44
CA GLU A 6 9.72 5.29 -6.50
C GLU A 6 8.71 4.19 -6.37
N PHE A 7 8.64 3.33 -7.40
CA PHE A 7 8.01 2.06 -7.30
C PHE A 7 8.66 1.23 -6.26
N ASN A 8 10.01 1.21 -6.20
CA ASN A 8 10.78 0.44 -5.27
C ASN A 8 10.72 0.97 -3.89
N ASN A 9 10.35 2.24 -3.70
CA ASN A 9 10.08 2.79 -2.41
C ASN A 9 8.71 2.42 -1.92
N ALA A 10 7.76 2.16 -2.85
CA ALA A 10 6.54 1.50 -2.53
C ALA A 10 6.77 0.07 -2.18
N ILE A 11 7.56 -0.69 -2.94
CA ILE A 11 7.96 -2.04 -2.68
C ILE A 11 8.52 -2.24 -1.31
N SER A 12 9.52 -1.43 -0.95
CA SER A 12 10.14 -1.45 0.34
C SER A 12 9.22 -1.20 1.49
N TYR A 13 8.10 -0.49 1.27
CA TYR A 13 7.06 -0.34 2.24
C TYR A 13 6.33 -1.62 2.48
N VAL A 14 5.79 -2.25 1.41
CA VAL A 14 5.12 -3.50 1.44
C VAL A 14 5.96 -4.59 2.01
N ASN A 15 7.26 -4.63 1.67
CA ASN A 15 8.24 -5.47 2.28
C ASN A 15 8.48 -5.21 3.72
N LYS A 16 8.64 -3.96 4.18
CA LYS A 16 8.79 -3.61 5.56
C LYS A 16 7.67 -4.09 6.42
N ILE A 17 6.42 -3.94 5.92
CA ILE A 17 5.21 -4.43 6.50
C ILE A 17 5.24 -5.91 6.63
N LYS A 18 5.57 -6.65 5.55
CA LYS A 18 5.64 -8.08 5.55
C LYS A 18 6.66 -8.61 6.50
N THR A 19 7.84 -7.96 6.58
CA THR A 19 8.96 -8.32 7.39
C THR A 19 8.69 -8.13 8.85
N ARG A 20 7.89 -7.15 9.27
CA ARG A 20 7.42 -7.05 10.62
C ARG A 20 6.39 -8.06 10.94
N PHE A 21 5.30 -8.11 10.15
CA PHE A 21 4.18 -8.97 10.40
C PHE A 21 4.39 -10.37 9.94
N LEU A 22 5.57 -10.97 10.19
CA LEU A 22 5.83 -12.35 10.01
C LEU A 22 5.21 -13.14 11.11
N ASP A 23 5.13 -12.51 12.30
CA ASP A 23 4.38 -13.01 13.41
C ASP A 23 2.91 -12.94 13.20
N HIS A 24 2.45 -12.03 12.32
CA HIS A 24 1.05 -11.82 12.08
C HIS A 24 0.76 -11.86 10.63
N PRO A 25 0.90 -12.91 9.88
CA PRO A 25 0.86 -12.86 8.45
C PRO A 25 -0.50 -12.69 7.89
N GLU A 26 -1.53 -12.58 8.75
CA GLU A 26 -2.88 -12.27 8.39
C GLU A 26 -3.08 -10.82 8.10
N ILE A 27 -2.20 -9.94 8.61
CA ILE A 27 -2.24 -8.52 8.38
C ILE A 27 -2.04 -8.24 6.94
N TYR A 28 -1.17 -9.03 6.30
CA TYR A 28 -0.86 -9.02 4.90
C TYR A 28 -2.05 -9.19 4.01
N ARG A 29 -3.12 -9.87 4.45
CA ARG A 29 -4.35 -9.89 3.72
C ARG A 29 -5.12 -8.64 3.97
N SER A 30 -5.44 -8.36 5.24
CA SER A 30 -6.49 -7.47 5.66
C SER A 30 -6.19 -6.03 5.41
N PHE A 31 -4.91 -5.61 5.48
CA PHE A 31 -4.58 -4.26 5.16
C PHE A 31 -4.77 -3.89 3.73
N LEU A 32 -4.50 -4.80 2.79
CA LEU A 32 -4.69 -4.58 1.38
C LEU A 32 -6.12 -4.52 1.01
N GLU A 33 -6.94 -5.39 1.65
CA GLU A 33 -8.36 -5.37 1.57
C GLU A 33 -8.97 -4.04 1.84
N ILE A 34 -8.46 -3.26 2.80
CA ILE A 34 -8.82 -1.89 3.03
C ILE A 34 -8.40 -1.01 1.91
N LEU A 35 -7.18 -1.12 1.35
CA LEU A 35 -6.79 -0.37 0.21
C LEU A 35 -7.53 -0.69 -1.04
N HIS A 36 -8.18 -1.86 -1.13
CA HIS A 36 -9.05 -2.20 -2.22
C HIS A 36 -10.28 -1.37 -2.29
N THR A 37 -10.85 -0.92 -1.14
CA THR A 37 -11.93 -0.01 -1.04
C THR A 37 -11.61 1.30 -1.68
N TYR A 38 -10.33 1.69 -1.65
CA TYR A 38 -9.80 2.82 -2.33
C TYR A 38 -9.66 2.64 -3.80
N GLN A 39 -8.83 1.65 -4.22
CA GLN A 39 -8.38 1.45 -5.55
C GLN A 39 -9.42 0.99 -6.52
N LYS A 40 -10.56 0.49 -6.03
CA LYS A 40 -11.74 0.07 -6.73
C LYS A 40 -12.22 0.88 -7.87
N GLU A 41 -12.04 2.22 -7.85
CA GLU A 41 -12.29 3.09 -8.94
C GLU A 41 -11.53 2.81 -10.20
N GLN A 42 -10.41 2.07 -10.11
CA GLN A 42 -9.60 1.63 -11.19
C GLN A 42 -9.54 0.15 -11.32
N LEU A 43 -9.13 -0.57 -10.26
CA LEU A 43 -8.90 -1.98 -10.21
C LEU A 43 -7.81 -2.49 -11.07
N HIS A 44 -8.05 -2.59 -12.39
CA HIS A 44 -7.08 -2.97 -13.38
C HIS A 44 -7.36 -2.23 -14.65
N THR A 45 -8.22 -1.20 -14.62
CA THR A 45 -8.58 -0.47 -15.79
C THR A 45 -8.45 0.99 -15.53
N LYS A 46 -8.96 1.84 -16.42
CA LYS A 46 -8.86 3.27 -16.37
C LYS A 46 -9.80 3.86 -15.37
N GLY A 47 -9.57 5.12 -14.98
CA GLY A 47 -10.28 5.74 -13.91
C GLY A 47 -11.63 6.23 -14.28
N ARG A 48 -12.67 5.46 -13.91
CA ARG A 48 -14.05 5.82 -14.10
C ARG A 48 -14.47 6.87 -13.12
N PRO A 49 -15.46 7.66 -13.39
CA PRO A 49 -16.14 8.40 -12.35
C PRO A 49 -16.98 7.52 -11.48
N PHE A 50 -16.32 6.85 -10.52
CA PHE A 50 -16.90 5.99 -9.53
C PHE A 50 -17.18 6.76 -8.29
N ARG A 51 -16.79 6.24 -7.12
CA ARG A 51 -16.73 6.96 -5.88
C ARG A 51 -15.35 6.83 -5.33
N GLY A 52 -15.15 6.09 -4.23
CA GLY A 52 -13.90 6.12 -3.51
C GLY A 52 -13.94 7.19 -2.49
N MET A 53 -13.67 6.80 -1.24
CA MET A 53 -13.67 7.61 -0.06
C MET A 53 -12.50 8.52 0.04
N SER A 54 -12.15 8.95 1.27
CA SER A 54 -11.09 9.86 1.52
C SER A 54 -9.92 9.13 2.10
N GLU A 55 -8.71 9.63 1.81
CA GLU A 55 -7.43 9.10 2.16
C GLU A 55 -7.28 8.80 3.61
N GLU A 56 -7.85 9.67 4.45
CA GLU A 56 -7.96 9.52 5.88
C GLU A 56 -8.58 8.27 6.37
N GLU A 57 -9.51 7.60 5.66
CA GLU A 57 -10.17 6.45 6.19
C GLU A 57 -9.35 5.23 5.95
N VAL A 58 -8.73 5.15 4.76
CA VAL A 58 -7.99 4.00 4.36
C VAL A 58 -6.75 3.86 5.17
N PHE A 59 -6.17 5.04 5.47
CA PHE A 59 -5.20 5.30 6.48
C PHE A 59 -5.63 4.91 7.86
N THR A 60 -6.84 5.31 8.31
CA THR A 60 -7.40 4.96 9.57
C THR A 60 -7.50 3.49 9.79
N GLU A 61 -8.01 2.72 8.82
CA GLU A 61 -8.21 1.32 9.02
C GLU A 61 -6.93 0.55 8.99
N VAL A 62 -5.95 0.89 8.14
CA VAL A 62 -4.62 0.35 8.16
C VAL A 62 -3.91 0.52 9.45
N ALA A 63 -4.15 1.67 10.13
CA ALA A 63 -3.56 2.02 11.37
C ALA A 63 -3.98 1.14 12.48
N ASN A 64 -5.22 0.60 12.41
CA ASN A 64 -5.70 -0.26 13.45
C ASN A 64 -5.02 -1.57 13.45
N LEU A 65 -4.65 -2.09 12.27
CA LEU A 65 -3.93 -3.32 12.14
C LEU A 65 -2.53 -3.21 12.66
N PHE A 66 -1.94 -2.01 12.53
CA PHE A 66 -0.54 -1.77 12.69
C PHE A 66 -0.26 -1.19 14.03
N ARG A 67 -1.31 -0.88 14.80
CA ARG A 67 -1.35 -0.17 16.05
C ARG A 67 -0.22 -0.41 17.00
N GLY A 68 0.47 0.68 17.36
CA GLY A 68 1.71 0.66 18.08
C GLY A 68 2.87 1.01 17.22
N GLN A 69 2.85 0.58 15.95
CA GLN A 69 3.89 0.80 15.01
C GLN A 69 3.60 2.01 14.18
N GLU A 70 4.12 3.16 14.60
CA GLU A 70 3.86 4.44 14.02
C GLU A 70 4.67 4.73 12.79
N ASP A 71 5.84 4.09 12.63
CA ASP A 71 6.77 4.35 11.58
C ASP A 71 6.30 3.90 10.25
N LEU A 72 5.41 2.90 10.19
CA LEU A 72 4.77 2.46 8.99
C LEU A 72 3.81 3.45 8.42
N LEU A 73 3.02 4.15 9.25
CA LEU A 73 2.10 5.15 8.79
C LEU A 73 2.78 6.39 8.37
N SER A 74 4.02 6.57 8.87
CA SER A 74 4.93 7.62 8.50
C SER A 74 5.42 7.48 7.10
N GLU A 75 5.79 6.25 6.69
CA GLU A 75 6.07 5.89 5.33
C GLU A 75 4.87 5.90 4.45
N PHE A 76 3.64 5.83 5.00
CA PHE A 76 2.45 6.01 4.25
C PHE A 76 2.23 7.44 3.90
N GLY A 77 2.85 8.35 4.68
CA GLY A 77 2.74 9.76 4.59
C GLY A 77 3.36 10.38 3.39
N GLN A 78 4.23 9.64 2.67
CA GLN A 78 4.87 10.06 1.46
C GLN A 78 3.91 10.50 0.41
N PHE A 79 2.86 9.70 0.20
CA PHE A 79 1.71 10.05 -0.58
C PHE A 79 0.71 10.79 0.23
N LEU A 80 0.34 10.25 1.41
CA LEU A 80 -0.90 10.61 2.03
C LEU A 80 -0.93 11.94 2.71
N PRO A 81 -2.05 12.55 2.95
CA PRO A 81 -2.13 13.70 3.78
C PRO A 81 -1.88 13.40 5.23
N GLU A 82 -1.39 14.37 6.01
CA GLU A 82 -1.40 14.28 7.43
C GLU A 82 -2.77 14.60 7.93
N ALA A 83 -3.29 15.77 7.52
CA ALA A 83 -4.61 16.20 7.84
C ALA A 83 -5.05 17.08 6.72
N LYS A 84 -4.58 18.34 6.75
CA LYS A 84 -4.66 19.24 5.64
C LYS A 84 -3.52 20.18 5.67
N ARG A 85 -2.31 19.60 5.52
CA ARG A 85 -1.07 20.26 5.27
C ARG A 85 -0.82 20.39 3.77
N VAL B 1 7.30 11.26 -6.53
CA VAL B 1 6.86 10.95 -5.14
C VAL B 1 5.42 10.57 -5.09
N ARG B 2 4.96 9.79 -6.07
CA ARG B 2 3.60 9.35 -6.20
C ARG B 2 3.54 7.88 -6.03
N MET B 3 3.92 7.42 -4.83
CA MET B 3 3.70 6.09 -4.33
C MET B 3 2.31 5.98 -3.80
N ASN B 4 1.33 6.09 -4.71
CA ASN B 4 -0.06 6.16 -4.38
C ASN B 4 -0.59 4.85 -3.91
N ILE B 5 -1.75 4.86 -3.23
CA ILE B 5 -2.45 3.68 -2.84
C ILE B 5 -2.85 2.85 -4.01
N GLN B 6 -3.10 3.45 -5.19
CA GLN B 6 -3.16 2.81 -6.46
C GLN B 6 -2.11 1.79 -6.75
N MET B 7 -0.84 2.12 -6.47
CA MET B 7 0.31 1.32 -6.73
C MET B 7 0.56 0.27 -5.72
N LEU B 8 0.02 0.41 -4.49
CA LEU B 8 0.24 -0.50 -3.41
C LEU B 8 -0.22 -1.90 -3.61
N LEU B 9 -1.36 -2.07 -4.31
CA LEU B 9 -1.93 -3.34 -4.65
C LEU B 9 -1.21 -4.02 -5.75
N GLU B 10 -0.39 -3.27 -6.52
CA GLU B 10 0.49 -3.82 -7.49
C GLU B 10 1.74 -4.34 -6.87
N ALA B 11 2.36 -3.53 -5.99
CA ALA B 11 3.53 -3.85 -5.24
C ALA B 11 3.40 -5.08 -4.39
N ALA B 12 2.19 -5.33 -3.84
CA ALA B 12 1.88 -6.51 -3.09
C ALA B 12 1.91 -7.78 -3.86
N ASP B 13 1.35 -7.82 -5.09
CA ASP B 13 1.36 -8.96 -5.96
C ASP B 13 2.73 -9.23 -6.46
N TYR B 14 3.44 -8.16 -6.88
CA TYR B 14 4.80 -8.13 -7.30
C TYR B 14 5.74 -8.76 -6.33
N LEU B 15 5.65 -8.44 -5.03
CA LEU B 15 6.48 -9.00 -4.02
C LEU B 15 6.24 -10.43 -3.71
N GLU B 16 5.02 -10.95 -3.94
CA GLU B 16 4.75 -12.36 -3.91
C GLU B 16 5.40 -13.10 -5.03
N ARG B 17 5.61 -12.45 -6.18
CA ARG B 17 6.36 -12.97 -7.28
C ARG B 17 7.83 -12.95 -7.02
N ARG B 18 8.33 -12.00 -6.20
CA ARG B 18 9.66 -12.03 -5.67
C ARG B 18 9.89 -13.16 -4.72
N GLU B 19 8.91 -13.50 -3.85
CA GLU B 19 8.96 -14.61 -2.97
C GLU B 19 9.10 -15.91 -3.69
N ARG B 20 8.21 -16.16 -4.67
CA ARG B 20 8.22 -17.34 -5.48
C ARG B 20 9.45 -17.54 -6.28
N GLU B 21 10.03 -16.44 -6.81
CA GLU B 21 11.26 -16.41 -7.52
C GLU B 21 12.46 -16.67 -6.67
N ALA B 22 12.56 -15.99 -5.52
CA ALA B 22 13.66 -16.08 -4.62
C ALA B 22 13.75 -17.40 -3.92
N GLU B 23 12.61 -18.08 -3.68
CA GLU B 23 12.57 -19.42 -3.18
C GLU B 23 13.31 -20.39 -4.03
N HIS B 24 13.00 -20.39 -5.34
CA HIS B 24 13.69 -21.07 -6.38
C HIS B 24 13.79 -22.58 -6.23
N GLU A 1 12.49 -1.54 -19.92
CA GLU A 1 11.97 -1.72 -18.55
C GLU A 1 12.19 -0.49 -17.73
N SER A 2 13.45 -0.03 -17.63
CA SER A 2 13.89 1.13 -16.93
C SER A 2 13.94 0.90 -15.46
N ASP A 3 14.21 1.95 -14.64
CA ASP A 3 14.32 1.79 -13.22
C ASP A 3 13.01 1.66 -12.52
N SER A 4 12.36 2.81 -12.24
CA SER A 4 11.27 2.99 -11.35
C SER A 4 11.76 2.94 -9.94
N VAL A 5 12.16 4.12 -9.44
CA VAL A 5 12.71 4.34 -8.13
C VAL A 5 11.61 4.24 -7.14
N GLU A 6 10.50 4.95 -7.43
CA GLU A 6 9.34 5.00 -6.60
C GLU A 6 8.62 3.69 -6.50
N PHE A 7 8.79 2.82 -7.51
CA PHE A 7 8.36 1.46 -7.46
C PHE A 7 9.01 0.75 -6.33
N ASN A 8 10.34 0.87 -6.22
CA ASN A 8 11.19 0.14 -5.33
C ASN A 8 11.05 0.68 -3.95
N ASN A 9 10.60 1.94 -3.83
CA ASN A 9 10.36 2.55 -2.56
C ASN A 9 9.04 2.10 -2.03
N ALA A 10 8.07 1.84 -2.91
CA ALA A 10 6.82 1.22 -2.57
C ALA A 10 7.00 -0.21 -2.19
N ILE A 11 7.85 -0.97 -2.91
CA ILE A 11 8.24 -2.30 -2.57
C ILE A 11 8.79 -2.39 -1.17
N SER A 12 9.74 -1.49 -0.86
CA SER A 12 10.37 -1.40 0.42
C SER A 12 9.43 -1.22 1.56
N TYR A 13 8.25 -0.63 1.31
CA TYR A 13 7.22 -0.46 2.28
C TYR A 13 6.51 -1.73 2.57
N VAL A 14 5.94 -2.38 1.53
CA VAL A 14 5.25 -3.63 1.62
C VAL A 14 6.15 -4.73 2.11
N ASN A 15 7.44 -4.68 1.75
CA ASN A 15 8.46 -5.51 2.32
C ASN A 15 8.70 -5.31 3.77
N LYS A 16 8.78 -4.07 4.29
CA LYS A 16 8.90 -3.81 5.69
C LYS A 16 7.70 -4.25 6.47
N ILE A 17 6.50 -4.14 5.89
CA ILE A 17 5.27 -4.66 6.38
C ILE A 17 5.35 -6.14 6.52
N LYS A 18 5.72 -6.86 5.45
CA LYS A 18 5.86 -8.28 5.45
C LYS A 18 6.86 -8.81 6.42
N THR A 19 7.97 -8.08 6.61
CA THR A 19 9.06 -8.40 7.49
C THR A 19 8.78 -8.15 8.93
N ARG A 20 7.81 -7.29 9.29
CA ARG A 20 7.41 -7.12 10.65
C ARG A 20 6.21 -7.92 11.00
N PHE A 21 5.25 -8.10 10.08
CA PHE A 21 4.09 -8.90 10.31
C PHE A 21 4.32 -10.32 9.93
N LEU A 22 5.50 -10.86 10.26
CA LEU A 22 5.91 -12.21 10.05
C LEU A 22 5.12 -13.19 10.86
N ASP A 23 4.91 -12.83 12.13
CA ASP A 23 4.12 -13.61 13.02
C ASP A 23 2.68 -13.24 12.93
N HIS A 24 2.32 -12.31 12.03
CA HIS A 24 0.97 -11.89 11.79
C HIS A 24 0.65 -11.97 10.35
N PRO A 25 0.57 -13.07 9.67
CA PRO A 25 0.52 -13.12 8.23
C PRO A 25 -0.81 -12.79 7.65
N GLU A 26 -1.82 -12.48 8.48
CA GLU A 26 -3.10 -12.01 8.06
C GLU A 26 -3.09 -10.56 7.75
N ILE A 27 -2.08 -9.79 8.22
CA ILE A 27 -1.97 -8.39 7.98
C ILE A 27 -1.70 -8.13 6.54
N TYR A 28 -0.87 -8.96 5.91
CA TYR A 28 -0.60 -8.97 4.50
C TYR A 28 -1.82 -9.04 3.66
N ARG A 29 -2.81 -9.89 4.04
CA ARG A 29 -4.08 -9.94 3.40
C ARG A 29 -4.90 -8.72 3.67
N SER A 30 -5.07 -8.36 4.95
CA SER A 30 -6.08 -7.45 5.41
C SER A 30 -5.79 -6.02 5.14
N PHE A 31 -4.52 -5.58 5.14
CA PHE A 31 -4.23 -4.20 4.83
C PHE A 31 -4.55 -3.83 3.42
N LEU A 32 -4.32 -4.75 2.45
CA LEU A 32 -4.65 -4.55 1.07
C LEU A 32 -6.12 -4.60 0.82
N GLU A 33 -6.81 -5.51 1.54
CA GLU A 33 -8.24 -5.62 1.55
C GLU A 33 -8.94 -4.32 1.76
N ILE A 34 -8.42 -3.48 2.68
CA ILE A 34 -8.86 -2.14 2.92
C ILE A 34 -8.59 -1.25 1.76
N LEU A 35 -7.38 -1.25 1.17
CA LEU A 35 -7.07 -0.45 0.03
C LEU A 35 -7.87 -0.75 -1.19
N HIS A 36 -8.25 -2.02 -1.42
CA HIS A 36 -9.13 -2.46 -2.46
C HIS A 36 -10.43 -1.75 -2.49
N THR A 37 -11.03 -1.54 -1.31
CA THR A 37 -12.27 -0.88 -1.08
C THR A 37 -12.25 0.56 -1.49
N TYR A 38 -11.07 1.21 -1.39
CA TYR A 38 -10.82 2.49 -2.00
C TYR A 38 -10.60 2.37 -3.47
N GLN A 39 -9.56 1.62 -3.88
CA GLN A 39 -8.96 1.66 -5.18
C GLN A 39 -9.82 1.24 -6.31
N LYS A 40 -10.94 0.54 -6.05
CA LYS A 40 -11.95 0.16 -6.97
C LYS A 40 -12.50 1.26 -7.81
N GLU A 41 -12.65 2.49 -7.27
CA GLU A 41 -13.11 3.63 -7.99
C GLU A 41 -12.25 4.04 -9.13
N GLN A 42 -10.91 3.99 -8.92
CA GLN A 42 -9.89 4.03 -9.92
C GLN A 42 -9.91 5.22 -10.82
N LEU A 43 -10.31 6.35 -10.22
CA LEU A 43 -10.42 7.66 -10.78
C LEU A 43 -11.45 7.82 -11.84
N HIS A 44 -12.37 6.86 -12.00
CA HIS A 44 -13.38 6.88 -13.01
C HIS A 44 -14.62 7.54 -12.52
N THR A 45 -14.55 8.83 -12.14
CA THR A 45 -15.63 9.55 -11.53
C THR A 45 -16.62 10.04 -12.52
N LYS A 46 -17.72 9.29 -12.71
CA LYS A 46 -18.77 9.59 -13.65
C LYS A 46 -19.88 10.33 -12.99
N GLY A 47 -20.28 9.87 -11.80
CA GLY A 47 -21.33 10.48 -11.03
C GLY A 47 -20.91 10.62 -9.61
N ARG A 48 -21.59 9.93 -8.68
CA ARG A 48 -21.30 9.98 -7.27
C ARG A 48 -20.49 8.81 -6.85
N PRO A 49 -19.81 8.80 -5.74
CA PRO A 49 -19.05 7.65 -5.32
C PRO A 49 -19.90 6.53 -4.83
N PHE A 50 -19.34 5.30 -4.86
CA PHE A 50 -19.97 4.11 -4.41
C PHE A 50 -19.13 3.47 -3.35
N ARG A 51 -18.15 2.65 -3.73
CA ARG A 51 -17.28 1.95 -2.83
C ARG A 51 -16.13 2.82 -2.42
N GLY A 52 -15.38 3.34 -3.41
CA GLY A 52 -14.20 4.11 -3.18
C GLY A 52 -14.45 5.47 -2.61
N MET A 53 -14.10 5.60 -1.32
CA MET A 53 -14.36 6.71 -0.47
C MET A 53 -13.26 7.71 -0.44
N SER A 54 -12.74 8.00 0.78
CA SER A 54 -11.68 8.90 1.04
C SER A 54 -10.45 8.15 1.47
N GLU A 55 -9.29 8.79 1.33
CA GLU A 55 -8.01 8.33 1.81
C GLU A 55 -7.99 8.22 3.30
N GLU A 56 -8.78 9.06 4.00
CA GLU A 56 -8.91 9.01 5.42
C GLU A 56 -9.32 7.72 6.02
N GLU A 57 -10.30 6.98 5.48
CA GLU A 57 -10.78 5.82 6.14
C GLU A 57 -9.92 4.64 5.82
N VAL A 58 -9.38 4.65 4.59
CA VAL A 58 -8.51 3.63 4.09
C VAL A 58 -7.30 3.57 4.94
N PHE A 59 -6.75 4.77 5.24
CA PHE A 59 -5.75 5.04 6.23
C PHE A 59 -6.13 4.65 7.61
N THR A 60 -7.30 5.08 8.12
CA THR A 60 -7.80 4.76 9.42
C THR A 60 -7.85 3.31 9.74
N GLU A 61 -8.27 2.49 8.76
CA GLU A 61 -8.32 1.06 8.87
C GLU A 61 -6.96 0.44 8.90
N VAL A 62 -6.03 0.79 7.99
CA VAL A 62 -4.68 0.32 7.97
C VAL A 62 -3.91 0.58 9.21
N ALA A 63 -4.20 1.73 9.85
CA ALA A 63 -3.61 2.21 11.06
C ALA A 63 -3.90 1.32 12.22
N ASN A 64 -5.02 0.57 12.18
CA ASN A 64 -5.37 -0.35 13.21
C ASN A 64 -4.45 -1.52 13.21
N LEU A 65 -4.17 -2.07 12.01
CA LEU A 65 -3.42 -3.28 11.85
C LEU A 65 -2.00 -3.13 12.31
N PHE A 66 -1.50 -1.89 12.21
CA PHE A 66 -0.12 -1.57 12.37
C PHE A 66 0.14 -0.97 13.71
N ARG A 67 -0.92 -0.65 14.45
CA ARG A 67 -0.97 0.13 15.64
C ARG A 67 0.04 -0.18 16.70
N GLY A 68 0.82 0.84 17.08
CA GLY A 68 1.96 0.73 17.94
C GLY A 68 3.21 0.99 17.17
N GLN A 69 3.21 0.63 15.87
CA GLN A 69 4.29 0.95 14.98
C GLN A 69 3.95 2.20 14.23
N GLU A 70 4.63 3.29 14.59
CA GLU A 70 4.52 4.59 13.99
C GLU A 70 5.29 4.69 12.72
N ASP A 71 6.37 3.89 12.63
CA ASP A 71 7.35 3.84 11.59
C ASP A 71 6.78 3.61 10.24
N LEU A 72 5.75 2.75 10.16
CA LEU A 72 5.06 2.45 8.94
C LEU A 72 4.14 3.53 8.48
N LEU A 73 3.38 4.19 9.37
CA LEU A 73 2.42 5.17 8.95
C LEU A 73 3.03 6.46 8.54
N SER A 74 4.28 6.68 8.98
CA SER A 74 5.13 7.74 8.53
C SER A 74 5.38 7.66 7.07
N GLU A 75 5.82 6.49 6.59
CA GLU A 75 6.03 6.16 5.21
C GLU A 75 4.76 6.04 4.43
N PHE A 76 3.63 5.83 5.11
CA PHE A 76 2.33 5.85 4.52
C PHE A 76 1.90 7.22 4.13
N GLY A 77 2.53 8.25 4.75
CA GLY A 77 2.26 9.64 4.62
C GLY A 77 2.80 10.29 3.39
N GLN A 78 3.78 9.68 2.69
CA GLN A 78 4.53 10.28 1.63
C GLN A 78 3.72 10.88 0.54
N PHE A 79 2.70 10.13 0.07
CA PHE A 79 1.81 10.57 -0.96
C PHE A 79 0.53 11.05 -0.37
N LEU A 80 0.13 10.56 0.81
CA LEU A 80 -1.18 10.79 1.34
C LEU A 80 -1.56 12.20 1.67
N PRO A 81 -1.28 12.85 2.76
CA PRO A 81 -1.66 14.22 2.96
C PRO A 81 -0.82 15.15 2.16
N GLU A 82 -1.26 16.41 2.00
CA GLU A 82 -0.75 17.34 1.04
C GLU A 82 0.44 18.10 1.52
N ALA A 83 0.25 19.35 1.97
CA ALA A 83 1.30 20.25 2.33
C ALA A 83 1.27 20.45 3.81
N LYS A 84 0.03 20.47 4.33
CA LYS A 84 -0.35 20.78 5.67
C LYS A 84 -0.02 22.19 6.01
N ARG A 85 -0.66 23.10 5.25
CA ARG A 85 -0.38 24.50 5.10
C ARG A 85 0.76 24.76 4.12
N VAL B 1 0.32 3.29 -10.91
CA VAL B 1 1.25 4.37 -11.30
C VAL B 1 1.33 5.44 -10.26
N ARG B 2 2.54 5.96 -9.99
CA ARG B 2 2.85 6.92 -8.96
C ARG B 2 2.70 6.42 -7.58
N MET B 3 3.64 6.72 -6.66
CA MET B 3 3.74 6.08 -5.38
C MET B 3 2.73 6.35 -4.32
N ASN B 4 1.43 6.21 -4.65
CA ASN B 4 0.32 6.36 -3.76
C ASN B 4 -0.27 5.07 -3.33
N ILE B 5 -1.55 5.07 -2.92
CA ILE B 5 -2.26 3.92 -2.42
C ILE B 5 -2.51 2.90 -3.47
N GLN B 6 -2.61 3.29 -4.75
CA GLN B 6 -2.68 2.38 -5.86
C GLN B 6 -1.44 1.55 -5.98
N MET B 7 -0.26 2.17 -5.81
CA MET B 7 1.02 1.56 -6.01
C MET B 7 1.33 0.45 -5.06
N LEU B 8 0.69 0.46 -3.88
CA LEU B 8 0.75 -0.60 -2.92
C LEU B 8 0.22 -1.89 -3.42
N LEU B 9 -0.83 -1.81 -4.27
CA LEU B 9 -1.54 -2.94 -4.79
C LEU B 9 -0.79 -3.49 -5.96
N GLU B 10 0.13 -2.67 -6.52
CA GLU B 10 1.07 -3.04 -7.52
C GLU B 10 2.28 -3.70 -6.97
N ALA B 11 2.86 -3.13 -5.89
CA ALA B 11 3.98 -3.65 -5.16
C ALA B 11 3.69 -4.96 -4.50
N ALA B 12 2.52 -5.10 -3.85
CA ALA B 12 2.06 -6.32 -3.26
C ALA B 12 1.99 -7.46 -4.22
N ASP B 13 1.46 -7.23 -5.44
CA ASP B 13 1.38 -8.20 -6.48
C ASP B 13 2.70 -8.76 -6.90
N TYR B 14 3.70 -7.87 -7.05
CA TYR B 14 5.06 -8.17 -7.34
C TYR B 14 5.72 -8.95 -6.25
N LEU B 15 5.56 -8.51 -5.00
CA LEU B 15 6.16 -9.10 -3.83
C LEU B 15 5.67 -10.46 -3.48
N GLU B 16 4.38 -10.76 -3.74
CA GLU B 16 3.77 -12.05 -3.63
C GLU B 16 4.50 -13.12 -4.35
N ARG B 17 4.95 -12.82 -5.59
CA ARG B 17 5.73 -13.71 -6.39
C ARG B 17 7.17 -13.72 -6.00
N ARG B 18 7.75 -12.52 -5.74
CA ARG B 18 9.10 -12.34 -5.32
C ARG B 18 9.49 -13.13 -4.11
N GLU B 19 8.63 -13.18 -3.08
CA GLU B 19 8.85 -13.93 -1.88
C GLU B 19 9.06 -15.38 -2.06
N ARG B 20 8.34 -15.99 -3.03
CA ARG B 20 8.47 -17.37 -3.37
C ARG B 20 9.77 -17.69 -4.04
N GLU B 21 10.23 -16.81 -4.94
CA GLU B 21 11.48 -16.91 -5.63
C GLU B 21 12.66 -16.63 -4.76
N ALA B 22 12.59 -15.56 -3.94
CA ALA B 22 13.60 -15.09 -3.04
C ALA B 22 14.03 -16.06 -1.99
N GLU B 23 13.23 -17.10 -1.73
CA GLU B 23 13.57 -18.20 -0.89
C GLU B 23 14.77 -18.98 -1.33
N HIS B 24 14.90 -19.22 -2.65
CA HIS B 24 15.87 -20.11 -3.21
C HIS B 24 16.86 -19.39 -4.10
N GLU A 1 15.52 1.83 -20.17
CA GLU A 1 15.75 0.94 -19.01
C GLU A 1 15.42 1.72 -17.79
N SER A 2 14.28 1.42 -17.15
CA SER A 2 13.68 2.23 -16.14
C SER A 2 14.46 2.36 -14.89
N ASP A 3 14.25 3.47 -14.15
CA ASP A 3 14.96 3.81 -12.95
C ASP A 3 14.25 3.21 -11.77
N SER A 4 13.01 3.65 -11.54
CA SER A 4 12.03 3.02 -10.71
C SER A 4 12.22 3.21 -9.24
N VAL A 5 12.83 4.34 -8.86
CA VAL A 5 13.07 4.79 -7.52
C VAL A 5 11.85 4.78 -6.66
N GLU A 6 10.78 5.44 -7.11
CA GLU A 6 9.56 5.56 -6.37
C GLU A 6 8.79 4.29 -6.25
N PHE A 7 8.96 3.40 -7.25
CA PHE A 7 8.42 2.08 -7.26
C PHE A 7 9.05 1.30 -6.16
N ASN A 8 10.37 1.46 -5.97
CA ASN A 8 11.22 0.72 -5.09
C ASN A 8 11.02 1.18 -3.69
N ASN A 9 10.73 2.47 -3.50
CA ASN A 9 10.26 3.04 -2.29
C ASN A 9 8.93 2.50 -1.89
N ALA A 10 8.05 2.16 -2.85
CA ALA A 10 6.82 1.49 -2.58
C ALA A 10 7.05 0.07 -2.21
N ILE A 11 7.93 -0.67 -2.91
CA ILE A 11 8.34 -2.01 -2.62
C ILE A 11 8.85 -2.18 -1.23
N SER A 12 9.85 -1.34 -0.86
CA SER A 12 10.54 -1.38 0.39
C SER A 12 9.63 -1.30 1.57
N TYR A 13 8.56 -0.50 1.47
CA TYR A 13 7.54 -0.40 2.47
C TYR A 13 6.77 -1.66 2.64
N VAL A 14 6.20 -2.24 1.56
CA VAL A 14 5.49 -3.47 1.57
C VAL A 14 6.32 -4.62 2.03
N ASN A 15 7.60 -4.66 1.62
CA ASN A 15 8.57 -5.58 2.13
C ASN A 15 8.80 -5.48 3.60
N LYS A 16 9.01 -4.28 4.16
CA LYS A 16 9.16 -4.03 5.56
C LYS A 16 7.97 -4.45 6.34
N ILE A 17 6.75 -4.24 5.80
CA ILE A 17 5.50 -4.68 6.31
C ILE A 17 5.43 -6.17 6.34
N LYS A 18 5.72 -6.84 5.22
CA LYS A 18 5.72 -8.26 5.11
C LYS A 18 6.68 -8.92 6.04
N THR A 19 7.88 -8.35 6.22
CA THR A 19 8.93 -8.83 7.04
C THR A 19 8.65 -8.69 8.51
N ARG A 20 7.90 -7.68 8.95
CA ARG A 20 7.51 -7.58 10.32
C ARG A 20 6.25 -8.32 10.64
N PHE A 21 5.27 -8.37 9.73
CA PHE A 21 4.05 -9.10 9.92
C PHE A 21 4.16 -10.53 9.52
N LEU A 22 5.19 -11.23 10.01
CA LEU A 22 5.36 -12.65 9.90
C LEU A 22 4.68 -13.38 11.01
N ASP A 23 4.71 -12.82 12.23
CA ASP A 23 3.94 -13.30 13.34
C ASP A 23 2.48 -13.04 13.20
N HIS A 24 2.09 -12.15 12.26
CA HIS A 24 0.72 -11.79 12.06
C HIS A 24 0.41 -11.78 10.60
N PRO A 25 0.27 -12.85 9.89
CA PRO A 25 0.19 -12.82 8.45
C PRO A 25 -1.08 -12.27 7.92
N GLU A 26 -2.06 -12.00 8.80
CA GLU A 26 -3.35 -11.47 8.49
C GLU A 26 -3.31 -10.00 8.28
N ILE A 27 -2.32 -9.28 8.85
CA ILE A 27 -2.19 -7.86 8.71
C ILE A 27 -1.80 -7.51 7.32
N TYR A 28 -0.84 -8.28 6.78
CA TYR A 28 -0.34 -8.21 5.44
C TYR A 28 -1.43 -8.21 4.42
N ARG A 29 -2.41 -9.12 4.57
CA ARG A 29 -3.59 -9.15 3.73
C ARG A 29 -4.60 -8.10 4.02
N SER A 30 -4.95 -7.90 5.30
CA SER A 30 -6.06 -7.08 5.69
C SER A 30 -5.83 -5.63 5.43
N PHE A 31 -4.58 -5.14 5.50
CA PHE A 31 -4.28 -3.80 5.12
C PHE A 31 -4.48 -3.50 3.66
N LEU A 32 -4.20 -4.45 2.76
CA LEU A 32 -4.37 -4.27 1.35
C LEU A 32 -5.81 -4.14 0.98
N GLU A 33 -6.67 -4.98 1.58
CA GLU A 33 -8.09 -4.95 1.42
C GLU A 33 -8.73 -3.63 1.61
N ILE A 34 -8.25 -2.80 2.56
CA ILE A 34 -8.64 -1.44 2.75
C ILE A 34 -8.27 -0.58 1.60
N LEU A 35 -7.03 -0.65 1.08
CA LEU A 35 -6.63 0.11 -0.07
C LEU A 35 -7.31 -0.32 -1.33
N HIS A 36 -7.60 -1.63 -1.43
CA HIS A 36 -8.38 -2.24 -2.47
C HIS A 36 -9.80 -1.80 -2.46
N THR A 37 -10.37 -1.36 -1.32
CA THR A 37 -11.67 -0.76 -1.23
C THR A 37 -11.77 0.48 -2.07
N TYR A 38 -10.64 1.20 -2.23
CA TYR A 38 -10.49 2.19 -3.24
C TYR A 38 -10.25 1.58 -4.58
N GLN A 39 -9.16 0.82 -4.76
CA GLN A 39 -8.68 0.55 -6.08
C GLN A 39 -9.37 -0.50 -6.88
N LYS A 40 -10.13 -1.43 -6.26
CA LYS A 40 -10.93 -2.41 -6.92
C LYS A 40 -12.13 -1.82 -7.56
N GLU A 41 -12.96 -1.12 -6.76
CA GLU A 41 -14.19 -0.50 -7.13
C GLU A 41 -14.13 0.30 -8.39
N GLN A 42 -13.04 1.09 -8.56
CA GLN A 42 -12.75 1.90 -9.70
C GLN A 42 -12.74 1.21 -11.01
N LEU A 43 -12.52 -0.12 -11.06
CA LEU A 43 -12.60 -0.90 -12.25
C LEU A 43 -13.97 -0.97 -12.83
N HIS A 44 -15.02 -0.83 -12.02
CA HIS A 44 -16.38 -0.86 -12.48
C HIS A 44 -17.10 0.43 -12.27
N THR A 45 -16.40 1.58 -12.20
CA THR A 45 -17.02 2.87 -12.10
C THR A 45 -17.19 3.54 -13.42
N LYS A 46 -18.04 4.57 -13.42
CA LYS A 46 -18.24 5.52 -14.48
C LYS A 46 -17.59 6.80 -14.07
N GLY A 47 -17.10 7.61 -15.02
CA GLY A 47 -16.63 8.93 -14.75
C GLY A 47 -15.22 9.02 -14.27
N ARG A 48 -14.92 8.33 -13.16
CA ARG A 48 -13.71 8.25 -12.40
C ARG A 48 -12.73 9.37 -12.47
N PRO A 49 -12.93 10.50 -11.85
CA PRO A 49 -12.09 11.64 -12.03
C PRO A 49 -10.80 11.66 -11.30
N PHE A 50 -10.39 10.49 -10.76
CA PHE A 50 -9.32 10.26 -9.84
C PHE A 50 -9.47 10.91 -8.52
N ARG A 51 -9.50 10.08 -7.47
CA ARG A 51 -9.52 10.50 -6.10
C ARG A 51 -9.06 9.41 -5.22
N GLY A 52 -9.93 8.42 -4.95
CA GLY A 52 -9.73 7.39 -3.99
C GLY A 52 -10.38 7.74 -2.69
N MET A 53 -11.71 7.95 -2.75
CA MET A 53 -12.57 8.32 -1.67
C MET A 53 -12.05 9.41 -0.80
N SER A 54 -12.11 9.24 0.53
CA SER A 54 -11.27 9.95 1.44
C SER A 54 -10.02 9.18 1.71
N GLU A 55 -8.87 9.84 1.53
CA GLU A 55 -7.57 9.33 1.85
C GLU A 55 -7.43 9.14 3.31
N GLU A 56 -8.21 9.94 4.08
CA GLU A 56 -8.48 9.81 5.48
C GLU A 56 -8.91 8.46 5.90
N GLU A 57 -9.78 7.74 5.16
CA GLU A 57 -10.36 6.52 5.63
C GLU A 57 -9.46 5.37 5.39
N VAL A 58 -8.80 5.38 4.21
CA VAL A 58 -7.93 4.34 3.76
C VAL A 58 -6.71 4.27 4.61
N PHE A 59 -6.31 5.46 5.09
CA PHE A 59 -5.46 5.70 6.21
C PHE A 59 -6.00 5.16 7.49
N THR A 60 -7.18 5.62 7.96
CA THR A 60 -7.84 5.29 9.19
C THR A 60 -7.85 3.84 9.54
N GLU A 61 -8.24 2.98 8.59
CA GLU A 61 -8.36 1.57 8.81
C GLU A 61 -7.03 0.88 8.83
N VAL A 62 -6.02 1.36 8.08
CA VAL A 62 -4.70 0.81 8.10
C VAL A 62 -3.93 1.13 9.33
N ALA A 63 -4.25 2.31 9.90
CA ALA A 63 -3.67 2.80 11.10
C ALA A 63 -4.02 1.94 12.25
N ASN A 64 -5.27 1.44 12.29
CA ASN A 64 -5.73 0.67 13.41
C ASN A 64 -5.10 -0.68 13.50
N LEU A 65 -4.90 -1.33 12.34
CA LEU A 65 -4.40 -2.67 12.26
C LEU A 65 -2.92 -2.76 12.42
N PHE A 66 -2.21 -1.63 12.22
CA PHE A 66 -0.80 -1.52 12.39
C PHE A 66 -0.46 -1.03 13.75
N ARG A 67 -1.35 -0.24 14.36
CA ARG A 67 -1.20 0.48 15.60
C ARG A 67 -0.49 -0.23 16.71
N GLY A 68 0.57 0.41 17.23
CA GLY A 68 1.58 -0.23 18.02
C GLY A 68 2.88 -0.11 17.33
N GLN A 69 2.89 -0.39 16.01
CA GLN A 69 4.04 -0.20 15.17
C GLN A 69 3.93 1.08 14.40
N GLU A 70 4.42 2.14 15.05
CA GLU A 70 4.25 3.51 14.69
C GLU A 70 5.10 3.92 13.52
N ASP A 71 6.24 3.23 13.35
CA ASP A 71 7.21 3.40 12.32
C ASP A 71 6.65 3.35 10.95
N LEU A 72 5.70 2.42 10.72
CA LEU A 72 5.08 2.25 9.43
C LEU A 72 4.21 3.37 9.00
N LEU A 73 3.40 4.00 9.87
CA LEU A 73 2.48 5.02 9.48
C LEU A 73 3.11 6.32 9.17
N SER A 74 4.34 6.51 9.69
CA SER A 74 5.24 7.56 9.38
C SER A 74 5.55 7.58 7.93
N GLU A 75 5.94 6.42 7.38
CA GLU A 75 6.17 6.19 5.98
C GLU A 75 4.95 6.09 5.14
N PHE A 76 3.75 5.84 5.71
CA PHE A 76 2.53 5.80 4.98
C PHE A 76 2.17 7.10 4.33
N GLY A 77 2.72 8.22 4.85
CA GLY A 77 2.54 9.53 4.33
C GLY A 77 3.09 9.79 2.97
N GLN A 78 4.04 8.98 2.48
CA GLN A 78 4.55 9.11 1.15
C GLN A 78 3.56 8.81 0.08
N PHE A 79 2.52 8.02 0.42
CA PHE A 79 1.46 7.64 -0.45
C PHE A 79 0.34 8.63 -0.45
N LEU A 80 0.24 9.46 0.61
CA LEU A 80 -0.86 10.36 0.80
C LEU A 80 -0.50 11.78 0.58
N PRO A 81 -0.83 12.43 -0.50
CA PRO A 81 -0.39 13.77 -0.78
C PRO A 81 -1.11 14.81 0.00
N GLU A 82 -0.39 15.57 0.85
CA GLU A 82 -0.94 16.64 1.62
C GLU A 82 -0.80 17.96 0.93
N ALA A 83 0.46 18.28 0.56
CA ALA A 83 0.81 19.50 -0.09
C ALA A 83 1.99 19.24 -0.96
N LYS A 84 3.02 18.63 -0.36
CA LYS A 84 4.24 18.19 -0.96
C LYS A 84 5.24 19.27 -1.19
N ARG A 85 5.11 20.37 -0.42
CA ARG A 85 5.97 21.49 -0.33
C ARG A 85 5.83 22.53 -1.44
N VAL B 1 0.22 6.04 -11.22
CA VAL B 1 0.15 7.45 -10.76
C VAL B 1 1.22 7.74 -9.76
N ARG B 2 1.85 8.92 -9.83
CA ARG B 2 3.04 9.26 -9.11
C ARG B 2 2.87 9.39 -7.64
N MET B 3 3.21 8.33 -6.89
CA MET B 3 3.16 8.16 -5.47
C MET B 3 1.82 8.33 -4.85
N ASN B 4 1.00 7.26 -4.91
CA ASN B 4 -0.32 7.20 -4.37
C ASN B 4 -0.49 5.84 -3.77
N ILE B 5 -1.55 5.63 -2.97
CA ILE B 5 -2.03 4.38 -2.46
C ILE B 5 -2.14 3.31 -3.48
N GLN B 6 -2.52 3.65 -4.73
CA GLN B 6 -2.54 2.79 -5.87
C GLN B 6 -1.31 1.99 -6.11
N MET B 7 -0.12 2.52 -5.82
CA MET B 7 1.13 1.83 -5.93
C MET B 7 1.30 0.70 -4.97
N LEU B 8 0.59 0.68 -3.84
CA LEU B 8 0.72 -0.33 -2.83
C LEU B 8 0.24 -1.69 -3.23
N LEU B 9 -0.88 -1.76 -3.96
CA LEU B 9 -1.43 -2.99 -4.44
C LEU B 9 -0.65 -3.53 -5.59
N GLU B 10 0.14 -2.66 -6.25
CA GLU B 10 0.98 -3.00 -7.35
C GLU B 10 2.27 -3.59 -6.86
N ALA B 11 2.87 -2.98 -5.82
CA ALA B 11 4.02 -3.47 -5.13
C ALA B 11 3.75 -4.74 -4.41
N ALA B 12 2.55 -4.91 -3.82
CA ALA B 12 2.13 -6.11 -3.17
C ALA B 12 2.09 -7.31 -4.05
N ASP B 13 1.46 -7.23 -5.24
CA ASP B 13 1.39 -8.30 -6.18
C ASP B 13 2.73 -8.74 -6.67
N TYR B 14 3.63 -7.76 -6.93
CA TYR B 14 5.01 -7.98 -7.26
C TYR B 14 5.76 -8.70 -6.19
N LEU B 15 5.64 -8.28 -4.92
CA LEU B 15 6.33 -8.87 -3.82
C LEU B 15 5.85 -10.21 -3.39
N GLU B 16 4.62 -10.60 -3.77
CA GLU B 16 4.17 -11.95 -3.74
C GLU B 16 4.90 -12.81 -4.72
N ARG B 17 4.96 -12.37 -5.99
CA ARG B 17 5.59 -13.07 -7.06
C ARG B 17 7.06 -13.28 -6.92
N ARG B 18 7.76 -12.37 -6.20
CA ARG B 18 9.14 -12.51 -5.83
C ARG B 18 9.48 -13.73 -5.05
N GLU B 19 8.54 -14.26 -4.24
CA GLU B 19 8.76 -15.45 -3.47
C GLU B 19 8.69 -16.69 -4.29
N ARG B 20 7.81 -16.74 -5.30
CA ARG B 20 7.68 -17.83 -6.21
C ARG B 20 8.88 -18.06 -7.06
N GLU B 21 9.68 -17.00 -7.31
CA GLU B 21 10.91 -17.05 -8.05
C GLU B 21 12.09 -17.51 -7.25
N ALA B 22 12.01 -17.45 -5.91
CA ALA B 22 13.02 -17.95 -5.03
C ALA B 22 12.96 -19.42 -4.87
N GLU B 23 11.82 -20.06 -5.21
CA GLU B 23 11.55 -21.44 -5.02
C GLU B 23 12.51 -22.39 -5.67
N HIS B 24 12.69 -22.23 -6.99
CA HIS B 24 13.61 -22.97 -7.80
C HIS B 24 13.15 -24.37 -8.15
N GLU A 1 15.59 4.31 -20.22
CA GLU A 1 14.28 3.99 -20.82
C GLU A 1 13.17 4.38 -19.92
N SER A 2 13.30 4.03 -18.62
CA SER A 2 12.40 4.46 -17.58
C SER A 2 13.17 4.70 -16.33
N ASP A 3 12.53 5.23 -15.28
CA ASP A 3 13.07 5.27 -13.95
C ASP A 3 12.13 4.52 -13.07
N SER A 4 12.61 3.57 -12.24
CA SER A 4 11.77 2.75 -11.43
C SER A 4 12.02 2.95 -9.97
N VAL A 5 12.35 4.20 -9.58
CA VAL A 5 12.74 4.60 -8.26
C VAL A 5 11.63 4.48 -7.28
N GLU A 6 10.48 5.10 -7.59
CA GLU A 6 9.36 5.21 -6.70
C GLU A 6 8.57 3.93 -6.65
N PHE A 7 8.75 3.07 -7.66
CA PHE A 7 8.38 1.69 -7.56
C PHE A 7 9.03 1.04 -6.39
N ASN A 8 10.36 1.18 -6.26
CA ASN A 8 11.14 0.55 -5.24
C ASN A 8 10.93 1.18 -3.91
N ASN A 9 10.51 2.45 -3.87
CA ASN A 9 10.16 3.12 -2.65
C ASN A 9 8.86 2.63 -2.11
N ALA A 10 7.94 2.23 -3.01
CA ALA A 10 6.73 1.54 -2.67
C ALA A 10 7.01 0.19 -2.12
N ILE A 11 7.89 -0.59 -2.77
CA ILE A 11 8.33 -1.89 -2.35
C ILE A 11 8.87 -1.91 -0.96
N SER A 12 9.81 -1.00 -0.68
CA SER A 12 10.49 -0.84 0.58
C SER A 12 9.58 -0.78 1.77
N TYR A 13 8.42 -0.12 1.60
CA TYR A 13 7.39 0.02 2.59
C TYR A 13 6.70 -1.28 2.85
N VAL A 14 6.14 -1.93 1.82
CA VAL A 14 5.46 -3.19 1.93
C VAL A 14 6.36 -4.30 2.36
N ASN A 15 7.64 -4.26 1.99
CA ASN A 15 8.66 -5.12 2.50
C ASN A 15 8.89 -5.04 3.97
N LYS A 16 8.88 -3.83 4.57
CA LYS A 16 8.97 -3.66 5.99
C LYS A 16 7.79 -4.21 6.71
N ILE A 17 6.59 -4.08 6.11
CA ILE A 17 5.35 -4.65 6.52
C ILE A 17 5.39 -6.14 6.49
N LYS A 18 5.80 -6.74 5.35
CA LYS A 18 5.94 -8.15 5.18
C LYS A 18 6.87 -8.77 6.16
N THR A 19 8.03 -8.13 6.40
CA THR A 19 9.04 -8.59 7.30
C THR A 19 8.58 -8.59 8.72
N ARG A 20 7.77 -7.63 9.19
CA ARG A 20 7.20 -7.72 10.49
C ARG A 20 6.08 -8.70 10.58
N PHE A 21 5.07 -8.64 9.69
CA PHE A 21 3.89 -9.44 9.81
C PHE A 21 4.03 -10.82 9.26
N LEU A 22 5.16 -11.49 9.57
CA LEU A 22 5.42 -12.86 9.30
C LEU A 22 4.65 -13.74 10.24
N ASP A 23 4.61 -13.32 11.52
CA ASP A 23 3.81 -13.99 12.51
C ASP A 23 2.37 -13.63 12.42
N HIS A 24 1.99 -12.72 11.51
CA HIS A 24 0.61 -12.33 11.36
C HIS A 24 0.22 -12.26 9.93
N PRO A 25 0.10 -13.30 9.16
CA PRO A 25 -0.06 -13.19 7.73
C PRO A 25 -1.41 -12.74 7.29
N GLU A 26 -2.35 -12.58 8.24
CA GLU A 26 -3.68 -12.09 8.05
C GLU A 26 -3.69 -10.61 7.94
N ILE A 27 -2.61 -9.92 8.39
CA ILE A 27 -2.41 -8.52 8.17
C ILE A 27 -2.10 -8.28 6.74
N TYR A 28 -1.35 -9.19 6.09
CA TYR A 28 -0.92 -9.07 4.73
C TYR A 28 -2.07 -8.96 3.79
N ARG A 29 -3.17 -9.69 4.05
CA ARG A 29 -4.42 -9.50 3.40
C ARG A 29 -5.13 -8.26 3.80
N SER A 30 -5.47 -8.07 5.08
CA SER A 30 -6.45 -7.11 5.48
C SER A 30 -6.05 -5.69 5.33
N PHE A 31 -4.75 -5.39 5.36
CA PHE A 31 -4.19 -4.12 5.01
C PHE A 31 -4.57 -3.69 3.64
N LEU A 32 -4.30 -4.52 2.61
CA LEU A 32 -4.52 -4.16 1.25
C LEU A 32 -5.98 -4.08 0.92
N GLU A 33 -6.79 -4.98 1.50
CA GLU A 33 -8.21 -4.95 1.43
C GLU A 33 -8.88 -3.65 1.75
N ILE A 34 -8.31 -2.84 2.65
CA ILE A 34 -8.74 -1.50 2.94
C ILE A 34 -8.45 -0.59 1.80
N LEU A 35 -7.25 -0.66 1.21
CA LEU A 35 -6.85 0.10 0.07
C LEU A 35 -7.61 -0.26 -1.16
N HIS A 36 -7.95 -1.56 -1.28
CA HIS A 36 -8.76 -2.17 -2.29
C HIS A 36 -10.16 -1.66 -2.29
N THR A 37 -10.69 -1.27 -1.12
CA THR A 37 -11.96 -0.62 -0.94
C THR A 37 -12.06 0.65 -1.71
N TYR A 38 -10.94 1.40 -1.78
CA TYR A 38 -10.77 2.56 -2.59
C TYR A 38 -10.61 2.22 -4.03
N GLN A 39 -9.57 1.45 -4.35
CA GLN A 39 -9.00 1.35 -5.67
C GLN A 39 -9.88 0.68 -6.67
N LYS A 40 -10.84 -0.14 -6.22
CA LYS A 40 -11.85 -0.84 -6.93
C LYS A 40 -12.57 -0.14 -8.02
N GLU A 41 -12.91 1.15 -7.82
CA GLU A 41 -13.65 1.94 -8.76
C GLU A 41 -12.83 2.50 -9.88
N GLN A 42 -11.49 2.55 -9.75
CA GLN A 42 -10.64 3.13 -10.73
C GLN A 42 -10.39 2.21 -11.88
N LEU A 43 -9.61 1.14 -11.62
CA LEU A 43 -9.09 0.21 -12.57
C LEU A 43 -8.36 0.83 -13.71
N HIS A 44 -8.77 0.58 -14.96
CA HIS A 44 -8.16 1.13 -16.13
C HIS A 44 -8.97 2.29 -16.62
N THR A 45 -8.73 3.49 -16.07
CA THR A 45 -9.48 4.66 -16.41
C THR A 45 -9.14 5.23 -17.75
N LYS A 46 -10.18 5.63 -18.51
CA LYS A 46 -10.10 6.21 -19.81
C LYS A 46 -9.83 7.67 -19.75
N GLY A 47 -10.75 8.43 -19.11
CA GLY A 47 -10.72 9.86 -19.07
C GLY A 47 -10.41 10.40 -17.72
N ARG A 48 -11.25 10.07 -16.73
CA ARG A 48 -11.26 10.76 -15.48
C ARG A 48 -10.32 10.24 -14.45
N PRO A 49 -9.50 11.00 -13.80
CA PRO A 49 -8.81 10.58 -12.62
C PRO A 49 -9.69 10.60 -11.42
N PHE A 50 -9.42 9.73 -10.44
CA PHE A 50 -10.13 9.66 -9.19
C PHE A 50 -9.21 9.91 -8.04
N ARG A 51 -9.81 10.21 -6.87
CA ARG A 51 -9.13 10.44 -5.64
C ARG A 51 -9.34 9.32 -4.69
N GLY A 52 -10.61 8.99 -4.41
CA GLY A 52 -11.00 7.92 -3.54
C GLY A 52 -12.17 8.34 -2.71
N MET A 53 -12.31 7.72 -1.53
CA MET A 53 -13.15 8.20 -0.48
C MET A 53 -12.34 9.13 0.35
N SER A 54 -12.47 9.06 1.69
CA SER A 54 -11.55 9.73 2.56
C SER A 54 -10.25 9.00 2.60
N GLU A 55 -9.14 9.66 2.25
CA GLU A 55 -7.80 9.17 2.38
C GLU A 55 -7.47 8.82 3.79
N GLU A 56 -8.01 9.61 4.74
CA GLU A 56 -7.93 9.30 6.14
C GLU A 56 -8.63 8.08 6.59
N GLU A 57 -9.60 7.49 5.86
CA GLU A 57 -10.26 6.30 6.29
C GLU A 57 -9.47 5.09 5.93
N VAL A 58 -8.82 5.16 4.76
CA VAL A 58 -7.98 4.13 4.22
C VAL A 58 -6.78 3.95 5.07
N PHE A 59 -6.31 5.08 5.62
CA PHE A 59 -5.42 5.22 6.74
C PHE A 59 -5.95 4.67 8.02
N THR A 60 -7.12 5.13 8.50
CA THR A 60 -7.74 4.77 9.75
C THR A 60 -7.80 3.32 10.05
N GLU A 61 -8.17 2.48 9.06
CA GLU A 61 -8.25 1.07 9.28
C GLU A 61 -6.90 0.46 9.42
N VAL A 62 -5.97 0.66 8.47
CA VAL A 62 -4.63 0.15 8.45
C VAL A 62 -3.84 0.37 9.69
N ALA A 63 -4.12 1.52 10.34
CA ALA A 63 -3.56 1.92 11.59
C ALA A 63 -3.80 0.90 12.65
N ASN A 64 -5.04 0.41 12.78
CA ASN A 64 -5.45 -0.44 13.85
C ASN A 64 -4.93 -1.83 13.75
N LEU A 65 -4.62 -2.27 12.52
CA LEU A 65 -3.97 -3.50 12.21
C LEU A 65 -2.59 -3.55 12.76
N PHE A 66 -1.87 -2.41 12.61
CA PHE A 66 -0.45 -2.34 12.74
C PHE A 66 -0.04 -1.95 14.12
N ARG A 67 -0.81 -1.00 14.68
CA ARG A 67 -0.66 -0.23 15.88
C ARG A 67 0.40 -0.56 16.86
N GLY A 68 1.26 0.44 17.14
CA GLY A 68 2.47 0.27 17.89
C GLY A 68 3.55 1.02 17.21
N GLN A 69 3.74 0.77 15.90
CA GLN A 69 4.74 1.40 15.10
C GLN A 69 4.15 2.42 14.17
N GLU A 70 4.55 3.69 14.36
CA GLU A 70 4.17 4.81 13.57
C GLU A 70 4.97 4.90 12.32
N ASP A 71 6.14 4.22 12.28
CA ASP A 71 7.10 4.08 11.24
C ASP A 71 6.51 3.77 9.91
N LEU A 72 5.57 2.80 9.87
CA LEU A 72 4.89 2.35 8.70
C LEU A 72 3.96 3.39 8.15
N LEU A 73 3.12 4.01 8.99
CA LEU A 73 2.16 5.01 8.64
C LEU A 73 2.81 6.27 8.17
N SER A 74 4.08 6.44 8.57
CA SER A 74 4.93 7.54 8.20
C SER A 74 5.21 7.52 6.73
N GLU A 75 5.75 6.40 6.24
CA GLU A 75 6.03 6.20 4.85
C GLU A 75 4.82 6.06 3.99
N PHE A 76 3.68 5.62 4.57
CA PHE A 76 2.41 5.57 3.91
C PHE A 76 1.88 6.91 3.58
N GLY A 77 2.28 7.93 4.36
CA GLY A 77 1.80 9.28 4.34
C GLY A 77 2.42 10.16 3.32
N GLN A 78 3.57 9.79 2.74
CA GLN A 78 4.44 10.68 2.03
C GLN A 78 3.86 11.17 0.75
N PHE A 79 3.27 10.23 -0.01
CA PHE A 79 2.72 10.50 -1.31
C PHE A 79 1.25 10.69 -1.21
N LEU A 80 0.61 10.23 -0.12
CA LEU A 80 -0.80 10.15 0.06
C LEU A 80 -1.72 11.21 -0.46
N PRO A 81 -1.81 12.40 0.03
CA PRO A 81 -2.85 13.33 -0.34
C PRO A 81 -2.60 14.06 -1.61
N GLU A 82 -3.57 14.89 -2.05
CA GLU A 82 -3.55 15.63 -3.28
C GLU A 82 -2.41 16.56 -3.49
N ALA A 83 -1.88 17.18 -2.42
CA ALA A 83 -0.75 18.05 -2.51
C ALA A 83 -0.12 18.04 -1.15
N LYS A 84 -0.24 19.15 -0.40
CA LYS A 84 0.09 19.13 1.00
C LYS A 84 -0.84 20.01 1.76
N ARG A 85 -0.94 21.30 1.35
CA ARG A 85 -1.86 22.27 1.85
C ARG A 85 -1.55 22.83 3.24
N VAL B 1 6.02 10.05 -11.90
CA VAL B 1 5.22 8.84 -11.60
C VAL B 1 4.54 8.99 -10.28
N ARG B 2 3.21 8.76 -10.20
CA ARG B 2 2.50 8.86 -8.97
C ARG B 2 2.48 7.57 -8.23
N MET B 3 2.63 7.62 -6.89
CA MET B 3 2.62 6.47 -6.05
C MET B 3 1.29 6.33 -5.39
N ASN B 4 0.97 7.25 -4.46
CA ASN B 4 -0.18 7.28 -3.61
C ASN B 4 -0.41 5.99 -2.90
N ILE B 5 -1.69 5.59 -2.77
CA ILE B 5 -2.11 4.30 -2.34
C ILE B 5 -2.08 3.31 -3.45
N GLN B 6 -2.27 3.75 -4.71
CA GLN B 6 -2.38 2.95 -5.88
C GLN B 6 -1.28 1.98 -6.12
N MET B 7 -0.02 2.39 -5.97
CA MET B 7 1.13 1.56 -6.08
C MET B 7 1.22 0.43 -5.11
N LEU B 8 0.53 0.49 -3.96
CA LEU B 8 0.66 -0.49 -2.92
C LEU B 8 0.17 -1.84 -3.32
N LEU B 9 -0.88 -1.86 -4.17
CA LEU B 9 -1.55 -3.06 -4.54
C LEU B 9 -0.76 -3.75 -5.60
N GLU B 10 0.12 -3.00 -6.27
CA GLU B 10 1.09 -3.52 -7.19
C GLU B 10 2.36 -4.01 -6.57
N ALA B 11 2.91 -3.26 -5.60
CA ALA B 11 4.04 -3.65 -4.81
C ALA B 11 3.81 -4.89 -4.01
N ALA B 12 2.62 -5.04 -3.39
CA ALA B 12 2.22 -6.20 -2.65
C ALA B 12 2.18 -7.44 -3.46
N ASP B 13 1.69 -7.35 -4.70
CA ASP B 13 1.59 -8.39 -5.69
C ASP B 13 2.92 -8.89 -6.12
N TYR B 14 3.86 -7.97 -6.35
CA TYR B 14 5.24 -8.22 -6.66
C TYR B 14 5.96 -8.88 -5.53
N LEU B 15 5.81 -8.38 -4.28
CA LEU B 15 6.48 -8.90 -3.14
C LEU B 15 6.05 -10.26 -2.71
N GLU B 16 4.83 -10.68 -3.06
CA GLU B 16 4.38 -12.04 -3.00
C GLU B 16 5.17 -12.94 -3.90
N ARG B 17 5.38 -12.51 -5.15
CA ARG B 17 6.10 -13.24 -6.15
C ARG B 17 7.56 -13.37 -5.88
N ARG B 18 8.16 -12.42 -5.13
CA ARG B 18 9.49 -12.53 -4.61
C ARG B 18 9.74 -13.73 -3.77
N GLU B 19 8.74 -14.17 -2.98
CA GLU B 19 8.79 -15.36 -2.18
C GLU B 19 8.90 -16.62 -2.98
N ARG B 20 8.26 -16.66 -4.15
CA ARG B 20 8.28 -17.76 -5.08
C ARG B 20 9.64 -17.97 -5.66
N GLU B 21 10.33 -16.86 -6.02
CA GLU B 21 11.65 -16.89 -6.55
C GLU B 21 12.69 -17.26 -5.55
N ALA B 22 12.46 -16.94 -4.27
CA ALA B 22 13.26 -17.40 -3.17
C ALA B 22 13.07 -18.84 -2.86
N GLU B 23 11.89 -19.39 -3.19
CA GLU B 23 11.47 -20.72 -2.84
C GLU B 23 12.25 -21.79 -3.53
N HIS B 24 12.51 -21.60 -4.84
CA HIS B 24 13.28 -22.49 -5.65
C HIS B 24 14.63 -21.89 -6.03
N GLU A 1 19.37 9.60 -13.30
CA GLU A 1 17.92 9.76 -13.53
C GLU A 1 17.12 8.62 -13.00
N SER A 2 17.52 7.37 -13.31
CA SER A 2 16.92 6.13 -12.93
C SER A 2 15.64 5.84 -13.65
N ASP A 3 15.06 4.65 -13.45
CA ASP A 3 13.84 4.25 -14.09
C ASP A 3 12.71 4.42 -13.13
N SER A 4 12.26 3.35 -12.46
CA SER A 4 11.18 3.39 -11.51
C SER A 4 11.64 3.32 -10.11
N VAL A 5 11.95 4.50 -9.54
CA VAL A 5 12.48 4.72 -8.23
C VAL A 5 11.38 4.58 -7.22
N GLU A 6 10.28 5.33 -7.45
CA GLU A 6 9.19 5.39 -6.55
C GLU A 6 8.35 4.15 -6.52
N PHE A 7 8.46 3.34 -7.58
CA PHE A 7 7.98 1.99 -7.55
C PHE A 7 8.67 1.18 -6.50
N ASN A 8 10.01 1.27 -6.39
CA ASN A 8 10.83 0.54 -5.48
C ASN A 8 10.71 1.11 -4.10
N ASN A 9 10.40 2.41 -3.96
CA ASN A 9 10.05 2.99 -2.71
C ASN A 9 8.73 2.51 -2.20
N ALA A 10 7.79 2.15 -3.10
CA ALA A 10 6.60 1.43 -2.75
C ALA A 10 6.91 0.05 -2.29
N ILE A 11 7.77 -0.70 -3.00
CA ILE A 11 8.21 -2.02 -2.64
C ILE A 11 8.83 -2.09 -1.29
N SER A 12 9.77 -1.18 -1.01
CA SER A 12 10.46 -1.04 0.24
C SER A 12 9.58 -0.72 1.40
N TYR A 13 8.35 -0.23 1.17
CA TYR A 13 7.37 -0.13 2.21
C TYR A 13 6.79 -1.47 2.53
N VAL A 14 6.16 -2.14 1.54
CA VAL A 14 5.53 -3.42 1.67
C VAL A 14 6.45 -4.51 2.11
N ASN A 15 7.71 -4.51 1.67
CA ASN A 15 8.72 -5.37 2.17
C ASN A 15 8.98 -5.27 3.64
N LYS A 16 9.02 -4.05 4.22
CA LYS A 16 9.18 -3.89 5.62
C LYS A 16 7.98 -4.37 6.38
N ILE A 17 6.77 -4.14 5.84
CA ILE A 17 5.53 -4.63 6.36
C ILE A 17 5.52 -6.12 6.42
N LYS A 18 5.88 -6.82 5.33
CA LYS A 18 6.06 -8.23 5.29
C LYS A 18 6.99 -8.75 6.32
N THR A 19 8.22 -8.19 6.32
CA THR A 19 9.33 -8.73 7.06
C THR A 19 9.28 -8.40 8.52
N ARG A 20 8.52 -7.39 8.96
CA ARG A 20 8.21 -7.23 10.34
C ARG A 20 7.07 -8.08 10.76
N PHE A 21 5.95 -8.05 10.01
CA PHE A 21 4.78 -8.82 10.30
C PHE A 21 4.89 -10.23 9.83
N LEU A 22 5.96 -10.93 10.23
CA LEU A 22 6.12 -12.34 10.10
C LEU A 22 5.44 -13.04 11.23
N ASP A 23 5.48 -12.42 12.43
CA ASP A 23 4.74 -12.85 13.56
C ASP A 23 3.27 -12.64 13.41
N HIS A 24 2.86 -11.83 12.43
CA HIS A 24 1.49 -11.53 12.14
C HIS A 24 1.25 -11.68 10.68
N PRO A 25 1.04 -12.81 10.06
CA PRO A 25 0.86 -12.91 8.64
C PRO A 25 -0.52 -12.56 8.19
N GLU A 26 -1.44 -12.19 9.09
CA GLU A 26 -2.81 -11.92 8.74
C GLU A 26 -2.97 -10.58 8.11
N ILE A 27 -2.13 -9.61 8.53
CA ILE A 27 -2.14 -8.23 8.18
C ILE A 27 -1.99 -8.05 6.71
N TYR A 28 -1.14 -8.90 6.10
CA TYR A 28 -0.92 -9.02 4.69
C TYR A 28 -2.15 -9.16 3.87
N ARG A 29 -3.17 -9.87 4.39
CA ARG A 29 -4.42 -10.10 3.72
C ARG A 29 -5.32 -8.92 3.89
N SER A 30 -5.54 -8.49 5.16
CA SER A 30 -6.57 -7.58 5.52
C SER A 30 -6.25 -6.15 5.26
N PHE A 31 -4.98 -5.70 5.34
CA PHE A 31 -4.66 -4.34 5.05
C PHE A 31 -4.90 -3.94 3.63
N LEU A 32 -4.53 -4.80 2.67
CA LEU A 32 -4.74 -4.54 1.27
C LEU A 32 -6.16 -4.65 0.85
N GLU A 33 -6.92 -5.57 1.47
CA GLU A 33 -8.34 -5.63 1.35
C GLU A 33 -9.04 -4.33 1.45
N ILE A 34 -8.65 -3.49 2.44
CA ILE A 34 -9.05 -2.13 2.62
C ILE A 34 -8.60 -1.26 1.50
N LEU A 35 -7.33 -1.30 1.07
CA LEU A 35 -6.83 -0.56 -0.05
C LEU A 35 -7.45 -0.90 -1.36
N HIS A 36 -7.89 -2.16 -1.57
CA HIS A 36 -8.60 -2.61 -2.73
C HIS A 36 -9.99 -2.06 -2.77
N THR A 37 -10.59 -1.76 -1.60
CA THR A 37 -11.85 -1.09 -1.47
C THR A 37 -11.83 0.26 -2.09
N TYR A 38 -10.67 0.92 -2.04
CA TYR A 38 -10.38 2.15 -2.72
C TYR A 38 -10.15 1.95 -4.18
N GLN A 39 -9.11 1.15 -4.49
CA GLN A 39 -8.45 1.17 -5.77
C GLN A 39 -9.25 0.58 -6.88
N LYS A 40 -10.25 -0.29 -6.57
CA LYS A 40 -11.21 -0.83 -7.49
C LYS A 40 -11.84 0.16 -8.38
N GLU A 41 -12.31 1.30 -7.84
CA GLU A 41 -12.84 2.41 -8.58
C GLU A 41 -11.76 3.27 -9.12
N GLN A 42 -10.90 3.80 -8.24
CA GLN A 42 -9.84 4.74 -8.46
C GLN A 42 -10.23 6.10 -8.92
N LEU A 43 -11.15 6.19 -9.89
CA LEU A 43 -11.40 7.38 -10.65
C LEU A 43 -12.32 8.33 -9.98
N HIS A 44 -12.10 9.65 -10.17
CA HIS A 44 -12.98 10.67 -9.69
C HIS A 44 -13.93 11.05 -10.76
N THR A 45 -15.00 10.26 -10.94
CA THR A 45 -15.94 10.39 -12.02
C THR A 45 -17.32 10.72 -11.58
N LYS A 46 -18.09 11.37 -12.47
CA LYS A 46 -19.50 11.56 -12.36
C LYS A 46 -20.18 10.39 -12.98
N GLY A 47 -20.97 9.64 -12.20
CA GLY A 47 -21.57 8.42 -12.63
C GLY A 47 -21.59 7.40 -11.55
N ARG A 48 -20.42 7.08 -10.98
CA ARG A 48 -20.32 6.01 -10.03
C ARG A 48 -20.84 6.35 -8.67
N PRO A 49 -21.28 5.44 -7.85
CA PRO A 49 -21.44 5.67 -6.45
C PRO A 49 -20.15 5.56 -5.73
N PHE A 50 -20.23 5.53 -4.38
CA PHE A 50 -19.26 5.30 -3.36
C PHE A 50 -18.20 4.27 -3.55
N ARG A 51 -17.88 3.48 -2.51
CA ARG A 51 -16.89 2.44 -2.44
C ARG A 51 -15.51 2.98 -2.39
N GLY A 52 -15.08 3.59 -3.51
CA GLY A 52 -13.82 4.25 -3.67
C GLY A 52 -13.93 5.63 -3.13
N MET A 53 -13.06 5.95 -2.16
CA MET A 53 -13.34 6.87 -1.12
C MET A 53 -12.28 7.92 -0.94
N SER A 54 -11.97 8.25 0.32
CA SER A 54 -10.97 9.20 0.70
C SER A 54 -9.84 8.53 1.40
N GLU A 55 -8.61 9.04 1.19
CA GLU A 55 -7.39 8.61 1.78
C GLU A 55 -7.42 8.41 3.25
N GLU A 56 -7.97 9.38 3.99
CA GLU A 56 -8.25 9.33 5.39
C GLU A 56 -8.97 8.13 5.92
N GLU A 57 -9.81 7.42 5.15
CA GLU A 57 -10.52 6.30 5.68
C GLU A 57 -9.64 5.10 5.61
N VAL A 58 -8.91 4.97 4.48
CA VAL A 58 -8.11 3.83 4.20
C VAL A 58 -6.94 3.77 5.12
N PHE A 59 -6.37 4.96 5.39
CA PHE A 59 -5.46 5.26 6.44
C PHE A 59 -5.96 4.90 7.79
N THR A 60 -7.19 5.28 8.17
CA THR A 60 -7.81 4.94 9.42
C THR A 60 -7.88 3.47 9.67
N GLU A 61 -8.26 2.68 8.66
CA GLU A 61 -8.40 1.27 8.81
C GLU A 61 -7.09 0.56 8.82
N VAL A 62 -6.13 0.85 7.92
CA VAL A 62 -4.79 0.34 7.94
C VAL A 62 -4.07 0.54 9.23
N ALA A 63 -4.35 1.71 9.85
CA ALA A 63 -3.80 2.12 11.11
C ALA A 63 -4.22 1.25 12.23
N ASN A 64 -5.44 0.66 12.19
CA ASN A 64 -5.90 -0.18 13.23
C ASN A 64 -5.20 -1.50 13.24
N LEU A 65 -4.83 -2.00 12.06
CA LEU A 65 -4.09 -3.22 11.93
C LEU A 65 -2.68 -3.10 12.40
N PHE A 66 -2.04 -1.97 12.04
CA PHE A 66 -0.63 -1.73 12.17
C PHE A 66 -0.33 -1.11 13.50
N ARG A 67 -1.39 -0.76 14.25
CA ARG A 67 -1.44 0.02 15.44
C ARG A 67 -0.47 -0.34 16.51
N GLY A 68 0.21 0.69 17.04
CA GLY A 68 1.29 0.58 17.97
C GLY A 68 2.56 0.91 17.28
N GLN A 69 2.76 0.32 16.08
CA GLN A 69 3.95 0.46 15.29
C GLN A 69 3.87 1.58 14.32
N GLU A 70 4.35 2.76 14.75
CA GLU A 70 4.18 4.02 14.09
C GLU A 70 5.13 4.21 12.96
N ASP A 71 6.24 3.45 12.96
CA ASP A 71 7.27 3.35 11.98
C ASP A 71 6.76 3.22 10.60
N LEU A 72 5.70 2.42 10.43
CA LEU A 72 5.06 2.18 9.17
C LEU A 72 4.13 3.26 8.74
N LEU A 73 3.30 3.85 9.61
CA LEU A 73 2.35 4.85 9.25
C LEU A 73 2.96 6.18 8.95
N SER A 74 4.19 6.36 9.44
CA SER A 74 5.08 7.45 9.15
C SER A 74 5.34 7.55 7.69
N GLU A 75 5.74 6.41 7.10
CA GLU A 75 5.98 6.23 5.69
C GLU A 75 4.75 6.14 4.87
N PHE A 76 3.59 5.80 5.45
CA PHE A 76 2.32 5.79 4.80
C PHE A 76 1.96 7.12 4.23
N GLY A 77 2.47 8.19 4.87
CA GLY A 77 2.29 9.57 4.51
C GLY A 77 2.96 10.00 3.25
N GLN A 78 3.95 9.27 2.72
CA GLN A 78 4.65 9.63 1.54
C GLN A 78 3.84 9.40 0.30
N PHE A 79 2.85 8.50 0.41
CA PHE A 79 1.92 8.17 -0.63
C PHE A 79 0.70 8.99 -0.51
N LEU A 80 0.58 9.80 0.55
CA LEU A 80 -0.54 10.66 0.78
C LEU A 80 -0.20 12.09 0.58
N PRO A 81 -1.11 13.03 0.57
CA PRO A 81 -0.78 14.42 0.41
C PRO A 81 0.02 14.99 1.53
N GLU A 82 0.91 15.96 1.21
CA GLU A 82 2.01 16.36 2.04
C GLU A 82 1.66 16.92 3.38
N ALA A 83 0.69 17.83 3.49
CA ALA A 83 0.34 18.43 4.74
C ALA A 83 -1.04 18.97 4.70
N LYS A 84 -1.39 19.61 3.57
CA LYS A 84 -2.62 20.24 3.23
C LYS A 84 -2.77 21.56 3.92
N ARG A 85 -1.70 22.37 3.92
CA ARG A 85 -1.64 23.64 4.57
C ARG A 85 -2.09 24.78 3.67
N VAL B 1 -0.40 12.76 -10.85
CA VAL B 1 -0.74 11.96 -9.65
C VAL B 1 0.45 11.25 -9.11
N ARG B 2 1.00 10.26 -9.84
CA ARG B 2 2.18 9.54 -9.46
C ARG B 2 2.04 8.77 -8.19
N MET B 3 3.14 8.64 -7.42
CA MET B 3 3.24 8.03 -6.12
C MET B 3 2.11 8.21 -5.19
N ASN B 4 1.28 7.16 -5.02
CA ASN B 4 0.08 7.24 -4.24
C ASN B 4 -0.29 5.86 -3.81
N ILE B 5 -1.41 5.71 -3.09
CA ILE B 5 -1.91 4.49 -2.54
C ILE B 5 -2.10 3.41 -3.55
N GLN B 6 -2.50 3.76 -4.79
CA GLN B 6 -2.60 2.88 -5.92
C GLN B 6 -1.47 1.94 -6.16
N MET B 7 -0.22 2.37 -5.90
CA MET B 7 0.95 1.54 -6.03
C MET B 7 1.08 0.47 -5.00
N LEU B 8 0.38 0.53 -3.85
CA LEU B 8 0.46 -0.49 -2.85
C LEU B 8 -0.09 -1.82 -3.27
N LEU B 9 -1.18 -1.79 -4.08
CA LEU B 9 -1.84 -2.94 -4.61
C LEU B 9 -1.03 -3.59 -5.68
N GLU B 10 -0.12 -2.82 -6.29
CA GLU B 10 0.82 -3.28 -7.27
C GLU B 10 2.01 -3.93 -6.62
N ALA B 11 2.66 -3.21 -5.68
CA ALA B 11 3.80 -3.65 -4.94
C ALA B 11 3.57 -4.91 -4.17
N ALA B 12 2.41 -5.03 -3.49
CA ALA B 12 2.00 -6.21 -2.80
C ALA B 12 1.87 -7.44 -3.62
N ASP B 13 1.37 -7.31 -4.87
CA ASP B 13 1.20 -8.40 -5.78
C ASP B 13 2.51 -8.88 -6.30
N TYR B 14 3.40 -7.94 -6.68
CA TYR B 14 4.75 -8.17 -7.07
C TYR B 14 5.55 -8.89 -6.03
N LEU B 15 5.47 -8.45 -4.76
CA LEU B 15 6.21 -9.01 -3.67
C LEU B 15 5.80 -10.38 -3.26
N GLU B 16 4.50 -10.71 -3.40
CA GLU B 16 3.98 -12.03 -3.27
C GLU B 16 4.64 -13.01 -4.18
N ARG B 17 4.76 -12.64 -5.46
CA ARG B 17 5.39 -13.42 -6.48
C ARG B 17 6.85 -13.64 -6.26
N ARG B 18 7.55 -12.59 -5.79
CA ARG B 18 8.92 -12.60 -5.40
C ARG B 18 9.27 -13.62 -4.37
N GLU B 19 8.42 -13.77 -3.34
CA GLU B 19 8.53 -14.74 -2.30
C GLU B 19 8.22 -16.13 -2.75
N ARG B 20 7.34 -16.31 -3.73
CA ARG B 20 7.12 -17.58 -4.38
C ARG B 20 8.31 -18.08 -5.13
N GLU B 21 9.02 -17.21 -5.87
CA GLU B 21 10.24 -17.60 -6.52
C GLU B 21 11.39 -17.77 -5.59
N ALA B 22 11.34 -17.16 -4.39
CA ALA B 22 12.22 -17.42 -3.29
C ALA B 22 12.16 -18.80 -2.72
N GLU B 23 11.10 -19.58 -2.99
CA GLU B 23 10.97 -20.94 -2.55
C GLU B 23 12.03 -21.89 -2.98
N HIS B 24 12.81 -21.54 -4.03
CA HIS B 24 13.92 -22.28 -4.53
C HIS B 24 14.93 -22.81 -3.52
N GLU A 1 18.03 10.69 -14.13
CA GLU A 1 17.19 9.84 -15.02
C GLU A 1 16.43 8.95 -14.10
N SER A 2 15.10 9.12 -13.98
CA SER A 2 14.33 8.43 -12.99
C SER A 2 13.46 7.39 -13.60
N ASP A 3 13.87 6.11 -13.46
CA ASP A 3 13.13 5.00 -13.96
C ASP A 3 12.09 4.56 -13.00
N SER A 4 12.48 3.72 -12.02
CA SER A 4 11.57 2.96 -11.24
C SER A 4 11.95 2.95 -9.80
N VAL A 5 12.62 4.03 -9.35
CA VAL A 5 13.04 4.28 -8.01
C VAL A 5 11.86 4.33 -7.09
N GLU A 6 10.85 5.12 -7.47
CA GLU A 6 9.63 5.25 -6.73
C GLU A 6 8.75 4.05 -6.75
N PHE A 7 8.95 3.14 -7.72
CA PHE A 7 8.32 1.86 -7.67
C PHE A 7 8.86 1.06 -6.54
N ASN A 8 10.19 1.10 -6.33
CA ASN A 8 10.93 0.37 -5.34
C ASN A 8 10.79 0.94 -3.97
N ASN A 9 10.48 2.25 -3.87
CA ASN A 9 10.18 2.90 -2.63
C ASN A 9 8.80 2.58 -2.17
N ALA A 10 7.90 2.19 -3.09
CA ALA A 10 6.66 1.55 -2.75
C ALA A 10 6.85 0.15 -2.29
N ILE A 11 7.73 -0.64 -2.92
CA ILE A 11 8.06 -1.99 -2.54
C ILE A 11 8.58 -2.11 -1.16
N SER A 12 9.56 -1.27 -0.80
CA SER A 12 10.24 -1.28 0.45
C SER A 12 9.34 -1.17 1.63
N TYR A 13 8.24 -0.40 1.50
CA TYR A 13 7.20 -0.28 2.47
C TYR A 13 6.53 -1.59 2.75
N VAL A 14 6.00 -2.25 1.70
CA VAL A 14 5.34 -3.51 1.77
C VAL A 14 6.24 -4.61 2.23
N ASN A 15 7.51 -4.58 1.80
CA ASN A 15 8.55 -5.43 2.30
C ASN A 15 8.83 -5.33 3.76
N LYS A 16 8.88 -4.11 4.33
CA LYS A 16 8.97 -3.88 5.74
C LYS A 16 7.81 -4.42 6.50
N ILE A 17 6.59 -4.21 5.98
CA ILE A 17 5.36 -4.72 6.51
C ILE A 17 5.39 -6.20 6.63
N LYS A 18 5.78 -6.93 5.58
CA LYS A 18 5.97 -8.36 5.62
C LYS A 18 7.00 -8.79 6.60
N THR A 19 8.17 -8.11 6.63
CA THR A 19 9.27 -8.39 7.50
C THR A 19 8.99 -8.31 8.96
N ARG A 20 8.04 -7.47 9.43
CA ARG A 20 7.59 -7.52 10.78
C ARG A 20 6.39 -8.37 10.99
N PHE A 21 5.51 -8.57 10.00
CA PHE A 21 4.36 -9.40 10.13
C PHE A 21 4.60 -10.81 9.70
N LEU A 22 5.71 -11.41 10.16
CA LEU A 22 6.04 -12.78 9.91
C LEU A 22 5.33 -13.70 10.85
N ASP A 23 5.05 -13.20 12.08
CA ASP A 23 4.24 -13.93 13.01
C ASP A 23 2.80 -13.79 12.71
N HIS A 24 2.40 -12.81 11.86
CA HIS A 24 1.04 -12.47 11.62
C HIS A 24 0.69 -12.34 10.18
N PRO A 25 0.45 -13.35 9.40
CA PRO A 25 0.04 -13.20 8.04
C PRO A 25 -1.32 -12.64 7.82
N GLU A 26 -2.09 -12.39 8.91
CA GLU A 26 -3.42 -11.88 8.90
C GLU A 26 -3.43 -10.45 8.45
N ILE A 27 -2.34 -9.73 8.77
CA ILE A 27 -2.23 -8.32 8.59
C ILE A 27 -2.01 -8.02 7.14
N TYR A 28 -1.25 -8.88 6.46
CA TYR A 28 -1.04 -8.85 5.05
C TYR A 28 -2.31 -9.03 4.29
N ARG A 29 -3.17 -9.98 4.73
CA ARG A 29 -4.48 -10.15 4.20
C ARG A 29 -5.38 -8.97 4.42
N SER A 30 -5.35 -8.36 5.61
CA SER A 30 -6.27 -7.35 6.04
C SER A 30 -5.96 -6.00 5.49
N PHE A 31 -4.70 -5.55 5.52
CA PHE A 31 -4.38 -4.21 5.13
C PHE A 31 -4.66 -3.84 3.71
N LEU A 32 -4.30 -4.72 2.75
CA LEU A 32 -4.49 -4.47 1.36
C LEU A 32 -5.93 -4.48 0.96
N GLU A 33 -6.74 -5.32 1.62
CA GLU A 33 -8.16 -5.33 1.53
C GLU A 33 -8.83 -4.02 1.67
N ILE A 34 -8.35 -3.16 2.58
CA ILE A 34 -8.76 -1.79 2.75
C ILE A 34 -8.30 -0.95 1.60
N LEU A 35 -7.05 -1.08 1.12
CA LEU A 35 -6.59 -0.36 -0.03
C LEU A 35 -7.24 -0.80 -1.30
N HIS A 36 -7.85 -1.98 -1.36
CA HIS A 36 -8.66 -2.42 -2.45
C HIS A 36 -9.96 -1.69 -2.52
N THR A 37 -10.52 -1.20 -1.39
CA THR A 37 -11.66 -0.34 -1.35
C THR A 37 -11.43 0.99 -2.00
N TYR A 38 -10.15 1.38 -2.12
CA TYR A 38 -9.67 2.42 -2.98
C TYR A 38 -9.57 1.97 -4.40
N GLN A 39 -8.73 0.96 -4.66
CA GLN A 39 -8.27 0.62 -5.97
C GLN A 39 -9.23 -0.07 -6.88
N LYS A 40 -10.31 -0.68 -6.37
CA LYS A 40 -11.39 -1.19 -7.16
C LYS A 40 -12.12 -0.12 -7.89
N GLU A 41 -12.43 0.97 -7.17
CA GLU A 41 -13.10 2.11 -7.70
C GLU A 41 -12.37 2.82 -8.78
N GLN A 42 -11.05 2.97 -8.61
CA GLN A 42 -10.21 3.73 -9.49
C GLN A 42 -9.92 3.09 -10.81
N LEU A 43 -9.96 1.75 -10.88
CA LEU A 43 -9.67 0.86 -11.96
C LEU A 43 -9.38 1.39 -13.31
N HIS A 44 -8.16 1.92 -13.49
CA HIS A 44 -7.60 2.55 -14.66
C HIS A 44 -8.55 3.43 -15.40
N THR A 45 -9.16 4.41 -14.71
CA THR A 45 -10.25 5.15 -15.27
C THR A 45 -9.84 6.11 -16.33
N LYS A 46 -10.62 6.21 -17.42
CA LYS A 46 -10.34 7.08 -18.52
C LYS A 46 -11.08 8.37 -18.36
N GLY A 47 -10.43 9.48 -18.76
CA GLY A 47 -10.96 10.80 -18.64
C GLY A 47 -10.14 11.59 -17.69
N ARG A 48 -10.63 11.79 -16.46
CA ARG A 48 -9.96 12.50 -15.41
C ARG A 48 -9.19 11.57 -14.53
N PRO A 49 -8.30 12.00 -13.69
CA PRO A 49 -7.87 11.21 -12.56
C PRO A 49 -8.90 11.18 -11.48
N PHE A 50 -8.81 10.18 -10.59
CA PHE A 50 -9.69 10.03 -9.47
C PHE A 50 -8.86 9.91 -8.23
N ARG A 51 -9.43 10.19 -7.05
CA ARG A 51 -8.88 9.73 -5.82
C ARG A 51 -9.67 8.52 -5.41
N GLY A 52 -10.87 8.74 -4.86
CA GLY A 52 -11.73 7.72 -4.35
C GLY A 52 -12.53 8.35 -3.26
N MET A 53 -12.61 7.65 -2.12
CA MET A 53 -13.05 8.14 -0.84
C MET A 53 -12.13 9.13 -0.22
N SER A 54 -12.19 9.30 1.11
CA SER A 54 -11.25 10.11 1.82
C SER A 54 -10.05 9.29 2.14
N GLU A 55 -8.84 9.78 1.79
CA GLU A 55 -7.62 9.06 1.88
C GLU A 55 -7.18 8.84 3.29
N GLU A 56 -7.73 9.66 4.21
CA GLU A 56 -7.85 9.42 5.61
C GLU A 56 -8.38 8.10 6.03
N GLU A 57 -9.37 7.49 5.36
CA GLU A 57 -10.09 6.38 5.90
C GLU A 57 -9.38 5.09 5.65
N VAL A 58 -8.72 5.04 4.46
CA VAL A 58 -7.98 3.91 4.00
C VAL A 58 -6.78 3.70 4.85
N PHE A 59 -6.24 4.85 5.30
CA PHE A 59 -5.32 5.02 6.39
C PHE A 59 -5.89 4.61 7.71
N THR A 60 -7.03 5.16 8.15
CA THR A 60 -7.70 4.91 9.39
C THR A 60 -7.90 3.47 9.72
N GLU A 61 -8.32 2.65 8.74
CA GLU A 61 -8.55 1.26 8.96
C GLU A 61 -7.29 0.49 9.11
N VAL A 62 -6.27 0.72 8.26
CA VAL A 62 -4.96 0.15 8.35
C VAL A 62 -4.25 0.46 9.62
N ALA A 63 -4.58 1.62 10.22
CA ALA A 63 -4.02 2.12 11.43
C ALA A 63 -4.30 1.24 12.60
N ASN A 64 -5.48 0.58 12.61
CA ASN A 64 -5.85 -0.28 13.68
C ASN A 64 -4.98 -1.50 13.72
N LEU A 65 -4.62 -2.00 12.52
CA LEU A 65 -3.90 -3.22 12.33
C LEU A 65 -2.49 -3.12 12.83
N PHE A 66 -1.89 -1.94 12.61
CA PHE A 66 -0.49 -1.70 12.72
C PHE A 66 -0.18 -1.03 14.02
N ARG A 67 -1.16 -1.00 14.94
CA ARG A 67 -1.15 -0.10 16.06
C ARG A 67 -0.06 -0.33 17.04
N GLY A 68 0.81 0.70 17.22
CA GLY A 68 2.00 0.63 18.00
C GLY A 68 3.20 0.87 17.17
N GLN A 69 3.10 0.70 15.84
CA GLN A 69 4.11 1.08 14.90
C GLN A 69 3.72 2.34 14.21
N GLU A 70 4.38 3.47 14.51
CA GLU A 70 4.18 4.71 13.84
C GLU A 70 4.93 4.77 12.54
N ASP A 71 6.01 3.98 12.44
CA ASP A 71 6.88 3.79 11.33
C ASP A 71 6.17 3.49 10.06
N LEU A 72 5.25 2.52 10.08
CA LEU A 72 4.51 2.10 8.92
C LEU A 72 3.57 3.13 8.39
N LEU A 73 2.92 3.95 9.23
CA LEU A 73 2.03 4.98 8.79
C LEU A 73 2.76 6.20 8.34
N SER A 74 4.01 6.36 8.78
CA SER A 74 4.88 7.45 8.44
C SER A 74 5.24 7.46 6.99
N GLU A 75 5.63 6.28 6.47
CA GLU A 75 5.97 6.05 5.09
C GLU A 75 4.76 6.00 4.22
N PHE A 76 3.57 5.78 4.79
CA PHE A 76 2.33 5.93 4.11
C PHE A 76 2.07 7.34 3.72
N GLY A 77 2.63 8.27 4.53
CA GLY A 77 2.53 9.69 4.45
C GLY A 77 3.18 10.33 3.26
N GLN A 78 4.10 9.63 2.57
CA GLN A 78 4.91 10.18 1.53
C GLN A 78 4.16 10.65 0.33
N PHE A 79 2.97 10.05 0.11
CA PHE A 79 1.94 10.62 -0.71
C PHE A 79 0.94 11.31 0.13
N LEU A 80 0.32 10.58 1.08
CA LEU A 80 -1.01 10.77 1.56
C LEU A 80 -1.59 12.11 1.82
N PRO A 81 -1.17 12.93 2.73
CA PRO A 81 -1.71 14.25 2.90
C PRO A 81 -1.36 15.17 1.79
N GLU A 82 -2.37 15.80 1.17
CA GLU A 82 -2.25 16.47 -0.09
C GLU A 82 -1.46 17.74 -0.04
N ALA A 83 -1.82 18.68 0.85
CA ALA A 83 -1.20 19.97 0.94
C ALA A 83 -0.83 20.26 2.35
N LYS A 84 -1.73 19.90 3.28
CA LYS A 84 -1.53 19.90 4.69
C LYS A 84 -1.40 21.25 5.31
N ARG A 85 -2.17 22.24 4.80
CA ARG A 85 -2.20 23.59 5.28
C ARG A 85 -3.52 23.94 5.93
N VAL B 1 -0.45 12.36 -11.38
CA VAL B 1 -0.46 11.58 -10.12
C VAL B 1 0.48 10.43 -10.10
N ARG B 2 1.35 10.34 -9.08
CA ARG B 2 2.20 9.21 -8.88
C ARG B 2 2.38 9.03 -7.41
N MET B 3 2.83 7.84 -6.97
CA MET B 3 3.04 7.49 -5.59
C MET B 3 1.84 7.30 -4.72
N ASN B 4 0.61 7.47 -5.24
CA ASN B 4 -0.59 7.29 -4.47
C ASN B 4 -0.90 5.86 -4.19
N ILE B 5 -1.93 5.58 -3.38
CA ILE B 5 -2.24 4.30 -2.84
C ILE B 5 -2.40 3.18 -3.81
N GLN B 6 -2.75 3.47 -5.08
CA GLN B 6 -2.79 2.53 -6.15
C GLN B 6 -1.54 1.73 -6.37
N MET B 7 -0.37 2.32 -6.06
CA MET B 7 0.91 1.68 -6.07
C MET B 7 1.06 0.55 -5.12
N LEU B 8 0.32 0.53 -4.00
CA LEU B 8 0.51 -0.44 -2.97
C LEU B 8 0.07 -1.82 -3.32
N LEU B 9 -1.02 -1.93 -4.10
CA LEU B 9 -1.55 -3.16 -4.59
C LEU B 9 -0.68 -3.72 -5.65
N GLU B 10 0.08 -2.84 -6.34
CA GLU B 10 1.01 -3.23 -7.35
C GLU B 10 2.24 -3.80 -6.74
N ALA B 11 2.78 -3.10 -5.72
CA ALA B 11 3.89 -3.53 -4.91
C ALA B 11 3.64 -4.82 -4.21
N ALA B 12 2.44 -5.00 -3.62
CA ALA B 12 1.99 -6.21 -3.00
C ALA B 12 1.97 -7.40 -3.89
N ASP B 13 1.31 -7.33 -5.06
CA ASP B 13 1.22 -8.44 -5.95
C ASP B 13 2.49 -8.75 -6.67
N TYR B 14 3.42 -7.79 -6.78
CA TYR B 14 4.78 -7.97 -7.17
C TYR B 14 5.54 -8.77 -6.16
N LEU B 15 5.47 -8.38 -4.87
CA LEU B 15 6.17 -8.98 -3.79
C LEU B 15 5.72 -10.36 -3.44
N GLU B 16 4.48 -10.71 -3.79
CA GLU B 16 3.94 -12.04 -3.73
C GLU B 16 4.70 -13.01 -4.59
N ARG B 17 5.00 -12.62 -5.84
CA ARG B 17 5.76 -13.41 -6.76
C ARG B 17 7.21 -13.43 -6.41
N ARG B 18 7.79 -12.30 -5.99
CA ARG B 18 9.18 -12.17 -5.67
C ARG B 18 9.70 -13.15 -4.68
N GLU B 19 8.87 -13.45 -3.67
CA GLU B 19 9.07 -14.41 -2.63
C GLU B 19 8.92 -15.84 -3.04
N ARG B 20 8.02 -16.14 -4.00
CA ARG B 20 7.91 -17.43 -4.59
C ARG B 20 9.05 -17.73 -5.49
N GLU B 21 9.56 -16.71 -6.20
CA GLU B 21 10.73 -16.74 -7.02
C GLU B 21 11.99 -16.99 -6.27
N ALA B 22 12.10 -16.43 -5.05
CA ALA B 22 13.15 -16.60 -4.08
C ALA B 22 13.36 -17.99 -3.59
N GLU B 23 12.39 -18.90 -3.77
CA GLU B 23 12.45 -20.28 -3.41
C GLU B 23 13.59 -21.04 -4.00
N HIS B 24 14.07 -20.61 -5.18
CA HIS B 24 15.36 -20.99 -5.70
C HIS B 24 16.43 -20.17 -5.01
N GLU A 1 19.73 4.69 -13.01
CA GLU A 1 18.80 5.83 -12.82
C GLU A 1 17.41 5.36 -12.56
N SER A 2 16.85 4.58 -13.50
CA SER A 2 15.61 3.86 -13.45
C SER A 2 14.39 4.68 -13.65
N ASP A 3 13.42 4.16 -14.43
CA ASP A 3 12.16 4.82 -14.66
C ASP A 3 11.29 4.83 -13.47
N SER A 4 10.96 3.64 -12.94
CA SER A 4 9.97 3.44 -11.92
C SER A 4 10.61 3.21 -10.60
N VAL A 5 10.97 4.36 -9.98
CA VAL A 5 11.61 4.58 -8.73
C VAL A 5 10.60 4.52 -7.63
N GLU A 6 9.46 5.19 -7.80
CA GLU A 6 8.44 5.24 -6.80
C GLU A 6 7.66 3.96 -6.70
N PHE A 7 7.75 3.10 -7.73
CA PHE A 7 7.43 1.72 -7.65
C PHE A 7 8.26 1.01 -6.64
N ASN A 8 9.59 1.24 -6.66
CA ASN A 8 10.59 0.60 -5.86
C ASN A 8 10.53 1.07 -4.45
N ASN A 9 10.19 2.36 -4.23
CA ASN A 9 9.93 2.92 -2.94
C ASN A 9 8.72 2.31 -2.32
N ALA A 10 7.71 1.94 -3.14
CA ALA A 10 6.58 1.17 -2.71
C ALA A 10 6.97 -0.22 -2.34
N ILE A 11 7.76 -0.93 -3.16
CA ILE A 11 8.30 -2.22 -2.88
C ILE A 11 9.01 -2.29 -1.56
N SER A 12 9.94 -1.35 -1.36
CA SER A 12 10.72 -1.14 -0.18
C SER A 12 9.89 -1.07 1.05
N TYR A 13 8.77 -0.34 0.99
CA TYR A 13 7.82 -0.20 2.06
C TYR A 13 7.14 -1.49 2.40
N VAL A 14 6.55 -2.18 1.41
CA VAL A 14 5.89 -3.43 1.58
C VAL A 14 6.82 -4.50 2.07
N ASN A 15 8.08 -4.50 1.59
CA ASN A 15 9.13 -5.29 2.13
C ASN A 15 9.41 -5.12 3.59
N LYS A 16 9.43 -3.86 4.08
CA LYS A 16 9.60 -3.49 5.45
C LYS A 16 8.45 -3.95 6.28
N ILE A 17 7.23 -3.78 5.76
CA ILE A 17 5.98 -4.27 6.28
C ILE A 17 5.97 -5.75 6.44
N LYS A 18 6.30 -6.54 5.41
CA LYS A 18 6.36 -7.97 5.45
C LYS A 18 7.27 -8.51 6.50
N THR A 19 8.46 -7.90 6.65
CA THR A 19 9.43 -8.24 7.64
C THR A 19 8.97 -7.93 9.03
N ARG A 20 8.01 -7.01 9.21
CA ARG A 20 7.34 -6.78 10.46
C ARG A 20 6.03 -7.47 10.60
N PHE A 21 5.60 -8.27 9.60
CA PHE A 21 4.41 -9.07 9.65
C PHE A 21 4.73 -10.48 9.98
N LEU A 22 5.86 -10.77 10.67
CA LEU A 22 6.25 -12.11 10.95
C LEU A 22 5.43 -12.77 12.01
N ASP A 23 4.97 -11.99 13.01
CA ASP A 23 4.00 -12.37 13.98
C ASP A 23 2.61 -12.15 13.47
N HIS A 24 2.46 -11.44 12.34
CA HIS A 24 1.21 -10.90 11.90
C HIS A 24 0.82 -11.27 10.51
N PRO A 25 0.64 -12.49 10.09
CA PRO A 25 0.50 -12.81 8.70
C PRO A 25 -0.87 -12.55 8.16
N GLU A 26 -1.93 -12.65 8.96
CA GLU A 26 -3.30 -12.54 8.58
C GLU A 26 -3.62 -11.20 8.02
N ILE A 27 -2.89 -10.20 8.54
CA ILE A 27 -2.85 -8.83 8.15
C ILE A 27 -2.51 -8.60 6.71
N TYR A 28 -1.70 -9.47 6.08
CA TYR A 28 -1.38 -9.36 4.68
C TYR A 28 -2.58 -9.52 3.81
N ARG A 29 -3.64 -10.20 4.29
CA ARG A 29 -4.91 -10.17 3.62
C ARG A 29 -5.63 -8.89 3.82
N SER A 30 -5.77 -8.41 5.07
CA SER A 30 -6.64 -7.33 5.42
C SER A 30 -6.13 -5.98 5.04
N PHE A 31 -4.82 -5.73 5.17
CA PHE A 31 -4.15 -4.54 4.75
C PHE A 31 -4.50 -4.10 3.37
N LEU A 32 -4.41 -5.00 2.38
CA LEU A 32 -4.62 -4.67 1.00
C LEU A 32 -6.06 -4.55 0.64
N GLU A 33 -6.94 -5.38 1.23
CA GLU A 33 -8.36 -5.28 1.08
C GLU A 33 -8.93 -3.93 1.35
N ILE A 34 -8.41 -3.22 2.36
CA ILE A 34 -8.72 -1.85 2.65
C ILE A 34 -8.31 -0.95 1.54
N LEU A 35 -7.07 -1.01 1.02
CA LEU A 35 -6.67 -0.20 -0.09
C LEU A 35 -7.28 -0.53 -1.40
N HIS A 36 -7.76 -1.77 -1.59
CA HIS A 36 -8.52 -2.17 -2.75
C HIS A 36 -9.88 -1.56 -2.79
N THR A 37 -10.47 -1.24 -1.63
CA THR A 37 -11.68 -0.49 -1.49
C THR A 37 -11.56 0.91 -1.99
N TYR A 38 -10.34 1.48 -1.94
CA TYR A 38 -9.99 2.73 -2.54
C TYR A 38 -9.80 2.60 -4.01
N GLN A 39 -8.81 1.77 -4.42
CA GLN A 39 -8.27 1.82 -5.74
C GLN A 39 -9.20 1.38 -6.83
N LYS A 40 -10.23 0.58 -6.53
CA LYS A 40 -11.30 0.18 -7.39
C LYS A 40 -11.89 1.23 -8.26
N GLU A 41 -12.23 2.39 -7.68
CA GLU A 41 -12.89 3.47 -8.34
C GLU A 41 -12.08 4.14 -9.41
N GLN A 42 -10.75 3.97 -9.40
CA GLN A 42 -9.86 4.53 -10.38
C GLN A 42 -9.67 3.64 -11.55
N LEU A 43 -10.12 2.37 -11.48
CA LEU A 43 -10.03 1.41 -12.53
C LEU A 43 -11.19 1.51 -13.46
N HIS A 44 -11.66 0.41 -14.07
CA HIS A 44 -12.67 0.44 -15.07
C HIS A 44 -13.92 -0.21 -14.58
N THR A 45 -14.47 0.26 -13.45
CA THR A 45 -15.65 -0.27 -12.86
C THR A 45 -16.85 0.53 -13.25
N LYS A 46 -16.71 1.87 -13.32
CA LYS A 46 -17.78 2.76 -13.64
C LYS A 46 -17.36 3.65 -14.77
N GLY A 47 -16.37 4.53 -14.51
CA GLY A 47 -15.78 5.42 -15.46
C GLY A 47 -16.09 6.85 -15.21
N ARG A 48 -15.90 7.34 -13.96
CA ARG A 48 -15.90 8.73 -13.63
C ARG A 48 -14.53 9.17 -13.24
N PRO A 49 -14.09 10.38 -13.44
CA PRO A 49 -12.81 10.81 -12.95
C PRO A 49 -12.84 11.02 -11.47
N PHE A 50 -12.03 10.28 -10.71
CA PHE A 50 -12.26 10.13 -9.30
C PHE A 50 -11.03 9.78 -8.55
N ARG A 51 -11.11 9.88 -7.21
CA ARG A 51 -10.10 9.41 -6.30
C ARG A 51 -10.56 8.14 -5.67
N GLY A 52 -11.68 8.17 -4.92
CA GLY A 52 -12.20 7.02 -4.27
C GLY A 52 -13.28 7.37 -3.30
N MET A 53 -12.84 7.93 -2.15
CA MET A 53 -13.56 8.08 -0.93
C MET A 53 -12.82 9.04 -0.07
N SER A 54 -12.68 8.73 1.23
CA SER A 54 -11.73 9.36 2.09
C SER A 54 -10.44 8.61 2.12
N GLU A 55 -9.33 9.22 1.68
CA GLU A 55 -7.99 8.78 1.86
C GLU A 55 -7.65 8.54 3.29
N GLU A 56 -8.26 9.34 4.18
CA GLU A 56 -8.12 9.22 5.60
C GLU A 56 -8.72 7.98 6.16
N GLU A 57 -9.66 7.28 5.48
CA GLU A 57 -10.26 6.10 6.00
C GLU A 57 -9.41 4.90 5.73
N VAL A 58 -8.78 4.89 4.55
CA VAL A 58 -7.98 3.80 4.09
C VAL A 58 -6.77 3.63 4.96
N PHE A 59 -6.26 4.79 5.40
CA PHE A 59 -5.37 5.00 6.50
C PHE A 59 -5.92 4.53 7.81
N THR A 60 -7.10 5.01 8.24
CA THR A 60 -7.73 4.70 9.48
C THR A 60 -7.91 3.25 9.78
N GLU A 61 -8.30 2.45 8.78
CA GLU A 61 -8.47 1.04 8.95
C GLU A 61 -7.16 0.33 9.07
N VAL A 62 -6.20 0.52 8.15
CA VAL A 62 -4.89 -0.04 8.15
C VAL A 62 -4.10 0.22 9.38
N ALA A 63 -4.37 1.36 10.04
CA ALA A 63 -3.78 1.79 11.27
C ALA A 63 -4.06 0.84 12.38
N ASN A 64 -5.28 0.28 12.44
CA ASN A 64 -5.68 -0.59 13.50
C ASN A 64 -4.93 -1.88 13.45
N LEU A 65 -4.61 -2.34 12.22
CA LEU A 65 -3.96 -3.57 11.93
C LEU A 65 -2.58 -3.63 12.50
N PHE A 66 -1.81 -2.55 12.28
CA PHE A 66 -0.40 -2.52 12.54
C PHE A 66 -0.12 -1.99 13.91
N ARG A 67 -1.10 -1.29 14.48
CA ARG A 67 -1.09 -0.45 15.63
C ARG A 67 -0.02 -0.62 16.67
N GLY A 68 0.74 0.48 16.85
CA GLY A 68 1.91 0.56 17.67
C GLY A 68 3.13 0.80 16.84
N GLN A 69 3.14 0.31 15.59
CA GLN A 69 4.21 0.49 14.68
C GLN A 69 4.09 1.74 13.88
N GLU A 70 4.35 2.88 14.55
CA GLU A 70 4.15 4.22 14.07
C GLU A 70 5.13 4.62 13.03
N ASP A 71 6.27 3.93 12.93
CA ASP A 71 7.24 3.99 11.87
C ASP A 71 6.66 3.77 10.53
N LEU A 72 5.72 2.80 10.41
CA LEU A 72 5.13 2.45 9.15
C LEU A 72 4.11 3.44 8.71
N LEU A 73 3.23 3.93 9.60
CA LEU A 73 2.21 4.89 9.31
C LEU A 73 2.75 6.22 8.94
N SER A 74 4.00 6.47 9.36
CA SER A 74 4.80 7.61 9.03
C SER A 74 5.11 7.63 7.57
N GLU A 75 5.67 6.51 7.07
CA GLU A 75 5.97 6.32 5.68
C GLU A 75 4.77 6.15 4.82
N PHE A 76 3.60 5.81 5.39
CA PHE A 76 2.33 5.83 4.73
C PHE A 76 1.95 7.19 4.29
N GLY A 77 2.46 8.23 4.98
CA GLY A 77 2.29 9.62 4.69
C GLY A 77 2.83 10.07 3.38
N GLN A 78 3.73 9.31 2.74
CA GLN A 78 4.21 9.61 1.41
C GLN A 78 3.20 9.26 0.37
N PHE A 79 2.35 8.27 0.67
CA PHE A 79 1.36 7.72 -0.21
C PHE A 79 0.12 8.54 -0.15
N LEU A 80 0.03 9.43 0.87
CA LEU A 80 -1.07 10.33 1.04
C LEU A 80 -0.65 11.76 0.93
N PRO A 81 -0.88 12.47 -0.13
CA PRO A 81 -0.51 13.85 -0.24
C PRO A 81 -1.30 14.76 0.63
N GLU A 82 -0.76 15.29 1.74
CA GLU A 82 -1.47 16.20 2.57
C GLU A 82 -1.53 17.59 2.03
N ALA A 83 -0.42 18.11 1.49
CA ALA A 83 -0.30 19.47 1.06
C ALA A 83 0.30 19.55 -0.30
N LYS A 84 1.27 18.64 -0.55
CA LYS A 84 2.12 18.45 -1.68
C LYS A 84 3.48 19.00 -1.44
N ARG A 85 3.76 19.40 -0.19
CA ARG A 85 4.98 19.93 0.35
C ARG A 85 5.14 21.44 0.14
N VAL B 1 5.13 10.61 -13.46
CA VAL B 1 5.04 9.52 -12.47
C VAL B 1 4.81 10.06 -11.11
N ARG B 2 3.89 9.46 -10.32
CA ARG B 2 3.49 10.01 -9.07
C ARG B 2 3.20 8.94 -8.06
N MET B 3 3.37 9.29 -6.77
CA MET B 3 3.06 8.47 -5.64
C MET B 3 1.67 8.70 -5.17
N ASN B 4 0.98 7.59 -4.83
CA ASN B 4 -0.26 7.57 -4.11
C ASN B 4 -0.32 6.16 -3.61
N ILE B 5 -1.36 5.78 -2.85
CA ILE B 5 -1.65 4.47 -2.35
C ILE B 5 -1.73 3.43 -3.40
N GLN B 6 -2.10 3.83 -4.64
CA GLN B 6 -2.24 3.05 -5.82
C GLN B 6 -1.21 1.99 -6.08
N MET B 7 0.08 2.28 -5.89
CA MET B 7 1.14 1.33 -6.07
C MET B 7 1.20 0.25 -5.05
N LEU B 8 0.61 0.40 -3.84
CA LEU B 8 0.67 -0.58 -2.81
C LEU B 8 0.10 -1.91 -3.15
N LEU B 9 -0.99 -1.89 -3.94
CA LEU B 9 -1.65 -3.08 -4.40
C LEU B 9 -0.86 -3.80 -5.44
N GLU B 10 -0.04 -3.07 -6.22
CA GLU B 10 0.76 -3.66 -7.24
C GLU B 10 2.03 -4.22 -6.72
N ALA B 11 2.68 -3.49 -5.78
CA ALA B 11 3.85 -3.91 -5.07
C ALA B 11 3.66 -5.15 -4.28
N ALA B 12 2.53 -5.27 -3.54
CA ALA B 12 2.17 -6.42 -2.79
C ALA B 12 2.12 -7.71 -3.54
N ASP B 13 1.52 -7.74 -4.74
CA ASP B 13 1.36 -8.92 -5.53
C ASP B 13 2.64 -9.36 -6.14
N TYR B 14 3.44 -8.40 -6.63
CA TYR B 14 4.79 -8.54 -7.10
C TYR B 14 5.66 -9.18 -6.07
N LEU B 15 5.68 -8.66 -4.84
CA LEU B 15 6.57 -9.08 -3.80
C LEU B 15 6.15 -10.35 -3.13
N GLU B 16 4.83 -10.66 -3.13
CA GLU B 16 4.28 -11.94 -2.82
C GLU B 16 4.78 -13.00 -3.73
N ARG B 17 4.81 -12.72 -5.04
CA ARG B 17 5.37 -13.54 -6.07
C ARG B 17 6.86 -13.69 -6.01
N ARG B 18 7.58 -12.67 -5.49
CA ARG B 18 9.00 -12.67 -5.30
C ARG B 18 9.49 -13.60 -4.25
N GLU B 19 8.72 -13.85 -3.18
CA GLU B 19 9.04 -14.84 -2.21
C GLU B 19 8.77 -16.23 -2.70
N ARG B 20 7.77 -16.39 -3.59
CA ARG B 20 7.49 -17.60 -4.30
C ARG B 20 8.54 -17.95 -5.31
N GLU B 21 9.23 -16.95 -5.87
CA GLU B 21 10.27 -17.05 -6.84
C GLU B 21 11.47 -17.82 -6.43
N ALA B 22 11.72 -17.91 -5.11
CA ALA B 22 12.79 -18.65 -4.51
C ALA B 22 12.72 -20.13 -4.71
N GLU B 23 11.53 -20.68 -5.01
CA GLU B 23 11.27 -22.08 -5.15
C GLU B 23 11.86 -22.73 -6.35
N HIS B 24 12.19 -21.98 -7.41
CA HIS B 24 12.74 -22.51 -8.62
C HIS B 24 14.20 -22.11 -8.77
N GLU A 1 21.38 1.53 -12.84
CA GLU A 1 20.68 2.10 -14.01
C GLU A 1 19.20 2.04 -13.92
N SER A 2 18.64 1.96 -12.70
CA SER A 2 17.25 1.75 -12.46
C SER A 2 16.39 2.90 -12.83
N ASP A 3 15.17 2.61 -13.34
CA ASP A 3 14.25 3.59 -13.80
C ASP A 3 13.34 3.99 -12.69
N SER A 4 12.60 3.00 -12.14
CA SER A 4 11.55 3.19 -11.20
C SER A 4 11.97 3.13 -9.77
N VAL A 5 12.39 4.30 -9.26
CA VAL A 5 12.89 4.55 -7.94
C VAL A 5 11.74 4.58 -6.98
N GLU A 6 10.67 5.30 -7.37
CA GLU A 6 9.49 5.46 -6.59
C GLU A 6 8.72 4.19 -6.42
N PHE A 7 8.87 3.26 -7.37
CA PHE A 7 8.38 1.92 -7.19
C PHE A 7 9.12 1.21 -6.12
N ASN A 8 10.44 1.38 -6.00
CA ASN A 8 11.27 0.67 -5.08
C ASN A 8 11.09 1.20 -3.70
N ASN A 9 10.80 2.50 -3.56
CA ASN A 9 10.34 3.10 -2.36
C ASN A 9 9.03 2.55 -1.90
N ALA A 10 8.13 2.17 -2.82
CA ALA A 10 6.96 1.42 -2.50
C ALA A 10 7.28 0.03 -2.07
N ILE A 11 8.15 -0.70 -2.80
CA ILE A 11 8.57 -2.03 -2.50
C ILE A 11 9.15 -2.16 -1.13
N SER A 12 10.15 -1.32 -0.81
CA SER A 12 10.90 -1.30 0.40
C SER A 12 10.07 -1.18 1.63
N TYR A 13 8.94 -0.45 1.52
CA TYR A 13 7.92 -0.33 2.51
C TYR A 13 7.15 -1.59 2.71
N VAL A 14 6.61 -2.19 1.65
CA VAL A 14 5.89 -3.43 1.66
C VAL A 14 6.73 -4.57 2.14
N ASN A 15 8.01 -4.61 1.72
CA ASN A 15 9.04 -5.45 2.24
C ASN A 15 9.14 -5.47 3.72
N LYS A 16 9.23 -4.27 4.35
CA LYS A 16 9.26 -4.06 5.76
C LYS A 16 8.04 -4.57 6.47
N ILE A 17 6.85 -4.27 5.93
CA ILE A 17 5.58 -4.75 6.36
C ILE A 17 5.48 -6.24 6.35
N LYS A 18 5.90 -6.91 5.27
CA LYS A 18 5.95 -8.33 5.17
C LYS A 18 6.78 -8.94 6.25
N THR A 19 8.01 -8.44 6.43
CA THR A 19 8.97 -8.92 7.39
C THR A 19 8.55 -8.71 8.81
N ARG A 20 7.96 -7.58 9.20
CA ARG A 20 7.49 -7.43 10.55
C ARG A 20 6.26 -8.22 10.85
N PHE A 21 5.25 -8.23 9.96
CA PHE A 21 4.02 -8.92 10.20
C PHE A 21 4.04 -10.35 9.78
N LEU A 22 5.13 -11.08 10.06
CA LEU A 22 5.24 -12.51 9.89
C LEU A 22 4.51 -13.21 10.97
N ASP A 23 4.59 -12.65 12.20
CA ASP A 23 3.84 -13.10 13.32
C ASP A 23 2.46 -12.57 13.35
N HIS A 24 2.03 -11.84 12.30
CA HIS A 24 0.66 -11.45 12.14
C HIS A 24 0.21 -11.57 10.73
N PRO A 25 0.00 -12.70 10.12
CA PRO A 25 -0.22 -12.80 8.71
C PRO A 25 -1.52 -12.25 8.23
N GLU A 26 -2.52 -12.10 9.10
CA GLU A 26 -3.80 -11.57 8.76
C GLU A 26 -3.73 -10.10 8.47
N ILE A 27 -2.69 -9.42 8.97
CA ILE A 27 -2.42 -8.03 8.74
C ILE A 27 -2.07 -7.84 7.30
N TYR A 28 -1.23 -8.73 6.76
CA TYR A 28 -0.82 -8.73 5.39
C TYR A 28 -1.96 -8.85 4.44
N ARG A 29 -2.95 -9.72 4.75
CA ARG A 29 -4.18 -9.80 4.03
C ARG A 29 -5.08 -8.62 4.18
N SER A 30 -5.37 -8.19 5.42
CA SER A 30 -6.32 -7.16 5.74
C SER A 30 -5.91 -5.82 5.22
N PHE A 31 -4.62 -5.47 5.31
CA PHE A 31 -4.02 -4.26 4.83
C PHE A 31 -4.40 -3.91 3.43
N LEU A 32 -4.25 -4.87 2.50
CA LEU A 32 -4.46 -4.63 1.11
C LEU A 32 -5.90 -4.59 0.74
N GLU A 33 -6.74 -5.39 1.42
CA GLU A 33 -8.17 -5.31 1.32
C GLU A 33 -8.71 -3.93 1.42
N ILE A 34 -8.21 -3.15 2.40
CA ILE A 34 -8.50 -1.77 2.63
C ILE A 34 -8.08 -0.93 1.49
N LEU A 35 -6.84 -1.03 0.98
CA LEU A 35 -6.43 -0.25 -0.14
C LEU A 35 -7.00 -0.68 -1.45
N HIS A 36 -7.50 -1.92 -1.58
CA HIS A 36 -8.22 -2.39 -2.71
C HIS A 36 -9.52 -1.65 -2.86
N THR A 37 -10.19 -1.33 -1.74
CA THR A 37 -11.37 -0.52 -1.69
C THR A 37 -11.14 0.86 -2.21
N TYR A 38 -9.91 1.39 -2.09
CA TYR A 38 -9.46 2.58 -2.73
C TYR A 38 -9.28 2.42 -4.20
N GLN A 39 -8.44 1.46 -4.60
CA GLN A 39 -7.94 1.30 -5.93
C GLN A 39 -8.86 0.67 -6.92
N LYS A 40 -9.55 -0.42 -6.55
CA LYS A 40 -10.35 -1.22 -7.42
C LYS A 40 -11.66 -0.60 -7.77
N GLU A 41 -12.45 -0.29 -6.72
CA GLU A 41 -13.78 0.24 -6.81
C GLU A 41 -13.91 1.44 -7.71
N GLN A 42 -12.97 2.38 -7.58
CA GLN A 42 -12.94 3.61 -8.33
C GLN A 42 -12.45 3.46 -9.73
N LEU A 43 -12.00 2.28 -10.19
CA LEU A 43 -11.53 2.05 -11.51
C LEU A 43 -12.60 1.80 -12.52
N HIS A 44 -13.81 2.34 -12.32
CA HIS A 44 -14.86 2.33 -13.29
C HIS A 44 -14.87 3.63 -14.04
N THR A 45 -13.68 4.13 -14.40
CA THR A 45 -13.48 5.28 -15.22
C THR A 45 -12.34 4.93 -16.12
N LYS A 46 -12.50 5.19 -17.43
CA LYS A 46 -11.78 4.67 -18.55
C LYS A 46 -10.55 3.85 -18.34
N GLY A 47 -9.36 4.49 -18.23
CA GLY A 47 -8.15 3.79 -17.91
C GLY A 47 -7.29 4.59 -17.00
N ARG A 48 -7.88 5.17 -15.94
CA ARG A 48 -7.20 6.04 -15.05
C ARG A 48 -7.28 5.62 -13.62
N PRO A 49 -6.22 5.43 -12.90
CA PRO A 49 -6.28 5.32 -11.47
C PRO A 49 -6.42 6.67 -10.85
N PHE A 50 -7.54 6.93 -10.17
CA PHE A 50 -7.85 8.23 -9.64
C PHE A 50 -8.83 8.10 -8.53
N ARG A 51 -9.01 9.19 -7.76
CA ARG A 51 -10.02 9.43 -6.76
C ARG A 51 -9.64 8.89 -5.44
N GLY A 52 -9.78 7.56 -5.30
CA GLY A 52 -9.98 6.88 -4.05
C GLY A 52 -11.31 7.19 -3.46
N MET A 53 -11.53 6.80 -2.19
CA MET A 53 -12.54 7.38 -1.36
C MET A 53 -11.86 8.29 -0.38
N SER A 54 -12.24 8.18 0.91
CA SER A 54 -11.59 8.85 2.00
C SER A 54 -10.25 8.26 2.27
N GLU A 55 -9.17 9.03 2.03
CA GLU A 55 -7.83 8.67 2.36
C GLU A 55 -7.62 8.48 3.83
N GLU A 56 -8.37 9.20 4.69
CA GLU A 56 -8.38 8.91 6.09
C GLU A 56 -9.01 7.63 6.46
N GLU A 57 -9.92 7.02 5.66
CA GLU A 57 -10.56 5.80 6.05
C GLU A 57 -9.68 4.63 5.74
N VAL A 58 -8.99 4.74 4.58
CA VAL A 58 -8.07 3.77 4.10
C VAL A 58 -6.89 3.64 5.01
N PHE A 59 -6.48 4.79 5.55
CA PHE A 59 -5.68 4.94 6.74
C PHE A 59 -6.29 4.35 7.96
N THR A 60 -7.50 4.75 8.38
CA THR A 60 -8.16 4.35 9.59
C THR A 60 -8.17 2.89 9.89
N GLU A 61 -8.41 2.06 8.86
CA GLU A 61 -8.37 0.64 9.03
C GLU A 61 -6.97 0.17 9.22
N VAL A 62 -6.03 0.44 8.29
CA VAL A 62 -4.63 0.10 8.35
C VAL A 62 -3.95 0.47 9.61
N ALA A 63 -4.39 1.58 10.22
CA ALA A 63 -3.91 2.11 11.46
C ALA A 63 -4.22 1.22 12.62
N ASN A 64 -5.34 0.49 12.58
CA ASN A 64 -5.72 -0.39 13.65
C ASN A 64 -4.98 -1.68 13.59
N LEU A 65 -4.63 -2.12 12.37
CA LEU A 65 -3.76 -3.23 12.09
C LEU A 65 -2.38 -3.00 12.62
N PHE A 66 -1.85 -1.80 12.39
CA PHE A 66 -0.46 -1.46 12.55
C PHE A 66 -0.24 -0.71 13.80
N ARG A 67 -1.23 -0.74 14.73
CA ARG A 67 -1.37 0.24 15.76
C ARG A 67 -0.25 0.36 16.72
N GLY A 68 0.22 1.61 16.95
CA GLY A 68 1.41 1.87 17.71
C GLY A 68 2.64 1.99 16.89
N GLN A 69 2.70 1.32 15.72
CA GLN A 69 3.86 1.33 14.88
C GLN A 69 3.79 2.41 13.86
N GLU A 70 4.13 3.64 14.30
CA GLU A 70 4.07 4.85 13.54
C GLU A 70 5.08 4.91 12.45
N ASP A 71 6.15 4.10 12.49
CA ASP A 71 7.12 3.88 11.46
C ASP A 71 6.51 3.64 10.13
N LEU A 72 5.53 2.72 10.07
CA LEU A 72 4.88 2.33 8.86
C LEU A 72 3.98 3.39 8.33
N LEU A 73 3.13 4.01 9.17
CA LEU A 73 2.25 5.07 8.79
C LEU A 73 2.95 6.31 8.36
N SER A 74 4.20 6.49 8.81
CA SER A 74 5.08 7.55 8.42
C SER A 74 5.45 7.46 6.98
N GLU A 75 5.85 6.27 6.52
CA GLU A 75 6.09 5.99 5.14
C GLU A 75 4.84 5.87 4.33
N PHE A 76 3.71 5.49 4.95
CA PHE A 76 2.41 5.52 4.33
C PHE A 76 2.04 6.90 3.91
N GLY A 77 2.53 7.91 4.65
CA GLY A 77 2.28 9.31 4.44
C GLY A 77 2.76 9.87 3.15
N GLN A 78 3.70 9.19 2.47
CA GLN A 78 4.22 9.55 1.19
C GLN A 78 3.23 9.30 0.11
N PHE A 79 2.47 8.20 0.27
CA PHE A 79 1.50 7.70 -0.66
C PHE A 79 0.19 8.38 -0.46
N LEU A 80 0.06 9.09 0.68
CA LEU A 80 -1.05 9.94 0.99
C LEU A 80 -0.78 11.33 0.56
N PRO A 81 -1.72 12.24 0.57
CA PRO A 81 -1.45 13.63 0.45
C PRO A 81 -0.75 14.19 1.64
N GLU A 82 0.04 15.26 1.47
CA GLU A 82 0.84 15.81 2.52
C GLU A 82 0.07 16.46 3.61
N ALA A 83 -0.98 17.23 3.27
CA ALA A 83 -1.79 17.94 4.21
C ALA A 83 -3.12 18.05 3.58
N LYS A 84 -3.40 19.19 2.93
CA LYS A 84 -4.55 19.38 2.09
C LYS A 84 -4.18 20.41 1.09
N ARG A 85 -3.35 20.00 0.11
CA ARG A 85 -2.78 20.83 -0.91
C ARG A 85 -1.87 21.91 -0.34
N VAL B 1 5.92 8.50 -12.39
CA VAL B 1 4.57 9.08 -12.25
C VAL B 1 4.07 9.28 -10.87
N ARG B 2 4.95 9.44 -9.86
CA ARG B 2 4.65 9.79 -8.50
C ARG B 2 4.10 8.66 -7.70
N MET B 3 4.01 8.84 -6.37
CA MET B 3 3.61 7.83 -5.45
C MET B 3 2.35 8.17 -4.74
N ASN B 4 1.26 7.46 -5.07
CA ASN B 4 0.00 7.49 -4.41
C ASN B 4 -0.28 6.11 -3.92
N ILE B 5 -1.42 5.84 -3.24
CA ILE B 5 -1.77 4.54 -2.76
C ILE B 5 -1.96 3.51 -3.82
N GLN B 6 -2.19 3.95 -5.08
CA GLN B 6 -2.11 3.23 -6.30
C GLN B 6 -0.98 2.25 -6.41
N MET B 7 0.18 2.61 -5.86
CA MET B 7 1.41 1.87 -5.84
C MET B 7 1.37 0.62 -5.03
N LEU B 8 0.62 0.60 -3.91
CA LEU B 8 0.74 -0.43 -2.92
C LEU B 8 0.24 -1.77 -3.33
N LEU B 9 -0.82 -1.79 -4.16
CA LEU B 9 -1.44 -2.95 -4.71
C LEU B 9 -0.63 -3.51 -5.83
N GLU B 10 0.27 -2.70 -6.41
CA GLU B 10 1.22 -3.12 -7.39
C GLU B 10 2.42 -3.73 -6.74
N ALA B 11 3.01 -3.02 -5.76
CA ALA B 11 4.14 -3.44 -5.00
C ALA B 11 3.92 -4.71 -4.25
N ALA B 12 2.72 -4.90 -3.65
CA ALA B 12 2.32 -6.12 -3.03
C ALA B 12 2.27 -7.29 -3.94
N ASP B 13 1.64 -7.19 -5.13
CA ASP B 13 1.51 -8.29 -6.03
C ASP B 13 2.79 -8.65 -6.69
N TYR B 14 3.68 -7.66 -6.92
CA TYR B 14 5.05 -7.83 -7.26
C TYR B 14 5.79 -8.63 -6.26
N LEU B 15 5.75 -8.25 -4.97
CA LEU B 15 6.44 -8.93 -3.91
C LEU B 15 5.94 -10.31 -3.64
N GLU B 16 4.63 -10.55 -3.81
CA GLU B 16 4.00 -11.83 -3.79
C GLU B 16 4.51 -12.76 -4.85
N ARG B 17 4.76 -12.24 -6.06
CA ARG B 17 5.37 -12.92 -7.16
C ARG B 17 6.81 -13.23 -6.94
N ARG B 18 7.54 -12.40 -6.18
CA ARG B 18 8.86 -12.68 -5.72
C ARG B 18 8.93 -13.85 -4.78
N GLU B 19 7.93 -13.99 -3.90
CA GLU B 19 7.78 -15.13 -3.04
C GLU B 19 7.53 -16.40 -3.75
N ARG B 20 6.94 -16.37 -4.96
CA ARG B 20 6.90 -17.49 -5.84
C ARG B 20 8.23 -17.82 -6.43
N GLU B 21 8.97 -16.83 -6.92
CA GLU B 21 10.28 -16.95 -7.50
C GLU B 21 11.28 -17.63 -6.63
N ALA B 22 11.23 -17.34 -5.32
CA ALA B 22 12.02 -17.85 -4.23
C ALA B 22 12.28 -19.31 -4.16
N GLU B 23 11.49 -20.17 -4.83
CA GLU B 23 11.77 -21.56 -4.97
C GLU B 23 13.00 -21.89 -5.76
N HIS B 24 13.51 -20.92 -6.56
CA HIS B 24 14.70 -21.02 -7.35
C HIS B 24 15.92 -21.64 -6.69
N GLU A 1 19.08 8.76 -14.21
CA GLU A 1 17.91 9.66 -14.07
C GLU A 1 16.92 9.09 -13.12
N SER A 2 15.99 8.21 -13.56
CA SER A 2 15.19 7.40 -12.70
C SER A 2 14.56 6.36 -13.55
N ASP A 3 14.39 5.12 -13.03
CA ASP A 3 13.69 4.06 -13.68
C ASP A 3 12.35 3.86 -13.06
N SER A 4 12.29 3.11 -11.94
CA SER A 4 11.11 2.68 -11.26
C SER A 4 11.33 2.83 -9.79
N VAL A 5 12.04 3.90 -9.41
CA VAL A 5 12.44 4.27 -8.09
C VAL A 5 11.34 4.25 -7.08
N GLU A 6 10.24 4.95 -7.38
CA GLU A 6 9.13 5.07 -6.49
C GLU A 6 8.32 3.83 -6.36
N PHE A 7 8.36 2.97 -7.39
CA PHE A 7 7.84 1.65 -7.32
C PHE A 7 8.58 0.86 -6.29
N ASN A 8 9.92 0.99 -6.26
CA ASN A 8 10.82 0.24 -5.44
C ASN A 8 10.81 0.74 -4.04
N ASN A 9 10.52 2.04 -3.83
CA ASN A 9 10.23 2.61 -2.56
C ASN A 9 9.00 2.04 -1.95
N ALA A 10 7.96 1.78 -2.77
CA ALA A 10 6.78 1.08 -2.37
C ALA A 10 7.04 -0.36 -2.10
N ILE A 11 7.90 -1.05 -2.88
CA ILE A 11 8.32 -2.39 -2.63
C ILE A 11 8.98 -2.52 -1.30
N SER A 12 9.95 -1.63 -1.03
CA SER A 12 10.69 -1.57 0.21
C SER A 12 9.83 -1.36 1.41
N TYR A 13 8.72 -0.60 1.26
CA TYR A 13 7.70 -0.44 2.26
C TYR A 13 6.98 -1.70 2.56
N VAL A 14 6.44 -2.40 1.56
CA VAL A 14 5.74 -3.64 1.68
C VAL A 14 6.61 -4.74 2.19
N ASN A 15 7.90 -4.72 1.80
CA ASN A 15 8.94 -5.49 2.40
C ASN A 15 9.15 -5.25 3.86
N LYS A 16 9.16 -3.99 4.32
CA LYS A 16 9.25 -3.62 5.71
C LYS A 16 8.09 -4.12 6.50
N ILE A 17 6.89 -4.01 5.92
CA ILE A 17 5.63 -4.54 6.38
C ILE A 17 5.69 -6.01 6.53
N LYS A 18 6.15 -6.79 5.52
CA LYS A 18 6.39 -8.18 5.65
C LYS A 18 7.32 -8.55 6.76
N THR A 19 8.46 -7.83 6.87
CA THR A 19 9.48 -8.05 7.84
C THR A 19 9.03 -7.89 9.25
N ARG A 20 8.16 -6.91 9.57
CA ARG A 20 7.63 -6.79 10.90
C ARG A 20 6.42 -7.64 11.13
N PHE A 21 5.60 -7.92 10.11
CA PHE A 21 4.47 -8.79 10.24
C PHE A 21 4.80 -10.21 9.92
N LEU A 22 5.93 -10.74 10.40
CA LEU A 22 6.27 -12.13 10.30
C LEU A 22 5.49 -12.97 11.26
N ASP A 23 5.26 -12.43 12.47
CA ASP A 23 4.39 -13.02 13.44
C ASP A 23 2.96 -12.80 13.10
N HIS A 24 2.66 -11.94 12.10
CA HIS A 24 1.32 -11.61 11.73
C HIS A 24 1.11 -11.78 10.26
N PRO A 25 1.04 -12.93 9.66
CA PRO A 25 0.92 -13.06 8.23
C PRO A 25 -0.45 -12.79 7.73
N GLU A 26 -1.37 -12.38 8.61
CA GLU A 26 -2.74 -12.08 8.38
C GLU A 26 -2.96 -10.71 7.86
N ILE A 27 -2.05 -9.77 8.18
CA ILE A 27 -2.17 -8.38 7.87
C ILE A 27 -2.18 -8.14 6.39
N TYR A 28 -1.43 -8.95 5.63
CA TYR A 28 -1.43 -9.05 4.20
C TYR A 28 -2.76 -9.33 3.58
N ARG A 29 -3.76 -9.85 4.33
CA ARG A 29 -5.11 -9.83 3.87
C ARG A 29 -5.71 -8.48 4.06
N SER A 30 -5.80 -7.99 5.30
CA SER A 30 -6.67 -6.92 5.66
C SER A 30 -6.22 -5.58 5.18
N PHE A 31 -4.89 -5.33 5.17
CA PHE A 31 -4.29 -4.12 4.71
C PHE A 31 -4.68 -3.76 3.32
N LEU A 32 -4.54 -4.71 2.38
CA LEU A 32 -4.80 -4.49 0.99
C LEU A 32 -6.26 -4.53 0.68
N GLU A 33 -7.00 -5.43 1.35
CA GLU A 33 -8.43 -5.40 1.39
C GLU A 33 -9.06 -4.08 1.71
N ILE A 34 -8.47 -3.26 2.60
CA ILE A 34 -8.82 -1.89 2.81
C ILE A 34 -8.40 -1.01 1.69
N LEU A 35 -7.18 -1.09 1.14
CA LEU A 35 -6.83 -0.32 -0.01
C LEU A 35 -7.60 -0.64 -1.23
N HIS A 36 -8.25 -1.81 -1.32
CA HIS A 36 -9.20 -2.15 -2.34
C HIS A 36 -10.45 -1.35 -2.32
N THR A 37 -10.89 -0.76 -1.19
CA THR A 37 -11.92 0.21 -1.12
C THR A 37 -11.62 1.39 -1.98
N TYR A 38 -10.33 1.79 -1.97
CA TYR A 38 -9.78 2.82 -2.79
C TYR A 38 -9.63 2.38 -4.21
N GLN A 39 -8.84 1.31 -4.42
CA GLN A 39 -8.33 0.91 -5.70
C GLN A 39 -9.30 0.27 -6.63
N LYS A 40 -10.44 -0.25 -6.15
CA LYS A 40 -11.52 -0.74 -6.96
C LYS A 40 -12.10 0.28 -7.88
N GLU A 41 -12.28 1.52 -7.38
CA GLU A 41 -12.99 2.57 -8.04
C GLU A 41 -12.31 3.12 -9.24
N GLN A 42 -10.98 2.88 -9.37
CA GLN A 42 -10.12 3.22 -10.45
C GLN A 42 -10.44 2.54 -11.73
N LEU A 43 -10.99 1.31 -11.65
CA LEU A 43 -11.24 0.48 -12.79
C LEU A 43 -12.60 0.71 -13.35
N HIS A 44 -12.91 0.16 -14.54
CA HIS A 44 -14.25 0.16 -15.03
C HIS A 44 -15.03 -0.95 -14.42
N THR A 45 -15.40 -0.79 -13.13
CA THR A 45 -16.03 -1.77 -12.31
C THR A 45 -17.50 -1.82 -12.54
N LYS A 46 -18.26 -0.78 -12.16
CA LYS A 46 -19.69 -0.79 -12.24
C LYS A 46 -20.16 0.00 -13.42
N GLY A 47 -19.76 1.28 -13.51
CA GLY A 47 -20.23 2.14 -14.55
C GLY A 47 -19.42 3.38 -14.65
N ARG A 48 -19.48 4.25 -13.63
CA ARG A 48 -18.88 5.55 -13.67
C ARG A 48 -17.71 5.65 -12.74
N PRO A 49 -16.79 6.56 -12.90
CA PRO A 49 -15.73 6.74 -11.96
C PRO A 49 -16.15 7.42 -10.70
N PHE A 50 -15.92 6.78 -9.54
CA PHE A 50 -15.84 7.39 -8.25
C PHE A 50 -14.39 7.55 -7.93
N ARG A 51 -14.04 8.44 -6.97
CA ARG A 51 -12.69 8.85 -6.78
C ARG A 51 -11.79 7.88 -6.10
N GLY A 52 -12.24 7.31 -4.96
CA GLY A 52 -11.41 6.56 -4.06
C GLY A 52 -11.40 7.26 -2.75
N MET A 53 -12.57 7.17 -2.09
CA MET A 53 -13.04 7.78 -0.88
C MET A 53 -12.35 8.96 -0.29
N SER A 54 -12.33 9.07 1.05
CA SER A 54 -11.51 9.99 1.77
C SER A 54 -10.25 9.31 2.19
N GLU A 55 -9.10 9.95 1.94
CA GLU A 55 -7.80 9.35 2.08
C GLU A 55 -7.43 9.09 3.50
N GLU A 56 -8.09 9.78 4.46
CA GLU A 56 -8.06 9.44 5.85
C GLU A 56 -8.73 8.17 6.23
N GLU A 57 -9.68 7.58 5.49
CA GLU A 57 -10.40 6.45 5.99
C GLU A 57 -9.59 5.21 5.80
N VAL A 58 -8.93 5.12 4.63
CA VAL A 58 -8.19 3.97 4.22
C VAL A 58 -7.01 3.79 5.10
N PHE A 59 -6.48 4.94 5.55
CA PHE A 59 -5.63 5.14 6.67
C PHE A 59 -6.20 4.68 7.97
N THR A 60 -7.36 5.20 8.41
CA THR A 60 -8.02 4.92 9.65
C THR A 60 -8.26 3.48 9.94
N GLU A 61 -8.55 2.70 8.89
CA GLU A 61 -8.73 1.27 8.95
C GLU A 61 -7.43 0.57 9.13
N VAL A 62 -6.42 0.80 8.28
CA VAL A 62 -5.08 0.27 8.37
C VAL A 62 -4.40 0.55 9.67
N ALA A 63 -4.77 1.67 10.30
CA ALA A 63 -4.27 2.15 11.56
C ALA A 63 -4.48 1.19 12.67
N ASN A 64 -5.59 0.43 12.64
CA ASN A 64 -5.85 -0.53 13.67
C ASN A 64 -5.00 -1.74 13.53
N LEU A 65 -4.68 -2.13 12.28
CA LEU A 65 -3.96 -3.31 11.93
C LEU A 65 -2.55 -3.27 12.42
N PHE A 66 -1.98 -2.06 12.36
CA PHE A 66 -0.58 -1.79 12.50
C PHE A 66 -0.28 -1.25 13.86
N ARG A 67 -1.30 -1.11 14.72
CA ARG A 67 -1.31 -0.26 15.88
C ARG A 67 -0.18 -0.40 16.83
N GLY A 68 0.60 0.69 17.02
CA GLY A 68 1.82 0.68 17.75
C GLY A 68 2.96 0.99 16.83
N GLN A 69 2.97 0.38 15.63
CA GLN A 69 4.01 0.49 14.66
C GLN A 69 3.80 1.66 13.74
N GLU A 70 3.96 2.84 14.36
CA GLU A 70 3.77 4.17 13.86
C GLU A 70 4.57 4.49 12.64
N ASP A 71 5.80 3.94 12.55
CA ASP A 71 6.79 4.19 11.55
C ASP A 71 6.34 3.81 10.18
N LEU A 72 5.45 2.80 10.08
CA LEU A 72 4.84 2.40 8.85
C LEU A 72 3.91 3.42 8.30
N LEU A 73 3.04 4.03 9.12
CA LEU A 73 2.11 5.03 8.69
C LEU A 73 2.76 6.34 8.44
N SER A 74 3.95 6.51 9.05
CA SER A 74 4.87 7.57 8.77
C SER A 74 5.35 7.57 7.36
N GLU A 75 5.73 6.40 6.83
CA GLU A 75 6.02 6.19 5.44
C GLU A 75 4.83 6.21 4.55
N PHE A 76 3.61 6.05 5.10
CA PHE A 76 2.39 6.19 4.36
C PHE A 76 2.11 7.62 4.05
N GLY A 77 2.68 8.52 4.86
CA GLY A 77 2.55 9.95 4.81
C GLY A 77 3.17 10.63 3.63
N GLN A 78 4.08 9.95 2.90
CA GLN A 78 4.81 10.52 1.81
C GLN A 78 3.93 10.83 0.64
N PHE A 79 2.94 9.95 0.37
CA PHE A 79 1.77 10.29 -0.37
C PHE A 79 0.86 11.15 0.43
N LEU A 80 0.38 10.66 1.59
CA LEU A 80 -0.80 11.18 2.22
C LEU A 80 -0.61 12.50 2.89
N PRO A 81 -1.25 13.57 2.51
CA PRO A 81 -1.07 14.84 3.13
C PRO A 81 -1.83 14.96 4.41
N GLU A 82 -1.19 14.72 5.57
CA GLU A 82 -1.85 14.76 6.83
C GLU A 82 -1.95 16.12 7.45
N ALA A 83 -0.86 16.92 7.42
CA ALA A 83 -0.84 18.14 8.16
C ALA A 83 -0.03 19.20 7.49
N LYS A 84 0.79 18.81 6.50
CA LYS A 84 1.83 19.56 5.86
C LYS A 84 2.90 19.98 6.81
N ARG A 85 3.14 19.15 7.84
CA ARG A 85 3.98 19.40 8.97
C ARG A 85 4.62 18.09 9.41
N VAL B 1 0.01 6.02 -11.69
CA VAL B 1 0.86 7.11 -12.20
C VAL B 1 2.08 7.32 -11.36
N ARG B 2 1.92 7.86 -10.14
CA ARG B 2 3.00 8.07 -9.20
C ARG B 2 2.81 7.23 -7.99
N MET B 3 3.68 7.45 -6.99
CA MET B 3 3.66 7.02 -5.63
C MET B 3 2.43 7.40 -4.87
N ASN B 4 1.30 6.69 -5.11
CA ASN B 4 0.11 6.80 -4.33
C ASN B 4 -0.34 5.45 -3.86
N ILE B 5 -1.47 5.38 -3.14
CA ILE B 5 -2.02 4.17 -2.61
C ILE B 5 -2.32 3.11 -3.61
N GLN B 6 -2.69 3.49 -4.85
CA GLN B 6 -2.91 2.62 -5.96
C GLN B 6 -1.84 1.62 -6.22
N MET B 7 -0.56 2.04 -6.06
CA MET B 7 0.60 1.26 -6.33
C MET B 7 0.89 0.18 -5.34
N LEU B 8 0.32 0.25 -4.13
CA LEU B 8 0.50 -0.74 -3.11
C LEU B 8 -0.04 -2.09 -3.43
N LEU B 9 -1.16 -2.11 -4.18
CA LEU B 9 -1.83 -3.30 -4.61
C LEU B 9 -1.02 -4.02 -5.64
N GLU B 10 -0.15 -3.29 -6.36
CA GLU B 10 0.77 -3.85 -7.29
C GLU B 10 1.99 -4.37 -6.59
N ALA B 11 2.61 -3.56 -5.72
CA ALA B 11 3.76 -3.93 -4.96
C ALA B 11 3.57 -5.15 -4.12
N ALA B 12 2.41 -5.30 -3.48
CA ALA B 12 2.05 -6.45 -2.71
C ALA B 12 1.90 -7.72 -3.49
N ASP B 13 1.30 -7.68 -4.68
CA ASP B 13 1.20 -8.79 -5.59
C ASP B 13 2.53 -9.21 -6.09
N TYR B 14 3.33 -8.24 -6.59
CA TYR B 14 4.69 -8.38 -7.02
C TYR B 14 5.55 -9.08 -6.03
N LEU B 15 5.54 -8.65 -4.75
CA LEU B 15 6.38 -9.17 -3.73
C LEU B 15 6.08 -10.56 -3.26
N GLU B 16 4.85 -11.05 -3.51
CA GLU B 16 4.49 -12.42 -3.36
C GLU B 16 5.11 -13.26 -4.41
N ARG B 17 5.04 -12.82 -5.69
CA ARG B 17 5.58 -13.51 -6.82
C ARG B 17 7.07 -13.55 -6.88
N ARG B 18 7.75 -12.51 -6.38
CA ARG B 18 9.17 -12.44 -6.22
C ARG B 18 9.72 -13.52 -5.35
N GLU B 19 9.03 -13.84 -4.24
CA GLU B 19 9.41 -14.90 -3.36
C GLU B 19 9.28 -16.26 -3.96
N ARG B 20 8.38 -16.45 -4.94
CA ARG B 20 8.20 -17.70 -5.60
C ARG B 20 9.34 -18.09 -6.48
N GLU B 21 10.10 -17.11 -7.00
CA GLU B 21 11.31 -17.37 -7.73
C GLU B 21 12.44 -17.79 -6.86
N ALA B 22 12.45 -17.29 -5.61
CA ALA B 22 13.37 -17.66 -4.58
C ALA B 22 13.18 -19.06 -4.07
N GLU B 23 12.03 -19.70 -4.35
CA GLU B 23 11.77 -21.06 -3.99
C GLU B 23 12.57 -22.06 -4.75
N HIS B 24 13.14 -21.67 -5.91
CA HIS B 24 13.85 -22.54 -6.79
C HIS B 24 15.30 -22.79 -6.38
N GLU A 1 14.92 3.99 -20.64
CA GLU A 1 14.38 2.62 -20.75
C GLU A 1 13.11 2.50 -19.97
N SER A 2 13.17 2.36 -18.64
CA SER A 2 12.02 2.47 -17.80
C SER A 2 12.46 2.93 -16.45
N ASP A 3 12.14 4.17 -16.06
CA ASP A 3 12.61 4.76 -14.85
C ASP A 3 11.57 4.75 -13.78
N SER A 4 11.77 3.88 -12.77
CA SER A 4 10.84 3.66 -11.71
C SER A 4 11.54 3.39 -10.43
N VAL A 5 11.91 4.48 -9.72
CA VAL A 5 12.54 4.53 -8.45
C VAL A 5 11.56 4.37 -7.34
N GLU A 6 10.43 5.10 -7.45
CA GLU A 6 9.39 5.10 -6.47
C GLU A 6 8.64 3.82 -6.39
N PHE A 7 8.73 2.98 -7.45
CA PHE A 7 8.36 1.61 -7.39
C PHE A 7 9.06 0.89 -6.29
N ASN A 8 10.39 1.04 -6.15
CA ASN A 8 11.21 0.36 -5.21
C ASN A 8 11.06 0.90 -3.83
N ASN A 9 10.71 2.18 -3.70
CA ASN A 9 10.37 2.78 -2.44
C ASN A 9 9.06 2.27 -1.95
N ALA A 10 8.12 1.99 -2.87
CA ALA A 10 6.91 1.27 -2.59
C ALA A 10 7.16 -0.15 -2.21
N ILE A 11 8.04 -0.88 -2.92
CA ILE A 11 8.44 -2.21 -2.61
C ILE A 11 8.98 -2.35 -1.22
N SER A 12 9.96 -1.48 -0.91
CA SER A 12 10.67 -1.44 0.35
C SER A 12 9.78 -1.29 1.53
N TYR A 13 8.71 -0.49 1.39
CA TYR A 13 7.68 -0.31 2.37
C TYR A 13 6.89 -1.56 2.61
N VAL A 14 6.33 -2.19 1.56
CA VAL A 14 5.62 -3.43 1.66
C VAL A 14 6.46 -4.55 2.17
N ASN A 15 7.74 -4.61 1.75
CA ASN A 15 8.70 -5.51 2.30
C ASN A 15 8.96 -5.33 3.76
N LYS A 16 9.07 -4.09 4.26
CA LYS A 16 9.19 -3.77 5.65
C LYS A 16 8.06 -4.30 6.46
N ILE A 17 6.82 -4.12 5.96
CA ILE A 17 5.58 -4.65 6.44
C ILE A 17 5.57 -6.14 6.43
N LYS A 18 5.89 -6.79 5.30
CA LYS A 18 5.90 -8.21 5.14
C LYS A 18 6.84 -8.91 6.07
N THR A 19 8.01 -8.31 6.32
CA THR A 19 9.02 -8.78 7.20
C THR A 19 8.67 -8.65 8.65
N ARG A 20 8.06 -7.56 9.12
CA ARG A 20 7.80 -7.42 10.51
C ARG A 20 6.49 -8.01 10.93
N PHE A 21 5.48 -8.08 10.05
CA PHE A 21 4.28 -8.81 10.28
C PHE A 21 4.37 -10.25 9.89
N LEU A 22 5.41 -10.99 10.33
CA LEU A 22 5.48 -12.41 10.17
C LEU A 22 4.74 -13.13 11.24
N ASP A 23 4.74 -12.58 12.47
CA ASP A 23 3.95 -13.08 13.55
C ASP A 23 2.51 -12.75 13.42
N HIS A 24 2.20 -11.80 12.50
CA HIS A 24 0.86 -11.39 12.19
C HIS A 24 0.57 -11.45 10.73
N PRO A 25 0.45 -12.58 10.09
CA PRO A 25 0.31 -12.63 8.66
C PRO A 25 -1.05 -12.26 8.18
N GLU A 26 -2.03 -12.01 9.07
CA GLU A 26 -3.34 -11.60 8.71
C GLU A 26 -3.36 -10.19 8.21
N ILE A 27 -2.39 -9.38 8.66
CA ILE A 27 -2.24 -8.00 8.29
C ILE A 27 -1.93 -7.86 6.84
N TYR A 28 -1.08 -8.77 6.32
CA TYR A 28 -0.61 -8.77 4.96
C TYR A 28 -1.72 -8.72 3.96
N ARG A 29 -2.82 -9.44 4.25
CA ARG A 29 -4.05 -9.40 3.51
C ARG A 29 -4.88 -8.21 3.84
N SER A 30 -5.24 -7.95 5.11
CA SER A 30 -6.28 -7.03 5.45
C SER A 30 -5.91 -5.60 5.24
N PHE A 31 -4.60 -5.27 5.26
CA PHE A 31 -4.05 -4.05 4.77
C PHE A 31 -4.48 -3.71 3.39
N LEU A 32 -4.34 -4.66 2.45
CA LEU A 32 -4.68 -4.48 1.06
C LEU A 32 -6.14 -4.41 0.84
N GLU A 33 -6.92 -5.24 1.58
CA GLU A 33 -8.34 -5.24 1.60
C GLU A 33 -8.95 -3.92 1.90
N ILE A 34 -8.35 -3.11 2.79
CA ILE A 34 -8.73 -1.76 3.02
C ILE A 34 -8.42 -0.89 1.85
N LEU A 35 -7.26 -1.03 1.18
CA LEU A 35 -7.00 -0.28 -0.01
C LEU A 35 -7.80 -0.71 -1.19
N HIS A 36 -8.36 -1.94 -1.20
CA HIS A 36 -9.31 -2.40 -2.16
C HIS A 36 -10.56 -1.57 -2.15
N THR A 37 -11.05 -1.14 -0.98
CA THR A 37 -12.11 -0.19 -0.82
C THR A 37 -11.90 1.06 -1.58
N TYR A 38 -10.64 1.57 -1.56
CA TYR A 38 -10.17 2.72 -2.27
C TYR A 38 -10.14 2.49 -3.74
N GLN A 39 -9.39 1.47 -4.17
CA GLN A 39 -9.02 1.23 -5.54
C GLN A 39 -10.06 0.61 -6.41
N LYS A 40 -11.14 0.03 -5.85
CA LYS A 40 -12.26 -0.59 -6.50
C LYS A 40 -12.81 0.07 -7.71
N GLU A 41 -12.85 1.42 -7.68
CA GLU A 41 -13.20 2.29 -8.76
C GLU A 41 -12.34 2.18 -9.98
N GLN A 42 -11.08 1.77 -9.82
CA GLN A 42 -10.08 1.51 -10.81
C GLN A 42 -9.57 2.70 -11.53
N LEU A 43 -9.95 3.90 -11.04
CA LEU A 43 -9.74 5.21 -11.57
C LEU A 43 -10.58 5.51 -12.76
N HIS A 44 -11.56 6.41 -12.56
CA HIS A 44 -12.34 7.01 -13.60
C HIS A 44 -12.28 8.49 -13.42
N THR A 45 -11.15 9.10 -13.80
CA THR A 45 -10.85 10.51 -13.81
C THR A 45 -11.21 11.23 -12.56
N LYS A 46 -11.69 12.49 -12.65
CA LYS A 46 -12.44 13.17 -11.63
C LYS A 46 -13.66 13.70 -12.30
N GLY A 47 -14.84 13.54 -11.68
CA GLY A 47 -16.07 13.96 -12.26
C GLY A 47 -17.21 13.78 -11.32
N ARG A 48 -17.82 12.57 -11.30
CA ARG A 48 -18.88 12.22 -10.42
C ARG A 48 -18.39 11.29 -9.37
N PRO A 49 -19.02 11.07 -8.26
CA PRO A 49 -18.55 10.12 -7.28
C PRO A 49 -18.56 8.70 -7.74
N PHE A 50 -17.50 7.93 -7.39
CA PHE A 50 -17.37 6.54 -7.70
C PHE A 50 -17.34 5.79 -6.41
N ARG A 51 -16.90 4.51 -6.40
CA ARG A 51 -16.85 3.72 -5.21
C ARG A 51 -15.76 4.08 -4.26
N GLY A 52 -14.68 4.72 -4.73
CA GLY A 52 -13.63 5.19 -3.89
C GLY A 52 -14.04 6.35 -3.06
N MET A 53 -13.31 6.55 -1.95
CA MET A 53 -13.61 7.47 -0.90
C MET A 53 -12.50 8.45 -0.73
N SER A 54 -12.20 8.80 0.54
CA SER A 54 -11.19 9.74 0.91
C SER A 54 -10.04 9.05 1.57
N GLU A 55 -8.82 9.57 1.36
CA GLU A 55 -7.58 9.03 1.82
C GLU A 55 -7.48 8.86 3.30
N GLU A 56 -8.27 9.63 4.07
CA GLU A 56 -8.40 9.50 5.49
C GLU A 56 -8.86 8.18 5.99
N GLU A 57 -9.79 7.49 5.31
CA GLU A 57 -10.44 6.34 5.90
C GLU A 57 -9.61 5.13 5.69
N VAL A 58 -8.92 5.11 4.54
CA VAL A 58 -8.09 4.01 4.14
C VAL A 58 -6.89 3.91 5.01
N PHE A 59 -6.41 5.10 5.41
CA PHE A 59 -5.52 5.32 6.51
C PHE A 59 -6.09 4.89 7.82
N THR A 60 -7.27 5.40 8.22
CA THR A 60 -7.95 5.12 9.45
C THR A 60 -8.09 3.68 9.81
N GLU A 61 -8.44 2.81 8.83
CA GLU A 61 -8.58 1.41 9.09
C GLU A 61 -7.27 0.74 9.25
N VAL A 62 -6.28 0.93 8.36
CA VAL A 62 -4.95 0.42 8.40
C VAL A 62 -4.21 0.72 9.67
N ALA A 63 -4.56 1.85 10.29
CA ALA A 63 -3.99 2.34 11.51
C ALA A 63 -4.26 1.44 12.66
N ASN A 64 -5.43 0.75 12.65
CA ASN A 64 -5.74 -0.17 13.70
C ASN A 64 -4.94 -1.42 13.58
N LEU A 65 -4.68 -1.84 12.34
CA LEU A 65 -3.99 -3.05 11.99
C LEU A 65 -2.58 -3.02 12.44
N PHE A 66 -1.97 -1.83 12.32
CA PHE A 66 -0.56 -1.61 12.43
C PHE A 66 -0.17 -1.14 13.80
N ARG A 67 -1.17 -0.97 14.68
CA ARG A 67 -1.07 -0.19 15.88
C ARG A 67 0.02 -0.57 16.82
N GLY A 68 0.79 0.44 17.27
CA GLY A 68 2.07 0.26 17.89
C GLY A 68 3.12 0.81 16.99
N GLN A 69 3.10 0.43 15.70
CA GLN A 69 4.09 0.86 14.75
C GLN A 69 3.65 2.09 14.03
N GLU A 70 4.16 3.26 14.47
CA GLU A 70 3.83 4.52 13.89
C GLU A 70 4.58 4.80 12.63
N ASP A 71 5.77 4.20 12.50
CA ASP A 71 6.70 4.37 11.42
C ASP A 71 6.21 3.86 10.11
N LEU A 72 5.31 2.85 10.12
CA LEU A 72 4.70 2.35 8.92
C LEU A 72 3.71 3.30 8.35
N LEU A 73 3.00 4.09 9.17
CA LEU A 73 2.10 5.11 8.71
C LEU A 73 2.85 6.29 8.21
N SER A 74 4.10 6.46 8.68
CA SER A 74 4.99 7.49 8.25
C SER A 74 5.43 7.32 6.84
N GLU A 75 5.70 6.05 6.43
CA GLU A 75 6.00 5.70 5.08
C GLU A 75 4.80 5.60 4.20
N PHE A 76 3.60 5.47 4.79
CA PHE A 76 2.34 5.64 4.12
C PHE A 76 2.12 7.07 3.78
N GLY A 77 2.70 7.94 4.62
CA GLY A 77 2.67 9.37 4.67
C GLY A 77 3.19 10.08 3.46
N GLN A 78 3.95 9.38 2.59
CA GLN A 78 4.40 9.87 1.33
C GLN A 78 3.32 10.38 0.44
N PHE A 79 2.18 9.68 0.42
CA PHE A 79 0.97 10.13 -0.20
C PHE A 79 0.10 10.82 0.79
N LEU A 80 0.06 10.31 2.03
CA LEU A 80 -1.01 10.60 2.93
C LEU A 80 -0.75 11.74 3.86
N PRO A 81 -1.69 12.54 4.25
CA PRO A 81 -1.43 13.76 4.97
C PRO A 81 -0.98 13.56 6.37
N GLU A 82 -0.18 14.49 6.90
CA GLU A 82 0.41 14.42 8.20
C GLU A 82 -0.53 14.71 9.31
N ALA A 83 -0.88 16.00 9.50
CA ALA A 83 -1.71 16.37 10.61
C ALA A 83 -2.43 17.62 10.23
N LYS A 84 -1.63 18.64 9.83
CA LYS A 84 -2.06 19.90 9.32
C LYS A 84 -2.72 20.77 10.34
N ARG A 85 -2.33 20.59 11.62
CA ARG A 85 -2.88 21.22 12.77
C ARG A 85 -4.37 21.00 12.95
N VAL B 1 1.29 10.08 -11.23
CA VAL B 1 1.22 9.55 -9.85
C VAL B 1 2.36 9.99 -9.01
N ARG B 2 2.17 10.01 -7.67
CA ARG B 2 3.19 10.35 -6.72
C ARG B 2 2.94 9.61 -5.45
N MET B 3 3.32 8.33 -5.43
CA MET B 3 3.16 7.41 -4.34
C MET B 3 1.76 7.08 -3.96
N ASN B 4 0.79 7.26 -4.89
CA ASN B 4 -0.59 6.95 -4.73
C ASN B 4 -0.83 5.55 -4.31
N ILE B 5 -1.80 5.31 -3.40
CA ILE B 5 -2.04 4.09 -2.69
C ILE B 5 -2.11 2.85 -3.51
N GLN B 6 -2.54 2.97 -4.78
CA GLN B 6 -2.49 1.94 -5.79
C GLN B 6 -1.17 1.29 -6.04
N MET B 7 -0.04 1.99 -5.80
CA MET B 7 1.29 1.46 -5.91
C MET B 7 1.59 0.38 -4.93
N LEU B 8 0.94 0.37 -3.75
CA LEU B 8 1.01 -0.72 -2.82
C LEU B 8 0.45 -2.00 -3.33
N LEU B 9 -0.58 -1.87 -4.18
CA LEU B 9 -1.36 -2.96 -4.68
C LEU B 9 -0.63 -3.61 -5.80
N GLU B 10 0.32 -2.87 -6.40
CA GLU B 10 1.28 -3.40 -7.31
C GLU B 10 2.43 -4.05 -6.62
N ALA B 11 3.03 -3.36 -5.64
CA ALA B 11 4.15 -3.82 -4.88
C ALA B 11 3.88 -5.05 -4.08
N ALA B 12 2.69 -5.20 -3.50
CA ALA B 12 2.24 -6.37 -2.80
C ALA B 12 2.16 -7.59 -3.66
N ASP B 13 1.66 -7.46 -4.90
CA ASP B 13 1.56 -8.51 -5.86
C ASP B 13 2.89 -8.95 -6.32
N TYR B 14 3.76 -7.98 -6.66
CA TYR B 14 5.13 -8.13 -7.02
C TYR B 14 5.93 -8.89 -6.01
N LEU B 15 5.82 -8.53 -4.72
CA LEU B 15 6.52 -9.17 -3.65
C LEU B 15 6.04 -10.53 -3.32
N GLU B 16 4.75 -10.83 -3.53
CA GLU B 16 4.19 -12.14 -3.46
C GLU B 16 4.74 -13.06 -4.50
N ARG B 17 5.01 -12.53 -5.71
CA ARG B 17 5.58 -13.21 -6.83
C ARG B 17 7.07 -13.35 -6.78
N ARG B 18 7.79 -12.58 -5.94
CA ARG B 18 9.17 -12.75 -5.67
C ARG B 18 9.54 -14.08 -5.12
N GLU B 19 8.60 -14.74 -4.41
CA GLU B 19 8.69 -16.06 -3.87
C GLU B 19 8.94 -17.13 -4.88
N ARG B 20 8.53 -16.91 -6.14
CA ARG B 20 8.81 -17.78 -7.24
C ARG B 20 10.25 -17.78 -7.65
N GLU B 21 10.91 -16.60 -7.61
CA GLU B 21 12.29 -16.45 -8.00
C GLU B 21 13.24 -16.85 -6.93
N ALA B 22 12.76 -16.88 -5.67
CA ALA B 22 13.44 -17.42 -4.52
C ALA B 22 13.80 -18.86 -4.62
N GLU B 23 13.20 -19.61 -5.55
CA GLU B 23 13.42 -21.00 -5.81
C GLU B 23 14.80 -21.38 -6.24
N HIS B 24 15.57 -20.39 -6.74
CA HIS B 24 16.84 -20.52 -7.37
C HIS B 24 17.87 -21.40 -6.67
N GLU A 1 19.94 4.75 -15.24
CA GLU A 1 20.30 4.45 -13.83
C GLU A 1 19.31 3.53 -13.21
N SER A 2 18.04 3.94 -13.12
CA SER A 2 16.93 3.06 -12.92
C SER A 2 15.75 3.63 -13.63
N ASP A 3 14.69 2.83 -13.79
CA ASP A 3 13.46 3.26 -14.39
C ASP A 3 12.45 3.59 -13.34
N SER A 4 11.64 2.60 -12.90
CA SER A 4 10.66 2.79 -11.87
C SER A 4 11.26 2.75 -10.51
N VAL A 5 11.68 3.94 -10.03
CA VAL A 5 12.37 4.16 -8.80
C VAL A 5 11.41 4.17 -7.67
N GLU A 6 10.30 4.93 -7.83
CA GLU A 6 9.27 5.01 -6.85
C GLU A 6 8.48 3.75 -6.71
N PHE A 7 8.52 2.85 -7.71
CA PHE A 7 8.06 1.52 -7.52
C PHE A 7 8.86 0.80 -6.49
N ASN A 8 10.20 0.89 -6.52
CA ASN A 8 11.11 0.20 -5.65
C ASN A 8 11.11 0.78 -4.29
N ASN A 9 10.79 2.09 -4.15
CA ASN A 9 10.61 2.73 -2.87
C ASN A 9 9.37 2.27 -2.19
N ALA A 10 8.32 1.92 -2.97
CA ALA A 10 7.12 1.29 -2.49
C ALA A 10 7.34 -0.11 -2.03
N ILE A 11 8.12 -0.92 -2.79
CA ILE A 11 8.48 -2.26 -2.47
C ILE A 11 9.08 -2.40 -1.11
N SER A 12 10.04 -1.50 -0.81
CA SER A 12 10.70 -1.39 0.46
C SER A 12 9.78 -1.27 1.62
N TYR A 13 8.67 -0.53 1.45
CA TYR A 13 7.66 -0.35 2.45
C TYR A 13 6.89 -1.61 2.69
N VAL A 14 6.35 -2.25 1.65
CA VAL A 14 5.65 -3.50 1.71
C VAL A 14 6.48 -4.60 2.28
N ASN A 15 7.77 -4.69 1.90
CA ASN A 15 8.72 -5.56 2.52
C ASN A 15 8.89 -5.37 3.99
N LYS A 16 9.01 -4.14 4.50
CA LYS A 16 9.09 -3.87 5.90
C LYS A 16 7.86 -4.25 6.65
N ILE A 17 6.69 -4.02 6.04
CA ILE A 17 5.39 -4.41 6.50
C ILE A 17 5.22 -5.89 6.54
N LYS A 18 5.72 -6.64 5.54
CA LYS A 18 5.74 -8.06 5.55
C LYS A 18 6.57 -8.57 6.68
N THR A 19 7.78 -8.00 6.88
CA THR A 19 8.75 -8.41 7.85
C THR A 19 8.33 -8.29 9.27
N ARG A 20 7.61 -7.23 9.68
CA ARG A 20 7.13 -7.14 11.03
C ARG A 20 5.83 -7.82 11.30
N PHE A 21 5.11 -8.26 10.26
CA PHE A 21 3.87 -8.94 10.43
C PHE A 21 3.94 -10.33 9.89
N LEU A 22 5.07 -11.03 10.08
CA LEU A 22 5.24 -12.40 9.72
C LEU A 22 4.47 -13.30 10.62
N ASP A 23 4.49 -12.97 11.92
CA ASP A 23 3.70 -13.64 12.91
C ASP A 23 2.28 -13.23 12.87
N HIS A 24 1.93 -12.21 12.05
CA HIS A 24 0.61 -11.68 11.97
C HIS A 24 0.18 -11.59 10.55
N PRO A 25 0.07 -12.62 9.76
CA PRO A 25 -0.17 -12.52 8.35
C PRO A 25 -1.59 -12.22 8.05
N GLU A 26 -2.45 -12.15 9.09
CA GLU A 26 -3.77 -11.63 9.04
C GLU A 26 -3.78 -10.15 8.89
N ILE A 27 -2.66 -9.46 9.19
CA ILE A 27 -2.43 -8.08 8.87
C ILE A 27 -2.27 -7.99 7.39
N TYR A 28 -1.32 -8.75 6.80
CA TYR A 28 -0.97 -8.73 5.42
C TYR A 28 -2.13 -8.83 4.49
N ARG A 29 -3.01 -9.84 4.68
CA ARG A 29 -4.22 -9.99 3.94
C ARG A 29 -5.16 -8.84 4.04
N SER A 30 -5.39 -8.34 5.28
CA SER A 30 -6.41 -7.39 5.57
C SER A 30 -6.02 -5.99 5.24
N PHE A 31 -4.73 -5.65 5.40
CA PHE A 31 -4.07 -4.44 5.01
C PHE A 31 -4.41 -4.00 3.62
N LEU A 32 -4.16 -4.88 2.63
CA LEU A 32 -4.34 -4.57 1.24
C LEU A 32 -5.77 -4.47 0.86
N GLU A 33 -6.62 -5.33 1.46
CA GLU A 33 -8.05 -5.30 1.31
C GLU A 33 -8.70 -3.98 1.58
N ILE A 34 -8.23 -3.26 2.61
CA ILE A 34 -8.57 -1.89 2.90
C ILE A 34 -8.20 -0.98 1.78
N LEU A 35 -6.97 -1.05 1.24
CA LEU A 35 -6.59 -0.26 0.12
C LEU A 35 -7.23 -0.63 -1.18
N HIS A 36 -7.73 -1.87 -1.31
CA HIS A 36 -8.47 -2.30 -2.46
C HIS A 36 -9.87 -1.77 -2.45
N THR A 37 -10.47 -1.56 -1.27
CA THR A 37 -11.69 -0.85 -1.07
C THR A 37 -11.70 0.49 -1.71
N TYR A 38 -10.52 1.14 -1.76
CA TYR A 38 -10.26 2.33 -2.48
C TYR A 38 -10.03 2.09 -3.94
N GLN A 39 -8.97 1.35 -4.30
CA GLN A 39 -8.46 1.37 -5.63
C GLN A 39 -9.24 0.62 -6.65
N LYS A 40 -10.11 -0.33 -6.27
CA LYS A 40 -10.97 -1.10 -7.11
C LYS A 40 -11.82 -0.31 -8.04
N GLU A 41 -12.35 0.83 -7.55
CA GLU A 41 -13.22 1.68 -8.31
C GLU A 41 -12.55 2.44 -9.39
N GLN A 42 -11.20 2.60 -9.30
CA GLN A 42 -10.41 3.20 -10.33
C GLN A 42 -10.22 2.29 -11.49
N LEU A 43 -10.41 0.98 -11.30
CA LEU A 43 -10.26 -0.03 -12.30
C LEU A 43 -11.47 -0.19 -13.16
N HIS A 44 -12.60 -0.65 -12.60
CA HIS A 44 -13.75 -0.94 -13.40
C HIS A 44 -15.03 -0.61 -12.71
N THR A 45 -15.27 0.67 -12.43
CA THR A 45 -16.55 1.16 -12.01
C THR A 45 -17.44 1.41 -13.16
N LYS A 46 -18.67 0.86 -13.16
CA LYS A 46 -19.69 1.12 -14.12
C LYS A 46 -20.90 1.62 -13.42
N GLY A 47 -20.87 2.89 -12.98
CA GLY A 47 -21.99 3.47 -12.32
C GLY A 47 -21.63 4.76 -11.67
N ARG A 48 -20.93 4.69 -10.53
CA ARG A 48 -20.50 5.84 -9.79
C ARG A 48 -19.12 6.25 -10.20
N PRO A 49 -18.86 7.39 -10.76
CA PRO A 49 -17.53 7.78 -11.13
C PRO A 49 -16.77 8.29 -9.96
N PHE A 50 -15.93 7.40 -9.38
CA PHE A 50 -15.29 7.61 -8.11
C PHE A 50 -13.81 7.66 -8.25
N ARG A 51 -13.16 8.00 -7.12
CA ARG A 51 -11.74 7.89 -6.92
C ARG A 51 -11.59 7.34 -5.55
N GLY A 52 -11.00 8.09 -4.59
CA GLY A 52 -11.03 7.72 -3.21
C GLY A 52 -12.29 8.11 -2.52
N MET A 53 -12.50 7.47 -1.35
CA MET A 53 -13.50 7.80 -0.39
C MET A 53 -13.01 8.92 0.46
N SER A 54 -12.84 8.68 1.77
CA SER A 54 -11.83 9.35 2.53
C SER A 54 -10.54 8.61 2.43
N GLU A 55 -9.48 9.26 1.88
CA GLU A 55 -8.13 8.81 1.94
C GLU A 55 -7.68 8.65 3.36
N GLU A 56 -8.19 9.51 4.25
CA GLU A 56 -8.12 9.36 5.68
C GLU A 56 -8.62 8.07 6.25
N GLU A 57 -9.56 7.36 5.62
CA GLU A 57 -10.16 6.20 6.20
C GLU A 57 -9.30 5.00 5.94
N VAL A 58 -8.66 4.98 4.76
CA VAL A 58 -7.82 3.91 4.33
C VAL A 58 -6.61 3.83 5.19
N PHE A 59 -6.10 5.02 5.55
CA PHE A 59 -5.20 5.30 6.62
C PHE A 59 -5.67 4.84 7.96
N THR A 60 -6.88 5.24 8.38
CA THR A 60 -7.49 4.88 9.63
C THR A 60 -7.64 3.42 9.87
N GLU A 61 -8.06 2.66 8.83
CA GLU A 61 -8.27 1.25 8.91
C GLU A 61 -6.98 0.52 9.05
N VAL A 62 -5.95 0.83 8.25
CA VAL A 62 -4.62 0.31 8.35
C VAL A 62 -3.98 0.48 9.69
N ALA A 63 -4.33 1.59 10.36
CA ALA A 63 -3.80 2.02 11.61
C ALA A 63 -4.16 1.11 12.73
N ASN A 64 -5.33 0.43 12.64
CA ASN A 64 -5.72 -0.49 13.66
C ASN A 64 -4.86 -1.71 13.62
N LEU A 65 -4.52 -2.17 12.40
CA LEU A 65 -3.76 -3.36 12.20
C LEU A 65 -2.31 -3.17 12.46
N PHE A 66 -1.84 -1.91 12.41
CA PHE A 66 -0.45 -1.57 12.53
C PHE A 66 -0.16 -1.03 13.89
N ARG A 67 -1.17 -0.99 14.77
CA ARG A 67 -1.12 -0.32 16.04
C ARG A 67 -0.05 -0.77 16.99
N GLY A 68 0.81 0.19 17.37
CA GLY A 68 2.01 -0.03 18.12
C GLY A 68 3.17 0.65 17.49
N GLN A 69 3.24 0.65 16.14
CA GLN A 69 4.32 1.22 15.39
C GLN A 69 3.90 2.32 14.48
N GLU A 70 4.22 3.57 14.87
CA GLU A 70 3.89 4.77 14.17
C GLU A 70 4.70 4.98 12.94
N ASP A 71 5.88 4.32 12.87
CA ASP A 71 6.90 4.46 11.88
C ASP A 71 6.43 4.06 10.52
N LEU A 72 5.51 3.09 10.43
CA LEU A 72 4.88 2.74 9.19
C LEU A 72 3.98 3.81 8.66
N LEU A 73 3.06 4.36 9.47
CA LEU A 73 2.10 5.34 9.06
C LEU A 73 2.72 6.65 8.73
N SER A 74 3.93 6.88 9.26
CA SER A 74 4.76 8.01 9.01
C SER A 74 5.17 8.10 7.58
N GLU A 75 5.71 7.00 7.04
CA GLU A 75 6.09 6.86 5.67
C GLU A 75 4.94 6.65 4.75
N PHE A 76 3.76 6.26 5.26
CA PHE A 76 2.54 6.21 4.50
C PHE A 76 2.13 7.54 3.97
N GLY A 77 2.62 8.61 4.63
CA GLY A 77 2.49 9.98 4.29
C GLY A 77 2.98 10.39 2.93
N GLN A 78 3.84 9.57 2.29
CA GLN A 78 4.35 9.76 0.98
C GLN A 78 3.36 10.11 -0.08
N PHE A 79 2.16 9.48 -0.01
CA PHE A 79 1.04 9.79 -0.83
C PHE A 79 0.16 10.79 -0.15
N LEU A 80 -0.23 10.46 1.09
CA LEU A 80 -1.47 10.86 1.67
C LEU A 80 -1.67 12.32 1.90
N PRO A 81 -1.19 13.02 2.90
CA PRO A 81 -1.35 14.44 3.02
C PRO A 81 -0.49 15.20 2.07
N GLU A 82 -0.99 16.32 1.53
CA GLU A 82 -0.33 17.13 0.57
C GLU A 82 0.79 17.96 1.14
N ALA A 83 0.44 19.01 1.91
CA ALA A 83 1.41 19.79 2.60
C ALA A 83 0.80 20.29 3.87
N LYS A 84 -0.37 20.94 3.74
CA LYS A 84 -1.24 21.44 4.75
C LYS A 84 -0.82 22.75 5.33
N ARG A 85 0.47 23.11 5.17
CA ARG A 85 1.16 24.25 5.68
C ARG A 85 1.53 24.14 7.16
N VAL B 1 1.94 7.57 -12.14
CA VAL B 1 1.74 8.93 -11.62
C VAL B 1 2.53 9.13 -10.37
N ARG B 2 1.93 9.54 -9.24
CA ARG B 2 2.59 9.60 -7.98
C ARG B 2 2.80 8.26 -7.37
N MET B 3 3.56 8.20 -6.27
CA MET B 3 3.65 7.06 -5.42
C MET B 3 2.44 6.96 -4.56
N ASN B 4 1.33 6.55 -5.18
CA ASN B 4 0.00 6.60 -4.65
C ASN B 4 -0.37 5.36 -3.91
N ILE B 5 -1.60 5.24 -3.39
CA ILE B 5 -2.00 4.05 -2.69
C ILE B 5 -2.23 2.93 -3.64
N GLN B 6 -2.72 3.19 -4.86
CA GLN B 6 -2.80 2.27 -5.94
C GLN B 6 -1.58 1.45 -6.17
N MET B 7 -0.39 2.07 -6.08
CA MET B 7 0.89 1.42 -6.20
C MET B 7 1.24 0.46 -5.13
N LEU B 8 0.64 0.52 -3.93
CA LEU B 8 0.81 -0.48 -2.91
C LEU B 8 0.28 -1.81 -3.29
N LEU B 9 -0.88 -1.83 -3.97
CA LEU B 9 -1.50 -3.01 -4.48
C LEU B 9 -0.77 -3.58 -5.65
N GLU B 10 0.11 -2.79 -6.29
CA GLU B 10 1.02 -3.24 -7.30
C GLU B 10 2.22 -3.87 -6.67
N ALA B 11 2.87 -3.18 -5.71
CA ALA B 11 4.02 -3.63 -5.00
C ALA B 11 3.85 -4.91 -4.26
N ALA B 12 2.70 -5.10 -3.58
CA ALA B 12 2.36 -6.31 -2.91
C ALA B 12 2.15 -7.49 -3.81
N ASP B 13 1.65 -7.28 -5.04
CA ASP B 13 1.45 -8.30 -6.02
C ASP B 13 2.75 -8.78 -6.55
N TYR B 14 3.62 -7.83 -6.95
CA TYR B 14 5.00 -8.00 -7.31
C TYR B 14 5.80 -8.78 -6.32
N LEU B 15 5.66 -8.50 -5.01
CA LEU B 15 6.40 -9.15 -3.98
C LEU B 15 6.05 -10.59 -3.77
N GLU B 16 4.81 -11.00 -4.07
CA GLU B 16 4.43 -12.37 -4.12
C GLU B 16 5.03 -13.11 -5.27
N ARG B 17 5.14 -12.46 -6.45
CA ARG B 17 5.84 -12.98 -7.58
C ARG B 17 7.28 -13.19 -7.31
N ARG B 18 7.90 -12.29 -6.53
CA ARG B 18 9.26 -12.36 -6.05
C ARG B 18 9.59 -13.57 -5.26
N GLU B 19 8.66 -14.07 -4.44
CA GLU B 19 8.75 -15.29 -3.71
C GLU B 19 8.78 -16.49 -4.60
N ARG B 20 7.89 -16.51 -5.62
CA ARG B 20 7.74 -17.60 -6.54
C ARG B 20 8.86 -17.73 -7.51
N GLU B 21 9.41 -16.61 -8.00
CA GLU B 21 10.50 -16.56 -8.92
C GLU B 21 11.81 -17.00 -8.37
N ALA B 22 12.02 -16.79 -7.05
CA ALA B 22 13.23 -17.08 -6.34
C ALA B 22 13.79 -18.45 -6.49
N GLU B 23 12.91 -19.47 -6.55
CA GLU B 23 13.28 -20.84 -6.74
C GLU B 23 13.55 -21.20 -8.16
N HIS B 24 12.63 -20.86 -9.09
CA HIS B 24 12.59 -21.19 -10.47
C HIS B 24 13.12 -22.58 -10.85
N GLU A 1 18.64 10.85 -12.45
CA GLU A 1 17.39 11.51 -12.01
C GLU A 1 16.57 10.50 -11.30
N SER A 2 15.29 10.26 -11.64
CA SER A 2 14.64 9.09 -11.13
C SER A 2 13.48 8.59 -11.94
N ASP A 3 13.65 7.43 -12.60
CA ASP A 3 12.61 6.72 -13.28
C ASP A 3 11.77 5.93 -12.33
N SER A 4 12.00 4.62 -12.19
CA SER A 4 11.14 3.70 -11.50
C SER A 4 11.50 3.49 -10.07
N VAL A 5 12.20 4.47 -9.47
CA VAL A 5 12.72 4.45 -8.14
C VAL A 5 11.64 4.38 -7.12
N GLU A 6 10.62 5.24 -7.26
CA GLU A 6 9.55 5.32 -6.32
C GLU A 6 8.59 4.18 -6.38
N PHE A 7 8.61 3.46 -7.51
CA PHE A 7 7.98 2.18 -7.68
C PHE A 7 8.54 1.20 -6.71
N ASN A 8 9.87 1.19 -6.55
CA ASN A 8 10.64 0.36 -5.67
C ASN A 8 10.58 0.86 -4.28
N ASN A 9 10.24 2.14 -4.04
CA ASN A 9 10.01 2.66 -2.73
C ASN A 9 8.68 2.25 -2.20
N ALA A 10 7.69 2.00 -3.08
CA ALA A 10 6.47 1.37 -2.74
C ALA A 10 6.69 -0.03 -2.28
N ILE A 11 7.53 -0.80 -3.01
CA ILE A 11 7.96 -2.11 -2.66
C ILE A 11 8.59 -2.19 -1.30
N SER A 12 9.50 -1.25 -0.99
CA SER A 12 10.12 -1.11 0.29
C SER A 12 9.16 -1.02 1.43
N TYR A 13 8.01 -0.34 1.23
CA TYR A 13 6.97 -0.23 2.21
C TYR A 13 6.29 -1.53 2.43
N VAL A 14 5.85 -2.23 1.37
CA VAL A 14 5.24 -3.52 1.47
C VAL A 14 6.15 -4.57 1.99
N ASN A 15 7.43 -4.56 1.58
CA ASN A 15 8.48 -5.36 2.15
C ASN A 15 8.66 -5.18 3.61
N LYS A 16 8.67 -3.93 4.12
CA LYS A 16 8.70 -3.59 5.50
C LYS A 16 7.54 -4.11 6.27
N ILE A 17 6.31 -3.96 5.74
CA ILE A 17 5.08 -4.52 6.22
C ILE A 17 5.16 -6.00 6.33
N LYS A 18 5.60 -6.71 5.28
CA LYS A 18 5.82 -8.12 5.29
C LYS A 18 6.78 -8.56 6.35
N THR A 19 7.94 -7.88 6.46
CA THR A 19 8.98 -8.14 7.41
C THR A 19 8.56 -7.98 8.84
N ARG A 20 7.75 -6.97 9.17
CA ARG A 20 7.14 -6.85 10.47
C ARG A 20 6.19 -7.96 10.73
N PHE A 21 5.19 -8.14 9.84
CA PHE A 21 4.07 -8.99 10.07
C PHE A 21 4.32 -10.40 9.65
N LEU A 22 5.53 -10.92 9.89
CA LEU A 22 5.85 -12.31 9.73
C LEU A 22 5.25 -13.14 10.82
N ASP A 23 5.23 -12.55 12.03
CA ASP A 23 4.57 -13.09 13.17
C ASP A 23 3.10 -12.89 13.12
N HIS A 24 2.62 -12.02 12.22
CA HIS A 24 1.23 -11.67 12.12
C HIS A 24 0.78 -11.73 10.71
N PRO A 25 0.73 -12.82 10.01
CA PRO A 25 0.53 -12.84 8.59
C PRO A 25 -0.87 -12.54 8.18
N GLU A 26 -1.78 -12.37 9.16
CA GLU A 26 -3.14 -11.95 8.97
C GLU A 26 -3.21 -10.52 8.57
N ILE A 27 -2.22 -9.69 8.94
CA ILE A 27 -2.14 -8.31 8.58
C ILE A 27 -1.90 -8.19 7.10
N TYR A 28 -1.06 -9.06 6.53
CA TYR A 28 -0.76 -9.07 5.13
C TYR A 28 -1.92 -9.48 4.28
N ARG A 29 -2.91 -10.16 4.88
CA ARG A 29 -4.19 -10.38 4.28
C ARG A 29 -5.05 -9.16 4.39
N SER A 30 -5.28 -8.62 5.60
CA SER A 30 -6.28 -7.63 5.85
C SER A 30 -5.93 -6.25 5.40
N PHE A 31 -4.62 -5.89 5.40
CA PHE A 31 -4.08 -4.66 4.95
C PHE A 31 -4.58 -4.21 3.62
N LEU A 32 -4.38 -5.06 2.60
CA LEU A 32 -4.63 -4.78 1.22
C LEU A 32 -6.09 -4.75 0.90
N GLU A 33 -6.87 -5.60 1.58
CA GLU A 33 -8.31 -5.61 1.45
C GLU A 33 -9.00 -4.35 1.83
N ILE A 34 -8.42 -3.55 2.73
CA ILE A 34 -8.81 -2.19 2.98
C ILE A 34 -8.37 -1.28 1.88
N LEU A 35 -7.14 -1.41 1.34
CA LEU A 35 -6.73 -0.63 0.21
C LEU A 35 -7.49 -0.91 -1.04
N HIS A 36 -8.02 -2.13 -1.22
CA HIS A 36 -8.91 -2.51 -2.27
C HIS A 36 -10.20 -1.76 -2.25
N THR A 37 -10.79 -1.52 -1.06
CA THR A 37 -11.94 -0.71 -0.83
C THR A 37 -11.78 0.67 -1.37
N TYR A 38 -10.55 1.22 -1.31
CA TYR A 38 -10.19 2.45 -1.93
C TYR A 38 -9.91 2.33 -3.39
N GLN A 39 -8.90 1.53 -3.75
CA GLN A 39 -8.26 1.48 -5.03
C GLN A 39 -9.13 1.08 -6.18
N LYS A 40 -10.21 0.33 -5.92
CA LYS A 40 -11.24 -0.07 -6.82
C LYS A 40 -11.83 1.00 -7.68
N GLU A 41 -11.91 2.23 -7.15
CA GLU A 41 -12.27 3.43 -7.84
C GLU A 41 -11.55 3.72 -9.12
N GLN A 42 -10.32 3.21 -9.28
CA GLN A 42 -9.48 3.37 -10.42
C GLN A 42 -9.94 2.59 -11.61
N LEU A 43 -10.78 1.56 -11.43
CA LEU A 43 -11.34 0.80 -12.51
C LEU A 43 -12.41 1.52 -13.25
N HIS A 44 -12.72 1.07 -14.48
CA HIS A 44 -13.69 1.66 -15.36
C HIS A 44 -15.06 1.15 -15.06
N THR A 45 -15.60 1.56 -13.90
CA THR A 45 -16.91 1.24 -13.42
C THR A 45 -17.93 2.08 -14.11
N LYS A 46 -19.16 1.59 -14.29
CA LYS A 46 -20.17 2.30 -15.02
C LYS A 46 -20.89 3.25 -14.13
N GLY A 47 -21.14 4.48 -14.59
CA GLY A 47 -21.85 5.50 -13.87
C GLY A 47 -21.02 6.26 -12.88
N ARG A 48 -20.65 5.58 -11.79
CA ARG A 48 -19.93 6.02 -10.64
C ARG A 48 -19.81 7.46 -10.30
N PRO A 49 -20.76 8.11 -9.69
CA PRO A 49 -20.63 9.49 -9.31
C PRO A 49 -19.86 9.70 -8.05
N PHE A 50 -19.41 8.58 -7.45
CA PHE A 50 -18.65 8.45 -6.25
C PHE A 50 -18.25 7.03 -6.12
N ARG A 51 -17.21 6.75 -5.31
CA ARG A 51 -17.03 5.52 -4.59
C ARG A 51 -15.83 5.50 -3.71
N GLY A 52 -14.68 6.00 -4.17
CA GLY A 52 -13.43 5.91 -3.47
C GLY A 52 -13.18 6.96 -2.45
N MET A 53 -14.17 7.19 -1.57
CA MET A 53 -14.11 7.76 -0.26
C MET A 53 -13.16 8.88 -0.01
N SER A 54 -12.49 8.84 1.16
CA SER A 54 -11.37 9.67 1.49
C SER A 54 -10.17 8.82 1.69
N GLU A 55 -8.99 9.34 1.28
CA GLU A 55 -7.69 8.81 1.52
C GLU A 55 -7.37 8.74 2.96
N GLU A 56 -7.99 9.62 3.78
CA GLU A 56 -8.06 9.51 5.20
C GLU A 56 -8.55 8.23 5.75
N GLU A 57 -9.53 7.54 5.15
CA GLU A 57 -10.16 6.44 5.83
C GLU A 57 -9.36 5.20 5.65
N VAL A 58 -8.74 5.05 4.46
CA VAL A 58 -7.94 3.91 4.14
C VAL A 58 -6.74 3.83 5.03
N PHE A 59 -6.19 5.02 5.33
CA PHE A 59 -5.29 5.31 6.39
C PHE A 59 -5.79 4.95 7.74
N THR A 60 -6.98 5.45 8.16
CA THR A 60 -7.63 5.17 9.40
C THR A 60 -7.88 3.72 9.65
N GLU A 61 -8.29 2.94 8.63
CA GLU A 61 -8.54 1.54 8.75
C GLU A 61 -7.28 0.76 8.91
N VAL A 62 -6.19 1.06 8.17
CA VAL A 62 -4.87 0.53 8.34
C VAL A 62 -4.33 0.68 9.72
N ALA A 63 -4.68 1.80 10.37
CA ALA A 63 -4.18 2.19 11.66
C ALA A 63 -4.51 1.20 12.72
N ASN A 64 -5.68 0.55 12.61
CA ASN A 64 -6.07 -0.43 13.59
C ASN A 64 -5.21 -1.65 13.54
N LEU A 65 -4.70 -1.99 12.34
CA LEU A 65 -3.97 -3.21 12.10
C LEU A 65 -2.62 -3.16 12.72
N PHE A 66 -2.04 -1.95 12.73
CA PHE A 66 -0.65 -1.74 13.00
C PHE A 66 -0.45 -1.28 14.41
N ARG A 67 -1.54 -0.88 15.06
CA ARG A 67 -1.66 -0.05 16.23
C ARG A 67 -0.61 -0.09 17.28
N GLY A 68 0.29 0.90 17.25
CA GLY A 68 1.45 1.01 18.08
C GLY A 68 2.65 1.23 17.23
N GLN A 69 2.69 0.56 16.06
CA GLN A 69 3.77 0.63 15.13
C GLN A 69 3.58 1.78 14.19
N GLU A 70 4.30 2.88 14.48
CA GLU A 70 4.15 4.16 13.86
C GLU A 70 4.84 4.31 12.55
N ASP A 71 6.04 3.74 12.37
CA ASP A 71 6.91 4.05 11.28
C ASP A 71 6.39 3.68 9.93
N LEU A 72 5.56 2.62 9.86
CA LEU A 72 4.76 2.26 8.73
C LEU A 72 3.85 3.35 8.26
N LEU A 73 3.08 4.00 9.15
CA LEU A 73 2.17 5.03 8.80
C LEU A 73 2.83 6.32 8.44
N SER A 74 4.00 6.57 9.05
CA SER A 74 4.89 7.64 8.74
C SER A 74 5.38 7.57 7.33
N GLU A 75 5.76 6.36 6.86
CA GLU A 75 6.08 6.08 5.49
C GLU A 75 4.89 6.07 4.60
N PHE A 76 3.67 5.86 5.12
CA PHE A 76 2.45 5.97 4.39
C PHE A 76 2.18 7.39 4.00
N GLY A 77 2.79 8.32 4.76
CA GLY A 77 2.89 9.73 4.58
C GLY A 77 3.49 10.20 3.29
N GLN A 78 4.19 9.32 2.55
CA GLN A 78 4.75 9.54 1.26
C GLN A 78 3.87 10.28 0.30
N PHE A 79 2.57 9.90 0.26
CA PHE A 79 1.57 10.51 -0.54
C PHE A 79 0.61 11.30 0.27
N LEU A 80 0.19 10.74 1.42
CA LEU A 80 -0.96 11.17 2.15
C LEU A 80 -0.77 12.42 2.92
N PRO A 81 -1.76 13.14 3.34
CA PRO A 81 -1.59 14.25 4.24
C PRO A 81 -1.04 13.85 5.56
N GLU A 82 0.01 14.54 6.05
CA GLU A 82 0.81 14.11 7.16
C GLU A 82 0.14 14.18 8.49
N ALA A 83 -0.13 15.39 9.00
CA ALA A 83 -0.71 15.58 10.30
C ALA A 83 -2.03 16.25 10.08
N LYS A 84 -1.98 17.48 9.56
CA LYS A 84 -3.12 18.10 8.96
C LYS A 84 -2.71 19.24 8.10
N ARG A 85 -2.22 20.34 8.73
CA ARG A 85 -1.87 21.56 8.10
C ARG A 85 -0.47 21.51 7.48
N VAL B 1 3.53 8.79 -13.16
CA VAL B 1 2.68 8.53 -11.97
C VAL B 1 3.44 8.67 -10.70
N ARG B 2 2.81 9.24 -9.65
CA ARG B 2 3.42 9.47 -8.39
C ARG B 2 3.12 8.35 -7.44
N MET B 3 3.92 8.19 -6.37
CA MET B 3 3.85 7.12 -5.42
C MET B 3 2.68 7.10 -4.50
N ASN B 4 1.47 6.95 -5.05
CA ASN B 4 0.22 6.95 -4.33
C ASN B 4 -0.18 5.58 -3.91
N ILE B 5 -1.36 5.41 -3.29
CA ILE B 5 -1.81 4.17 -2.74
C ILE B 5 -2.16 3.18 -3.79
N GLN B 6 -2.42 3.61 -5.04
CA GLN B 6 -2.59 2.78 -6.19
C GLN B 6 -1.48 1.82 -6.42
N MET B 7 -0.23 2.19 -6.07
CA MET B 7 0.93 1.35 -6.14
C MET B 7 0.91 0.17 -5.22
N LEU B 8 0.17 0.20 -4.09
CA LEU B 8 0.33 -0.79 -3.06
C LEU B 8 -0.17 -2.15 -3.39
N LEU B 9 -1.29 -2.21 -4.13
CA LEU B 9 -1.94 -3.40 -4.57
C LEU B 9 -1.18 -4.02 -5.70
N GLU B 10 -0.31 -3.23 -6.34
CA GLU B 10 0.60 -3.64 -7.38
C GLU B 10 1.84 -4.23 -6.78
N ALA B 11 2.44 -3.52 -5.81
CA ALA B 11 3.62 -3.90 -5.09
C ALA B 11 3.47 -5.18 -4.35
N ALA B 12 2.33 -5.37 -3.66
CA ALA B 12 1.99 -6.58 -2.97
C ALA B 12 1.88 -7.77 -3.85
N ASP B 13 1.36 -7.61 -5.07
CA ASP B 13 1.19 -8.64 -6.06
C ASP B 13 2.50 -9.11 -6.59
N TYR B 14 3.39 -8.14 -6.91
CA TYR B 14 4.76 -8.30 -7.29
C TYR B 14 5.57 -9.04 -6.29
N LEU B 15 5.49 -8.66 -5.01
CA LEU B 15 6.28 -9.21 -3.95
C LEU B 15 6.00 -10.63 -3.63
N GLU B 16 4.73 -11.08 -3.78
CA GLU B 16 4.35 -12.45 -3.62
C GLU B 16 4.93 -13.37 -4.65
N ARG B 17 5.16 -12.88 -5.89
CA ARG B 17 5.86 -13.60 -6.91
C ARG B 17 7.32 -13.69 -6.65
N ARG B 18 7.91 -12.65 -6.04
CA ARG B 18 9.30 -12.54 -5.71
C ARG B 18 9.81 -13.58 -4.78
N GLU B 19 8.92 -14.18 -3.97
CA GLU B 19 9.17 -15.34 -3.17
C GLU B 19 9.68 -16.51 -3.95
N ARG B 20 9.06 -16.80 -5.11
CA ARG B 20 9.47 -17.88 -5.96
C ARG B 20 10.79 -17.69 -6.60
N GLU B 21 11.29 -16.45 -6.69
CA GLU B 21 12.60 -16.15 -7.20
C GLU B 21 13.67 -16.43 -6.20
N ALA B 22 13.35 -16.41 -4.91
CA ALA B 22 14.19 -16.90 -3.86
C ALA B 22 14.17 -18.38 -3.78
N GLU B 23 13.05 -19.02 -4.15
CA GLU B 23 12.90 -20.45 -4.11
C GLU B 23 13.69 -21.13 -5.18
N HIS B 24 13.54 -20.65 -6.43
CA HIS B 24 14.12 -21.19 -7.62
C HIS B 24 13.38 -22.42 -8.13
N GLU A 1 14.14 13.24 -13.81
CA GLU A 1 13.46 12.33 -14.77
C GLU A 1 12.80 11.21 -14.04
N SER A 2 13.61 10.37 -13.36
CA SER A 2 13.21 9.24 -12.58
C SER A 2 12.82 8.08 -13.42
N ASP A 3 12.65 6.89 -12.80
CA ASP A 3 12.22 5.73 -13.50
C ASP A 3 11.45 4.85 -12.57
N SER A 4 12.09 3.88 -11.89
CA SER A 4 11.45 2.94 -11.03
C SER A 4 11.80 3.12 -9.59
N VAL A 5 12.16 4.35 -9.22
CA VAL A 5 12.59 4.78 -7.92
C VAL A 5 11.50 4.62 -6.92
N GLU A 6 10.35 5.26 -7.20
CA GLU A 6 9.26 5.34 -6.28
C GLU A 6 8.40 4.12 -6.29
N PHE A 7 8.54 3.33 -7.37
CA PHE A 7 8.17 1.94 -7.38
C PHE A 7 8.89 1.18 -6.32
N ASN A 8 10.22 1.30 -6.19
CA ASN A 8 11.02 0.60 -5.23
C ASN A 8 10.80 1.10 -3.85
N ASN A 9 10.39 2.36 -3.68
CA ASN A 9 9.98 2.89 -2.41
C ASN A 9 8.64 2.41 -2.00
N ALA A 10 7.77 2.05 -2.96
CA ALA A 10 6.60 1.28 -2.70
C ALA A 10 6.92 -0.12 -2.32
N ILE A 11 7.87 -0.79 -3.00
CA ILE A 11 8.33 -2.10 -2.67
C ILE A 11 8.89 -2.19 -1.29
N SER A 12 9.86 -1.32 -0.96
CA SER A 12 10.52 -1.27 0.30
C SER A 12 9.61 -1.18 1.47
N TYR A 13 8.48 -0.44 1.32
CA TYR A 13 7.46 -0.31 2.29
C TYR A 13 6.78 -1.59 2.60
N VAL A 14 6.21 -2.25 1.58
CA VAL A 14 5.49 -3.48 1.68
C VAL A 14 6.38 -4.61 2.08
N ASN A 15 7.66 -4.55 1.67
CA ASN A 15 8.70 -5.40 2.18
C ASN A 15 8.90 -5.29 3.65
N LYS A 16 9.03 -4.07 4.20
CA LYS A 16 9.17 -3.82 5.60
C LYS A 16 7.97 -4.21 6.42
N ILE A 17 6.77 -4.16 5.81
CA ILE A 17 5.55 -4.72 6.31
C ILE A 17 5.62 -6.20 6.42
N LYS A 18 6.01 -6.92 5.36
CA LYS A 18 6.23 -8.33 5.38
C LYS A 18 7.20 -8.78 6.42
N THR A 19 8.35 -8.09 6.54
CA THR A 19 9.39 -8.35 7.48
C THR A 19 8.98 -8.20 8.91
N ARG A 20 8.15 -7.20 9.26
CA ARG A 20 7.62 -7.10 10.60
C ARG A 20 6.49 -8.01 10.87
N PHE A 21 5.57 -8.21 9.91
CA PHE A 21 4.44 -9.07 10.10
C PHE A 21 4.73 -10.47 9.67
N LEU A 22 5.84 -11.04 10.15
CA LEU A 22 6.14 -12.44 10.07
C LEU A 22 5.36 -13.21 11.07
N ASP A 23 5.17 -12.62 12.26
CA ASP A 23 4.35 -13.23 13.26
C ASP A 23 2.90 -13.01 13.01
N HIS A 24 2.54 -12.19 12.00
CA HIS A 24 1.18 -11.87 11.69
C HIS A 24 0.90 -11.87 10.23
N PRO A 25 0.86 -12.91 9.47
CA PRO A 25 0.61 -12.84 8.06
C PRO A 25 -0.79 -12.51 7.69
N GLU A 26 -1.68 -12.36 8.69
CA GLU A 26 -3.07 -12.04 8.58
C GLU A 26 -3.26 -10.63 8.14
N ILE A 27 -2.35 -9.73 8.59
CA ILE A 27 -2.37 -8.32 8.33
C ILE A 27 -2.29 -8.09 6.85
N TYR A 28 -1.44 -8.86 6.17
CA TYR A 28 -1.22 -8.81 4.75
C TYR A 28 -2.45 -9.07 3.94
N ARG A 29 -3.49 -9.73 4.48
CA ARG A 29 -4.75 -9.84 3.81
C ARG A 29 -5.55 -8.59 3.99
N SER A 30 -5.87 -8.23 5.25
CA SER A 30 -6.83 -7.22 5.56
C SER A 30 -6.35 -5.82 5.39
N PHE A 31 -5.01 -5.59 5.37
CA PHE A 31 -4.39 -4.36 4.98
C PHE A 31 -4.79 -3.93 3.61
N LEU A 32 -4.50 -4.76 2.60
CA LEU A 32 -4.72 -4.45 1.22
C LEU A 32 -6.17 -4.31 0.90
N GLU A 33 -7.00 -5.21 1.46
CA GLU A 33 -8.42 -5.22 1.38
C GLU A 33 -9.12 -3.93 1.60
N ILE A 34 -8.66 -3.14 2.59
CA ILE A 34 -9.13 -1.81 2.86
C ILE A 34 -8.69 -0.85 1.80
N LEU A 35 -7.43 -0.88 1.34
CA LEU A 35 -6.99 -0.08 0.23
C LEU A 35 -7.72 -0.38 -1.03
N HIS A 36 -8.06 -1.66 -1.25
CA HIS A 36 -8.79 -2.23 -2.35
C HIS A 36 -10.18 -1.69 -2.45
N THR A 37 -10.77 -1.25 -1.33
CA THR A 37 -12.04 -0.60 -1.22
C THR A 37 -12.04 0.72 -1.94
N TYR A 38 -10.90 1.42 -1.92
CA TYR A 38 -10.65 2.60 -2.68
C TYR A 38 -10.29 2.27 -4.09
N GLN A 39 -9.29 1.39 -4.26
CA GLN A 39 -8.55 1.19 -5.47
C GLN A 39 -9.34 0.56 -6.57
N LYS A 40 -10.46 -0.10 -6.23
CA LYS A 40 -11.44 -0.72 -7.08
C LYS A 40 -11.82 0.01 -8.32
N GLU A 41 -12.08 1.33 -8.23
CA GLU A 41 -12.44 2.15 -9.35
C GLU A 41 -11.43 2.22 -10.44
N GLN A 42 -10.13 2.13 -10.09
CA GLN A 42 -9.03 2.19 -11.01
C GLN A 42 -8.79 0.88 -11.67
N LEU A 43 -9.45 -0.21 -11.24
CA LEU A 43 -9.49 -1.43 -11.97
C LEU A 43 -10.45 -1.31 -13.11
N HIS A 44 -11.72 -0.94 -12.83
CA HIS A 44 -12.75 -0.87 -13.81
C HIS A 44 -12.61 0.26 -14.77
N THR A 45 -12.35 1.49 -14.27
CA THR A 45 -12.17 2.69 -15.02
C THR A 45 -13.39 3.19 -15.72
N LYS A 46 -13.26 3.65 -16.97
CA LYS A 46 -14.25 4.19 -17.85
C LYS A 46 -15.24 5.14 -17.26
N GLY A 47 -14.73 6.15 -16.54
CA GLY A 47 -15.50 7.21 -15.94
C GLY A 47 -15.60 7.07 -14.46
N ARG A 48 -14.44 6.90 -13.78
CA ARG A 48 -14.37 6.88 -12.35
C ARG A 48 -14.56 8.24 -11.77
N PRO A 49 -15.59 8.54 -11.02
CA PRO A 49 -16.01 9.90 -10.84
C PRO A 49 -15.37 10.57 -9.66
N PHE A 50 -14.55 9.80 -8.92
CA PHE A 50 -13.88 10.21 -7.73
C PHE A 50 -12.62 9.42 -7.64
N ARG A 51 -12.01 9.33 -6.44
CA ARG A 51 -10.92 8.45 -6.18
C ARG A 51 -11.18 7.65 -4.95
N GLY A 52 -12.12 6.68 -5.08
CA GLY A 52 -12.66 5.89 -4.02
C GLY A 52 -13.47 6.70 -3.07
N MET A 53 -12.81 7.09 -1.96
CA MET A 53 -13.40 7.72 -0.84
C MET A 53 -12.38 8.57 -0.14
N SER A 54 -12.52 8.83 1.17
CA SER A 54 -11.60 9.66 1.88
C SER A 54 -10.33 8.96 2.22
N GLU A 55 -9.18 9.61 1.93
CA GLU A 55 -7.85 9.17 2.20
C GLU A 55 -7.61 8.92 3.65
N GLU A 56 -8.30 9.66 4.55
CA GLU A 56 -8.28 9.44 5.96
C GLU A 56 -8.85 8.15 6.41
N GLU A 57 -9.78 7.51 5.67
CA GLU A 57 -10.45 6.33 6.14
C GLU A 57 -9.65 5.11 5.85
N VAL A 58 -8.98 5.10 4.67
CA VAL A 58 -8.26 3.97 4.18
C VAL A 58 -7.03 3.75 4.99
N PHE A 59 -6.49 4.89 5.46
CA PHE A 59 -5.58 5.07 6.55
C PHE A 59 -6.12 4.55 7.84
N THR A 60 -7.30 5.01 8.29
CA THR A 60 -7.92 4.64 9.52
C THR A 60 -8.13 3.17 9.76
N GLU A 61 -8.65 2.43 8.78
CA GLU A 61 -8.93 1.04 8.95
C GLU A 61 -7.71 0.17 8.88
N VAL A 62 -6.59 0.62 8.30
CA VAL A 62 -5.30 -0.01 8.37
C VAL A 62 -4.65 0.12 9.71
N ALA A 63 -4.92 1.26 10.37
CA ALA A 63 -4.19 1.73 11.51
C ALA A 63 -4.47 0.87 12.70
N ASN A 64 -5.64 0.21 12.74
CA ASN A 64 -5.93 -0.65 13.83
C ASN A 64 -5.10 -1.90 13.80
N LEU A 65 -4.69 -2.34 12.59
CA LEU A 65 -3.91 -3.51 12.41
C LEU A 65 -2.47 -3.24 12.67
N PHE A 66 -2.09 -1.97 12.45
CA PHE A 66 -0.74 -1.50 12.36
C PHE A 66 -0.28 -0.85 13.62
N ARG A 67 -1.20 -0.72 14.60
CA ARG A 67 -1.13 0.19 15.69
C ARG A 67 0.05 0.09 16.60
N GLY A 68 0.72 1.24 16.83
CA GLY A 68 1.90 1.35 17.62
C GLY A 68 3.14 1.51 16.81
N GLN A 69 3.20 0.90 15.61
CA GLN A 69 4.37 0.89 14.81
C GLN A 69 4.42 2.06 13.87
N GLU A 70 4.89 3.19 14.42
CA GLU A 70 4.91 4.48 13.80
C GLU A 70 5.80 4.61 12.61
N ASP A 71 6.84 3.76 12.46
CA ASP A 71 7.73 3.74 11.35
C ASP A 71 7.02 3.62 10.05
N LEU A 72 6.03 2.70 10.00
CA LEU A 72 5.27 2.44 8.81
C LEU A 72 4.27 3.48 8.49
N LEU A 73 3.52 4.05 9.44
CA LEU A 73 2.54 5.06 9.16
C LEU A 73 3.15 6.36 8.74
N SER A 74 4.41 6.58 9.14
CA SER A 74 5.22 7.70 8.78
C SER A 74 5.50 7.70 7.31
N GLU A 75 5.93 6.54 6.79
CA GLU A 75 6.19 6.35 5.39
C GLU A 75 4.95 6.23 4.56
N PHE A 76 3.81 5.85 5.18
CA PHE A 76 2.52 5.83 4.56
C PHE A 76 2.08 7.18 4.13
N GLY A 77 2.52 8.22 4.85
CA GLY A 77 2.15 9.58 4.63
C GLY A 77 2.72 10.22 3.42
N GLN A 78 3.79 9.64 2.84
CA GLN A 78 4.44 10.18 1.69
C GLN A 78 3.77 9.83 0.41
N PHE A 79 2.97 8.74 0.45
CA PHE A 79 2.09 8.33 -0.60
C PHE A 79 0.91 9.24 -0.67
N LEU A 80 0.49 9.80 0.47
CA LEU A 80 -0.70 10.57 0.61
C LEU A 80 -0.52 12.03 0.31
N PRO A 81 -1.54 12.78 0.05
CA PRO A 81 -1.40 14.19 -0.19
C PRO A 81 -1.14 15.00 1.03
N GLU A 82 -0.07 15.80 1.05
CA GLU A 82 0.11 16.87 1.98
C GLU A 82 -0.04 18.19 1.30
N ALA A 83 0.54 18.35 0.11
CA ALA A 83 0.58 19.59 -0.60
C ALA A 83 0.81 19.24 -2.03
N LYS A 84 2.02 19.49 -2.56
CA LYS A 84 2.53 18.81 -3.72
C LYS A 84 3.91 18.31 -3.46
N ARG A 85 4.18 17.85 -2.22
CA ARG A 85 5.42 17.22 -1.87
C ARG A 85 5.27 15.71 -1.96
N VAL B 1 3.29 6.55 -12.35
CA VAL B 1 3.03 8.01 -12.41
C VAL B 1 3.57 8.70 -11.20
N ARG B 2 2.78 8.90 -10.12
CA ARG B 2 3.26 9.38 -8.87
C ARG B 2 3.25 8.26 -7.89
N MET B 3 3.13 8.55 -6.58
CA MET B 3 2.93 7.54 -5.58
C MET B 3 1.49 7.21 -5.45
N ASN B 4 0.84 7.59 -4.34
CA ASN B 4 -0.53 7.28 -4.02
C ASN B 4 -0.69 5.87 -3.57
N ILE B 5 -1.83 5.55 -2.91
CA ILE B 5 -2.12 4.28 -2.32
C ILE B 5 -2.21 3.18 -3.31
N GLN B 6 -2.53 3.47 -4.58
CA GLN B 6 -2.56 2.53 -5.65
C GLN B 6 -1.32 1.73 -5.87
N MET B 7 -0.14 2.36 -5.64
CA MET B 7 1.15 1.75 -5.73
C MET B 7 1.37 0.62 -4.79
N LEU B 8 0.70 0.63 -3.62
CA LEU B 8 0.77 -0.41 -2.64
C LEU B 8 0.24 -1.73 -3.11
N LEU B 9 -0.81 -1.68 -3.94
CA LEU B 9 -1.51 -2.86 -4.37
C LEU B 9 -0.81 -3.49 -5.53
N GLU B 10 0.08 -2.72 -6.17
CA GLU B 10 0.95 -3.18 -7.21
C GLU B 10 2.13 -3.84 -6.60
N ALA B 11 2.83 -3.14 -5.70
CA ALA B 11 3.97 -3.60 -4.98
C ALA B 11 3.72 -4.85 -4.18
N ALA B 12 2.52 -4.97 -3.56
CA ALA B 12 2.13 -6.14 -2.84
C ALA B 12 2.01 -7.38 -3.64
N ASP B 13 1.49 -7.30 -4.88
CA ASP B 13 1.30 -8.43 -5.73
C ASP B 13 2.61 -8.93 -6.23
N TYR B 14 3.47 -7.98 -6.66
CA TYR B 14 4.85 -8.15 -6.99
C TYR B 14 5.64 -8.80 -5.92
N LEU B 15 5.56 -8.34 -4.65
CA LEU B 15 6.32 -8.89 -3.57
C LEU B 15 5.93 -10.26 -3.15
N GLU B 16 4.64 -10.63 -3.26
CA GLU B 16 4.19 -11.98 -3.17
C GLU B 16 4.76 -12.84 -4.25
N ARG B 17 4.88 -12.30 -5.48
CA ARG B 17 5.52 -12.91 -6.60
C ARG B 17 6.99 -13.12 -6.45
N ARG B 18 7.66 -12.42 -5.54
CA ARG B 18 9.05 -12.62 -5.25
C ARG B 18 9.32 -13.89 -4.51
N GLU B 19 8.33 -14.43 -3.77
CA GLU B 19 8.42 -15.68 -3.10
C GLU B 19 8.24 -16.83 -4.02
N ARG B 20 7.51 -16.65 -5.14
CA ARG B 20 7.25 -17.66 -6.12
C ARG B 20 8.47 -18.10 -6.86
N GLU B 21 9.44 -17.19 -6.99
CA GLU B 21 10.75 -17.40 -7.52
C GLU B 21 11.58 -18.41 -6.80
N ALA B 22 11.33 -18.62 -5.50
CA ALA B 22 12.03 -19.58 -4.71
C ALA B 22 11.58 -20.98 -4.95
N GLU B 23 10.31 -21.15 -5.38
CA GLU B 23 9.64 -22.41 -5.46
C GLU B 23 10.18 -23.29 -6.53
N HIS B 24 10.17 -22.76 -7.77
CA HIS B 24 10.55 -23.40 -9.00
C HIS B 24 9.48 -24.34 -9.55
N GLU A 1 20.38 6.38 -15.37
CA GLU A 1 19.19 7.20 -15.69
C GLU A 1 18.13 7.17 -14.63
N SER A 2 17.80 5.96 -14.17
CA SER A 2 16.79 5.61 -13.21
C SER A 2 15.43 5.42 -13.80
N ASP A 3 14.91 4.18 -13.68
CA ASP A 3 13.65 3.75 -14.19
C ASP A 3 12.52 4.22 -13.33
N SER A 4 12.36 3.58 -12.15
CA SER A 4 11.29 3.79 -11.23
C SER A 4 11.75 3.51 -9.85
N VAL A 5 12.21 4.57 -9.18
CA VAL A 5 12.75 4.57 -7.85
C VAL A 5 11.61 4.46 -6.89
N GLU A 6 10.54 5.22 -7.16
CA GLU A 6 9.35 5.23 -6.38
C GLU A 6 8.54 3.97 -6.46
N PHE A 7 8.74 3.15 -7.50
CA PHE A 7 8.21 1.82 -7.47
C PHE A 7 8.84 1.01 -6.39
N ASN A 8 10.17 1.11 -6.22
CA ASN A 8 10.98 0.37 -5.30
C ASN A 8 10.79 0.87 -3.91
N ASN A 9 10.53 2.18 -3.74
CA ASN A 9 10.14 2.75 -2.49
C ASN A 9 8.81 2.25 -2.04
N ALA A 10 7.87 2.03 -2.97
CA ALA A 10 6.63 1.37 -2.71
C ALA A 10 6.78 -0.08 -2.38
N ILE A 11 7.79 -0.79 -2.91
CA ILE A 11 8.13 -2.12 -2.51
C ILE A 11 8.64 -2.18 -1.12
N SER A 12 9.57 -1.27 -0.79
CA SER A 12 10.29 -1.14 0.43
C SER A 12 9.44 -1.12 1.65
N TYR A 13 8.26 -0.49 1.54
CA TYR A 13 7.30 -0.39 2.60
C TYR A 13 6.64 -1.70 2.87
N VAL A 14 6.09 -2.35 1.84
CA VAL A 14 5.43 -3.62 1.91
C VAL A 14 6.37 -4.71 2.32
N ASN A 15 7.63 -4.66 1.87
CA ASN A 15 8.71 -5.44 2.39
C ASN A 15 8.97 -5.28 3.84
N LYS A 16 9.04 -4.05 4.38
CA LYS A 16 9.20 -3.76 5.78
C LYS A 16 8.06 -4.24 6.60
N ILE A 17 6.82 -4.08 6.08
CA ILE A 17 5.61 -4.63 6.59
C ILE A 17 5.67 -6.12 6.73
N LYS A 18 6.07 -6.86 5.69
CA LYS A 18 6.34 -8.27 5.75
C LYS A 18 7.31 -8.63 6.82
N THR A 19 8.44 -7.90 6.92
CA THR A 19 9.48 -8.13 7.86
C THR A 19 9.08 -8.05 9.29
N ARG A 20 8.25 -7.08 9.71
CA ARG A 20 7.76 -7.05 11.06
C ARG A 20 6.55 -7.89 11.28
N PHE A 21 5.85 -8.32 10.21
CA PHE A 21 4.73 -9.21 10.29
C PHE A 21 5.07 -10.57 9.81
N LEU A 22 6.16 -11.17 10.32
CA LEU A 22 6.46 -12.56 10.14
C LEU A 22 5.67 -13.37 11.09
N ASP A 23 5.49 -12.82 12.31
CA ASP A 23 4.61 -13.31 13.33
C ASP A 23 3.18 -13.25 12.93
N HIS A 24 2.82 -12.34 12.01
CA HIS A 24 1.47 -12.08 11.60
C HIS A 24 1.32 -12.18 10.12
N PRO A 25 1.21 -13.29 9.45
CA PRO A 25 1.14 -13.31 8.01
C PRO A 25 -0.16 -12.85 7.46
N GLU A 26 -1.18 -12.76 8.32
CA GLU A 26 -2.56 -12.63 7.97
C GLU A 26 -2.95 -11.24 7.60
N ILE A 27 -2.15 -10.25 8.06
CA ILE A 27 -2.31 -8.85 7.83
C ILE A 27 -2.33 -8.52 6.37
N TYR A 28 -1.61 -9.33 5.56
CA TYR A 28 -1.61 -9.31 4.13
C TYR A 28 -2.94 -9.51 3.50
N ARG A 29 -3.94 -10.06 4.21
CA ARG A 29 -5.30 -10.06 3.76
C ARG A 29 -5.97 -8.76 4.00
N SER A 30 -6.10 -8.33 5.27
CA SER A 30 -6.98 -7.29 5.67
C SER A 30 -6.47 -5.89 5.47
N PHE A 31 -5.15 -5.70 5.39
CA PHE A 31 -4.53 -4.45 5.06
C PHE A 31 -4.86 -3.96 3.68
N LEU A 32 -4.54 -4.74 2.63
CA LEU A 32 -4.64 -4.33 1.26
C LEU A 32 -6.05 -4.10 0.84
N GLU A 33 -6.94 -4.96 1.35
CA GLU A 33 -8.37 -4.84 1.25
C GLU A 33 -8.96 -3.52 1.62
N ILE A 34 -8.33 -2.73 2.52
CA ILE A 34 -8.72 -1.39 2.82
C ILE A 34 -8.39 -0.46 1.71
N LEU A 35 -7.17 -0.50 1.13
CA LEU A 35 -6.83 0.24 -0.03
C LEU A 35 -7.67 -0.10 -1.21
N HIS A 36 -7.99 -1.40 -1.33
CA HIS A 36 -8.84 -1.99 -2.31
C HIS A 36 -10.27 -1.58 -2.20
N THR A 37 -10.71 -1.06 -1.03
CA THR A 37 -11.99 -0.44 -0.84
C THR A 37 -12.12 0.79 -1.66
N TYR A 38 -11.02 1.55 -1.82
CA TYR A 38 -10.93 2.63 -2.76
C TYR A 38 -10.76 2.13 -4.14
N GLN A 39 -9.66 1.40 -4.40
CA GLN A 39 -9.09 1.21 -5.70
C GLN A 39 -9.96 0.51 -6.68
N LYS A 40 -10.96 -0.25 -6.18
CA LYS A 40 -12.08 -0.83 -6.83
C LYS A 40 -12.83 0.06 -7.78
N GLU A 41 -13.15 1.29 -7.38
CA GLU A 41 -13.88 2.26 -8.13
C GLU A 41 -13.19 2.72 -9.38
N GLN A 42 -11.85 2.66 -9.42
CA GLN A 42 -11.08 2.99 -10.59
C GLN A 42 -11.11 1.90 -11.60
N LEU A 43 -11.17 0.64 -11.16
CA LEU A 43 -11.17 -0.52 -12.00
C LEU A 43 -12.54 -0.84 -12.50
N HIS A 44 -13.52 -0.91 -11.57
CA HIS A 44 -14.88 -1.27 -11.83
C HIS A 44 -15.73 -0.07 -11.54
N THR A 45 -15.68 0.93 -12.44
CA THR A 45 -16.26 2.23 -12.25
C THR A 45 -17.73 2.27 -12.42
N LYS A 46 -18.44 2.72 -11.37
CA LYS A 46 -19.86 2.62 -11.23
C LYS A 46 -20.60 3.78 -11.76
N GLY A 47 -20.60 3.95 -13.09
CA GLY A 47 -21.30 4.99 -13.78
C GLY A 47 -20.59 6.29 -13.81
N ARG A 48 -20.40 6.93 -12.64
CA ARG A 48 -19.76 8.19 -12.50
C ARG A 48 -18.27 8.06 -12.52
N PRO A 49 -17.49 8.91 -13.10
CA PRO A 49 -16.06 8.80 -13.03
C PRO A 49 -15.53 9.25 -11.72
N PHE A 50 -15.21 8.28 -10.84
CA PHE A 50 -14.83 8.47 -9.48
C PHE A 50 -13.52 7.81 -9.25
N ARG A 51 -12.75 8.29 -8.25
CA ARG A 51 -11.49 7.74 -7.86
C ARG A 51 -11.57 7.15 -6.50
N GLY A 52 -11.52 7.98 -5.45
CA GLY A 52 -11.45 7.55 -4.09
C GLY A 52 -12.22 8.43 -3.16
N MET A 53 -12.32 7.90 -1.92
CA MET A 53 -13.02 8.45 -0.80
C MET A 53 -12.14 9.38 -0.03
N SER A 54 -12.26 9.40 1.30
CA SER A 54 -11.31 10.06 2.15
C SER A 54 -10.03 9.29 2.20
N GLU A 55 -8.91 9.94 1.85
CA GLU A 55 -7.57 9.43 1.90
C GLU A 55 -7.17 9.17 3.31
N GLU A 56 -7.70 10.00 4.21
CA GLU A 56 -7.68 9.82 5.64
C GLU A 56 -8.32 8.57 6.13
N GLU A 57 -9.31 7.98 5.43
CA GLU A 57 -10.03 6.85 5.94
C GLU A 57 -9.25 5.60 5.67
N VAL A 58 -8.63 5.56 4.48
CA VAL A 58 -7.89 4.42 4.02
C VAL A 58 -6.72 4.21 4.94
N PHE A 59 -6.08 5.34 5.29
CA PHE A 59 -5.13 5.51 6.34
C PHE A 59 -5.62 5.06 7.67
N THR A 60 -6.76 5.58 8.17
CA THR A 60 -7.39 5.24 9.40
C THR A 60 -7.58 3.78 9.63
N GLU A 61 -8.09 3.04 8.62
CA GLU A 61 -8.39 1.65 8.82
C GLU A 61 -7.20 0.76 8.82
N VAL A 62 -6.08 1.16 8.19
CA VAL A 62 -4.82 0.48 8.22
C VAL A 62 -4.13 0.60 9.53
N ALA A 63 -4.42 1.68 10.27
CA ALA A 63 -3.82 2.00 11.52
C ALA A 63 -4.14 0.98 12.56
N ASN A 64 -5.35 0.39 12.44
CA ASN A 64 -5.79 -0.63 13.33
C ASN A 64 -5.00 -1.89 13.24
N LEU A 65 -4.51 -2.21 12.02
CA LEU A 65 -3.85 -3.44 11.69
C LEU A 65 -2.53 -3.50 12.39
N PHE A 66 -1.86 -2.32 12.41
CA PHE A 66 -0.48 -2.13 12.70
C PHE A 66 -0.29 -1.57 14.07
N ARG A 67 -1.40 -1.33 14.79
CA ARG A 67 -1.54 -0.50 15.94
C ARG A 67 -0.50 -0.64 17.00
N GLY A 68 0.19 0.49 17.26
CA GLY A 68 1.43 0.53 17.96
C GLY A 68 2.52 1.05 17.09
N GLN A 69 2.60 0.57 15.84
CA GLN A 69 3.65 0.94 14.92
C GLN A 69 3.35 2.18 14.15
N GLU A 70 3.82 3.34 14.67
CA GLU A 70 3.66 4.63 14.08
C GLU A 70 4.60 4.86 12.94
N ASP A 71 5.79 4.24 12.96
CA ASP A 71 6.84 4.34 12.01
C ASP A 71 6.37 4.04 10.62
N LEU A 72 5.51 3.01 10.49
CA LEU A 72 4.90 2.64 9.26
C LEU A 72 3.97 3.66 8.69
N LEU A 73 3.07 4.28 9.48
CA LEU A 73 2.14 5.25 9.00
C LEU A 73 2.79 6.54 8.65
N SER A 74 3.96 6.79 9.27
CA SER A 74 4.79 7.95 9.08
C SER A 74 5.36 8.01 7.71
N GLU A 75 6.02 6.93 7.25
CA GLU A 75 6.49 6.79 5.91
C GLU A 75 5.42 6.57 4.90
N PHE A 76 4.22 6.13 5.33
CA PHE A 76 3.07 5.98 4.51
C PHE A 76 2.54 7.28 4.02
N GLY A 77 2.89 8.39 4.69
CA GLY A 77 2.60 9.74 4.30
C GLY A 77 3.15 10.13 2.97
N GLN A 78 4.18 9.42 2.46
CA GLN A 78 4.69 9.61 1.14
C GLN A 78 3.76 9.24 0.03
N PHE A 79 2.76 8.38 0.31
CA PHE A 79 1.76 7.98 -0.63
C PHE A 79 0.59 8.89 -0.57
N LEU A 80 0.52 9.72 0.49
CA LEU A 80 -0.54 10.66 0.70
C LEU A 80 -0.06 12.07 0.79
N PRO A 81 -0.04 12.83 -0.26
CA PRO A 81 0.16 14.25 -0.23
C PRO A 81 -0.92 14.96 0.49
N GLU A 82 -0.66 15.48 1.71
CA GLU A 82 -1.66 15.99 2.58
C GLU A 82 -2.32 17.26 2.15
N ALA A 83 -1.52 18.32 1.92
CA ALA A 83 -2.05 19.63 1.66
C ALA A 83 -1.07 20.54 1.02
N LYS A 84 0.24 20.23 1.11
CA LYS A 84 1.37 21.02 0.77
C LYS A 84 1.66 22.06 1.79
N ARG A 85 2.06 21.60 2.99
CA ARG A 85 2.48 22.39 4.11
C ARG A 85 4.00 22.41 4.17
N VAL B 1 5.99 7.24 -12.69
CA VAL B 1 5.21 6.62 -11.60
C VAL B 1 4.78 7.64 -10.59
N ARG B 2 3.70 7.37 -9.84
CA ARG B 2 3.19 8.22 -8.81
C ARG B 2 3.04 7.46 -7.55
N MET B 3 3.55 8.00 -6.42
CA MET B 3 3.35 7.44 -5.13
C MET B 3 1.97 7.71 -4.64
N ASN B 4 1.05 6.77 -4.86
CA ASN B 4 -0.27 6.82 -4.29
C ASN B 4 -0.57 5.48 -3.70
N ILE B 5 -1.71 5.37 -2.99
CA ILE B 5 -2.29 4.19 -2.44
C ILE B 5 -2.48 3.12 -3.45
N GLN B 6 -2.80 3.53 -4.70
CA GLN B 6 -2.92 2.73 -5.88
C GLN B 6 -1.78 1.81 -6.17
N MET B 7 -0.52 2.26 -6.01
CA MET B 7 0.66 1.53 -6.32
C MET B 7 0.99 0.41 -5.40
N LEU B 8 0.56 0.46 -4.13
CA LEU B 8 0.69 -0.60 -3.18
C LEU B 8 0.12 -1.92 -3.59
N LEU B 9 -0.95 -1.88 -4.40
CA LEU B 9 -1.70 -3.06 -4.72
C LEU B 9 -1.00 -3.79 -5.83
N GLU B 10 -0.10 -3.08 -6.53
CA GLU B 10 0.82 -3.65 -7.46
C GLU B 10 2.02 -4.18 -6.74
N ALA B 11 2.65 -3.38 -5.88
CA ALA B 11 3.80 -3.72 -5.10
C ALA B 11 3.66 -4.94 -4.26
N ALA B 12 2.54 -5.10 -3.56
CA ALA B 12 2.18 -6.27 -2.82
C ALA B 12 2.10 -7.53 -3.62
N ASP B 13 1.58 -7.45 -4.86
CA ASP B 13 1.38 -8.55 -5.74
C ASP B 13 2.63 -8.94 -6.45
N TYR B 14 3.53 -7.96 -6.71
CA TYR B 14 4.87 -8.12 -7.15
C TYR B 14 5.70 -8.85 -6.16
N LEU B 15 5.59 -8.50 -4.86
CA LEU B 15 6.33 -9.08 -3.79
C LEU B 15 6.02 -10.51 -3.52
N GLU B 16 4.76 -10.93 -3.77
CA GLU B 16 4.34 -12.30 -3.81
C GLU B 16 5.13 -13.15 -4.74
N ARG B 17 5.45 -12.62 -5.92
CA ARG B 17 6.21 -13.30 -6.93
C ARG B 17 7.67 -13.39 -6.62
N ARG B 18 8.23 -12.52 -5.76
CA ARG B 18 9.60 -12.59 -5.37
C ARG B 18 9.91 -13.84 -4.62
N GLU B 19 9.06 -14.17 -3.62
CA GLU B 19 9.20 -15.32 -2.79
C GLU B 19 9.00 -16.59 -3.54
N ARG B 20 8.04 -16.64 -4.48
CA ARG B 20 7.81 -17.79 -5.31
C ARG B 20 8.85 -18.01 -6.36
N GLU B 21 9.59 -16.98 -6.77
CA GLU B 21 10.74 -17.06 -7.61
C GLU B 21 11.94 -17.60 -6.90
N ALA B 22 12.21 -17.11 -5.69
CA ALA B 22 13.34 -17.42 -4.87
C ALA B 22 13.57 -18.86 -4.60
N GLU B 23 12.50 -19.66 -4.57
CA GLU B 23 12.47 -21.09 -4.47
C GLU B 23 13.29 -21.79 -5.51
N HIS B 24 13.20 -21.34 -6.77
CA HIS B 24 13.77 -21.90 -7.95
C HIS B 24 13.32 -23.31 -8.30
N GLU A 1 20.35 -0.79 -14.00
CA GLU A 1 20.53 0.51 -13.31
C GLU A 1 19.28 0.90 -12.60
N SER A 2 18.15 0.90 -13.32
CA SER A 2 16.80 1.04 -12.85
C SER A 2 16.39 2.44 -12.54
N ASP A 3 15.37 2.91 -13.27
CA ASP A 3 14.79 4.21 -13.17
C ASP A 3 13.72 4.24 -12.14
N SER A 4 13.21 3.06 -11.74
CA SER A 4 12.19 2.83 -10.78
C SER A 4 12.63 2.97 -9.36
N VAL A 5 12.68 4.23 -8.89
CA VAL A 5 13.02 4.64 -7.56
C VAL A 5 11.85 4.49 -6.65
N GLU A 6 10.76 5.20 -6.99
CA GLU A 6 9.63 5.35 -6.12
C GLU A 6 8.77 4.12 -6.08
N PHE A 7 8.93 3.29 -7.12
CA PHE A 7 8.43 1.94 -7.10
C PHE A 7 9.08 1.15 -6.01
N ASN A 8 10.40 1.29 -5.81
CA ASN A 8 11.18 0.60 -4.84
C ASN A 8 10.91 1.11 -3.46
N ASN A 9 10.52 2.39 -3.34
CA ASN A 9 10.06 2.96 -2.11
C ASN A 9 8.74 2.42 -1.70
N ALA A 10 7.88 2.07 -2.66
CA ALA A 10 6.67 1.33 -2.42
C ALA A 10 6.96 -0.06 -1.97
N ILE A 11 7.88 -0.78 -2.63
CA ILE A 11 8.33 -2.08 -2.26
C ILE A 11 8.87 -2.12 -0.87
N SER A 12 9.73 -1.14 -0.53
CA SER A 12 10.31 -0.94 0.76
C SER A 12 9.32 -0.71 1.85
N TYR A 13 8.09 -0.29 1.51
CA TYR A 13 7.01 -0.21 2.45
C TYR A 13 6.40 -1.56 2.67
N VAL A 14 5.89 -2.23 1.62
CA VAL A 14 5.28 -3.52 1.70
C VAL A 14 6.18 -4.58 2.21
N ASN A 15 7.48 -4.55 1.88
CA ASN A 15 8.49 -5.39 2.44
C ASN A 15 8.72 -5.20 3.91
N LYS A 16 8.65 -3.97 4.45
CA LYS A 16 8.73 -3.77 5.87
C LYS A 16 7.53 -4.33 6.57
N ILE A 17 6.33 -4.18 5.98
CA ILE A 17 5.10 -4.76 6.41
C ILE A 17 5.19 -6.25 6.43
N LYS A 18 5.64 -6.90 5.35
CA LYS A 18 5.82 -8.31 5.27
C LYS A 18 6.81 -8.86 6.23
N THR A 19 7.89 -8.13 6.53
CA THR A 19 8.93 -8.48 7.44
C THR A 19 8.54 -8.30 8.87
N ARG A 20 7.78 -7.24 9.23
CA ARG A 20 7.33 -7.07 10.58
C ARG A 20 6.22 -7.99 10.95
N PHE A 21 5.24 -8.19 10.04
CA PHE A 21 4.10 -9.00 10.33
C PHE A 21 4.30 -10.44 10.01
N LEU A 22 5.45 -11.00 10.41
CA LEU A 22 5.73 -12.41 10.45
C LEU A 22 5.09 -13.05 11.63
N ASP A 23 4.97 -12.26 12.71
CA ASP A 23 4.26 -12.61 13.90
C ASP A 23 2.79 -12.41 13.74
N HIS A 24 2.35 -11.74 12.65
CA HIS A 24 0.98 -11.45 12.41
C HIS A 24 0.59 -11.56 10.98
N PRO A 25 0.67 -12.64 10.26
CA PRO A 25 0.39 -12.67 8.86
C PRO A 25 -1.06 -12.59 8.53
N GLU A 26 -1.96 -12.41 9.51
CA GLU A 26 -3.33 -12.05 9.26
C GLU A 26 -3.48 -10.64 8.79
N ILE A 27 -2.48 -9.77 9.05
CA ILE A 27 -2.47 -8.39 8.68
C ILE A 27 -2.43 -8.26 7.20
N TYR A 28 -1.47 -8.92 6.53
CA TYR A 28 -1.22 -8.88 5.13
C TYR A 28 -2.42 -9.12 4.29
N ARG A 29 -3.25 -10.11 4.67
CA ARG A 29 -4.49 -10.46 4.05
C ARG A 29 -5.56 -9.43 4.15
N SER A 30 -5.75 -8.78 5.32
CA SER A 30 -6.78 -7.81 5.50
C SER A 30 -6.40 -6.45 5.04
N PHE A 31 -5.13 -6.06 5.19
CA PHE A 31 -4.51 -4.83 4.79
C PHE A 31 -4.82 -4.35 3.43
N LEU A 32 -4.52 -5.15 2.38
CA LEU A 32 -4.59 -4.77 1.01
C LEU A 32 -6.00 -4.60 0.56
N GLU A 33 -6.90 -5.45 1.11
CA GLU A 33 -8.31 -5.28 0.98
C GLU A 33 -8.88 -3.97 1.37
N ILE A 34 -8.29 -3.26 2.36
CA ILE A 34 -8.65 -1.91 2.69
C ILE A 34 -8.25 -0.98 1.59
N LEU A 35 -7.06 -1.11 0.99
CA LEU A 35 -6.68 -0.30 -0.12
C LEU A 35 -7.42 -0.63 -1.37
N HIS A 36 -8.02 -1.83 -1.47
CA HIS A 36 -8.91 -2.18 -2.53
C HIS A 36 -10.20 -1.44 -2.49
N THR A 37 -10.72 -1.03 -1.32
CA THR A 37 -11.81 -0.13 -1.14
C THR A 37 -11.55 1.21 -1.77
N TYR A 38 -10.28 1.64 -1.78
CA TYR A 38 -9.82 2.81 -2.47
C TYR A 38 -9.81 2.64 -3.95
N GLN A 39 -9.10 1.60 -4.44
CA GLN A 39 -8.77 1.43 -5.82
C GLN A 39 -9.88 0.90 -6.68
N LYS A 40 -10.64 -0.12 -6.26
CA LYS A 40 -11.67 -0.80 -6.98
C LYS A 40 -12.81 0.07 -7.40
N GLU A 41 -13.18 1.03 -6.54
CA GLU A 41 -14.18 2.03 -6.79
C GLU A 41 -13.80 3.06 -7.78
N GLN A 42 -12.49 3.23 -8.05
CA GLN A 42 -11.96 4.15 -9.00
C GLN A 42 -11.75 3.49 -10.32
N LEU A 43 -10.68 2.66 -10.42
CA LEU A 43 -10.25 2.01 -11.61
C LEU A 43 -10.28 0.54 -11.42
N HIS A 44 -10.86 -0.22 -12.36
CA HIS A 44 -10.78 -1.65 -12.29
C HIS A 44 -10.88 -2.27 -13.65
N THR A 45 -12.08 -2.30 -14.26
CA THR A 45 -12.30 -2.83 -15.56
C THR A 45 -12.85 -1.79 -16.48
N LYS A 46 -13.98 -1.16 -16.12
CA LYS A 46 -14.73 -0.26 -16.94
C LYS A 46 -15.11 0.91 -16.10
N GLY A 47 -15.53 2.03 -16.72
CA GLY A 47 -16.01 3.21 -16.06
C GLY A 47 -17.37 3.06 -15.48
N ARG A 48 -17.44 2.49 -14.26
CA ARG A 48 -18.52 2.53 -13.34
C ARG A 48 -18.80 3.89 -12.80
N PRO A 49 -19.80 4.16 -12.02
CA PRO A 49 -19.88 5.38 -11.27
C PRO A 49 -18.79 5.48 -10.27
N PHE A 50 -18.01 6.57 -10.34
CA PHE A 50 -16.81 6.77 -9.58
C PHE A 50 -17.13 7.10 -8.17
N ARG A 51 -16.41 6.49 -7.21
CA ARG A 51 -16.60 6.71 -5.81
C ARG A 51 -15.26 6.97 -5.21
N GLY A 52 -14.75 6.10 -4.31
CA GLY A 52 -13.51 6.30 -3.65
C GLY A 52 -13.60 7.28 -2.53
N MET A 53 -13.29 6.81 -1.31
CA MET A 53 -13.38 7.57 -0.10
C MET A 53 -12.21 8.47 0.10
N SER A 54 -11.90 8.78 1.38
CA SER A 54 -10.84 9.65 1.79
C SER A 54 -9.61 8.88 2.10
N GLU A 55 -8.42 9.41 1.74
CA GLU A 55 -7.14 8.93 2.12
C GLU A 55 -7.00 8.69 3.58
N GLU A 56 -7.60 9.59 4.38
CA GLU A 56 -7.83 9.48 5.79
C GLU A 56 -8.36 8.18 6.28
N GLU A 57 -9.34 7.55 5.60
CA GLU A 57 -10.00 6.40 6.14
C GLU A 57 -9.22 5.15 5.85
N VAL A 58 -8.66 5.09 4.63
CA VAL A 58 -7.91 3.95 4.19
C VAL A 58 -6.69 3.74 5.02
N PHE A 59 -6.09 4.89 5.40
CA PHE A 59 -5.15 5.05 6.47
C PHE A 59 -5.66 4.63 7.81
N THR A 60 -6.81 5.14 8.29
CA THR A 60 -7.41 4.82 9.55
C THR A 60 -7.66 3.36 9.78
N GLU A 61 -8.10 2.64 8.74
CA GLU A 61 -8.36 1.24 8.78
C GLU A 61 -7.08 0.49 8.90
N VAL A 62 -6.09 0.73 8.02
CA VAL A 62 -4.77 0.17 8.07
C VAL A 62 -4.06 0.34 9.37
N ALA A 63 -4.30 1.50 10.01
CA ALA A 63 -3.73 1.94 11.25
C ALA A 63 -4.09 1.04 12.37
N ASN A 64 -5.33 0.51 12.38
CA ASN A 64 -5.73 -0.34 13.47
C ASN A 64 -5.06 -1.68 13.40
N LEU A 65 -4.76 -2.17 12.19
CA LEU A 65 -4.04 -3.39 12.01
C LEU A 65 -2.57 -3.24 12.25
N PHE A 66 -2.04 -2.02 12.14
CA PHE A 66 -0.64 -1.73 12.21
C PHE A 66 -0.30 -1.11 13.52
N ARG A 67 -1.26 -1.03 14.46
CA ARG A 67 -1.16 -0.25 15.66
C ARG A 67 -0.08 -0.67 16.59
N GLY A 68 0.70 0.33 17.06
CA GLY A 68 1.90 0.16 17.82
C GLY A 68 3.02 0.85 17.12
N GLN A 69 3.19 0.58 15.82
CA GLN A 69 4.26 1.11 15.03
C GLN A 69 3.84 2.22 14.14
N GLU A 70 4.19 3.46 14.53
CA GLU A 70 3.93 4.67 13.81
C GLU A 70 4.78 4.79 12.59
N ASP A 71 5.93 4.08 12.56
CA ASP A 71 6.92 3.99 11.54
C ASP A 71 6.37 3.73 10.18
N LEU A 72 5.40 2.81 10.10
CA LEU A 72 4.75 2.43 8.87
C LEU A 72 3.90 3.50 8.29
N LEU A 73 2.97 4.08 9.08
CA LEU A 73 2.05 5.08 8.64
C LEU A 73 2.70 6.37 8.30
N SER A 74 3.92 6.56 8.85
CA SER A 74 4.80 7.65 8.58
C SER A 74 5.29 7.63 7.17
N GLU A 75 5.79 6.47 6.69
CA GLU A 75 6.15 6.27 5.32
C GLU A 75 4.98 6.24 4.39
N PHE A 76 3.78 5.90 4.88
CA PHE A 76 2.58 5.92 4.10
C PHE A 76 2.25 7.29 3.62
N GLY A 77 2.72 8.30 4.38
CA GLY A 77 2.66 9.71 4.17
C GLY A 77 3.31 10.25 2.93
N GLN A 78 4.17 9.47 2.27
CA GLN A 78 4.83 9.81 1.05
C GLN A 78 3.98 10.35 -0.05
N PHE A 79 2.71 9.89 -0.12
CA PHE A 79 1.68 10.47 -0.91
C PHE A 79 0.67 11.14 -0.05
N LEU A 80 0.32 10.52 1.09
CA LEU A 80 -0.84 10.83 1.87
C LEU A 80 -0.65 11.97 2.82
N PRO A 81 -1.48 12.95 2.93
CA PRO A 81 -1.32 13.98 3.92
C PRO A 81 -1.52 13.52 5.32
N GLU A 82 -0.47 13.64 6.17
CA GLU A 82 -0.49 13.23 7.54
C GLU A 82 -1.24 14.21 8.39
N ALA A 83 -0.64 15.41 8.61
CA ALA A 83 -1.18 16.45 9.40
C ALA A 83 -1.04 17.76 8.69
N LYS A 84 0.07 17.88 7.93
CA LYS A 84 0.43 18.98 7.08
C LYS A 84 0.98 20.12 7.87
N ARG A 85 2.26 19.95 8.25
CA ARG A 85 3.02 20.80 9.11
C ARG A 85 4.15 21.48 8.34
N VAL B 1 3.60 6.71 -14.74
CA VAL B 1 3.68 6.17 -13.36
C VAL B 1 3.78 7.24 -12.34
N ARG B 2 2.90 7.22 -11.32
CA ARG B 2 2.84 8.15 -10.25
C ARG B 2 2.93 7.37 -8.99
N MET B 3 2.84 8.01 -7.80
CA MET B 3 2.66 7.32 -6.56
C MET B 3 1.23 7.00 -6.34
N ASN B 4 0.73 7.22 -5.10
CA ASN B 4 -0.59 6.94 -4.64
C ASN B 4 -0.73 5.49 -4.31
N ILE B 5 -1.81 5.12 -3.58
CA ILE B 5 -2.01 3.85 -2.96
C ILE B 5 -2.07 2.68 -3.88
N GLN B 6 -2.40 2.89 -5.17
CA GLN B 6 -2.28 1.92 -6.21
C GLN B 6 -0.96 1.24 -6.34
N MET B 7 0.15 1.94 -6.03
CA MET B 7 1.49 1.42 -6.05
C MET B 7 1.69 0.26 -5.15
N LEU B 8 1.12 0.29 -3.93
CA LEU B 8 1.09 -0.81 -3.02
C LEU B 8 0.49 -2.06 -3.55
N LEU B 9 -0.56 -1.92 -4.39
CA LEU B 9 -1.33 -3.04 -4.85
C LEU B 9 -0.64 -3.69 -5.99
N GLU B 10 0.29 -2.95 -6.64
CA GLU B 10 1.18 -3.48 -7.62
C GLU B 10 2.36 -4.11 -6.98
N ALA B 11 2.98 -3.40 -6.01
CA ALA B 11 4.09 -3.83 -5.20
C ALA B 11 3.83 -5.09 -4.45
N ALA B 12 2.63 -5.26 -3.85
CA ALA B 12 2.20 -6.46 -3.20
C ALA B 12 2.20 -7.67 -4.07
N ASP B 13 1.70 -7.57 -5.32
CA ASP B 13 1.75 -8.62 -6.28
C ASP B 13 3.14 -8.94 -6.70
N TYR B 14 3.98 -7.92 -6.97
CA TYR B 14 5.37 -8.04 -7.26
C TYR B 14 6.14 -8.79 -6.22
N LEU B 15 5.92 -8.49 -4.93
CA LEU B 15 6.54 -9.15 -3.83
C LEU B 15 6.05 -10.55 -3.62
N GLU B 16 4.78 -10.84 -3.96
CA GLU B 16 4.28 -12.19 -4.03
C GLU B 16 4.96 -13.02 -5.07
N ARG B 17 5.28 -12.46 -6.25
CA ARG B 17 6.03 -13.12 -7.26
C ARG B 17 7.44 -13.37 -6.88
N ARG B 18 8.06 -12.45 -6.11
CA ARG B 18 9.39 -12.54 -5.62
C ARG B 18 9.66 -13.70 -4.73
N GLU B 19 8.64 -14.20 -4.01
CA GLU B 19 8.66 -15.41 -3.26
C GLU B 19 8.91 -16.62 -4.09
N ARG B 20 8.32 -16.68 -5.29
CA ARG B 20 8.42 -17.78 -6.20
C ARG B 20 9.73 -17.76 -6.91
N GLU B 21 10.18 -16.56 -7.33
CA GLU B 21 11.42 -16.31 -7.99
C GLU B 21 12.64 -16.68 -7.22
N ALA B 22 12.56 -16.57 -5.87
CA ALA B 22 13.57 -16.79 -4.89
C ALA B 22 14.47 -17.98 -5.05
N GLU B 23 13.95 -19.09 -5.62
CA GLU B 23 14.66 -20.30 -5.86
C GLU B 23 15.91 -20.18 -6.68
N HIS B 24 15.93 -19.23 -7.63
CA HIS B 24 17.02 -18.96 -8.51
C HIS B 24 17.52 -20.18 -9.28
N GLU A 1 18.76 3.63 -17.23
CA GLU A 1 19.06 4.90 -16.53
C GLU A 1 18.29 5.00 -15.25
N SER A 2 16.94 4.98 -15.32
CA SER A 2 16.13 4.88 -14.15
C SER A 2 14.77 4.39 -14.49
N ASP A 3 14.29 3.35 -13.77
CA ASP A 3 12.97 2.83 -13.96
C ASP A 3 12.26 2.74 -12.65
N SER A 4 11.32 3.67 -12.41
CA SER A 4 10.45 3.74 -11.28
C SER A 4 11.05 3.63 -9.92
N VAL A 5 11.39 4.80 -9.35
CA VAL A 5 12.05 4.95 -8.09
C VAL A 5 11.08 4.68 -6.98
N GLU A 6 9.93 5.36 -7.02
CA GLU A 6 8.88 5.20 -6.05
C GLU A 6 8.17 3.89 -6.14
N PHE A 7 8.27 3.17 -7.27
CA PHE A 7 7.90 1.78 -7.26
C PHE A 7 8.71 1.00 -6.28
N ASN A 8 10.04 1.20 -6.24
CA ASN A 8 10.93 0.51 -5.35
C ASN A 8 10.87 1.01 -3.96
N ASN A 9 10.53 2.29 -3.72
CA ASN A 9 10.28 2.79 -2.39
C ASN A 9 9.00 2.24 -1.84
N ALA A 10 8.01 1.97 -2.72
CA ALA A 10 6.84 1.22 -2.40
C ALA A 10 7.15 -0.20 -2.13
N ILE A 11 7.97 -0.90 -2.94
CA ILE A 11 8.43 -2.23 -2.69
C ILE A 11 9.06 -2.38 -1.35
N SER A 12 10.01 -1.47 -1.06
CA SER A 12 10.73 -1.34 0.17
C SER A 12 9.85 -1.22 1.36
N TYR A 13 8.70 -0.54 1.22
CA TYR A 13 7.69 -0.37 2.22
C TYR A 13 6.95 -1.64 2.48
N VAL A 14 6.34 -2.25 1.45
CA VAL A 14 5.62 -3.49 1.55
C VAL A 14 6.48 -4.60 2.04
N ASN A 15 7.75 -4.67 1.61
CA ASN A 15 8.74 -5.54 2.16
C ASN A 15 8.96 -5.41 3.63
N LYS A 16 9.08 -4.19 4.18
CA LYS A 16 9.21 -3.99 5.59
C LYS A 16 7.99 -4.38 6.35
N ILE A 17 6.79 -4.16 5.80
CA ILE A 17 5.53 -4.60 6.31
C ILE A 17 5.48 -6.09 6.38
N LYS A 18 5.83 -6.77 5.28
CA LYS A 18 5.88 -8.19 5.18
C LYS A 18 6.86 -8.83 6.09
N THR A 19 8.01 -8.19 6.34
CA THR A 19 9.05 -8.65 7.20
C THR A 19 8.77 -8.41 8.65
N ARG A 20 8.15 -7.29 9.04
CA ARG A 20 7.84 -7.06 10.42
C ARG A 20 6.62 -7.79 10.88
N PHE A 21 5.54 -7.83 10.07
CA PHE A 21 4.34 -8.51 10.42
C PHE A 21 4.33 -9.95 10.03
N LEU A 22 5.45 -10.67 10.28
CA LEU A 22 5.54 -12.09 10.16
C LEU A 22 4.84 -12.78 11.28
N ASP A 23 4.84 -12.13 12.46
CA ASP A 23 4.08 -12.57 13.58
C ASP A 23 2.62 -12.34 13.38
N HIS A 24 2.24 -11.45 12.44
CA HIS A 24 0.88 -11.09 12.20
C HIS A 24 0.52 -11.25 10.76
N PRO A 25 0.45 -12.41 10.17
CA PRO A 25 0.35 -12.58 8.75
C PRO A 25 -0.99 -12.22 8.20
N GLU A 26 -2.02 -12.01 9.04
CA GLU A 26 -3.29 -11.51 8.64
C GLU A 26 -3.27 -10.08 8.24
N ILE A 27 -2.25 -9.31 8.68
CA ILE A 27 -2.07 -7.92 8.36
C ILE A 27 -1.83 -7.79 6.89
N TYR A 28 -0.92 -8.59 6.33
CA TYR A 28 -0.59 -8.64 4.94
C TYR A 28 -1.75 -8.73 4.03
N ARG A 29 -2.74 -9.60 4.35
CA ARG A 29 -3.94 -9.72 3.59
C ARG A 29 -4.92 -8.61 3.82
N SER A 30 -5.21 -8.23 5.09
CA SER A 30 -6.22 -7.27 5.39
C SER A 30 -5.86 -5.86 5.01
N PHE A 31 -4.58 -5.48 5.07
CA PHE A 31 -4.06 -4.21 4.64
C PHE A 31 -4.48 -3.84 3.27
N LEU A 32 -4.20 -4.71 2.29
CA LEU A 32 -4.50 -4.51 0.91
C LEU A 32 -5.96 -4.55 0.63
N GLU A 33 -6.67 -5.47 1.31
CA GLU A 33 -8.10 -5.56 1.31
C GLU A 33 -8.82 -4.29 1.59
N ILE A 34 -8.35 -3.49 2.56
CA ILE A 34 -8.80 -2.15 2.81
C ILE A 34 -8.49 -1.25 1.66
N LEU A 35 -7.26 -1.23 1.11
CA LEU A 35 -6.95 -0.41 -0.02
C LEU A 35 -7.72 -0.75 -1.26
N HIS A 36 -8.11 -2.03 -1.45
CA HIS A 36 -8.95 -2.52 -2.49
C HIS A 36 -10.36 -2.07 -2.42
N THR A 37 -10.85 -1.55 -1.28
CA THR A 37 -12.06 -0.78 -1.19
C THR A 37 -11.94 0.48 -1.97
N TYR A 38 -10.87 1.25 -1.74
CA TYR A 38 -10.53 2.46 -2.44
C TYR A 38 -10.24 2.25 -3.88
N GLN A 39 -9.21 1.45 -4.17
CA GLN A 39 -8.55 1.33 -5.44
C GLN A 39 -9.37 0.76 -6.53
N LYS A 40 -10.46 0.04 -6.19
CA LYS A 40 -11.43 -0.59 -7.03
C LYS A 40 -11.85 0.15 -8.26
N GLU A 41 -12.03 1.48 -8.14
CA GLU A 41 -12.25 2.44 -9.17
C GLU A 41 -11.29 2.39 -10.31
N GLN A 42 -10.01 2.07 -10.05
CA GLN A 42 -8.98 1.77 -10.99
C GLN A 42 -8.43 2.91 -11.75
N LEU A 43 -8.95 4.13 -11.53
CA LEU A 43 -8.49 5.38 -12.05
C LEU A 43 -8.43 5.41 -13.55
N HIS A 44 -9.50 4.98 -14.21
CA HIS A 44 -9.57 4.80 -15.64
C HIS A 44 -10.35 5.90 -16.26
N THR A 45 -11.56 6.19 -15.76
CA THR A 45 -12.35 7.30 -16.20
C THR A 45 -12.08 8.49 -15.35
N LYS A 46 -12.59 9.67 -15.76
CA LYS A 46 -12.48 10.89 -15.05
C LYS A 46 -13.84 11.49 -14.94
N GLY A 47 -14.24 11.98 -13.74
CA GLY A 47 -15.51 12.63 -13.63
C GLY A 47 -15.81 13.10 -12.26
N ARG A 48 -16.46 12.25 -11.44
CA ARG A 48 -16.95 12.62 -10.15
C ARG A 48 -16.24 11.90 -9.05
N PRO A 49 -16.19 12.39 -7.85
CA PRO A 49 -15.81 11.62 -6.70
C PRO A 49 -16.87 10.64 -6.32
N PHE A 50 -16.57 9.33 -6.42
CA PHE A 50 -17.45 8.28 -6.02
C PHE A 50 -16.62 7.10 -5.67
N ARG A 51 -17.07 6.28 -4.71
CA ARG A 51 -16.57 4.99 -4.34
C ARG A 51 -15.26 4.94 -3.64
N GLY A 52 -14.25 5.69 -4.12
CA GLY A 52 -12.95 5.80 -3.53
C GLY A 52 -12.83 6.86 -2.49
N MET A 53 -13.98 7.26 -1.92
CA MET A 53 -14.17 7.75 -0.59
C MET A 53 -13.26 8.83 -0.11
N SER A 54 -12.88 8.76 1.18
CA SER A 54 -11.81 9.53 1.74
C SER A 54 -10.62 8.67 2.01
N GLU A 55 -9.42 9.23 1.78
CA GLU A 55 -8.15 8.58 1.97
C GLU A 55 -7.87 8.39 3.42
N GLU A 56 -8.58 9.14 4.28
CA GLU A 56 -8.74 8.94 5.68
C GLU A 56 -9.33 7.64 6.10
N GLU A 57 -10.27 7.01 5.36
CA GLU A 57 -10.95 5.86 5.86
C GLU A 57 -10.13 4.65 5.58
N VAL A 58 -9.49 4.64 4.41
CA VAL A 58 -8.60 3.60 3.97
C VAL A 58 -7.44 3.51 4.92
N PHE A 59 -6.95 4.68 5.35
CA PHE A 59 -6.04 4.89 6.43
C PHE A 59 -6.53 4.38 7.75
N THR A 60 -7.76 4.74 8.18
CA THR A 60 -8.39 4.37 9.39
C THR A 60 -8.28 2.93 9.76
N GLU A 61 -8.52 2.03 8.79
CA GLU A 61 -8.42 0.62 9.05
C GLU A 61 -7.01 0.19 9.20
N VAL A 62 -6.12 0.43 8.21
CA VAL A 62 -4.74 0.06 8.17
C VAL A 62 -3.95 0.36 9.39
N ALA A 63 -4.27 1.51 10.03
CA ALA A 63 -3.66 1.98 11.23
C ALA A 63 -3.85 1.04 12.37
N ASN A 64 -5.05 0.45 12.50
CA ASN A 64 -5.35 -0.43 13.59
C ASN A 64 -4.69 -1.76 13.47
N LEU A 65 -4.46 -2.22 12.23
CA LEU A 65 -3.69 -3.38 11.89
C LEU A 65 -2.26 -3.27 12.33
N PHE A 66 -1.68 -2.08 12.11
CA PHE A 66 -0.27 -1.84 12.19
C PHE A 66 0.14 -1.43 13.57
N ARG A 67 -0.81 -0.81 14.30
CA ARG A 67 -0.75 -0.18 15.58
C ARG A 67 0.23 -0.69 16.57
N GLY A 68 1.26 0.14 16.83
CA GLY A 68 2.46 -0.21 17.52
C GLY A 68 3.63 0.29 16.76
N GLN A 69 3.62 0.08 15.42
CA GLN A 69 4.68 0.50 14.56
C GLN A 69 4.41 1.81 13.91
N GLU A 70 5.01 2.89 14.45
CA GLU A 70 4.78 4.24 14.03
C GLU A 70 5.45 4.58 12.74
N ASP A 71 6.62 3.95 12.49
CA ASP A 71 7.47 4.19 11.37
C ASP A 71 6.82 3.87 10.07
N LEU A 72 5.93 2.86 10.05
CA LEU A 72 5.17 2.52 8.89
C LEU A 72 4.13 3.53 8.51
N LEU A 73 3.35 4.09 9.45
CA LEU A 73 2.36 5.08 9.14
C LEU A 73 2.96 6.40 8.84
N SER A 74 4.22 6.60 9.30
CA SER A 74 5.06 7.70 8.98
C SER A 74 5.41 7.71 7.53
N GLU A 75 5.90 6.59 6.99
CA GLU A 75 6.13 6.39 5.60
C GLU A 75 4.88 6.32 4.78
N PHE A 76 3.71 6.01 5.37
CA PHE A 76 2.45 6.04 4.70
C PHE A 76 2.04 7.42 4.32
N GLY A 77 2.61 8.41 5.05
CA GLY A 77 2.55 9.83 4.85
C GLY A 77 3.10 10.33 3.57
N GLN A 78 3.87 9.53 2.82
CA GLN A 78 4.47 9.82 1.55
C GLN A 78 3.58 10.50 0.58
N PHE A 79 2.31 10.04 0.48
CA PHE A 79 1.29 10.61 -0.33
C PHE A 79 0.30 11.35 0.50
N LEU A 80 -0.16 10.74 1.61
CA LEU A 80 -1.35 11.14 2.28
C LEU A 80 -1.21 12.39 3.07
N PRO A 81 -2.24 13.12 3.38
CA PRO A 81 -2.13 14.30 4.19
C PRO A 81 -1.80 13.99 5.62
N GLU A 82 -0.55 14.26 6.03
CA GLU A 82 0.02 13.96 7.30
C GLU A 82 -0.66 14.67 8.42
N ALA A 83 -0.72 16.00 8.34
CA ALA A 83 -1.51 16.86 9.15
C ALA A 83 -1.88 17.99 8.25
N LYS A 84 -0.90 18.86 7.94
CA LYS A 84 -1.14 19.97 7.09
C LYS A 84 0.08 20.65 6.56
N ARG A 85 1.25 19.98 6.55
CA ARG A 85 2.41 20.50 5.90
C ARG A 85 2.46 20.06 4.44
N VAL B 1 4.58 7.28 -12.51
CA VAL B 1 5.08 8.67 -12.38
C VAL B 1 5.28 9.11 -10.97
N ARG B 2 4.24 9.58 -10.27
CA ARG B 2 4.34 10.03 -8.92
C ARG B 2 3.73 9.04 -8.00
N MET B 3 3.41 9.44 -6.75
CA MET B 3 2.87 8.57 -5.75
C MET B 3 1.39 8.74 -5.58
N ASN B 4 0.73 7.64 -5.16
CA ASN B 4 -0.61 7.54 -4.67
C ASN B 4 -0.58 6.34 -3.80
N ILE B 5 -1.70 5.92 -3.19
CA ILE B 5 -1.86 4.65 -2.55
C ILE B 5 -1.80 3.52 -3.51
N GLN B 6 -1.98 3.76 -4.82
CA GLN B 6 -2.00 2.80 -5.88
C GLN B 6 -0.88 1.81 -5.95
N MET B 7 0.38 2.25 -5.83
CA MET B 7 1.54 1.42 -5.96
C MET B 7 1.66 0.31 -4.98
N LEU B 8 0.99 0.42 -3.81
CA LEU B 8 0.94 -0.60 -2.82
C LEU B 8 0.42 -1.93 -3.27
N LEU B 9 -0.63 -1.89 -4.11
CA LEU B 9 -1.32 -3.06 -4.54
C LEU B 9 -0.61 -3.72 -5.67
N GLU B 10 0.29 -2.93 -6.30
CA GLU B 10 1.15 -3.33 -7.37
C GLU B 10 2.35 -4.02 -6.80
N ALA B 11 3.03 -3.32 -5.86
CA ALA B 11 4.15 -3.76 -5.11
C ALA B 11 3.89 -5.00 -4.31
N ALA B 12 2.71 -5.09 -3.67
CA ALA B 12 2.29 -6.27 -2.97
C ALA B 12 2.10 -7.47 -3.83
N ASP B 13 1.53 -7.34 -5.04
CA ASP B 13 1.34 -8.43 -5.94
C ASP B 13 2.63 -8.95 -6.46
N TYR B 14 3.56 -8.05 -6.83
CA TYR B 14 4.92 -8.30 -7.12
C TYR B 14 5.62 -9.06 -6.05
N LEU B 15 5.57 -8.59 -4.79
CA LEU B 15 6.20 -9.22 -3.68
C LEU B 15 5.61 -10.53 -3.28
N GLU B 16 4.29 -10.73 -3.47
CA GLU B 16 3.63 -12.00 -3.36
C GLU B 16 4.17 -13.01 -4.32
N ARG B 17 4.36 -12.62 -5.59
CA ARG B 17 4.91 -13.42 -6.63
C ARG B 17 6.34 -13.79 -6.42
N ARG B 18 7.14 -12.87 -5.86
CA ARG B 18 8.50 -13.07 -5.45
C ARG B 18 8.70 -14.18 -4.48
N GLU B 19 7.78 -14.32 -3.50
CA GLU B 19 7.79 -15.37 -2.52
C GLU B 19 7.67 -16.74 -3.11
N ARG B 20 6.74 -16.92 -4.06
CA ARG B 20 6.48 -18.17 -4.70
C ARG B 20 7.59 -18.59 -5.60
N GLU B 21 8.22 -17.64 -6.32
CA GLU B 21 9.37 -17.84 -7.14
C GLU B 21 10.53 -18.42 -6.41
N ALA B 22 10.79 -17.88 -5.20
CA ALA B 22 11.83 -18.33 -4.31
C ALA B 22 11.64 -19.70 -3.77
N GLU B 23 10.39 -20.17 -3.60
CA GLU B 23 10.08 -21.51 -3.21
C GLU B 23 10.23 -22.49 -4.33
N HIS B 24 9.67 -22.13 -5.49
CA HIS B 24 9.72 -22.81 -6.75
C HIS B 24 8.44 -23.57 -7.07
N GLU A 1 17.84 9.66 -14.09
CA GLU A 1 17.68 10.53 -12.91
C GLU A 1 16.54 10.08 -12.05
N SER A 2 15.30 10.07 -12.56
CA SER A 2 14.21 9.46 -11.83
C SER A 2 13.18 8.88 -12.72
N ASP A 3 12.89 7.57 -12.57
CA ASP A 3 11.79 6.91 -13.20
C ASP A 3 10.93 6.25 -12.18
N SER A 4 11.49 5.30 -11.43
CA SER A 4 10.76 4.34 -10.65
C SER A 4 11.17 4.34 -9.21
N VAL A 5 11.51 5.52 -8.68
CA VAL A 5 11.97 5.75 -7.35
C VAL A 5 10.94 5.43 -6.33
N GLU A 6 9.73 5.99 -6.52
CA GLU A 6 8.64 5.84 -5.61
C GLU A 6 7.92 4.55 -5.75
N PHE A 7 8.10 3.86 -6.90
CA PHE A 7 7.79 2.47 -7.04
C PHE A 7 8.55 1.64 -6.05
N ASN A 8 9.88 1.83 -5.93
CA ASN A 8 10.73 1.04 -5.11
C ASN A 8 10.59 1.39 -3.66
N ASN A 9 10.19 2.62 -3.33
CA ASN A 9 9.83 2.98 -2.00
C ASN A 9 8.55 2.35 -1.57
N ALA A 10 7.62 2.11 -2.50
CA ALA A 10 6.44 1.33 -2.25
C ALA A 10 6.78 -0.09 -1.99
N ILE A 11 7.69 -0.71 -2.79
CA ILE A 11 8.20 -2.02 -2.58
C ILE A 11 8.82 -2.18 -1.23
N SER A 12 9.70 -1.25 -0.83
CA SER A 12 10.33 -1.16 0.44
C SER A 12 9.37 -1.21 1.58
N TYR A 13 8.25 -0.49 1.46
CA TYR A 13 7.16 -0.44 2.40
C TYR A 13 6.47 -1.74 2.55
N VAL A 14 5.95 -2.34 1.46
CA VAL A 14 5.31 -3.61 1.44
C VAL A 14 6.21 -4.71 1.93
N ASN A 15 7.48 -4.71 1.52
CA ASN A 15 8.47 -5.60 2.03
C ASN A 15 8.67 -5.54 3.50
N LYS A 16 8.71 -4.34 4.12
CA LYS A 16 8.74 -4.17 5.54
C LYS A 16 7.51 -4.69 6.21
N ILE A 17 6.32 -4.46 5.64
CA ILE A 17 5.07 -4.97 6.09
C ILE A 17 5.02 -6.46 6.09
N LYS A 18 5.52 -7.12 5.02
CA LYS A 18 5.68 -8.54 5.00
C LYS A 18 6.60 -9.04 6.06
N THR A 19 7.81 -8.45 6.14
CA THR A 19 8.88 -8.85 7.00
C THR A 19 8.59 -8.66 8.44
N ARG A 20 7.90 -7.59 8.87
CA ARG A 20 7.62 -7.42 10.26
C ARG A 20 6.40 -8.15 10.71
N PHE A 21 5.36 -8.26 9.87
CA PHE A 21 4.20 -9.01 10.20
C PHE A 21 4.29 -10.44 9.76
N LEU A 22 5.43 -11.10 10.01
CA LEU A 22 5.60 -12.51 9.85
C LEU A 22 4.96 -13.26 10.96
N ASP A 23 5.04 -12.68 12.18
CA ASP A 23 4.33 -13.14 13.33
C ASP A 23 2.86 -12.95 13.20
N HIS A 24 2.40 -12.09 12.28
CA HIS A 24 1.01 -11.76 12.12
C HIS A 24 0.58 -11.89 10.70
N PRO A 25 0.36 -13.01 10.09
CA PRO A 25 0.05 -13.08 8.69
C PRO A 25 -1.32 -12.63 8.34
N GLU A 26 -2.15 -12.28 9.34
CA GLU A 26 -3.51 -11.86 9.21
C GLU A 26 -3.57 -10.49 8.61
N ILE A 27 -2.56 -9.67 8.96
CA ILE A 27 -2.46 -8.30 8.54
C ILE A 27 -2.28 -8.21 7.06
N TYR A 28 -1.58 -9.18 6.45
CA TYR A 28 -1.34 -9.25 5.05
C TYR A 28 -2.57 -9.45 4.24
N ARG A 29 -3.64 -10.00 4.83
CA ARG A 29 -4.94 -10.07 4.25
C ARG A 29 -5.68 -8.78 4.41
N SER A 30 -5.75 -8.24 5.64
CA SER A 30 -6.61 -7.14 5.97
C SER A 30 -6.11 -5.80 5.57
N PHE A 31 -4.77 -5.59 5.50
CA PHE A 31 -4.14 -4.40 5.04
C PHE A 31 -4.52 -3.99 3.65
N LEU A 32 -4.33 -4.89 2.67
CA LEU A 32 -4.49 -4.58 1.28
C LEU A 32 -5.93 -4.42 0.91
N GLU A 33 -6.79 -5.22 1.56
CA GLU A 33 -8.22 -5.07 1.59
C GLU A 33 -8.73 -3.70 1.81
N ILE A 34 -8.08 -2.89 2.67
CA ILE A 34 -8.39 -1.51 2.88
C ILE A 34 -7.96 -0.67 1.71
N LEU A 35 -6.77 -0.88 1.15
CA LEU A 35 -6.32 -0.13 0.01
C LEU A 35 -7.05 -0.46 -1.25
N HIS A 36 -7.55 -1.70 -1.39
CA HIS A 36 -8.38 -2.15 -2.46
C HIS A 36 -9.74 -1.52 -2.41
N THR A 37 -10.30 -1.23 -1.22
CA THR A 37 -11.50 -0.47 -1.04
C THR A 37 -11.44 0.86 -1.72
N TYR A 38 -10.25 1.48 -1.78
CA TYR A 38 -9.99 2.61 -2.62
C TYR A 38 -9.89 2.25 -4.06
N GLN A 39 -8.91 1.41 -4.43
CA GLN A 39 -8.54 1.25 -5.81
C GLN A 39 -9.49 0.52 -6.68
N LYS A 40 -10.43 -0.26 -6.13
CA LYS A 40 -11.55 -0.88 -6.76
C LYS A 40 -12.40 0.00 -7.60
N GLU A 41 -12.49 1.30 -7.25
CA GLU A 41 -13.08 2.33 -8.04
C GLU A 41 -12.44 2.54 -9.38
N GLN A 42 -11.13 2.28 -9.49
CA GLN A 42 -10.37 2.42 -10.70
C GLN A 42 -10.35 1.15 -11.49
N LEU A 43 -9.59 0.15 -11.01
CA LEU A 43 -9.31 -1.09 -11.67
C LEU A 43 -8.94 -0.98 -13.11
N HIS A 44 -9.88 -1.34 -14.01
CA HIS A 44 -9.68 -1.44 -15.42
C HIS A 44 -10.03 -0.21 -16.17
N THR A 45 -10.29 0.94 -15.50
CA THR A 45 -10.57 2.17 -16.18
C THR A 45 -9.51 3.20 -15.99
N LYS A 46 -9.33 4.00 -17.04
CA LYS A 46 -8.60 5.24 -17.07
C LYS A 46 -9.59 6.31 -17.41
N GLY A 47 -9.23 7.59 -17.23
CA GLY A 47 -10.02 8.69 -17.67
C GLY A 47 -11.08 9.14 -16.72
N ARG A 48 -11.63 8.23 -15.90
CA ARG A 48 -12.70 8.48 -14.98
C ARG A 48 -12.43 9.52 -13.95
N PRO A 49 -13.39 10.16 -13.35
CA PRO A 49 -13.15 11.13 -12.32
C PRO A 49 -12.47 10.60 -11.11
N PHE A 50 -11.39 11.26 -10.64
CA PHE A 50 -10.68 10.89 -9.46
C PHE A 50 -11.31 11.49 -8.26
N ARG A 51 -11.63 10.66 -7.26
CA ARG A 51 -12.14 11.08 -5.99
C ARG A 51 -11.36 10.40 -4.91
N GLY A 52 -11.77 9.19 -4.49
CA GLY A 52 -11.10 8.43 -3.48
C GLY A 52 -11.61 8.71 -2.11
N MET A 53 -12.90 8.42 -1.86
CA MET A 53 -13.52 8.33 -0.58
C MET A 53 -13.17 9.41 0.39
N SER A 54 -12.65 9.01 1.56
CA SER A 54 -11.70 9.78 2.31
C SER A 54 -10.38 9.10 2.21
N GLU A 55 -9.33 9.79 1.71
CA GLU A 55 -7.99 9.33 1.68
C GLU A 55 -7.44 9.09 3.05
N GLU A 56 -7.92 9.84 4.05
CA GLU A 56 -7.80 9.57 5.44
C GLU A 56 -8.23 8.22 5.92
N GLU A 57 -9.21 7.55 5.27
CA GLU A 57 -9.83 6.39 5.84
C GLU A 57 -9.01 5.17 5.58
N VAL A 58 -8.31 5.19 4.43
CA VAL A 58 -7.45 4.13 4.01
C VAL A 58 -6.25 4.02 4.88
N PHE A 59 -5.85 5.19 5.41
CA PHE A 59 -4.96 5.37 6.52
C PHE A 59 -5.56 4.91 7.80
N THR A 60 -6.74 5.42 8.19
CA THR A 60 -7.44 5.14 9.41
C THR A 60 -7.63 3.70 9.73
N GLU A 61 -8.03 2.88 8.75
CA GLU A 61 -8.23 1.48 8.97
C GLU A 61 -6.93 0.81 9.20
N VAL A 62 -5.92 0.96 8.34
CA VAL A 62 -4.59 0.44 8.47
C VAL A 62 -3.94 0.72 9.79
N ALA A 63 -4.27 1.87 10.39
CA ALA A 63 -3.72 2.34 11.62
C ALA A 63 -4.14 1.51 12.79
N ASN A 64 -5.32 0.88 12.73
CA ASN A 64 -5.77 0.02 13.78
C ASN A 64 -5.17 -1.35 13.68
N LEU A 65 -4.84 -1.77 12.45
CA LEU A 65 -4.15 -2.99 12.15
C LEU A 65 -2.73 -2.95 12.62
N PHE A 66 -2.06 -1.82 12.34
CA PHE A 66 -0.64 -1.64 12.43
C PHE A 66 -0.29 -1.01 13.73
N ARG A 67 -1.26 -0.94 14.66
CA ARG A 67 -1.27 -0.12 15.83
C ARG A 67 -0.05 -0.21 16.69
N GLY A 68 0.53 0.95 17.03
CA GLY A 68 1.78 1.04 17.72
C GLY A 68 2.95 1.24 16.81
N GLN A 69 2.89 0.69 15.58
CA GLN A 69 4.00 0.69 14.67
C GLN A 69 3.90 1.80 13.69
N GLU A 70 4.24 3.00 14.19
CA GLU A 70 4.15 4.28 13.54
C GLU A 70 5.20 4.48 12.51
N ASP A 71 6.28 3.68 12.56
CA ASP A 71 7.35 3.58 11.63
C ASP A 71 6.88 3.26 10.24
N LEU A 72 5.76 2.52 10.12
CA LEU A 72 5.12 2.22 8.88
C LEU A 72 4.31 3.36 8.37
N LEU A 73 3.43 3.95 9.19
CA LEU A 73 2.51 4.99 8.82
C LEU A 73 3.17 6.27 8.44
N SER A 74 4.43 6.45 8.89
CA SER A 74 5.27 7.55 8.53
C SER A 74 5.64 7.58 7.09
N GLU A 75 6.10 6.44 6.53
CA GLU A 75 6.32 6.25 5.13
C GLU A 75 5.07 6.12 4.33
N PHE A 76 3.94 5.78 4.98
CA PHE A 76 2.65 5.82 4.35
C PHE A 76 2.20 7.21 4.08
N GLY A 77 2.76 8.16 4.84
CA GLY A 77 2.50 9.58 4.84
C GLY A 77 2.95 10.33 3.64
N GLN A 78 3.85 9.79 2.80
CA GLN A 78 4.41 10.48 1.68
C GLN A 78 3.39 10.94 0.68
N PHE A 79 2.48 10.04 0.32
CA PHE A 79 1.31 10.32 -0.45
C PHE A 79 0.28 11.04 0.35
N LEU A 80 -0.02 10.51 1.55
CA LEU A 80 -1.22 10.82 2.26
C LEU A 80 -1.14 12.09 3.04
N PRO A 81 -2.19 12.80 3.32
CA PRO A 81 -2.11 14.04 4.05
C PRO A 81 -1.83 13.85 5.50
N GLU A 82 -0.60 14.16 5.96
CA GLU A 82 -0.19 13.96 7.31
C GLU A 82 -0.65 15.02 8.26
N ALA A 83 -0.08 16.23 8.15
CA ALA A 83 -0.28 17.26 9.13
C ALA A 83 -0.08 18.59 8.47
N LYS A 84 1.19 19.04 8.38
CA LYS A 84 1.60 20.06 7.46
C LYS A 84 3.07 19.96 7.25
N ARG A 85 3.50 18.95 6.49
CA ARG A 85 4.80 18.76 5.93
C ARG A 85 5.98 18.81 6.89
N VAL B 1 5.96 12.21 -10.62
CA VAL B 1 5.43 10.90 -10.20
C VAL B 1 5.00 10.96 -8.78
N ARG B 2 3.86 10.36 -8.42
CA ARG B 2 3.39 10.26 -7.07
C ARG B 2 3.22 8.82 -6.74
N MET B 3 3.53 8.40 -5.50
CA MET B 3 3.12 7.10 -5.03
C MET B 3 1.70 7.07 -4.57
N ASN B 4 0.72 7.13 -5.49
CA ASN B 4 -0.67 6.98 -5.16
C ASN B 4 -0.90 5.57 -4.77
N ILE B 5 -1.84 5.29 -3.83
CA ILE B 5 -1.96 4.05 -3.13
C ILE B 5 -2.16 2.85 -3.99
N GLN B 6 -2.67 3.00 -5.22
CA GLN B 6 -2.67 2.05 -6.29
C GLN B 6 -1.41 1.27 -6.48
N MET B 7 -0.24 1.91 -6.26
CA MET B 7 1.06 1.34 -6.22
C MET B 7 1.20 0.15 -5.34
N LEU B 8 0.54 0.18 -4.16
CA LEU B 8 0.67 -0.83 -3.15
C LEU B 8 0.03 -2.14 -3.49
N LEU B 9 -1.06 -2.09 -4.28
CA LEU B 9 -1.74 -3.26 -4.76
C LEU B 9 -1.03 -3.87 -5.92
N GLU B 10 -0.15 -3.09 -6.59
CA GLU B 10 0.73 -3.58 -7.60
C GLU B 10 1.95 -4.21 -7.00
N ALA B 11 2.59 -3.50 -6.06
CA ALA B 11 3.75 -3.89 -5.32
C ALA B 11 3.55 -5.15 -4.55
N ALA B 12 2.37 -5.35 -3.94
CA ALA B 12 2.02 -6.54 -3.24
C ALA B 12 1.97 -7.77 -4.10
N ASP B 13 1.49 -7.66 -5.35
CA ASP B 13 1.44 -8.78 -6.26
C ASP B 13 2.79 -9.12 -6.77
N TYR B 14 3.61 -8.10 -7.09
CA TYR B 14 4.99 -8.17 -7.47
C TYR B 14 5.85 -8.86 -6.48
N LEU B 15 5.72 -8.51 -5.18
CA LEU B 15 6.52 -9.05 -4.12
C LEU B 15 6.23 -10.47 -3.74
N GLU B 16 5.04 -11.00 -4.05
CA GLU B 16 4.76 -12.39 -3.94
C GLU B 16 5.59 -13.24 -4.83
N ARG B 17 5.84 -12.74 -6.06
CA ARG B 17 6.59 -13.43 -7.07
C ARG B 17 8.03 -13.58 -6.73
N ARG B 18 8.56 -12.73 -5.83
CA ARG B 18 9.89 -12.84 -5.31
C ARG B 18 10.06 -13.98 -4.37
N GLU B 19 9.00 -14.37 -3.64
CA GLU B 19 9.04 -15.46 -2.71
C GLU B 19 9.02 -16.79 -3.38
N ARG B 20 8.25 -16.94 -4.46
CA ARG B 20 8.23 -18.15 -5.24
C ARG B 20 9.54 -18.48 -5.85
N GLU B 21 10.27 -17.45 -6.29
CA GLU B 21 11.60 -17.50 -6.81
C GLU B 21 12.59 -17.88 -5.77
N ALA B 22 12.53 -17.23 -4.60
CA ALA B 22 13.40 -17.47 -3.48
C ALA B 22 13.29 -18.84 -2.90
N GLU B 23 12.06 -19.37 -2.76
CA GLU B 23 11.84 -20.64 -2.15
C GLU B 23 12.19 -21.80 -3.03
N HIS B 24 12.07 -21.62 -4.36
CA HIS B 24 12.29 -22.59 -5.38
C HIS B 24 11.49 -23.88 -5.24
N GLU A 1 22.20 3.52 -12.53
CA GLU A 1 22.08 3.40 -11.06
C GLU A 1 20.68 3.03 -10.70
N SER A 2 19.71 3.97 -10.71
CA SER A 2 18.35 3.58 -10.56
C SER A 2 17.37 4.39 -11.36
N ASP A 3 16.26 3.73 -11.69
CA ASP A 3 15.22 4.20 -12.56
C ASP A 3 13.93 4.22 -11.82
N SER A 4 13.47 3.05 -11.32
CA SER A 4 12.24 2.91 -10.64
C SER A 4 12.39 3.10 -9.16
N VAL A 5 12.53 4.38 -8.76
CA VAL A 5 12.85 4.82 -7.44
C VAL A 5 11.63 4.76 -6.58
N GLU A 6 10.54 5.39 -7.05
CA GLU A 6 9.31 5.46 -6.32
C GLU A 6 8.60 4.16 -6.22
N PHE A 7 8.83 3.28 -7.21
CA PHE A 7 8.37 1.93 -7.14
C PHE A 7 9.00 1.19 -6.00
N ASN A 8 10.31 1.35 -5.79
CA ASN A 8 11.07 0.61 -4.83
C ASN A 8 10.88 1.15 -3.46
N ASN A 9 10.55 2.45 -3.32
CA ASN A 9 10.08 3.01 -2.09
C ASN A 9 8.77 2.46 -1.67
N ALA A 10 7.89 2.09 -2.61
CA ALA A 10 6.72 1.34 -2.32
C ALA A 10 7.03 -0.06 -1.92
N ILE A 11 7.88 -0.79 -2.66
CA ILE A 11 8.29 -2.13 -2.38
C ILE A 11 8.87 -2.29 -1.02
N SER A 12 9.81 -1.39 -0.67
CA SER A 12 10.46 -1.27 0.60
C SER A 12 9.51 -1.18 1.74
N TYR A 13 8.40 -0.44 1.56
CA TYR A 13 7.34 -0.28 2.52
C TYR A 13 6.59 -1.55 2.72
N VAL A 14 6.06 -2.18 1.65
CA VAL A 14 5.38 -3.43 1.69
C VAL A 14 6.20 -4.53 2.26
N ASN A 15 7.47 -4.64 1.85
CA ASN A 15 8.42 -5.54 2.41
C ASN A 15 8.66 -5.41 3.87
N LYS A 16 8.73 -4.16 4.42
CA LYS A 16 8.88 -3.92 5.81
C LYS A 16 7.73 -4.38 6.64
N ILE A 17 6.51 -4.16 6.14
CA ILE A 17 5.27 -4.63 6.67
C ILE A 17 5.26 -6.12 6.71
N LYS A 18 5.56 -6.77 5.56
CA LYS A 18 5.58 -8.19 5.41
C LYS A 18 6.56 -8.86 6.30
N THR A 19 7.72 -8.23 6.54
CA THR A 19 8.76 -8.71 7.40
C THR A 19 8.47 -8.58 8.86
N ARG A 20 7.79 -7.54 9.36
CA ARG A 20 7.50 -7.49 10.76
C ARG A 20 6.23 -8.15 11.15
N PHE A 21 5.21 -8.18 10.27
CA PHE A 21 3.99 -8.89 10.53
C PHE A 21 4.07 -10.31 10.11
N LEU A 22 5.11 -11.05 10.54
CA LEU A 22 5.25 -12.46 10.37
C LEU A 22 4.54 -13.22 11.44
N ASP A 23 4.48 -12.65 12.66
CA ASP A 23 3.68 -13.18 13.72
C ASP A 23 2.23 -12.93 13.49
N HIS A 24 1.89 -11.98 12.62
CA HIS A 24 0.55 -11.62 12.30
C HIS A 24 0.34 -11.62 10.83
N PRO A 25 0.38 -12.70 10.11
CA PRO A 25 0.38 -12.70 8.67
C PRO A 25 -0.96 -12.42 8.08
N GLU A 26 -2.00 -12.21 8.91
CA GLU A 26 -3.32 -11.84 8.52
C GLU A 26 -3.40 -10.38 8.24
N ILE A 27 -2.47 -9.57 8.77
CA ILE A 27 -2.39 -8.17 8.49
C ILE A 27 -1.98 -7.99 7.07
N TYR A 28 -1.09 -8.85 6.55
CA TYR A 28 -0.64 -8.85 5.20
C TYR A 28 -1.72 -9.12 4.21
N ARG A 29 -2.84 -9.75 4.61
CA ARG A 29 -4.03 -9.73 3.83
C ARG A 29 -4.80 -8.47 4.03
N SER A 30 -5.28 -8.16 5.24
CA SER A 30 -6.31 -7.18 5.43
C SER A 30 -5.88 -5.76 5.31
N PHE A 31 -4.57 -5.46 5.44
CA PHE A 31 -3.95 -4.24 5.03
C PHE A 31 -4.34 -3.84 3.66
N LEU A 32 -4.14 -4.75 2.69
CA LEU A 32 -4.35 -4.53 1.29
C LEU A 32 -5.80 -4.51 0.92
N GLU A 33 -6.59 -5.38 1.56
CA GLU A 33 -8.02 -5.40 1.46
C GLU A 33 -8.66 -4.06 1.69
N ILE A 34 -8.19 -3.28 2.66
CA ILE A 34 -8.56 -1.91 2.88
C ILE A 34 -8.13 -1.02 1.76
N LEU A 35 -6.88 -1.09 1.27
CA LEU A 35 -6.43 -0.31 0.16
C LEU A 35 -7.12 -0.59 -1.12
N HIS A 36 -7.62 -1.82 -1.32
CA HIS A 36 -8.45 -2.21 -2.41
C HIS A 36 -9.81 -1.61 -2.35
N THR A 37 -10.35 -1.34 -1.15
CA THR A 37 -11.55 -0.59 -0.93
C THR A 37 -11.46 0.81 -1.44
N TYR A 38 -10.25 1.39 -1.44
CA TYR A 38 -9.97 2.56 -2.22
C TYR A 38 -9.84 2.24 -3.67
N GLN A 39 -8.84 1.43 -4.06
CA GLN A 39 -8.37 1.45 -5.41
C GLN A 39 -9.25 0.82 -6.43
N LYS A 40 -10.20 -0.05 -6.04
CA LYS A 40 -11.22 -0.64 -6.85
C LYS A 40 -12.02 0.34 -7.64
N GLU A 41 -12.22 1.55 -7.09
CA GLU A 41 -12.95 2.62 -7.70
C GLU A 41 -12.32 3.15 -8.95
N GLN A 42 -11.00 2.96 -9.13
CA GLN A 42 -10.27 3.35 -10.29
C GLN A 42 -10.41 2.40 -11.43
N LEU A 43 -10.81 1.14 -11.16
CA LEU A 43 -10.85 0.10 -12.12
C LEU A 43 -12.18 -0.04 -12.80
N HIS A 44 -13.08 0.94 -12.63
CA HIS A 44 -14.44 0.86 -13.05
C HIS A 44 -14.66 1.35 -14.44
N THR A 45 -14.42 2.65 -14.71
CA THR A 45 -14.59 3.19 -16.03
C THR A 45 -13.80 4.45 -16.19
N LYS A 46 -13.51 4.83 -17.45
CA LYS A 46 -12.57 5.86 -17.77
C LYS A 46 -13.23 7.03 -18.40
N GLY A 47 -13.33 8.16 -17.67
CA GLY A 47 -13.93 9.36 -18.17
C GLY A 47 -14.54 10.22 -17.12
N ARG A 48 -15.14 9.60 -16.10
CA ARG A 48 -15.72 10.31 -15.00
C ARG A 48 -14.83 10.23 -13.81
N PRO A 49 -14.95 11.01 -12.78
CA PRO A 49 -14.14 10.88 -11.60
C PRO A 49 -14.31 9.59 -10.89
N PHE A 50 -13.20 8.96 -10.45
CA PHE A 50 -13.20 7.66 -9.85
C PHE A 50 -13.89 7.61 -8.52
N ARG A 51 -13.61 8.60 -7.65
CA ARG A 51 -14.15 8.75 -6.33
C ARG A 51 -13.72 7.68 -5.39
N GLY A 52 -12.65 7.95 -4.63
CA GLY A 52 -12.05 7.03 -3.71
C GLY A 52 -12.07 7.60 -2.32
N MET A 53 -13.28 7.72 -1.76
CA MET A 53 -13.57 8.06 -0.40
C MET A 53 -12.76 9.17 0.19
N SER A 54 -12.34 9.05 1.45
CA SER A 54 -11.30 9.85 2.04
C SER A 54 -10.04 9.07 2.12
N GLU A 55 -8.89 9.69 1.83
CA GLU A 55 -7.59 9.11 2.00
C GLU A 55 -7.28 8.81 3.42
N GLU A 56 -7.85 9.61 4.35
CA GLU A 56 -7.86 9.38 5.76
C GLU A 56 -8.41 8.09 6.22
N GLU A 57 -9.38 7.45 5.52
CA GLU A 57 -10.03 6.31 6.06
C GLU A 57 -9.24 5.07 5.78
N VAL A 58 -8.59 5.03 4.60
CA VAL A 58 -7.81 3.93 4.17
C VAL A 58 -6.60 3.76 5.04
N PHE A 59 -6.11 4.93 5.49
CA PHE A 59 -5.22 5.13 6.58
C PHE A 59 -5.77 4.67 7.90
N THR A 60 -6.93 5.20 8.35
CA THR A 60 -7.56 4.89 9.59
C THR A 60 -7.76 3.44 9.85
N GLU A 61 -8.21 2.69 8.82
CA GLU A 61 -8.46 1.29 8.92
C GLU A 61 -7.18 0.54 9.06
N VAL A 62 -6.16 0.80 8.23
CA VAL A 62 -4.84 0.24 8.32
C VAL A 62 -4.17 0.41 9.65
N ALA A 63 -4.40 1.60 10.26
CA ALA A 63 -3.82 2.05 11.48
C ALA A 63 -4.22 1.19 12.63
N ASN A 64 -5.46 0.68 12.61
CA ASN A 64 -5.94 -0.13 13.69
C ASN A 64 -5.35 -1.49 13.69
N LEU A 65 -4.97 -2.01 12.51
CA LEU A 65 -4.22 -3.23 12.42
C LEU A 65 -2.80 -3.08 12.81
N PHE A 66 -2.22 -1.88 12.59
CA PHE A 66 -0.81 -1.61 12.68
C PHE A 66 -0.47 -0.94 13.96
N ARG A 67 -1.41 -0.87 14.92
CA ARG A 67 -1.36 0.06 16.00
C ARG A 67 -0.18 0.00 16.91
N GLY A 68 0.59 1.10 16.95
CA GLY A 68 1.84 1.19 17.62
C GLY A 68 2.98 1.40 16.67
N GLN A 69 2.93 0.74 15.49
CA GLN A 69 3.96 0.74 14.51
C GLN A 69 3.92 1.92 13.60
N GLU A 70 4.29 3.06 14.18
CA GLU A 70 4.23 4.39 13.65
C GLU A 70 5.09 4.65 12.47
N ASP A 71 6.24 3.95 12.37
CA ASP A 71 7.25 4.06 11.38
C ASP A 71 6.82 3.58 10.03
N LEU A 72 5.76 2.76 9.98
CA LEU A 72 5.07 2.38 8.79
C LEU A 72 4.19 3.44 8.26
N LEU A 73 3.30 4.01 9.10
CA LEU A 73 2.33 4.99 8.74
C LEU A 73 2.91 6.29 8.30
N SER A 74 4.14 6.58 8.74
CA SER A 74 4.89 7.74 8.36
C SER A 74 5.33 7.71 6.93
N GLU A 75 5.78 6.54 6.47
CA GLU A 75 6.11 6.26 5.10
C GLU A 75 4.91 6.05 4.24
N PHE A 76 3.75 5.76 4.82
CA PHE A 76 2.48 5.75 4.15
C PHE A 76 2.10 7.10 3.64
N GLY A 77 2.63 8.14 4.30
CA GLY A 77 2.62 9.54 3.96
C GLY A 77 3.08 9.88 2.59
N GLN A 78 3.79 8.98 1.91
CA GLN A 78 4.22 9.08 0.54
C GLN A 78 3.14 9.45 -0.43
N PHE A 79 1.91 8.95 -0.21
CA PHE A 79 0.75 9.40 -0.91
C PHE A 79 0.03 10.41 -0.09
N LEU A 80 -0.20 10.08 1.20
CA LEU A 80 -1.28 10.61 1.98
C LEU A 80 -1.10 11.99 2.50
N PRO A 81 -2.01 12.90 2.35
CA PRO A 81 -1.95 14.18 3.00
C PRO A 81 -2.19 14.15 4.47
N GLU A 82 -1.21 14.50 5.31
CA GLU A 82 -1.39 14.70 6.72
C GLU A 82 -2.12 15.96 7.02
N ALA A 83 -1.53 17.11 6.61
CA ALA A 83 -1.98 18.41 6.98
C ALA A 83 -2.21 19.23 5.75
N LYS A 84 -1.30 19.09 4.77
CA LYS A 84 -1.24 19.75 3.50
C LYS A 84 -0.89 21.19 3.62
N ARG A 85 0.32 21.44 4.15
CA ARG A 85 0.88 22.74 4.37
C ARG A 85 2.07 22.97 3.45
N VAL B 1 0.68 10.27 -12.91
CA VAL B 1 0.53 9.48 -11.67
C VAL B 1 1.84 9.17 -11.04
N ARG B 2 2.21 9.90 -9.97
CA ARG B 2 3.40 9.62 -9.22
C ARG B 2 3.06 9.45 -7.78
N MET B 3 3.11 8.19 -7.31
CA MET B 3 2.84 7.74 -5.98
C MET B 3 1.40 7.79 -5.63
N ASN B 4 0.88 6.67 -5.12
CA ASN B 4 -0.52 6.50 -4.84
C ASN B 4 -0.61 5.31 -3.97
N ILE B 5 -1.77 5.06 -3.34
CA ILE B 5 -2.05 3.81 -2.70
C ILE B 5 -2.26 2.73 -3.71
N GLN B 6 -2.73 3.04 -4.93
CA GLN B 6 -2.84 2.14 -6.03
C GLN B 6 -1.62 1.33 -6.32
N MET B 7 -0.43 1.93 -6.23
CA MET B 7 0.83 1.28 -6.37
C MET B 7 1.13 0.25 -5.34
N LEU B 8 0.53 0.32 -4.13
CA LEU B 8 0.73 -0.63 -3.08
C LEU B 8 0.20 -1.99 -3.36
N LEU B 9 -0.96 -2.06 -4.04
CA LEU B 9 -1.56 -3.30 -4.42
C LEU B 9 -0.80 -3.94 -5.54
N GLU B 10 -0.04 -3.14 -6.31
CA GLU B 10 0.80 -3.68 -7.33
C GLU B 10 2.07 -4.20 -6.74
N ALA B 11 2.69 -3.45 -5.81
CA ALA B 11 3.83 -3.84 -5.04
C ALA B 11 3.63 -5.07 -4.21
N ALA B 12 2.44 -5.27 -3.63
CA ALA B 12 2.10 -6.43 -2.87
C ALA B 12 2.02 -7.71 -3.65
N ASP B 13 1.31 -7.73 -4.80
CA ASP B 13 1.24 -8.87 -5.66
C ASP B 13 2.49 -9.10 -6.43
N TYR B 14 3.33 -8.07 -6.58
CA TYR B 14 4.69 -8.15 -7.02
C TYR B 14 5.53 -8.89 -6.02
N LEU B 15 5.40 -8.60 -4.72
CA LEU B 15 6.16 -9.24 -3.68
C LEU B 15 5.81 -10.67 -3.44
N GLU B 16 4.62 -11.11 -3.86
CA GLU B 16 4.30 -12.50 -4.03
C GLU B 16 5.10 -13.14 -5.11
N ARG B 17 5.17 -12.49 -6.29
CA ARG B 17 5.93 -12.90 -7.43
C ARG B 17 7.39 -12.96 -7.20
N ARG B 18 7.96 -12.07 -6.36
CA ARG B 18 9.33 -12.09 -5.94
C ARG B 18 9.78 -13.37 -5.31
N GLU B 19 8.89 -14.06 -4.56
CA GLU B 19 9.15 -15.34 -4.00
C GLU B 19 9.35 -16.43 -5.01
N ARG B 20 8.66 -16.34 -6.16
CA ARG B 20 8.82 -17.23 -7.26
C ARG B 20 10.06 -16.90 -8.02
N GLU B 21 10.23 -15.62 -8.36
CA GLU B 21 11.31 -15.01 -9.09
C GLU B 21 12.69 -15.35 -8.66
N ALA B 22 12.86 -15.76 -7.39
CA ALA B 22 14.03 -16.34 -6.82
C ALA B 22 14.66 -17.46 -7.59
N GLU B 23 13.89 -18.23 -8.37
CA GLU B 23 14.38 -19.23 -9.26
C GLU B 23 15.24 -18.69 -10.37
N HIS B 24 14.94 -17.46 -10.82
CA HIS B 24 15.59 -16.68 -11.83
C HIS B 24 15.61 -17.26 -13.24
N GLU A 1 15.43 3.74 -20.11
CA GLU A 1 15.76 2.52 -19.35
C GLU A 1 14.77 2.20 -18.29
N SER A 2 14.45 3.19 -17.42
CA SER A 2 13.49 3.13 -16.36
C SER A 2 14.00 2.42 -15.16
N ASP A 3 14.11 3.15 -14.03
CA ASP A 3 14.61 2.64 -12.78
C ASP A 3 13.49 2.22 -11.90
N SER A 4 12.38 2.97 -11.93
CA SER A 4 11.21 2.79 -11.13
C SER A 4 11.45 2.99 -9.67
N VAL A 5 11.92 4.21 -9.33
CA VAL A 5 12.46 4.60 -8.07
C VAL A 5 11.46 4.56 -6.98
N GLU A 6 10.36 5.32 -7.15
CA GLU A 6 9.31 5.39 -6.19
C GLU A 6 8.53 4.13 -6.07
N PHE A 7 8.53 3.33 -7.16
CA PHE A 7 7.98 2.02 -7.16
C PHE A 7 8.74 1.12 -6.24
N ASN A 8 10.08 1.22 -6.25
CA ASN A 8 11.00 0.37 -5.57
C ASN A 8 11.12 0.76 -4.13
N ASN A 9 10.79 2.03 -3.80
CA ASN A 9 10.58 2.48 -2.47
C ASN A 9 9.29 2.00 -1.91
N ALA A 10 8.24 1.80 -2.73
CA ALA A 10 7.05 1.11 -2.34
C ALA A 10 7.28 -0.34 -2.13
N ILE A 11 8.10 -1.01 -2.94
CA ILE A 11 8.52 -2.36 -2.73
C ILE A 11 9.17 -2.55 -1.41
N SER A 12 10.17 -1.71 -1.11
CA SER A 12 10.88 -1.74 0.14
C SER A 12 10.03 -1.46 1.34
N TYR A 13 8.95 -0.66 1.21
CA TYR A 13 7.95 -0.47 2.21
C TYR A 13 7.17 -1.71 2.49
N VAL A 14 6.57 -2.35 1.46
CA VAL A 14 5.84 -3.57 1.60
C VAL A 14 6.67 -4.69 2.09
N ASN A 15 7.93 -4.79 1.61
CA ASN A 15 8.90 -5.68 2.14
C ASN A 15 9.21 -5.50 3.59
N LYS A 16 9.40 -4.25 4.07
CA LYS A 16 9.58 -3.91 5.45
C LYS A 16 8.40 -4.30 6.29
N ILE A 17 7.18 -4.08 5.78
CA ILE A 17 5.95 -4.57 6.32
C ILE A 17 5.92 -6.05 6.46
N LYS A 18 6.26 -6.84 5.43
CA LYS A 18 6.35 -8.27 5.50
C LYS A 18 7.30 -8.77 6.53
N THR A 19 8.52 -8.20 6.60
CA THR A 19 9.54 -8.52 7.54
C THR A 19 9.19 -8.15 8.95
N ARG A 20 8.44 -7.07 9.20
CA ARG A 20 7.88 -6.81 10.49
C ARG A 20 6.77 -7.75 10.82
N PHE A 21 5.77 -7.89 9.94
CA PHE A 21 4.57 -8.64 10.14
C PHE A 21 4.73 -10.10 9.93
N LEU A 22 5.82 -10.69 10.46
CA LEU A 22 5.99 -12.09 10.61
C LEU A 22 5.14 -12.57 11.73
N ASP A 23 5.03 -11.73 12.77
CA ASP A 23 4.12 -11.88 13.86
C ASP A 23 2.70 -11.63 13.47
N HIS A 24 2.44 -10.95 12.36
CA HIS A 24 1.12 -10.52 12.00
C HIS A 24 0.70 -10.92 10.62
N PRO A 25 0.57 -12.15 10.24
CA PRO A 25 0.41 -12.53 8.86
C PRO A 25 -0.96 -12.32 8.32
N GLU A 26 -1.97 -12.15 9.19
CA GLU A 26 -3.36 -12.01 8.86
C GLU A 26 -3.64 -10.73 8.17
N ILE A 27 -2.83 -9.71 8.51
CA ILE A 27 -2.87 -8.34 8.09
C ILE A 27 -2.51 -8.17 6.65
N TYR A 28 -1.81 -9.17 6.08
CA TYR A 28 -1.50 -9.23 4.68
C TYR A 28 -2.71 -9.34 3.82
N ARG A 29 -3.87 -9.78 4.36
CA ARG A 29 -5.13 -9.53 3.75
C ARG A 29 -5.66 -8.15 4.01
N SER A 30 -5.89 -7.79 5.29
CA SER A 30 -6.73 -6.68 5.64
C SER A 30 -6.17 -5.33 5.34
N PHE A 31 -4.84 -5.15 5.39
CA PHE A 31 -4.17 -3.96 4.97
C PHE A 31 -4.49 -3.58 3.56
N LEU A 32 -4.36 -4.52 2.61
CA LEU A 32 -4.58 -4.27 1.23
C LEU A 32 -6.03 -4.14 0.90
N GLU A 33 -6.88 -4.96 1.52
CA GLU A 33 -8.31 -4.91 1.38
C GLU A 33 -8.93 -3.59 1.67
N ILE A 34 -8.42 -2.81 2.64
CA ILE A 34 -8.81 -1.46 2.89
C ILE A 34 -8.43 -0.55 1.78
N LEU A 35 -7.21 -0.64 1.21
CA LEU A 35 -6.86 0.13 0.06
C LEU A 35 -7.63 -0.21 -1.17
N HIS A 36 -7.92 -1.51 -1.36
CA HIS A 36 -8.73 -2.04 -2.41
C HIS A 36 -10.14 -1.57 -2.36
N THR A 37 -10.69 -1.22 -1.19
CA THR A 37 -11.96 -0.57 -1.01
C THR A 37 -12.08 0.68 -1.80
N TYR A 38 -11.00 1.48 -1.91
CA TYR A 38 -10.94 2.54 -2.87
C TYR A 38 -10.67 2.00 -4.23
N GLN A 39 -9.51 1.35 -4.39
CA GLN A 39 -8.85 1.14 -5.65
C GLN A 39 -9.58 0.29 -6.63
N LYS A 40 -10.44 -0.63 -6.17
CA LYS A 40 -11.31 -1.46 -6.96
C LYS A 40 -12.24 -0.73 -7.86
N GLU A 41 -12.80 0.41 -7.42
CA GLU A 41 -13.73 1.17 -8.20
C GLU A 41 -13.12 1.91 -9.35
N GLN A 42 -11.82 2.22 -9.31
CA GLN A 42 -11.16 3.12 -10.21
C GLN A 42 -10.99 2.70 -11.62
N LEU A 43 -11.25 1.43 -11.98
CA LEU A 43 -11.20 0.96 -13.33
C LEU A 43 -12.43 1.32 -14.10
N HIS A 44 -13.14 0.36 -14.73
CA HIS A 44 -14.25 0.67 -15.57
C HIS A 44 -15.60 0.62 -14.94
N THR A 45 -15.75 0.33 -13.63
CA THR A 45 -17.03 0.06 -13.06
C THR A 45 -18.02 1.17 -13.10
N LYS A 46 -19.30 0.80 -13.26
CA LYS A 46 -20.41 1.65 -13.59
C LYS A 46 -21.24 1.99 -12.40
N GLY A 47 -22.42 2.60 -12.61
CA GLY A 47 -23.37 2.87 -11.58
C GLY A 47 -23.50 4.34 -11.32
N ARG A 48 -22.67 4.87 -10.39
CA ARG A 48 -22.69 6.24 -10.01
C ARG A 48 -21.33 6.82 -10.20
N PRO A 49 -21.08 8.10 -10.13
CA PRO A 49 -19.75 8.62 -10.03
C PRO A 49 -19.15 8.41 -8.69
N PHE A 50 -17.85 8.73 -8.55
CA PHE A 50 -17.08 8.73 -7.34
C PHE A 50 -16.56 7.39 -6.94
N ARG A 51 -15.23 7.36 -6.69
CA ARG A 51 -14.47 6.17 -6.42
C ARG A 51 -13.69 6.34 -5.17
N GLY A 52 -12.59 7.11 -5.22
CA GLY A 52 -11.72 7.39 -4.12
C GLY A 52 -12.28 8.39 -3.16
N MET A 53 -12.67 7.84 -2.01
CA MET A 53 -13.17 8.41 -0.79
C MET A 53 -12.21 9.32 -0.11
N SER A 54 -12.20 9.33 1.24
CA SER A 54 -11.18 9.96 2.00
C SER A 54 -9.96 9.11 2.08
N GLU A 55 -8.79 9.62 1.67
CA GLU A 55 -7.51 9.04 1.94
C GLU A 55 -7.23 8.90 3.40
N GLU A 56 -7.86 9.77 4.22
CA GLU A 56 -7.93 9.64 5.64
C GLU A 56 -8.59 8.39 6.12
N GLU A 57 -9.56 7.77 5.41
CA GLU A 57 -10.25 6.62 5.90
C GLU A 57 -9.47 5.38 5.66
N VAL A 58 -8.80 5.36 4.50
CA VAL A 58 -7.98 4.28 4.03
C VAL A 58 -6.80 4.11 4.92
N PHE A 59 -6.30 5.26 5.42
CA PHE A 59 -5.46 5.40 6.57
C PHE A 59 -6.08 4.93 7.83
N THR A 60 -7.24 5.49 8.25
CA THR A 60 -7.94 5.23 9.46
C THR A 60 -8.14 3.81 9.82
N GLU A 61 -8.51 2.95 8.86
CA GLU A 61 -8.65 1.55 9.12
C GLU A 61 -7.33 0.88 9.29
N VAL A 62 -6.37 1.02 8.36
CA VAL A 62 -5.03 0.51 8.39
C VAL A 62 -4.30 0.77 9.66
N ALA A 63 -4.57 1.93 10.29
CA ALA A 63 -4.00 2.37 11.52
C ALA A 63 -4.26 1.44 12.66
N ASN A 64 -5.43 0.79 12.67
CA ASN A 64 -5.75 -0.14 13.73
C ASN A 64 -5.03 -1.44 13.56
N LEU A 65 -4.77 -1.84 12.30
CA LEU A 65 -4.13 -3.05 11.93
C LEU A 65 -2.69 -3.02 12.33
N PHE A 66 -2.09 -1.83 12.15
CA PHE A 66 -0.69 -1.58 12.22
C PHE A 66 -0.30 -1.21 13.60
N ARG A 67 -1.25 -1.17 14.55
CA ARG A 67 -1.11 -0.60 15.85
C ARG A 67 -0.16 -1.29 16.76
N GLY A 68 0.71 -0.47 17.36
CA GLY A 68 1.96 -0.86 17.94
C GLY A 68 3.05 -0.17 17.19
N GLN A 69 3.17 -0.45 15.88
CA GLN A 69 4.19 0.10 15.04
C GLN A 69 3.74 1.26 14.24
N GLU A 70 4.01 2.46 14.77
CA GLU A 70 3.63 3.73 14.24
C GLU A 70 4.42 4.18 13.05
N ASP A 71 5.67 3.71 12.91
CA ASP A 71 6.58 4.12 11.89
C ASP A 71 6.07 3.87 10.51
N LEU A 72 5.29 2.79 10.33
CA LEU A 72 4.71 2.44 9.08
C LEU A 72 3.69 3.40 8.59
N LEU A 73 2.89 4.07 9.45
CA LEU A 73 1.95 5.06 9.03
C LEU A 73 2.60 6.34 8.66
N SER A 74 3.81 6.57 9.22
CA SER A 74 4.65 7.69 8.91
C SER A 74 5.12 7.61 7.49
N GLU A 75 5.53 6.40 7.07
CA GLU A 75 5.84 6.09 5.71
C GLU A 75 4.67 6.04 4.79
N PHE A 76 3.47 5.71 5.30
CA PHE A 76 2.25 5.73 4.57
C PHE A 76 1.88 7.12 4.12
N GLY A 77 2.38 8.15 4.83
CA GLY A 77 2.18 9.53 4.54
C GLY A 77 2.82 9.98 3.27
N GLN A 78 3.80 9.22 2.77
CA GLN A 78 4.49 9.48 1.53
C GLN A 78 3.65 9.16 0.34
N PHE A 79 2.64 8.28 0.53
CA PHE A 79 1.72 7.87 -0.48
C PHE A 79 0.51 8.74 -0.45
N LEU A 80 0.39 9.59 0.57
CA LEU A 80 -0.69 10.52 0.70
C LEU A 80 -0.23 11.94 0.62
N PRO A 81 0.01 12.50 -0.53
CA PRO A 81 0.54 13.83 -0.66
C PRO A 81 -0.48 14.88 -0.36
N GLU A 82 -0.07 16.15 -0.25
CA GLU A 82 -0.94 17.24 0.03
C GLU A 82 -1.56 17.79 -1.20
N ALA A 83 -0.80 18.53 -2.03
CA ALA A 83 -1.31 19.11 -3.23
C ALA A 83 -0.23 19.31 -4.24
N LYS A 84 1.01 19.49 -3.79
CA LYS A 84 2.21 19.68 -4.56
C LYS A 84 2.35 21.09 -5.01
N ARG A 85 2.02 22.05 -4.12
CA ARG A 85 2.01 23.45 -4.43
C ARG A 85 3.38 24.10 -4.34
N VAL B 1 0.77 5.98 -12.91
CA VAL B 1 1.33 5.41 -11.67
C VAL B 1 2.43 6.24 -11.10
N ARG B 2 2.20 6.82 -9.91
CA ARG B 2 3.16 7.57 -9.15
C ARG B 2 2.93 7.16 -7.73
N MET B 3 3.65 7.76 -6.76
CA MET B 3 3.54 7.50 -5.36
C MET B 3 2.23 7.85 -4.74
N ASN B 4 1.24 6.95 -4.92
CA ASN B 4 -0.07 6.99 -4.32
C ASN B 4 -0.41 5.61 -3.88
N ILE B 5 -1.54 5.45 -3.17
CA ILE B 5 -2.03 4.25 -2.58
C ILE B 5 -2.13 3.08 -3.48
N GLN B 6 -2.46 3.26 -4.79
CA GLN B 6 -2.47 2.25 -5.78
C GLN B 6 -1.24 1.40 -5.86
N MET B 7 -0.05 2.00 -5.69
CA MET B 7 1.23 1.39 -5.86
C MET B 7 1.56 0.37 -4.82
N LEU B 8 0.92 0.44 -3.63
CA LEU B 8 0.98 -0.56 -2.63
C LEU B 8 0.42 -1.88 -3.05
N LEU B 9 -0.65 -1.84 -3.86
CA LEU B 9 -1.39 -3.00 -4.26
C LEU B 9 -0.70 -3.66 -5.39
N GLU B 10 0.15 -2.88 -6.07
CA GLU B 10 0.99 -3.33 -7.15
C GLU B 10 2.21 -3.97 -6.62
N ALA B 11 2.88 -3.31 -5.65
CA ALA B 11 4.01 -3.79 -4.93
C ALA B 11 3.74 -5.06 -4.18
N ALA B 12 2.56 -5.18 -3.53
CA ALA B 12 2.16 -6.36 -2.83
C ALA B 12 2.04 -7.58 -3.68
N ASP B 13 1.44 -7.48 -4.87
CA ASP B 13 1.33 -8.58 -5.78
C ASP B 13 2.62 -8.90 -6.44
N TYR B 14 3.42 -7.88 -6.81
CA TYR B 14 4.76 -8.00 -7.30
C TYR B 14 5.67 -8.75 -6.39
N LEU B 15 5.64 -8.45 -5.08
CA LEU B 15 6.46 -9.10 -4.10
C LEU B 15 6.05 -10.51 -3.82
N GLU B 16 4.75 -10.84 -3.89
CA GLU B 16 4.27 -12.19 -3.86
C GLU B 16 4.78 -13.03 -4.98
N ARG B 17 4.98 -12.43 -6.16
CA ARG B 17 5.62 -13.03 -7.30
C ARG B 17 7.10 -13.14 -7.19
N ARG B 18 7.78 -12.23 -6.47
CA ARG B 18 9.17 -12.31 -6.17
C ARG B 18 9.54 -13.48 -5.33
N GLU B 19 8.62 -13.97 -4.47
CA GLU B 19 8.82 -15.12 -3.65
C GLU B 19 9.01 -16.38 -4.41
N ARG B 20 8.45 -16.47 -5.64
CA ARG B 20 8.64 -17.58 -6.52
C ARG B 20 10.00 -17.69 -7.11
N GLU B 21 10.79 -16.61 -7.15
CA GLU B 21 12.17 -16.60 -7.52
C GLU B 21 12.99 -17.21 -6.44
N ALA B 22 12.71 -16.83 -5.18
CA ALA B 22 13.37 -17.26 -3.98
C ALA B 22 13.35 -18.73 -3.72
N GLU B 23 12.42 -19.48 -4.34
CA GLU B 23 12.34 -20.90 -4.33
C GLU B 23 13.46 -21.61 -5.02
N HIS B 24 14.19 -20.95 -5.94
CA HIS B 24 15.33 -21.55 -6.56
C HIS B 24 16.62 -21.41 -5.78
N GLU A 1 14.18 -2.91 -10.60
CA GLU A 1 15.03 -3.07 -11.80
C GLU A 1 15.75 -1.79 -12.05
N SER A 2 15.14 -0.87 -12.83
CA SER A 2 15.69 0.41 -13.13
C SER A 2 14.53 1.21 -13.62
N ASP A 3 14.63 2.55 -13.59
CA ASP A 3 13.61 3.50 -13.96
C ASP A 3 12.48 3.60 -12.98
N SER A 4 11.99 2.46 -12.47
CA SER A 4 10.88 2.38 -11.57
C SER A 4 11.24 2.59 -10.14
N VAL A 5 11.44 3.87 -9.79
CA VAL A 5 11.82 4.39 -8.51
C VAL A 5 10.69 4.31 -7.54
N GLU A 6 9.50 4.76 -7.98
CA GLU A 6 8.32 4.82 -7.19
C GLU A 6 7.62 3.51 -7.06
N PHE A 7 7.94 2.54 -7.94
CA PHE A 7 7.63 1.19 -7.64
C PHE A 7 8.42 0.75 -6.46
N ASN A 8 9.74 1.00 -6.43
CA ASN A 8 10.64 0.53 -5.42
C ASN A 8 10.40 1.15 -4.09
N ASN A 9 10.01 2.44 -4.01
CA ASN A 9 9.69 3.04 -2.75
C ASN A 9 8.43 2.51 -2.15
N ALA A 10 7.45 2.16 -3.00
CA ALA A 10 6.29 1.44 -2.58
C ALA A 10 6.60 0.04 -2.18
N ILE A 11 7.53 -0.66 -2.86
CA ILE A 11 7.98 -1.97 -2.53
C ILE A 11 8.55 -2.03 -1.16
N SER A 12 9.51 -1.13 -0.87
CA SER A 12 10.20 -1.05 0.38
C SER A 12 9.31 -0.88 1.56
N TYR A 13 8.16 -0.20 1.39
CA TYR A 13 7.14 -0.10 2.39
C TYR A 13 6.47 -1.41 2.64
N VAL A 14 5.91 -2.07 1.61
CA VAL A 14 5.29 -3.36 1.69
C VAL A 14 6.21 -4.43 2.18
N ASN A 15 7.48 -4.40 1.75
CA ASN A 15 8.53 -5.24 2.23
C ASN A 15 8.81 -5.11 3.69
N LYS A 16 8.88 -3.91 4.27
CA LYS A 16 9.00 -3.71 5.68
C LYS A 16 7.84 -4.25 6.43
N ILE A 17 6.62 -4.06 5.89
CA ILE A 17 5.39 -4.59 6.38
C ILE A 17 5.43 -6.08 6.44
N LYS A 18 5.81 -6.75 5.33
CA LYS A 18 5.96 -8.16 5.22
C LYS A 18 6.99 -8.73 6.14
N THR A 19 8.10 -8.00 6.36
CA THR A 19 9.17 -8.39 7.24
C THR A 19 8.81 -8.34 8.68
N ARG A 20 8.03 -7.34 9.14
CA ARG A 20 7.64 -7.27 10.51
C ARG A 20 6.45 -8.09 10.84
N PHE A 21 5.49 -8.28 9.90
CA PHE A 21 4.34 -9.10 10.08
C PHE A 21 4.55 -10.51 9.67
N LEU A 22 5.70 -11.11 10.04
CA LEU A 22 5.94 -12.52 9.88
C LEU A 22 5.22 -13.30 10.93
N ASP A 23 5.19 -12.73 12.14
CA ASP A 23 4.42 -13.16 13.26
C ASP A 23 2.96 -12.99 13.08
N HIS A 24 2.53 -12.14 12.13
CA HIS A 24 1.15 -11.80 11.94
C HIS A 24 0.80 -11.84 10.50
N PRO A 25 0.74 -12.95 9.82
CA PRO A 25 0.52 -13.01 8.41
C PRO A 25 -0.89 -12.72 8.02
N GLU A 26 -1.75 -12.45 9.01
CA GLU A 26 -3.13 -12.10 8.92
C GLU A 26 -3.27 -10.74 8.31
N ILE A 27 -2.31 -9.85 8.61
CA ILE A 27 -2.33 -8.46 8.27
C ILE A 27 -2.24 -8.27 6.80
N TYR A 28 -1.42 -9.10 6.12
CA TYR A 28 -1.16 -9.05 4.72
C TYR A 28 -2.39 -9.18 3.88
N ARG A 29 -3.42 -9.89 4.35
CA ARG A 29 -4.72 -9.90 3.74
C ARG A 29 -5.49 -8.64 3.97
N SER A 30 -5.75 -8.25 5.22
CA SER A 30 -6.72 -7.25 5.54
C SER A 30 -6.28 -5.86 5.19
N PHE A 31 -4.95 -5.60 5.23
CA PHE A 31 -4.35 -4.38 4.79
C PHE A 31 -4.73 -3.96 3.41
N LEU A 32 -4.56 -4.84 2.42
CA LEU A 32 -4.79 -4.53 1.04
C LEU A 32 -6.23 -4.35 0.72
N GLU A 33 -7.08 -5.15 1.38
CA GLU A 33 -8.51 -5.11 1.34
C GLU A 33 -9.08 -3.74 1.52
N ILE A 34 -8.56 -2.99 2.50
CA ILE A 34 -8.83 -1.60 2.76
C ILE A 34 -8.34 -0.74 1.65
N LEU A 35 -7.10 -0.88 1.14
CA LEU A 35 -6.64 -0.10 0.03
C LEU A 35 -7.32 -0.35 -1.26
N HIS A 36 -7.98 -1.52 -1.44
CA HIS A 36 -8.79 -1.80 -2.59
C HIS A 36 -10.07 -1.03 -2.60
N THR A 37 -10.66 -0.68 -1.44
CA THR A 37 -11.78 0.19 -1.32
C THR A 37 -11.51 1.56 -1.84
N TYR A 38 -10.24 1.99 -1.78
CA TYR A 38 -9.72 3.16 -2.42
C TYR A 38 -9.59 2.99 -3.89
N GLN A 39 -8.76 2.03 -4.34
CA GLN A 39 -8.39 1.92 -5.72
C GLN A 39 -9.42 1.44 -6.69
N LYS A 40 -10.50 0.80 -6.22
CA LYS A 40 -11.66 0.37 -6.94
C LYS A 40 -12.31 1.41 -7.78
N GLU A 41 -12.33 2.67 -7.33
CA GLU A 41 -12.88 3.78 -8.04
C GLU A 41 -12.02 4.26 -9.16
N GLN A 42 -10.71 3.97 -9.07
CA GLN A 42 -9.68 4.55 -9.88
C GLN A 42 -9.35 3.68 -11.06
N LEU A 43 -8.89 2.45 -10.80
CA LEU A 43 -8.49 1.45 -11.73
C LEU A 43 -7.59 1.94 -12.82
N HIS A 44 -7.95 1.70 -14.10
CA HIS A 44 -7.30 2.30 -15.23
C HIS A 44 -8.17 3.33 -15.85
N THR A 45 -8.70 4.26 -15.02
CA THR A 45 -9.64 5.29 -15.36
C THR A 45 -10.89 4.78 -16.00
N LYS A 46 -11.80 4.21 -15.19
CA LYS A 46 -13.03 3.64 -15.65
C LYS A 46 -14.00 4.71 -16.01
N GLY A 47 -14.01 5.80 -15.22
CA GLY A 47 -14.75 6.99 -15.53
C GLY A 47 -13.94 8.22 -15.29
N ARG A 48 -13.45 8.39 -14.05
CA ARG A 48 -12.76 9.56 -13.61
C ARG A 48 -11.32 9.27 -13.34
N PRO A 49 -10.40 10.16 -13.56
CA PRO A 49 -9.07 10.06 -13.04
C PRO A 49 -8.99 10.28 -11.57
N PHE A 50 -8.09 9.57 -10.87
CA PHE A 50 -7.84 9.71 -9.46
C PHE A 50 -9.02 9.49 -8.60
N ARG A 51 -9.22 10.32 -7.56
CA ARG A 51 -10.30 10.31 -6.62
C ARG A 51 -10.35 9.13 -5.71
N GLY A 52 -9.81 9.28 -4.49
CA GLY A 52 -9.75 8.26 -3.50
C GLY A 52 -10.32 8.77 -2.21
N MET A 53 -11.66 8.72 -2.10
CA MET A 53 -12.48 9.01 -0.97
C MET A 53 -11.97 10.00 0.01
N SER A 54 -11.78 9.52 1.25
CA SER A 54 -10.95 10.12 2.25
C SER A 54 -9.70 9.32 2.39
N GLU A 55 -8.52 9.94 2.19
CA GLU A 55 -7.25 9.35 2.47
C GLU A 55 -7.09 8.97 3.90
N GLU A 56 -7.78 9.71 4.79
CA GLU A 56 -7.92 9.37 6.17
C GLU A 56 -8.58 8.06 6.44
N GLU A 57 -9.52 7.54 5.63
CA GLU A 57 -10.28 6.39 6.01
C GLU A 57 -9.51 5.14 5.73
N VAL A 58 -8.75 5.16 4.62
CA VAL A 58 -7.99 4.04 4.16
C VAL A 58 -6.84 3.78 5.07
N PHE A 59 -6.34 4.90 5.62
CA PHE A 59 -5.48 5.00 6.77
C PHE A 59 -6.10 4.53 8.03
N THR A 60 -7.29 5.03 8.41
CA THR A 60 -8.01 4.74 9.62
C THR A 60 -8.19 3.31 9.97
N GLU A 61 -8.52 2.48 8.96
CA GLU A 61 -8.65 1.07 9.14
C GLU A 61 -7.33 0.41 9.33
N VAL A 62 -6.34 0.62 8.44
CA VAL A 62 -5.00 0.12 8.49
C VAL A 62 -4.28 0.38 9.77
N ALA A 63 -4.61 1.50 10.43
CA ALA A 63 -4.08 1.95 11.67
C ALA A 63 -4.48 1.10 12.83
N ASN A 64 -5.60 0.36 12.70
CA ASN A 64 -5.96 -0.60 13.71
C ASN A 64 -5.08 -1.80 13.62
N LEU A 65 -4.80 -2.24 12.39
CA LEU A 65 -4.12 -3.45 12.06
C LEU A 65 -2.70 -3.45 12.53
N PHE A 66 -2.03 -2.29 12.34
CA PHE A 66 -0.61 -2.14 12.41
C PHE A 66 -0.17 -1.66 13.75
N ARG A 67 -1.15 -1.46 14.65
CA ARG A 67 -1.07 -0.61 15.81
C ARG A 67 0.11 -0.81 16.71
N GLY A 68 0.74 0.31 17.10
CA GLY A 68 1.96 0.33 17.83
C GLY A 68 3.00 0.96 16.96
N GLN A 69 3.12 0.45 15.72
CA GLN A 69 4.11 0.86 14.78
C GLN A 69 3.74 2.09 14.03
N GLU A 70 4.26 3.25 14.46
CA GLU A 70 4.06 4.49 13.78
C GLU A 70 4.83 4.61 12.52
N ASP A 71 6.01 3.96 12.46
CA ASP A 71 6.98 3.95 11.41
C ASP A 71 6.43 3.58 10.07
N LEU A 72 5.49 2.62 10.03
CA LEU A 72 4.76 2.25 8.86
C LEU A 72 3.85 3.33 8.35
N LEU A 73 2.96 3.88 9.18
CA LEU A 73 2.04 4.92 8.81
C LEU A 73 2.72 6.21 8.48
N SER A 74 3.96 6.37 8.98
CA SER A 74 4.86 7.45 8.73
C SER A 74 5.38 7.43 7.34
N GLU A 75 5.83 6.25 6.86
CA GLU A 75 6.23 5.98 5.52
C GLU A 75 5.09 5.89 4.56
N PHE A 76 3.87 5.60 5.07
CA PHE A 76 2.64 5.70 4.33
C PHE A 76 2.34 7.11 3.95
N GLY A 77 2.92 8.07 4.70
CA GLY A 77 2.84 9.48 4.53
C GLY A 77 3.43 10.04 3.28
N GLN A 78 4.27 9.29 2.53
CA GLN A 78 4.91 9.82 1.36
C GLN A 78 4.00 10.22 0.25
N PHE A 79 2.91 9.47 0.01
CA PHE A 79 1.84 9.92 -0.82
C PHE A 79 0.87 10.77 -0.06
N LEU A 80 0.51 10.31 1.15
CA LEU A 80 -0.65 10.77 1.87
C LEU A 80 -0.52 12.10 2.54
N PRO A 81 -1.55 12.74 3.00
CA PRO A 81 -1.43 13.93 3.77
C PRO A 81 -0.80 13.74 5.11
N GLU A 82 0.09 14.64 5.54
CA GLU A 82 0.74 14.58 6.82
C GLU A 82 -0.19 14.94 7.93
N ALA A 83 -0.83 16.12 7.83
CA ALA A 83 -1.81 16.57 8.77
C ALA A 83 -2.72 17.48 8.02
N LYS A 84 -2.12 18.52 7.40
CA LYS A 84 -2.81 19.51 6.64
C LYS A 84 -1.82 20.27 5.82
N ARG A 85 -1.49 19.66 4.66
CA ARG A 85 -0.71 20.19 3.60
C ARG A 85 0.76 20.43 3.90
N VAL B 1 4.55 5.61 -13.41
CA VAL B 1 3.96 6.90 -13.80
C VAL B 1 3.76 7.84 -12.65
N ARG B 2 2.96 7.48 -11.63
CA ARG B 2 2.85 8.26 -10.44
C ARG B 2 2.88 7.39 -9.24
N MET B 3 2.77 7.95 -8.02
CA MET B 3 2.66 7.18 -6.82
C MET B 3 1.27 6.70 -6.63
N ASN B 4 0.60 7.16 -5.55
CA ASN B 4 -0.75 6.84 -5.19
C ASN B 4 -0.85 5.50 -4.54
N ILE B 5 -1.90 5.26 -3.73
CA ILE B 5 -2.12 4.06 -2.99
C ILE B 5 -2.29 2.87 -3.86
N GLN B 6 -2.73 3.07 -5.12
CA GLN B 6 -2.79 2.08 -6.16
C GLN B 6 -1.60 1.21 -6.30
N MET B 7 -0.39 1.77 -6.17
CA MET B 7 0.86 1.08 -6.20
C MET B 7 1.00 -0.02 -5.21
N LEU B 8 0.36 0.08 -4.03
CA LEU B 8 0.49 -0.88 -2.97
C LEU B 8 -0.12 -2.21 -3.24
N LEU B 9 -1.22 -2.20 -4.02
CA LEU B 9 -1.91 -3.38 -4.43
C LEU B 9 -1.13 -4.13 -5.47
N GLU B 10 -0.28 -3.41 -6.23
CA GLU B 10 0.62 -3.99 -7.19
C GLU B 10 1.87 -4.49 -6.56
N ALA B 11 2.50 -3.67 -5.69
CA ALA B 11 3.67 -3.98 -4.94
C ALA B 11 3.54 -5.18 -4.08
N ALA B 12 2.33 -5.40 -3.51
CA ALA B 12 1.98 -6.59 -2.78
C ALA B 12 2.10 -7.85 -3.56
N ASP B 13 1.49 -7.92 -4.75
CA ASP B 13 1.54 -9.03 -5.65
C ASP B 13 2.92 -9.32 -6.12
N TYR B 14 3.67 -8.27 -6.48
CA TYR B 14 5.04 -8.29 -6.89
C TYR B 14 5.94 -8.92 -5.88
N LEU B 15 5.78 -8.59 -4.59
CA LEU B 15 6.58 -9.13 -3.54
C LEU B 15 6.31 -10.57 -3.23
N GLU B 16 5.12 -11.10 -3.55
CA GLU B 16 4.81 -12.49 -3.45
C GLU B 16 5.62 -13.36 -4.35
N ARG B 17 5.94 -12.87 -5.56
CA ARG B 17 6.77 -13.51 -6.52
C ARG B 17 8.20 -13.51 -6.11
N ARG B 18 8.66 -12.42 -5.48
CA ARG B 18 9.99 -12.28 -4.96
C ARG B 18 10.34 -13.25 -3.88
N GLU B 19 9.35 -13.75 -3.12
CA GLU B 19 9.52 -14.81 -2.18
C GLU B 19 10.08 -16.06 -2.76
N ARG B 20 9.54 -16.49 -3.91
CA ARG B 20 9.98 -17.66 -4.61
C ARG B 20 11.27 -17.44 -5.31
N GLU B 21 11.51 -16.22 -5.85
CA GLU B 21 12.74 -15.88 -6.47
C GLU B 21 13.90 -15.73 -5.54
N ALA B 22 13.65 -15.39 -4.26
CA ALA B 22 14.63 -15.34 -3.23
C ALA B 22 15.17 -16.67 -2.84
N GLU B 23 14.41 -17.76 -3.07
CA GLU B 23 14.82 -19.10 -2.85
C GLU B 23 15.89 -19.48 -3.82
N HIS B 24 15.62 -19.24 -5.11
CA HIS B 24 16.58 -19.10 -6.17
C HIS B 24 17.34 -20.37 -6.51
N GLU A 1 20.55 0.98 -12.18
CA GLU A 1 20.26 2.29 -11.56
C GLU A 1 18.78 2.40 -11.42
N SER A 2 18.08 2.49 -12.56
CA SER A 2 16.66 2.38 -12.73
C SER A 2 15.96 3.67 -12.48
N ASP A 3 14.96 3.98 -13.32
CA ASP A 3 14.21 5.20 -13.23
C ASP A 3 12.97 5.00 -12.42
N SER A 4 12.51 3.75 -12.26
CA SER A 4 11.36 3.42 -11.47
C SER A 4 11.68 3.25 -10.02
N VAL A 5 12.05 4.39 -9.41
CA VAL A 5 12.51 4.55 -8.07
C VAL A 5 11.37 4.45 -7.12
N GLU A 6 10.28 5.22 -7.38
CA GLU A 6 9.14 5.24 -6.53
C GLU A 6 8.31 4.01 -6.60
N PHE A 7 8.45 3.21 -7.67
CA PHE A 7 7.92 1.90 -7.68
C PHE A 7 8.55 1.06 -6.61
N ASN A 8 9.88 1.13 -6.48
CA ASN A 8 10.70 0.36 -5.59
C ASN A 8 10.62 0.84 -4.19
N ASN A 9 10.33 2.14 -3.99
CA ASN A 9 10.12 2.69 -2.68
C ASN A 9 8.76 2.36 -2.16
N ALA A 10 7.78 2.07 -3.05
CA ALA A 10 6.58 1.40 -2.65
C ALA A 10 6.86 0.00 -2.23
N ILE A 11 7.65 -0.77 -2.99
CA ILE A 11 8.03 -2.11 -2.68
C ILE A 11 8.68 -2.26 -1.34
N SER A 12 9.65 -1.37 -1.04
CA SER A 12 10.38 -1.36 0.19
C SER A 12 9.54 -1.11 1.39
N TYR A 13 8.38 -0.44 1.25
CA TYR A 13 7.39 -0.31 2.26
C TYR A 13 6.66 -1.60 2.48
N VAL A 14 6.17 -2.26 1.42
CA VAL A 14 5.53 -3.53 1.45
C VAL A 14 6.39 -4.61 2.01
N ASN A 15 7.69 -4.64 1.64
CA ASN A 15 8.63 -5.54 2.23
C ASN A 15 8.90 -5.35 3.68
N LYS A 16 8.90 -4.10 4.18
CA LYS A 16 8.96 -3.78 5.58
C LYS A 16 7.76 -4.30 6.30
N ILE A 17 6.56 -4.11 5.73
CA ILE A 17 5.31 -4.65 6.18
C ILE A 17 5.32 -6.13 6.26
N LYS A 18 5.83 -6.85 5.25
CA LYS A 18 6.02 -8.27 5.30
C LYS A 18 6.85 -8.72 6.46
N THR A 19 8.01 -8.08 6.65
CA THR A 19 8.97 -8.36 7.68
C THR A 19 8.44 -8.24 9.06
N ARG A 20 7.57 -7.25 9.35
CA ARG A 20 6.97 -7.08 10.64
C ARG A 20 5.77 -7.95 10.86
N PHE A 21 5.04 -8.31 9.80
CA PHE A 21 3.87 -9.12 9.93
C PHE A 21 4.14 -10.54 9.52
N LEU A 22 5.33 -11.07 9.89
CA LEU A 22 5.68 -12.44 9.69
C LEU A 22 4.95 -13.36 10.62
N ASP A 23 4.89 -13.00 11.91
CA ASP A 23 4.12 -13.71 12.87
C ASP A 23 2.75 -13.14 12.98
N HIS A 24 2.36 -12.27 12.02
CA HIS A 24 1.04 -11.73 11.93
C HIS A 24 0.49 -11.82 10.55
N PRO A 25 0.30 -12.90 9.85
CA PRO A 25 -0.02 -12.88 8.45
C PRO A 25 -1.44 -12.53 8.16
N GLU A 26 -2.26 -12.29 9.19
CA GLU A 26 -3.62 -11.86 9.10
C GLU A 26 -3.70 -10.47 8.56
N ILE A 27 -2.67 -9.67 8.88
CA ILE A 27 -2.53 -8.30 8.50
C ILE A 27 -2.37 -8.23 7.02
N TYR A 28 -1.57 -9.15 6.45
CA TYR A 28 -1.21 -9.18 5.07
C TYR A 28 -2.35 -9.43 4.15
N ARG A 29 -3.47 -9.99 4.64
CA ARG A 29 -4.71 -9.95 3.95
C ARG A 29 -5.40 -8.65 4.13
N SER A 30 -5.74 -8.28 5.38
CA SER A 30 -6.71 -7.27 5.68
C SER A 30 -6.26 -5.88 5.44
N PHE A 31 -4.95 -5.59 5.53
CA PHE A 31 -4.32 -4.38 5.11
C PHE A 31 -4.66 -3.98 3.72
N LEU A 32 -4.49 -4.89 2.75
CA LEU A 32 -4.66 -4.60 1.36
C LEU A 32 -6.10 -4.52 1.00
N GLU A 33 -6.94 -5.34 1.64
CA GLU A 33 -8.36 -5.27 1.55
C GLU A 33 -8.95 -3.91 1.77
N ILE A 34 -8.42 -3.12 2.74
CA ILE A 34 -8.73 -1.76 2.95
C ILE A 34 -8.32 -0.90 1.80
N LEU A 35 -7.09 -1.01 1.27
CA LEU A 35 -6.70 -0.23 0.13
C LEU A 35 -7.42 -0.60 -1.13
N HIS A 36 -7.84 -1.87 -1.26
CA HIS A 36 -8.69 -2.38 -2.29
C HIS A 36 -10.08 -1.84 -2.21
N THR A 37 -10.55 -1.33 -1.06
CA THR A 37 -11.79 -0.64 -0.93
C THR A 37 -11.79 0.63 -1.72
N TYR A 38 -10.61 1.25 -1.86
CA TYR A 38 -10.35 2.30 -2.80
C TYR A 38 -10.09 1.75 -4.16
N GLN A 39 -9.02 0.95 -4.36
CA GLN A 39 -8.47 0.63 -5.63
C GLN A 39 -9.37 -0.01 -6.63
N LYS A 40 -10.44 -0.67 -6.15
CA LYS A 40 -11.61 -1.11 -6.85
C LYS A 40 -12.26 -0.12 -7.75
N GLU A 41 -12.11 1.19 -7.48
CA GLU A 41 -12.44 2.29 -8.33
C GLU A 41 -11.86 2.25 -9.70
N GLN A 42 -10.55 1.96 -9.83
CA GLN A 42 -9.81 1.88 -11.05
C GLN A 42 -9.63 3.14 -11.82
N LEU A 43 -10.10 4.28 -11.26
CA LEU A 43 -10.00 5.63 -11.72
C LEU A 43 -10.57 5.91 -13.06
N HIS A 44 -11.87 6.27 -13.14
CA HIS A 44 -12.54 6.55 -14.37
C HIS A 44 -12.43 7.98 -14.76
N THR A 45 -11.19 8.52 -14.76
CA THR A 45 -10.86 9.82 -15.22
C THR A 45 -10.07 9.69 -16.48
N LYS A 46 -9.46 10.78 -17.00
CA LYS A 46 -8.63 10.77 -18.15
C LYS A 46 -7.30 10.16 -17.84
N GLY A 47 -6.59 10.75 -16.86
CA GLY A 47 -5.39 10.14 -16.34
C GLY A 47 -4.68 10.96 -15.31
N ARG A 48 -5.40 11.75 -14.50
CA ARG A 48 -4.81 12.54 -13.47
C ARG A 48 -4.97 11.87 -12.14
N PRO A 49 -4.27 12.21 -11.10
CA PRO A 49 -4.56 11.69 -9.80
C PRO A 49 -5.86 12.16 -9.25
N PHE A 50 -6.49 11.35 -8.39
CA PHE A 50 -7.80 11.58 -7.85
C PHE A 50 -7.67 11.63 -6.36
N ARG A 51 -8.77 11.37 -5.62
CA ARG A 51 -8.73 11.01 -4.24
C ARG A 51 -8.73 9.53 -4.16
N GLY A 52 -9.60 8.95 -3.31
CA GLY A 52 -9.65 7.56 -2.99
C GLY A 52 -10.47 7.47 -1.75
N MET A 53 -11.79 7.71 -1.90
CA MET A 53 -12.71 8.05 -0.87
C MET A 53 -12.20 9.12 0.04
N SER A 54 -12.35 8.93 1.37
CA SER A 54 -11.58 9.62 2.35
C SER A 54 -10.25 8.95 2.45
N GLU A 55 -9.17 9.62 1.99
CA GLU A 55 -7.84 9.10 1.99
C GLU A 55 -7.31 8.90 3.37
N GLU A 56 -7.76 9.75 4.32
CA GLU A 56 -7.63 9.52 5.72
C GLU A 56 -8.27 8.30 6.27
N GLU A 57 -9.26 7.67 5.62
CA GLU A 57 -9.96 6.54 6.18
C GLU A 57 -9.21 5.28 5.93
N VAL A 58 -8.60 5.19 4.73
CA VAL A 58 -7.84 4.06 4.29
C VAL A 58 -6.65 3.89 5.17
N PHE A 59 -6.05 5.04 5.53
CA PHE A 59 -5.13 5.25 6.60
C PHE A 59 -5.64 4.84 7.95
N THR A 60 -6.78 5.39 8.41
CA THR A 60 -7.41 5.13 9.67
C THR A 60 -7.61 3.69 9.97
N GLU A 61 -8.05 2.91 8.96
CA GLU A 61 -8.28 1.51 9.08
C GLU A 61 -6.99 0.77 9.13
N VAL A 62 -6.02 0.99 8.23
CA VAL A 62 -4.70 0.43 8.24
C VAL A 62 -3.96 0.58 9.52
N ALA A 63 -4.15 1.75 10.17
CA ALA A 63 -3.59 2.09 11.44
C ALA A 63 -4.04 1.19 12.53
N ASN A 64 -5.29 0.71 12.47
CA ASN A 64 -5.85 -0.12 13.49
C ASN A 64 -5.24 -1.49 13.50
N LEU A 65 -4.79 -1.95 12.32
CA LEU A 65 -4.05 -3.16 12.16
C LEU A 65 -2.65 -3.06 12.65
N PHE A 66 -1.99 -1.92 12.37
CA PHE A 66 -0.57 -1.75 12.45
C PHE A 66 -0.15 -1.26 13.78
N ARG A 67 -1.12 -0.72 14.54
CA ARG A 67 -1.12 -0.11 15.84
C ARG A 67 0.03 -0.31 16.77
N GLY A 68 0.61 0.79 17.26
CA GLY A 68 1.80 0.78 18.05
C GLY A 68 2.94 1.23 17.19
N GLN A 69 3.02 0.69 15.97
CA GLN A 69 4.06 1.00 15.05
C GLN A 69 3.76 2.24 14.27
N GLU A 70 4.35 3.38 14.69
CA GLU A 70 4.22 4.63 14.03
C GLU A 70 5.01 4.72 12.76
N ASP A 71 6.09 3.92 12.67
CA ASP A 71 7.00 3.72 11.59
C ASP A 71 6.33 3.61 10.25
N LEU A 72 5.37 2.67 10.17
CA LEU A 72 4.68 2.34 8.96
C LEU A 72 3.78 3.42 8.47
N LEU A 73 3.02 4.10 9.33
CA LEU A 73 2.11 5.13 8.95
C LEU A 73 2.81 6.40 8.61
N SER A 74 4.02 6.57 9.17
CA SER A 74 4.90 7.66 8.91
C SER A 74 5.36 7.68 7.49
N GLU A 75 5.91 6.55 7.02
CA GLU A 75 6.32 6.34 5.67
C GLU A 75 5.18 6.16 4.72
N PHE A 76 3.96 5.86 5.21
CA PHE A 76 2.76 5.92 4.43
C PHE A 76 2.43 7.29 3.98
N GLY A 77 2.88 8.29 4.78
CA GLY A 77 2.73 9.70 4.66
C GLY A 77 3.31 10.35 3.45
N GLN A 78 4.20 9.67 2.70
CA GLN A 78 4.76 10.12 1.46
C GLN A 78 3.78 10.67 0.50
N PHE A 79 2.66 9.94 0.34
CA PHE A 79 1.49 10.39 -0.34
C PHE A 79 0.56 11.06 0.59
N LEU A 80 0.28 10.45 1.76
CA LEU A 80 -0.86 10.77 2.56
C LEU A 80 -0.74 11.97 3.43
N PRO A 81 -1.74 12.52 4.06
CA PRO A 81 -1.61 13.70 4.85
C PRO A 81 -0.73 13.63 6.05
N GLU A 82 -0.34 14.79 6.61
CA GLU A 82 0.57 15.01 7.68
C GLU A 82 1.82 14.19 7.73
N ALA A 83 2.85 14.63 6.99
CA ALA A 83 4.11 13.97 6.95
C ALA A 83 5.12 14.91 6.38
N LYS A 84 5.65 15.80 7.24
CA LYS A 84 6.27 17.03 6.83
C LYS A 84 7.58 16.84 6.15
N ARG A 85 8.46 16.02 6.75
CA ARG A 85 9.70 15.60 6.16
C ARG A 85 9.47 14.45 5.19
N VAL B 1 2.97 8.34 -12.76
CA VAL B 1 2.66 8.27 -11.31
C VAL B 1 3.77 8.83 -10.49
N ARG B 2 3.45 9.69 -9.52
CA ARG B 2 4.36 10.26 -8.56
C ARG B 2 3.86 9.92 -7.19
N MET B 3 3.72 8.62 -6.91
CA MET B 3 3.12 8.01 -5.76
C MET B 3 1.64 8.18 -5.64
N ASN B 4 1.01 7.22 -4.96
CA ASN B 4 -0.38 7.14 -4.66
C ASN B 4 -0.53 5.94 -3.79
N ILE B 5 -1.75 5.57 -3.36
CA ILE B 5 -2.01 4.32 -2.72
C ILE B 5 -2.14 3.20 -3.69
N GLN B 6 -2.49 3.50 -4.96
CA GLN B 6 -2.65 2.56 -6.02
C GLN B 6 -1.51 1.63 -6.24
N MET B 7 -0.27 2.14 -6.10
CA MET B 7 0.94 1.37 -6.06
C MET B 7 0.97 0.22 -5.12
N LEU B 8 0.33 0.30 -3.94
CA LEU B 8 0.45 -0.70 -2.92
C LEU B 8 -0.15 -2.02 -3.25
N LEU B 9 -1.21 -2.02 -4.06
CA LEU B 9 -1.90 -3.20 -4.48
C LEU B 9 -1.17 -3.87 -5.59
N GLU B 10 -0.33 -3.11 -6.33
CA GLU B 10 0.52 -3.64 -7.34
C GLU B 10 1.80 -4.18 -6.77
N ALA B 11 2.42 -3.42 -5.86
CA ALA B 11 3.60 -3.78 -5.12
C ALA B 11 3.48 -5.03 -4.31
N ALA B 12 2.32 -5.26 -3.66
CA ALA B 12 2.02 -6.47 -2.96
C ALA B 12 2.06 -7.68 -3.82
N ASP B 13 1.36 -7.64 -4.98
CA ASP B 13 1.23 -8.71 -5.91
C ASP B 13 2.50 -9.01 -6.62
N TYR B 14 3.31 -7.98 -6.92
CA TYR B 14 4.66 -8.05 -7.38
C TYR B 14 5.56 -8.80 -6.45
N LEU B 15 5.49 -8.51 -5.14
CA LEU B 15 6.33 -9.12 -4.16
C LEU B 15 6.06 -10.56 -3.91
N GLU B 16 4.82 -11.04 -4.14
CA GLU B 16 4.48 -12.44 -4.11
C GLU B 16 5.26 -13.27 -5.08
N ARG B 17 5.63 -12.73 -6.25
CA ARG B 17 6.47 -13.38 -7.19
C ARG B 17 7.92 -13.40 -6.83
N ARG B 18 8.41 -12.47 -6.00
CA ARG B 18 9.76 -12.46 -5.55
C ARG B 18 10.07 -13.53 -4.56
N GLU B 19 9.08 -13.97 -3.78
CA GLU B 19 9.18 -15.04 -2.83
C GLU B 19 9.50 -16.36 -3.44
N ARG B 20 8.94 -16.66 -4.62
CA ARG B 20 9.23 -17.83 -5.38
C ARG B 20 10.56 -17.78 -6.04
N GLU B 21 10.97 -16.58 -6.50
CA GLU B 21 12.24 -16.30 -7.07
C GLU B 21 13.39 -16.43 -6.14
N ALA B 22 13.16 -16.17 -4.84
CA ALA B 22 14.11 -16.15 -3.76
C ALA B 22 15.00 -17.33 -3.59
N GLU B 23 14.62 -18.50 -4.14
CA GLU B 23 15.39 -19.70 -4.16
C GLU B 23 16.63 -19.60 -4.99
N HIS B 24 16.67 -18.65 -5.95
CA HIS B 24 17.82 -18.37 -6.75
C HIS B 24 17.87 -16.88 -7.04
N GLU A 1 19.85 3.55 -11.43
CA GLU A 1 18.82 4.26 -10.64
C GLU A 1 17.49 3.57 -10.69
N SER A 2 16.95 3.42 -11.91
CA SER A 2 15.78 2.71 -12.35
C SER A 2 14.81 3.65 -12.98
N ASP A 3 13.79 3.11 -13.66
CA ASP A 3 12.63 3.86 -14.04
C ASP A 3 11.68 3.90 -12.90
N SER A 4 11.46 2.74 -12.28
CA SER A 4 10.59 2.53 -11.16
C SER A 4 11.24 2.83 -9.85
N VAL A 5 11.39 4.13 -9.57
CA VAL A 5 12.05 4.68 -8.42
C VAL A 5 11.14 4.67 -7.24
N GLU A 6 10.02 5.40 -7.34
CA GLU A 6 9.11 5.57 -6.25
C GLU A 6 8.23 4.38 -6.06
N PHE A 7 8.10 3.56 -7.11
CA PHE A 7 7.63 2.21 -7.00
C PHE A 7 8.44 1.39 -6.06
N ASN A 8 9.78 1.48 -6.13
CA ASN A 8 10.71 0.75 -5.32
C ASN A 8 10.70 1.24 -3.92
N ASN A 9 10.25 2.48 -3.68
CA ASN A 9 10.02 3.02 -2.38
C ASN A 9 8.76 2.50 -1.79
N ALA A 10 7.78 2.10 -2.61
CA ALA A 10 6.64 1.35 -2.18
C ALA A 10 6.99 -0.07 -1.86
N ILE A 11 7.85 -0.73 -2.65
CA ILE A 11 8.37 -2.04 -2.38
C ILE A 11 9.06 -2.13 -1.07
N SER A 12 9.92 -1.14 -0.78
CA SER A 12 10.60 -0.92 0.46
C SER A 12 9.69 -0.90 1.64
N TYR A 13 8.48 -0.34 1.46
CA TYR A 13 7.48 -0.28 2.47
C TYR A 13 6.83 -1.60 2.69
N VAL A 14 6.28 -2.24 1.65
CA VAL A 14 5.66 -3.53 1.69
C VAL A 14 6.54 -4.60 2.24
N ASN A 15 7.82 -4.64 1.81
CA ASN A 15 8.77 -5.57 2.32
C ASN A 15 9.06 -5.45 3.77
N LYS A 16 9.15 -4.23 4.33
CA LYS A 16 9.27 -4.02 5.74
C LYS A 16 8.06 -4.44 6.51
N ILE A 17 6.86 -4.22 5.95
CA ILE A 17 5.59 -4.64 6.47
C ILE A 17 5.54 -6.12 6.55
N LYS A 18 5.90 -6.82 5.45
CA LYS A 18 5.91 -8.25 5.37
C LYS A 18 6.87 -8.90 6.30
N THR A 19 8.06 -8.30 6.50
CA THR A 19 9.05 -8.72 7.45
C THR A 19 8.69 -8.46 8.87
N ARG A 20 8.05 -7.35 9.26
CA ARG A 20 7.60 -7.18 10.61
C ARG A 20 6.43 -8.04 10.96
N PHE A 21 5.45 -8.18 10.06
CA PHE A 21 4.32 -9.02 10.27
C PHE A 21 4.53 -10.45 9.90
N LEU A 22 5.65 -11.06 10.32
CA LEU A 22 5.87 -12.47 10.26
C LEU A 22 5.20 -13.16 11.40
N ASP A 23 5.14 -12.48 12.55
CA ASP A 23 4.31 -12.84 13.66
C ASP A 23 2.86 -12.72 13.38
N HIS A 24 2.46 -11.83 12.44
CA HIS A 24 1.07 -11.57 12.20
C HIS A 24 0.76 -11.70 10.75
N PRO A 25 0.81 -12.82 10.10
CA PRO A 25 0.72 -12.89 8.66
C PRO A 25 -0.68 -12.75 8.16
N GLU A 26 -1.65 -12.49 9.07
CA GLU A 26 -3.01 -12.18 8.74
C GLU A 26 -3.17 -10.77 8.30
N ILE A 27 -2.24 -9.86 8.68
CA ILE A 27 -2.29 -8.48 8.32
C ILE A 27 -2.18 -8.32 6.85
N TYR A 28 -1.33 -9.13 6.20
CA TYR A 28 -1.12 -9.18 4.78
C TYR A 28 -2.36 -9.41 3.99
N ARG A 29 -3.37 -10.09 4.57
CA ARG A 29 -4.64 -10.31 3.97
C ARG A 29 -5.54 -9.12 4.10
N SER A 30 -5.73 -8.58 5.32
CA SER A 30 -6.67 -7.52 5.56
C SER A 30 -6.18 -6.16 5.20
N PHE A 31 -4.85 -5.90 5.22
CA PHE A 31 -4.25 -4.66 4.83
C PHE A 31 -4.63 -4.21 3.45
N LEU A 32 -4.37 -5.07 2.44
CA LEU A 32 -4.58 -4.74 1.07
C LEU A 32 -6.02 -4.70 0.71
N GLU A 33 -6.83 -5.59 1.33
CA GLU A 33 -8.25 -5.55 1.35
C GLU A 33 -8.85 -4.19 1.52
N ILE A 34 -8.40 -3.43 2.54
CA ILE A 34 -8.75 -2.06 2.77
C ILE A 34 -8.32 -1.18 1.66
N LEU A 35 -7.11 -1.31 1.09
CA LEU A 35 -6.71 -0.50 -0.01
C LEU A 35 -7.37 -0.81 -1.31
N HIS A 36 -7.94 -2.03 -1.46
CA HIS A 36 -8.75 -2.43 -2.56
C HIS A 36 -10.09 -1.79 -2.53
N THR A 37 -10.59 -1.35 -1.37
CA THR A 37 -11.73 -0.50 -1.21
C THR A 37 -11.52 0.82 -1.88
N TYR A 38 -10.27 1.31 -1.84
CA TYR A 38 -9.84 2.53 -2.44
C TYR A 38 -9.61 2.45 -3.92
N GLN A 39 -8.66 1.60 -4.35
CA GLN A 39 -8.10 1.56 -5.67
C GLN A 39 -9.09 1.33 -6.75
N LYS A 40 -10.13 0.53 -6.43
CA LYS A 40 -11.34 0.27 -7.16
C LYS A 40 -12.04 1.44 -7.73
N GLU A 41 -12.06 2.61 -7.06
CA GLU A 41 -12.75 3.78 -7.52
C GLU A 41 -12.26 4.33 -8.82
N GLN A 42 -10.95 4.17 -9.10
CA GLN A 42 -10.27 4.85 -10.16
C GLN A 42 -10.55 4.26 -11.49
N LEU A 43 -10.79 2.93 -11.52
CA LEU A 43 -10.94 2.12 -12.69
C LEU A 43 -12.34 2.16 -13.22
N HIS A 44 -12.69 3.17 -14.04
CA HIS A 44 -14.06 3.45 -14.38
C HIS A 44 -14.56 2.66 -15.54
N THR A 45 -14.52 1.33 -15.45
CA THR A 45 -14.99 0.44 -16.48
C THR A 45 -16.45 0.19 -16.39
N LYS A 46 -17.07 -0.26 -17.49
CA LYS A 46 -18.47 -0.53 -17.56
C LYS A 46 -18.74 -1.95 -17.17
N GLY A 47 -19.72 -2.17 -16.29
CA GLY A 47 -19.97 -3.47 -15.73
C GLY A 47 -20.87 -3.34 -14.54
N ARG A 48 -20.34 -2.74 -13.46
CA ARG A 48 -21.04 -2.47 -12.24
C ARG A 48 -20.82 -1.05 -11.84
N PRO A 49 -21.60 -0.44 -11.01
CA PRO A 49 -21.28 0.84 -10.44
C PRO A 49 -20.22 0.73 -9.39
N PHE A 50 -19.54 1.86 -9.08
CA PHE A 50 -18.41 1.89 -8.20
C PHE A 50 -18.67 2.68 -6.97
N ARG A 51 -17.84 2.44 -5.94
CA ARG A 51 -17.88 3.16 -4.70
C ARG A 51 -16.71 4.09 -4.63
N GLY A 52 -15.83 3.93 -3.62
CA GLY A 52 -14.79 4.86 -3.31
C GLY A 52 -15.15 5.82 -2.22
N MET A 53 -14.11 6.48 -1.68
CA MET A 53 -14.16 7.20 -0.45
C MET A 53 -13.08 8.24 -0.40
N SER A 54 -12.67 8.65 0.82
CA SER A 54 -11.56 9.53 1.01
C SER A 54 -10.41 8.81 1.62
N GLU A 55 -9.19 9.26 1.30
CA GLU A 55 -7.90 8.79 1.70
C GLU A 55 -7.74 8.52 3.16
N GLU A 56 -8.35 9.33 4.04
CA GLU A 56 -8.30 9.18 5.45
C GLU A 56 -8.76 7.86 5.98
N GLU A 57 -9.74 7.18 5.35
CA GLU A 57 -10.30 6.01 5.93
C GLU A 57 -9.47 4.80 5.63
N VAL A 58 -8.79 4.86 4.47
CA VAL A 58 -7.98 3.77 4.00
C VAL A 58 -6.72 3.64 4.80
N PHE A 59 -6.27 4.81 5.30
CA PHE A 59 -5.36 4.98 6.38
C PHE A 59 -5.92 4.48 7.67
N THR A 60 -7.12 4.94 8.08
CA THR A 60 -7.76 4.65 9.32
C THR A 60 -7.96 3.20 9.65
N GLU A 61 -8.37 2.37 8.68
CA GLU A 61 -8.57 0.98 8.91
C GLU A 61 -7.28 0.24 9.07
N VAL A 62 -6.26 0.51 8.24
CA VAL A 62 -4.92 0.01 8.31
C VAL A 62 -4.26 0.24 9.62
N ALA A 63 -4.55 1.41 10.22
CA ALA A 63 -3.96 1.91 11.42
C ALA A 63 -4.22 1.03 12.60
N ASN A 64 -5.37 0.33 12.62
CA ASN A 64 -5.64 -0.55 13.71
C ASN A 64 -4.84 -1.81 13.62
N LEU A 65 -4.54 -2.27 12.40
CA LEU A 65 -3.79 -3.47 12.19
C LEU A 65 -2.34 -3.28 12.51
N PHE A 66 -1.85 -2.04 12.31
CA PHE A 66 -0.48 -1.67 12.37
C PHE A 66 -0.15 -1.03 13.67
N ARG A 67 -1.16 -0.86 14.55
CA ARG A 67 -1.19 -0.02 15.71
C ARG A 67 -0.03 -0.02 16.63
N GLY A 68 0.45 1.20 16.95
CA GLY A 68 1.61 1.43 17.75
C GLY A 68 2.82 1.71 16.92
N GLN A 69 2.88 1.13 15.71
CA GLN A 69 4.05 1.18 14.88
C GLN A 69 4.02 2.33 13.93
N GLU A 70 4.35 3.51 14.50
CA GLU A 70 4.28 4.81 13.91
C GLU A 70 5.22 5.01 12.76
N ASP A 71 6.35 4.28 12.71
CA ASP A 71 7.28 4.33 11.62
C ASP A 71 6.68 3.91 10.33
N LEU A 72 5.73 2.97 10.36
CA LEU A 72 5.05 2.51 9.18
C LEU A 72 4.06 3.49 8.66
N LEU A 73 3.18 4.09 9.48
CA LEU A 73 2.18 5.02 9.02
C LEU A 73 2.76 6.34 8.62
N SER A 74 3.99 6.61 9.10
CA SER A 74 4.81 7.71 8.69
C SER A 74 5.20 7.57 7.26
N GLU A 75 5.75 6.40 6.88
CA GLU A 75 6.10 6.04 5.54
C GLU A 75 4.95 5.84 4.62
N PHE A 76 3.73 5.60 5.15
CA PHE A 76 2.51 5.59 4.41
C PHE A 76 2.17 6.94 3.87
N GLY A 77 2.63 8.00 4.55
CA GLY A 77 2.27 9.37 4.33
C GLY A 77 2.86 10.03 3.12
N GLN A 78 3.98 9.52 2.58
CA GLN A 78 4.59 10.14 1.44
C GLN A 78 3.86 9.87 0.17
N PHE A 79 3.08 8.77 0.18
CA PHE A 79 2.27 8.32 -0.90
C PHE A 79 1.00 9.08 -0.98
N LEU A 80 0.47 9.51 0.17
CA LEU A 80 -0.72 10.30 0.26
C LEU A 80 -0.47 11.73 -0.06
N PRO A 81 -1.36 12.47 -0.65
CA PRO A 81 -1.12 13.83 -1.05
C PRO A 81 -1.09 14.78 0.09
N GLU A 82 -0.76 16.07 -0.16
CA GLU A 82 -0.69 17.06 0.86
C GLU A 82 -2.02 17.54 1.34
N ALA A 83 -2.93 17.92 0.43
CA ALA A 83 -4.23 18.40 0.77
C ALA A 83 -5.17 18.12 -0.35
N LYS A 84 -4.71 18.41 -1.59
CA LYS A 84 -5.33 18.14 -2.85
C LYS A 84 -6.31 19.21 -3.21
N ARG A 85 -5.92 20.46 -2.88
CA ARG A 85 -6.59 21.70 -3.13
C ARG A 85 -7.93 21.96 -2.45
N VAL B 1 7.23 10.68 -10.42
CA VAL B 1 6.22 11.45 -9.65
C VAL B 1 4.83 10.98 -9.87
N ARG B 2 4.54 9.69 -9.61
CA ARG B 2 3.26 9.10 -9.81
C ARG B 2 2.82 8.25 -8.68
N MET B 3 2.93 8.71 -7.42
CA MET B 3 2.42 8.01 -6.28
C MET B 3 0.96 8.18 -6.09
N ASN B 4 0.37 7.25 -5.30
CA ASN B 4 -0.89 7.32 -4.62
C ASN B 4 -0.92 6.03 -3.86
N ILE B 5 -2.04 5.64 -3.24
CA ILE B 5 -2.25 4.40 -2.57
C ILE B 5 -2.16 3.21 -3.47
N GLN B 6 -2.44 3.39 -4.78
CA GLN B 6 -2.40 2.39 -5.81
C GLN B 6 -1.17 1.56 -5.88
N MET B 7 0.00 2.13 -5.57
CA MET B 7 1.27 1.49 -5.39
C MET B 7 1.25 0.26 -4.56
N LEU B 8 0.51 0.24 -3.44
CA LEU B 8 0.56 -0.83 -2.49
C LEU B 8 -0.02 -2.13 -2.95
N LEU B 9 -1.01 -2.07 -3.85
CA LEU B 9 -1.66 -3.20 -4.42
C LEU B 9 -0.81 -3.81 -5.49
N GLU B 10 0.06 -2.98 -6.12
CA GLU B 10 0.97 -3.41 -7.12
C GLU B 10 2.18 -4.03 -6.49
N ALA B 11 2.77 -3.33 -5.51
CA ALA B 11 3.92 -3.75 -4.76
C ALA B 11 3.73 -5.04 -4.03
N ALA B 12 2.53 -5.28 -3.46
CA ALA B 12 2.17 -6.53 -2.87
C ALA B 12 2.12 -7.67 -3.83
N ASP B 13 1.41 -7.55 -4.96
CA ASP B 13 1.32 -8.57 -5.96
C ASP B 13 2.64 -8.91 -6.56
N TYR B 14 3.49 -7.89 -6.80
CA TYR B 14 4.86 -8.01 -7.18
C TYR B 14 5.69 -8.79 -6.22
N LEU B 15 5.69 -8.44 -4.92
CA LEU B 15 6.49 -9.09 -3.93
C LEU B 15 6.10 -10.51 -3.65
N GLU B 16 4.81 -10.87 -3.79
CA GLU B 16 4.38 -12.24 -3.76
C GLU B 16 4.94 -13.09 -4.85
N ARG B 17 5.29 -12.52 -6.01
CA ARG B 17 5.96 -13.23 -7.06
C ARG B 17 7.36 -13.58 -6.70
N ARG B 18 8.08 -12.66 -6.03
CA ARG B 18 9.43 -12.84 -5.60
C ARG B 18 9.60 -13.94 -4.60
N GLU B 19 8.58 -14.20 -3.77
CA GLU B 19 8.53 -15.32 -2.88
C GLU B 19 8.50 -16.64 -3.57
N ARG B 20 7.58 -16.81 -4.53
CA ARG B 20 7.37 -18.01 -5.28
C ARG B 20 8.47 -18.32 -6.24
N GLU B 21 9.05 -17.30 -6.88
CA GLU B 21 10.15 -17.38 -7.80
C GLU B 21 11.35 -18.09 -7.29
N ALA B 22 11.66 -17.94 -5.98
CA ALA B 22 12.77 -18.55 -5.32
C ALA B 22 12.75 -20.03 -5.25
N GLU B 23 11.58 -20.67 -5.42
CA GLU B 23 11.42 -22.08 -5.52
C GLU B 23 11.86 -22.63 -6.83
N HIS B 24 11.97 -21.75 -7.85
CA HIS B 24 12.52 -21.90 -9.16
C HIS B 24 12.60 -23.26 -9.83
N GLU A 1 12.15 11.66 -17.93
CA GLU A 1 12.46 10.30 -18.43
C GLU A 1 11.87 9.25 -17.54
N SER A 2 12.11 9.36 -16.23
CA SER A 2 11.55 8.56 -15.18
C SER A 2 12.03 7.15 -15.11
N ASP A 3 12.68 6.77 -14.01
CA ASP A 3 13.31 5.49 -13.86
C ASP A 3 12.44 4.50 -13.16
N SER A 4 11.53 4.95 -12.30
CA SER A 4 10.68 4.20 -11.42
C SER A 4 11.37 3.82 -10.16
N VAL A 5 11.81 4.87 -9.43
CA VAL A 5 12.53 4.84 -8.20
C VAL A 5 11.62 4.59 -7.05
N GLU A 6 10.55 5.39 -6.96
CA GLU A 6 9.61 5.36 -5.88
C GLU A 6 8.71 4.17 -5.94
N PHE A 7 8.65 3.51 -7.11
CA PHE A 7 8.23 2.16 -7.24
C PHE A 7 8.95 1.23 -6.33
N ASN A 8 10.29 1.26 -6.33
CA ASN A 8 11.16 0.39 -5.60
C ASN A 8 11.23 0.74 -4.15
N ASN A 9 10.92 2.01 -3.80
CA ASN A 9 10.73 2.44 -2.45
C ASN A 9 9.39 2.07 -1.93
N ALA A 10 8.38 1.84 -2.79
CA ALA A 10 7.15 1.20 -2.43
C ALA A 10 7.38 -0.24 -2.14
N ILE A 11 8.19 -0.94 -2.95
CA ILE A 11 8.60 -2.30 -2.73
C ILE A 11 9.24 -2.49 -1.40
N SER A 12 10.28 -1.70 -1.10
CA SER A 12 10.97 -1.77 0.16
C SER A 12 10.12 -1.47 1.34
N TYR A 13 9.07 -0.64 1.17
CA TYR A 13 8.08 -0.43 2.19
C TYR A 13 7.20 -1.61 2.44
N VAL A 14 6.58 -2.20 1.41
CA VAL A 14 5.79 -3.39 1.52
C VAL A 14 6.58 -4.54 2.05
N ASN A 15 7.83 -4.70 1.59
CA ASN A 15 8.77 -5.60 2.17
C ASN A 15 9.00 -5.42 3.63
N LYS A 16 9.20 -4.18 4.13
CA LYS A 16 9.30 -3.95 5.54
C LYS A 16 8.09 -4.32 6.32
N ILE A 17 6.90 -4.01 5.80
CA ILE A 17 5.61 -4.37 6.34
C ILE A 17 5.45 -5.86 6.39
N LYS A 18 5.76 -6.56 5.29
CA LYS A 18 5.69 -7.99 5.19
C LYS A 18 6.57 -8.66 6.19
N THR A 19 7.80 -8.18 6.37
CA THR A 19 8.77 -8.72 7.27
C THR A 19 8.39 -8.55 8.71
N ARG A 20 7.75 -7.41 9.07
CA ARG A 20 7.24 -7.22 10.40
C ARG A 20 6.07 -8.09 10.73
N PHE A 21 5.07 -8.19 9.83
CA PHE A 21 3.88 -8.93 10.09
C PHE A 21 3.95 -10.36 9.67
N LEU A 22 5.08 -11.04 9.93
CA LEU A 22 5.22 -12.44 9.69
C LEU A 22 4.66 -13.27 10.80
N ASP A 23 4.69 -12.70 12.01
CA ASP A 23 4.06 -13.27 13.16
C ASP A 23 2.57 -13.16 13.12
N HIS A 24 2.08 -12.22 12.31
CA HIS A 24 0.69 -11.93 12.15
C HIS A 24 0.34 -11.82 10.71
N PRO A 25 0.25 -12.87 9.95
CA PRO A 25 0.22 -12.79 8.51
C PRO A 25 -1.10 -12.38 7.96
N GLU A 26 -2.12 -12.13 8.80
CA GLU A 26 -3.38 -11.62 8.39
C GLU A 26 -3.33 -10.13 8.21
N ILE A 27 -2.38 -9.43 8.86
CA ILE A 27 -2.25 -8.01 8.78
C ILE A 27 -1.81 -7.62 7.41
N TYR A 28 -0.83 -8.38 6.87
CA TYR A 28 -0.30 -8.27 5.55
C TYR A 28 -1.35 -8.30 4.49
N ARG A 29 -2.36 -9.19 4.61
CA ARG A 29 -3.44 -9.26 3.68
C ARG A 29 -4.48 -8.21 3.92
N SER A 30 -4.90 -8.03 5.18
CA SER A 30 -6.03 -7.21 5.52
C SER A 30 -5.76 -5.74 5.37
N PHE A 31 -4.52 -5.27 5.52
CA PHE A 31 -4.19 -3.92 5.19
C PHE A 31 -4.43 -3.54 3.77
N LEU A 32 -4.14 -4.46 2.81
CA LEU A 32 -4.31 -4.24 1.41
C LEU A 32 -5.76 -4.17 1.03
N GLU A 33 -6.56 -5.07 1.62
CA GLU A 33 -7.99 -5.12 1.51
C GLU A 33 -8.70 -3.83 1.71
N ILE A 34 -8.28 -3.01 2.69
CA ILE A 34 -8.71 -1.67 2.93
C ILE A 34 -8.37 -0.76 1.81
N LEU A 35 -7.13 -0.78 1.29
CA LEU A 35 -6.73 -0.01 0.15
C LEU A 35 -7.49 -0.35 -1.09
N HIS A 36 -7.77 -1.65 -1.27
CA HIS A 36 -8.53 -2.23 -2.33
C HIS A 36 -9.97 -1.84 -2.31
N THR A 37 -10.51 -1.44 -1.15
CA THR A 37 -11.80 -0.84 -0.96
C THR A 37 -11.93 0.43 -1.71
N TYR A 38 -10.82 1.19 -1.86
CA TYR A 38 -10.72 2.27 -2.80
C TYR A 38 -10.43 1.77 -4.17
N GLN A 39 -9.30 1.05 -4.34
CA GLN A 39 -8.68 0.80 -5.60
C GLN A 39 -9.48 0.03 -6.58
N LYS A 40 -10.48 -0.76 -6.13
CA LYS A 40 -11.50 -1.39 -6.90
C LYS A 40 -12.26 -0.47 -7.80
N GLU A 41 -12.83 0.62 -7.26
CA GLU A 41 -13.61 1.57 -7.98
C GLU A 41 -12.80 2.50 -8.81
N GLN A 42 -11.49 2.59 -8.54
CA GLN A 42 -10.54 3.25 -9.39
C GLN A 42 -10.31 2.52 -10.67
N LEU A 43 -10.10 1.20 -10.61
CA LEU A 43 -9.93 0.37 -11.77
C LEU A 43 -11.19 0.12 -12.51
N HIS A 44 -12.29 -0.22 -11.83
CA HIS A 44 -13.59 -0.36 -12.40
C HIS A 44 -14.47 0.74 -11.94
N THR A 45 -14.46 1.89 -12.64
CA THR A 45 -15.28 3.01 -12.28
C THR A 45 -16.60 2.91 -12.96
N LYS A 46 -17.67 3.34 -12.27
CA LYS A 46 -19.00 3.43 -12.78
C LYS A 46 -19.31 4.82 -13.19
N GLY A 47 -18.28 5.67 -13.30
CA GLY A 47 -18.40 7.00 -13.79
C GLY A 47 -17.11 7.50 -14.35
N ARG A 48 -16.49 8.50 -13.69
CA ARG A 48 -15.26 9.07 -14.14
C ARG A 48 -14.13 8.52 -13.36
N PRO A 49 -12.89 8.65 -13.73
CA PRO A 49 -11.79 8.42 -12.83
C PRO A 49 -11.76 9.43 -11.73
N PHE A 50 -11.99 8.99 -10.49
CA PHE A 50 -12.03 9.83 -9.33
C PHE A 50 -10.71 9.72 -8.62
N ARG A 51 -10.66 10.15 -7.35
CA ARG A 51 -9.64 9.78 -6.42
C ARG A 51 -10.17 8.60 -5.67
N GLY A 52 -10.47 8.73 -4.37
CA GLY A 52 -11.12 7.67 -3.66
C GLY A 52 -11.73 8.20 -2.40
N MET A 53 -13.04 8.00 -2.22
CA MET A 53 -13.73 7.99 -0.96
C MET A 53 -13.38 9.08 -0.01
N SER A 54 -12.75 8.68 1.11
CA SER A 54 -11.85 9.49 1.87
C SER A 54 -10.51 8.83 1.93
N GLU A 55 -9.45 9.53 1.47
CA GLU A 55 -8.09 9.06 1.49
C GLU A 55 -7.54 8.93 2.86
N GLU A 56 -8.07 9.66 3.84
CA GLU A 56 -7.76 9.49 5.23
C GLU A 56 -8.35 8.28 5.87
N GLU A 57 -9.37 7.62 5.29
CA GLU A 57 -10.03 6.53 5.91
C GLU A 57 -9.27 5.27 5.68
N VAL A 58 -8.64 5.20 4.49
CA VAL A 58 -7.85 4.11 4.03
C VAL A 58 -6.63 3.93 4.88
N PHE A 59 -6.11 5.08 5.32
CA PHE A 59 -5.17 5.25 6.39
C PHE A 59 -5.69 4.83 7.72
N THR A 60 -6.84 5.36 8.17
CA THR A 60 -7.46 5.10 9.44
C THR A 60 -7.61 3.66 9.80
N GLU A 61 -8.09 2.84 8.85
CA GLU A 61 -8.29 1.43 9.05
C GLU A 61 -7.00 0.70 9.08
N VAL A 62 -5.98 1.13 8.29
CA VAL A 62 -4.68 0.54 8.27
C VAL A 62 -3.89 0.81 9.49
N ALA A 63 -4.15 1.95 10.13
CA ALA A 63 -3.55 2.37 11.36
C ALA A 63 -3.98 1.48 12.49
N ASN A 64 -5.27 1.10 12.46
CA ASN A 64 -5.89 0.38 13.53
C ASN A 64 -5.41 -1.02 13.62
N LEU A 65 -5.16 -1.68 12.47
CA LEU A 65 -4.67 -3.01 12.37
C LEU A 65 -3.20 -3.15 12.54
N PHE A 66 -2.43 -2.06 12.37
CA PHE A 66 -1.00 -2.02 12.41
C PHE A 66 -0.49 -1.65 13.75
N ARG A 67 -1.41 -1.40 14.71
CA ARG A 67 -1.17 -0.68 15.93
C ARG A 67 -0.06 -1.19 16.78
N GLY A 68 0.78 -0.24 17.24
CA GLY A 68 2.07 -0.51 17.80
C GLY A 68 3.15 0.05 16.94
N GLN A 69 3.06 -0.17 15.62
CA GLN A 69 4.12 0.14 14.70
C GLN A 69 3.86 1.38 13.92
N GLU A 70 4.32 2.52 14.47
CA GLU A 70 3.97 3.82 13.99
C GLU A 70 4.72 4.28 12.78
N ASP A 71 5.97 3.81 12.60
CA ASP A 71 6.86 4.15 11.55
C ASP A 71 6.28 3.97 10.18
N LEU A 72 5.58 2.84 9.98
CA LEU A 72 5.02 2.44 8.73
C LEU A 72 3.95 3.36 8.25
N LEU A 73 3.14 3.86 9.21
CA LEU A 73 2.07 4.79 9.04
C LEU A 73 2.50 6.21 8.95
N SER A 74 3.69 6.48 9.52
CA SER A 74 4.38 7.74 9.47
C SER A 74 4.77 8.07 8.07
N GLU A 75 5.45 7.12 7.39
CA GLU A 75 5.72 7.21 5.99
C GLU A 75 4.55 7.05 5.10
N PHE A 76 3.39 6.50 5.53
CA PHE A 76 2.23 6.30 4.72
C PHE A 76 1.72 7.53 4.04
N GLY A 77 2.03 8.71 4.61
CA GLY A 77 1.85 10.01 4.08
C GLY A 77 2.50 10.28 2.77
N GLN A 78 3.50 9.49 2.36
CA GLN A 78 4.08 9.53 1.05
C GLN A 78 3.13 9.27 -0.06
N PHE A 79 2.11 8.43 0.18
CA PHE A 79 1.12 8.02 -0.77
C PHE A 79 -0.05 8.94 -0.79
N LEU A 80 -0.29 9.70 0.28
CA LEU A 80 -1.49 10.46 0.42
C LEU A 80 -1.29 11.91 0.10
N PRO A 81 -2.26 12.68 -0.28
CA PRO A 81 -2.12 14.10 -0.37
C PRO A 81 -2.13 14.74 0.98
N GLU A 82 -1.80 16.04 1.08
CA GLU A 82 -1.78 16.74 2.33
C GLU A 82 -3.15 17.02 2.84
N ALA A 83 -3.82 18.03 2.25
CA ALA A 83 -5.16 18.41 2.58
C ALA A 83 -5.70 18.98 1.31
N LYS A 84 -6.12 20.26 1.34
CA LYS A 84 -6.31 21.00 0.14
C LYS A 84 -5.96 22.43 0.34
N ARG A 85 -4.71 22.68 0.75
CA ARG A 85 -4.12 23.98 0.89
C ARG A 85 -2.94 24.07 -0.07
N VAL B 1 -0.81 9.68 -11.34
CA VAL B 1 0.19 8.59 -11.38
C VAL B 1 1.21 8.58 -10.28
N ARG B 2 1.81 9.72 -9.90
CA ARG B 2 2.90 9.76 -8.98
C ARG B 2 2.53 9.57 -7.56
N MET B 3 2.89 8.41 -7.00
CA MET B 3 2.87 8.05 -5.62
C MET B 3 1.57 8.13 -4.89
N ASN B 4 0.62 7.24 -5.21
CA ASN B 4 -0.58 7.04 -4.45
C ASN B 4 -0.66 5.64 -3.95
N ILE B 5 -1.74 5.33 -3.20
CA ILE B 5 -2.01 4.09 -2.56
C ILE B 5 -2.06 2.91 -3.48
N GLN B 6 -2.29 3.16 -4.78
CA GLN B 6 -2.08 2.27 -5.90
C GLN B 6 -0.83 1.45 -5.82
N MET B 7 0.31 2.10 -5.55
CA MET B 7 1.61 1.51 -5.54
C MET B 7 1.82 0.47 -4.49
N LEU B 8 1.05 0.49 -3.39
CA LEU B 8 1.05 -0.54 -2.41
C LEU B 8 0.48 -1.83 -2.92
N LEU B 9 -0.57 -1.75 -3.76
CA LEU B 9 -1.26 -2.89 -4.25
C LEU B 9 -0.55 -3.51 -5.40
N GLU B 10 0.36 -2.74 -6.01
CA GLU B 10 1.23 -3.19 -7.05
C GLU B 10 2.39 -3.89 -6.44
N ALA B 11 3.07 -3.22 -5.49
CA ALA B 11 4.18 -3.74 -4.75
C ALA B 11 3.88 -5.00 -4.02
N ALA B 12 2.67 -5.14 -3.45
CA ALA B 12 2.22 -6.35 -2.82
C ALA B 12 2.13 -7.54 -3.72
N ASP B 13 1.47 -7.43 -4.89
CA ASP B 13 1.31 -8.52 -5.81
C ASP B 13 2.61 -8.88 -6.44
N TYR B 14 3.45 -7.88 -6.77
CA TYR B 14 4.82 -8.01 -7.19
C TYR B 14 5.66 -8.78 -6.23
N LEU B 15 5.69 -8.40 -4.94
CA LEU B 15 6.48 -9.07 -3.95
C LEU B 15 6.01 -10.43 -3.60
N GLU B 16 4.70 -10.71 -3.73
CA GLU B 16 4.12 -12.01 -3.62
C GLU B 16 4.58 -12.92 -4.71
N ARG B 17 4.75 -12.40 -5.94
CA ARG B 17 5.37 -13.10 -7.03
C ARG B 17 6.85 -13.25 -6.90
N ARG B 18 7.55 -12.47 -6.06
CA ARG B 18 8.93 -12.70 -5.75
C ARG B 18 9.15 -13.88 -4.87
N GLU B 19 8.17 -14.29 -4.06
CA GLU B 19 8.21 -15.46 -3.23
C GLU B 19 8.44 -16.72 -3.98
N ARG B 20 7.95 -16.77 -5.23
CA ARG B 20 8.10 -17.82 -6.19
C ARG B 20 9.49 -17.91 -6.72
N GLU B 21 10.14 -16.77 -7.01
CA GLU B 21 11.45 -16.73 -7.59
C GLU B 21 12.54 -17.00 -6.61
N ALA B 22 12.27 -16.78 -5.31
CA ALA B 22 13.08 -17.22 -4.23
C ALA B 22 12.97 -18.68 -3.97
N GLU B 23 11.90 -19.36 -4.45
CA GLU B 23 11.69 -20.76 -4.25
C GLU B 23 12.61 -21.63 -5.01
N HIS B 24 13.09 -21.16 -6.18
CA HIS B 24 14.25 -21.63 -6.86
C HIS B 24 14.19 -22.99 -7.55
N GLU A 1 19.39 2.13 -15.40
CA GLU A 1 19.33 3.59 -15.17
C GLU A 1 18.35 4.05 -14.16
N SER A 2 17.34 3.20 -13.86
CA SER A 2 16.29 3.39 -12.91
C SER A 2 15.17 4.18 -13.47
N ASP A 3 14.13 3.49 -13.97
CA ASP A 3 13.01 4.10 -14.62
C ASP A 3 12.01 4.55 -13.60
N SER A 4 11.33 3.60 -12.94
CA SER A 4 10.41 3.87 -11.88
C SER A 4 11.00 3.62 -10.54
N VAL A 5 11.41 4.73 -9.87
CA VAL A 5 11.93 4.80 -8.56
C VAL A 5 10.84 4.62 -7.58
N GLU A 6 9.70 5.31 -7.83
CA GLU A 6 8.51 5.24 -7.05
C GLU A 6 7.86 3.90 -7.06
N PHE A 7 8.17 3.04 -8.07
CA PHE A 7 7.82 1.67 -7.97
C PHE A 7 8.48 0.98 -6.83
N ASN A 8 9.79 1.21 -6.64
CA ASN A 8 10.64 0.56 -5.70
C ASN A 8 10.47 1.14 -4.34
N ASN A 9 10.11 2.44 -4.25
CA ASN A 9 9.72 3.07 -3.03
C ASN A 9 8.39 2.62 -2.55
N ALA A 10 7.50 2.16 -3.47
CA ALA A 10 6.32 1.44 -3.12
C ALA A 10 6.65 0.09 -2.56
N ILE A 11 7.54 -0.68 -3.21
CA ILE A 11 7.99 -1.97 -2.78
C ILE A 11 8.56 -2.00 -1.41
N SER A 12 9.50 -1.08 -1.14
CA SER A 12 10.26 -1.00 0.07
C SER A 12 9.44 -0.84 1.31
N TYR A 13 8.22 -0.28 1.18
CA TYR A 13 7.23 -0.20 2.21
C TYR A 13 6.63 -1.54 2.48
N VAL A 14 6.00 -2.18 1.47
CA VAL A 14 5.35 -3.45 1.56
C VAL A 14 6.25 -4.55 2.00
N ASN A 15 7.52 -4.54 1.57
CA ASN A 15 8.52 -5.41 2.09
C ASN A 15 8.78 -5.29 3.55
N LYS A 16 8.89 -4.07 4.11
CA LYS A 16 9.05 -3.84 5.51
C LYS A 16 7.86 -4.27 6.30
N ILE A 17 6.66 -4.02 5.75
CA ILE A 17 5.39 -4.49 6.17
C ILE A 17 5.32 -5.97 6.32
N LYS A 18 5.69 -6.74 5.27
CA LYS A 18 5.78 -8.16 5.31
C LYS A 18 6.75 -8.68 6.31
N THR A 19 7.95 -8.08 6.38
CA THR A 19 8.98 -8.45 7.29
C THR A 19 8.62 -8.25 8.73
N ARG A 20 7.76 -7.27 9.06
CA ARG A 20 7.20 -7.14 10.38
C ARG A 20 6.20 -8.18 10.73
N PHE A 21 5.06 -8.23 10.01
CA PHE A 21 3.97 -9.07 10.40
C PHE A 21 4.07 -10.50 10.00
N LEU A 22 5.27 -11.09 10.21
CA LEU A 22 5.54 -12.49 10.08
C LEU A 22 4.91 -13.25 11.19
N ASP A 23 4.75 -12.56 12.33
CA ASP A 23 3.97 -13.03 13.44
C ASP A 23 2.52 -12.72 13.31
N HIS A 24 2.08 -12.01 12.26
CA HIS A 24 0.68 -11.72 12.09
C HIS A 24 0.27 -11.76 10.66
N PRO A 25 0.19 -12.85 9.97
CA PRO A 25 -0.13 -12.89 8.58
C PRO A 25 -1.56 -12.60 8.28
N GLU A 26 -2.41 -12.46 9.32
CA GLU A 26 -3.76 -11.99 9.22
C GLU A 26 -3.82 -10.55 8.83
N ILE A 27 -2.74 -9.78 9.07
CA ILE A 27 -2.65 -8.40 8.70
C ILE A 27 -2.60 -8.26 7.21
N TYR A 28 -1.81 -9.12 6.53
CA TYR A 28 -1.65 -9.13 5.11
C TYR A 28 -2.94 -9.28 4.39
N ARG A 29 -3.89 -10.04 4.97
CA ARG A 29 -5.22 -10.13 4.46
C ARG A 29 -5.97 -8.86 4.64
N SER A 30 -6.10 -8.34 5.87
CA SER A 30 -6.91 -7.20 6.19
C SER A 30 -6.46 -5.92 5.56
N PHE A 31 -5.14 -5.70 5.49
CA PHE A 31 -4.49 -4.52 5.00
C PHE A 31 -4.84 -4.15 3.60
N LEU A 32 -4.59 -5.05 2.63
CA LEU A 32 -4.70 -4.72 1.25
C LEU A 32 -6.11 -4.65 0.80
N GLU A 33 -7.00 -5.44 1.44
CA GLU A 33 -8.42 -5.30 1.31
C GLU A 33 -8.94 -3.92 1.45
N ILE A 34 -8.45 -3.16 2.44
CA ILE A 34 -8.74 -1.77 2.65
C ILE A 34 -8.20 -0.93 1.54
N LEU A 35 -6.94 -1.11 1.11
CA LEU A 35 -6.40 -0.39 0.00
C LEU A 35 -7.03 -0.69 -1.32
N HIS A 36 -7.58 -1.90 -1.50
CA HIS A 36 -8.37 -2.28 -2.64
C HIS A 36 -9.71 -1.64 -2.65
N THR A 37 -10.28 -1.27 -1.49
CA THR A 37 -11.47 -0.50 -1.39
C THR A 37 -11.28 0.88 -1.91
N TYR A 38 -10.04 1.40 -1.87
CA TYR A 38 -9.63 2.55 -2.61
C TYR A 38 -9.45 2.26 -4.06
N GLN A 39 -8.59 1.29 -4.41
CA GLN A 39 -8.16 1.06 -5.75
C GLN A 39 -9.13 0.46 -6.69
N LYS A 40 -9.73 -0.71 -6.39
CA LYS A 40 -10.60 -1.48 -7.23
C LYS A 40 -11.78 -0.71 -7.72
N GLU A 41 -12.40 0.04 -6.79
CA GLU A 41 -13.54 0.87 -6.99
C GLU A 41 -13.23 2.10 -7.78
N GLN A 42 -11.94 2.51 -7.84
CA GLN A 42 -11.50 3.65 -8.57
C GLN A 42 -11.11 3.33 -9.96
N LEU A 43 -11.19 2.05 -10.39
CA LEU A 43 -10.90 1.65 -11.73
C LEU A 43 -12.05 1.89 -12.65
N HIS A 44 -11.95 1.42 -13.91
CA HIS A 44 -12.97 1.52 -14.89
C HIS A 44 -14.04 0.51 -14.67
N THR A 45 -14.99 0.82 -13.77
CA THR A 45 -16.09 -0.06 -13.47
C THR A 45 -17.06 -0.12 -14.60
N LYS A 46 -17.64 -1.30 -14.84
CA LYS A 46 -18.32 -1.63 -16.05
C LYS A 46 -19.80 -1.66 -15.87
N GLY A 47 -20.28 -2.01 -14.66
CA GLY A 47 -21.65 -2.02 -14.30
C GLY A 47 -21.98 -0.89 -13.36
N ARG A 48 -21.62 -1.03 -12.08
CA ARG A 48 -21.84 -0.05 -11.06
C ARG A 48 -21.03 1.17 -11.23
N PRO A 49 -21.35 2.32 -10.70
CA PRO A 49 -20.51 3.48 -10.82
C PRO A 49 -19.28 3.38 -10.00
N PHE A 50 -18.22 4.09 -10.41
CA PHE A 50 -16.94 4.08 -9.77
C PHE A 50 -16.92 4.94 -8.55
N ARG A 51 -15.92 4.71 -7.69
CA ARG A 51 -15.74 5.42 -6.46
C ARG A 51 -14.28 5.69 -6.30
N GLY A 52 -13.65 5.13 -5.24
CA GLY A 52 -12.34 5.49 -4.81
C GLY A 52 -12.46 6.64 -3.88
N MET A 53 -12.53 6.36 -2.57
CA MET A 53 -12.67 7.36 -1.55
C MET A 53 -11.39 8.04 -1.20
N SER A 54 -11.26 8.50 0.05
CA SER A 54 -10.14 9.28 0.46
C SER A 54 -9.08 8.44 1.11
N GLU A 55 -7.82 8.86 0.91
CA GLU A 55 -6.64 8.36 1.55
C GLU A 55 -6.68 8.45 3.04
N GLU A 56 -7.51 9.31 3.65
CA GLU A 56 -7.68 9.32 5.07
C GLU A 56 -8.30 8.09 5.65
N GLU A 57 -9.28 7.45 4.98
CA GLU A 57 -9.97 6.35 5.58
C GLU A 57 -9.19 5.08 5.39
N VAL A 58 -8.53 5.01 4.23
CA VAL A 58 -7.76 3.88 3.79
C VAL A 58 -6.54 3.73 4.63
N PHE A 59 -6.05 4.89 5.09
CA PHE A 59 -5.17 5.04 6.22
C PHE A 59 -5.79 4.60 7.50
N THR A 60 -6.92 5.18 7.93
CA THR A 60 -7.62 4.94 9.15
C THR A 60 -7.88 3.51 9.49
N GLU A 61 -8.38 2.70 8.54
CA GLU A 61 -8.75 1.35 8.84
C GLU A 61 -7.59 0.42 8.93
N VAL A 62 -6.48 0.68 8.22
CA VAL A 62 -5.23 -0.01 8.32
C VAL A 62 -4.52 0.31 9.58
N ALA A 63 -4.78 1.49 10.16
CA ALA A 63 -4.10 2.03 11.29
C ALA A 63 -4.25 1.14 12.49
N ASN A 64 -5.44 0.52 12.60
CA ASN A 64 -5.70 -0.35 13.71
C ASN A 64 -4.93 -1.63 13.63
N LEU A 65 -4.61 -2.09 12.41
CA LEU A 65 -3.90 -3.30 12.14
C LEU A 65 -2.49 -3.22 12.61
N PHE A 66 -1.90 -2.02 12.44
CA PHE A 66 -0.51 -1.76 12.60
C PHE A 66 -0.23 -1.20 13.96
N ARG A 67 -1.25 -1.15 14.83
CA ARG A 67 -1.25 -0.36 16.02
C ARG A 67 -0.26 -0.82 17.05
N GLY A 68 0.64 0.09 17.47
CA GLY A 68 1.79 -0.25 18.24
C GLY A 68 3.00 0.26 17.54
N GLN A 69 3.04 0.08 16.20
CA GLN A 69 4.02 0.68 15.35
C GLN A 69 3.48 1.95 14.77
N GLU A 70 4.18 3.08 14.92
CA GLU A 70 3.96 4.28 14.17
C GLU A 70 4.64 4.31 12.85
N ASP A 71 5.87 3.78 12.76
CA ASP A 71 6.84 4.11 11.76
C ASP A 71 6.48 3.76 10.36
N LEU A 72 5.53 2.83 10.17
CA LEU A 72 4.99 2.52 8.88
C LEU A 72 4.09 3.63 8.42
N LEU A 73 3.14 4.07 9.26
CA LEU A 73 2.15 5.04 8.91
C LEU A 73 2.68 6.44 8.81
N SER A 74 3.73 6.69 9.59
CA SER A 74 4.54 7.88 9.59
C SER A 74 5.12 8.12 8.24
N GLU A 75 5.80 7.09 7.71
CA GLU A 75 6.36 7.05 6.39
C GLU A 75 5.34 6.94 5.32
N PHE A 76 4.12 6.44 5.57
CA PHE A 76 3.09 6.34 4.59
C PHE A 76 2.68 7.67 4.05
N GLY A 77 2.86 8.73 4.87
CA GLY A 77 2.62 10.10 4.59
C GLY A 77 3.45 10.69 3.50
N GLN A 78 4.57 10.05 3.11
CA GLN A 78 5.55 10.59 2.21
C GLN A 78 5.04 10.87 0.84
N PHE A 79 4.13 9.99 0.36
CA PHE A 79 3.60 10.07 -0.96
C PHE A 79 2.11 9.95 -0.95
N LEU A 80 1.45 10.23 0.19
CA LEU A 80 0.05 10.52 0.19
C LEU A 80 -0.33 11.82 -0.43
N PRO A 81 -0.38 12.98 0.15
CA PRO A 81 -0.94 14.14 -0.47
C PRO A 81 -0.08 14.70 -1.55
N GLU A 82 -0.69 15.37 -2.55
CA GLU A 82 -0.06 15.79 -3.76
C GLU A 82 0.59 17.12 -3.65
N ALA A 83 -0.02 18.04 -2.90
CA ALA A 83 0.41 19.40 -2.80
C ALA A 83 0.07 19.87 -1.43
N LYS A 84 -1.24 19.83 -1.09
CA LYS A 84 -1.66 20.02 0.26
C LYS A 84 -2.81 19.19 0.70
N ARG A 85 -3.89 19.07 -0.11
CA ARG A 85 -5.10 18.43 0.29
C ARG A 85 -5.11 16.92 0.09
N VAL B 1 3.46 7.22 -13.60
CA VAL B 1 2.66 7.12 -12.35
C VAL B 1 3.34 7.78 -11.20
N ARG B 2 2.54 8.31 -10.25
CA ARG B 2 3.00 8.85 -9.00
C ARG B 2 2.69 7.90 -7.91
N MET B 3 3.55 7.81 -6.89
CA MET B 3 3.30 7.00 -5.73
C MET B 3 2.21 7.55 -4.86
N ASN B 4 1.37 6.64 -4.33
CA ASN B 4 0.18 6.95 -3.59
C ASN B 4 -0.29 5.61 -3.13
N ILE B 5 -1.52 5.51 -2.59
CA ILE B 5 -2.20 4.33 -2.18
C ILE B 5 -2.25 3.30 -3.25
N GLN B 6 -2.60 3.72 -4.49
CA GLN B 6 -2.78 2.92 -5.66
C GLN B 6 -1.68 1.97 -5.99
N MET B 7 -0.42 2.39 -5.80
CA MET B 7 0.75 1.60 -6.05
C MET B 7 1.01 0.49 -5.09
N LEU B 8 0.40 0.50 -3.89
CA LEU B 8 0.63 -0.52 -2.91
C LEU B 8 0.10 -1.88 -3.23
N LEU B 9 -0.97 -1.94 -4.05
CA LEU B 9 -1.58 -3.16 -4.50
C LEU B 9 -0.77 -3.78 -5.59
N GLU B 10 -0.01 -2.94 -6.30
CA GLU B 10 0.85 -3.33 -7.38
C GLU B 10 2.14 -3.84 -6.84
N ALA B 11 2.68 -3.18 -5.80
CA ALA B 11 3.84 -3.58 -5.07
C ALA B 11 3.65 -4.87 -4.34
N ALA B 12 2.47 -5.07 -3.72
CA ALA B 12 2.08 -6.29 -3.09
C ALA B 12 2.15 -7.49 -3.98
N ASP B 13 1.54 -7.42 -5.18
CA ASP B 13 1.47 -8.51 -6.10
C ASP B 13 2.78 -8.94 -6.64
N TYR B 14 3.66 -7.97 -6.95
CA TYR B 14 5.03 -8.11 -7.30
C TYR B 14 5.82 -8.81 -6.26
N LEU B 15 5.68 -8.41 -4.98
CA LEU B 15 6.40 -8.99 -3.89
C LEU B 15 6.02 -10.40 -3.57
N GLU B 16 4.79 -10.82 -3.91
CA GLU B 16 4.35 -12.18 -3.83
C GLU B 16 5.08 -13.07 -4.78
N ARG B 17 5.38 -12.58 -6.00
CA ARG B 17 6.13 -13.30 -6.97
C ARG B 17 7.58 -13.42 -6.65
N ARG B 18 8.19 -12.37 -6.06
CA ARG B 18 9.54 -12.35 -5.57
C ARG B 18 9.94 -13.44 -4.63
N GLU B 19 8.97 -14.00 -3.87
CA GLU B 19 9.15 -15.13 -3.01
C GLU B 19 9.56 -16.37 -3.73
N ARG B 20 9.08 -16.54 -4.97
CA ARG B 20 9.34 -17.68 -5.80
C ARG B 20 10.70 -17.59 -6.43
N GLU B 21 11.24 -16.37 -6.61
CA GLU B 21 12.54 -16.13 -7.14
C GLU B 21 13.61 -16.41 -6.15
N ALA B 22 13.30 -16.12 -4.87
CA ALA B 22 14.10 -16.38 -3.72
C ALA B 22 14.20 -17.81 -3.35
N GLU B 23 13.29 -18.67 -3.84
CA GLU B 23 13.28 -20.07 -3.58
C GLU B 23 14.43 -20.76 -4.22
N HIS B 24 14.68 -20.47 -5.50
CA HIS B 24 15.78 -20.90 -6.30
C HIS B 24 15.61 -22.32 -6.88
N GLU A 1 19.75 3.08 -16.46
CA GLU A 1 19.33 4.34 -15.80
C GLU A 1 17.99 4.14 -15.19
N SER A 2 17.92 4.11 -13.85
CA SER A 2 16.83 3.50 -13.17
C SER A 2 15.66 4.40 -12.94
N ASP A 3 14.55 4.07 -13.63
CA ASP A 3 13.30 4.74 -13.66
C ASP A 3 12.40 4.36 -12.52
N SER A 4 12.49 3.10 -12.04
CA SER A 4 11.58 2.51 -11.11
C SER A 4 11.81 2.81 -9.68
N VAL A 5 12.18 4.06 -9.35
CA VAL A 5 12.50 4.54 -8.05
C VAL A 5 11.33 4.47 -7.12
N GLU A 6 10.21 5.11 -7.48
CA GLU A 6 9.05 5.15 -6.63
C GLU A 6 8.28 3.88 -6.58
N PHE A 7 8.48 2.99 -7.57
CA PHE A 7 8.12 1.62 -7.43
C PHE A 7 8.81 0.99 -6.26
N ASN A 8 10.15 1.17 -6.15
CA ASN A 8 10.98 0.52 -5.19
C ASN A 8 10.79 1.09 -3.82
N ASN A 9 10.44 2.39 -3.73
CA ASN A 9 10.01 3.04 -2.53
C ASN A 9 8.75 2.47 -2.00
N ALA A 10 7.85 2.01 -2.89
CA ALA A 10 6.69 1.24 -2.55
C ALA A 10 7.06 -0.13 -2.09
N ILE A 11 7.85 -0.90 -2.86
CA ILE A 11 8.29 -2.23 -2.57
C ILE A 11 8.88 -2.39 -1.21
N SER A 12 9.81 -1.48 -0.90
CA SER A 12 10.53 -1.39 0.33
C SER A 12 9.67 -1.22 1.53
N TYR A 13 8.52 -0.55 1.38
CA TYR A 13 7.55 -0.37 2.41
C TYR A 13 6.81 -1.63 2.66
N VAL A 14 6.27 -2.28 1.61
CA VAL A 14 5.58 -3.53 1.67
C VAL A 14 6.41 -4.61 2.28
N ASN A 15 7.68 -4.77 1.85
CA ASN A 15 8.61 -5.63 2.49
C ASN A 15 8.86 -5.40 3.94
N LYS A 16 8.97 -4.14 4.41
CA LYS A 16 9.10 -3.80 5.79
C LYS A 16 7.92 -4.20 6.62
N ILE A 17 6.71 -3.97 6.10
CA ILE A 17 5.45 -4.39 6.63
C ILE A 17 5.37 -5.87 6.75
N LYS A 18 5.70 -6.62 5.68
CA LYS A 18 5.79 -8.04 5.68
C LYS A 18 6.69 -8.59 6.72
N THR A 19 7.90 -8.01 6.89
CA THR A 19 8.83 -8.37 7.91
C THR A 19 8.31 -8.29 9.30
N ARG A 20 7.57 -7.22 9.66
CA ARG A 20 6.93 -7.13 10.94
C ARG A 20 5.83 -8.10 11.11
N PHE A 21 4.92 -8.20 10.13
CA PHE A 21 3.77 -9.04 10.20
C PHE A 21 3.99 -10.42 9.67
N LEU A 22 5.13 -11.04 10.02
CA LEU A 22 5.42 -12.43 9.83
C LEU A 22 4.74 -13.27 10.85
N ASP A 23 4.61 -12.69 12.06
CA ASP A 23 3.94 -13.26 13.17
C ASP A 23 2.46 -13.11 13.02
N HIS A 24 2.01 -12.23 12.11
CA HIS A 24 0.62 -11.91 11.96
C HIS A 24 0.24 -11.81 10.51
N PRO A 25 0.16 -12.86 9.76
CA PRO A 25 -0.05 -12.80 8.34
C PRO A 25 -1.44 -12.42 7.98
N GLU A 26 -2.37 -12.45 8.94
CA GLU A 26 -3.74 -12.03 8.80
C GLU A 26 -3.85 -10.55 8.67
N ILE A 27 -2.80 -9.80 9.07
CA ILE A 27 -2.68 -8.39 8.83
C ILE A 27 -2.47 -8.20 7.36
N TYR A 28 -1.47 -8.89 6.78
CA TYR A 28 -1.09 -8.75 5.41
C TYR A 28 -2.16 -9.11 4.43
N ARG A 29 -3.09 -9.99 4.82
CA ARG A 29 -4.34 -10.20 4.14
C ARG A 29 -5.22 -8.99 4.13
N SER A 30 -5.63 -8.49 5.31
CA SER A 30 -6.64 -7.48 5.42
C SER A 30 -6.16 -6.09 5.17
N PHE A 31 -4.85 -5.82 5.38
CA PHE A 31 -4.15 -4.62 5.04
C PHE A 31 -4.42 -4.12 3.66
N LEU A 32 -4.17 -4.99 2.66
CA LEU A 32 -4.31 -4.66 1.27
C LEU A 32 -5.74 -4.54 0.88
N GLU A 33 -6.61 -5.39 1.47
CA GLU A 33 -8.03 -5.30 1.36
C GLU A 33 -8.63 -3.96 1.62
N ILE A 34 -8.15 -3.23 2.65
CA ILE A 34 -8.46 -1.86 2.89
C ILE A 34 -8.07 -0.99 1.75
N LEU A 35 -6.84 -1.10 1.21
CA LEU A 35 -6.45 -0.34 0.05
C LEU A 35 -7.21 -0.67 -1.19
N HIS A 36 -7.51 -1.96 -1.43
CA HIS A 36 -8.35 -2.47 -2.48
C HIS A 36 -9.71 -1.85 -2.47
N THR A 37 -10.31 -1.65 -1.29
CA THR A 37 -11.56 -0.97 -1.10
C THR A 37 -11.65 0.36 -1.76
N TYR A 38 -10.54 1.12 -1.81
CA TYR A 38 -10.40 2.27 -2.63
C TYR A 38 -10.02 1.95 -4.04
N GLN A 39 -8.93 1.19 -4.23
CA GLN A 39 -8.29 1.00 -5.50
C GLN A 39 -9.06 0.28 -6.55
N LYS A 40 -9.96 -0.65 -6.17
CA LYS A 40 -10.90 -1.31 -7.03
C LYS A 40 -11.83 -0.37 -7.70
N GLU A 41 -12.53 0.44 -6.89
CA GLU A 41 -13.46 1.42 -7.33
C GLU A 41 -12.86 2.46 -8.23
N GLN A 42 -11.60 2.84 -7.97
CA GLN A 42 -10.81 3.73 -8.77
C GLN A 42 -10.47 3.23 -10.13
N LEU A 43 -10.41 1.91 -10.35
CA LEU A 43 -10.09 1.37 -11.64
C LEU A 43 -11.26 1.30 -12.57
N HIS A 44 -10.98 1.43 -13.87
CA HIS A 44 -11.87 1.19 -14.96
C HIS A 44 -12.87 2.28 -15.15
N THR A 45 -12.46 3.55 -15.03
CA THR A 45 -13.32 4.68 -15.18
C THR A 45 -13.54 5.00 -16.63
N LYS A 46 -14.58 5.80 -16.94
CA LYS A 46 -14.83 6.24 -18.27
C LYS A 46 -13.93 7.33 -18.75
N GLY A 47 -13.01 7.82 -17.89
CA GLY A 47 -12.04 8.80 -18.26
C GLY A 47 -11.46 9.47 -17.07
N ARG A 48 -12.30 10.21 -16.33
CA ARG A 48 -11.89 11.07 -15.26
C ARG A 48 -11.42 10.38 -14.03
N PRO A 49 -10.62 10.98 -13.21
CA PRO A 49 -10.32 10.47 -11.90
C PRO A 49 -11.46 10.68 -10.96
N PHE A 50 -12.09 9.57 -10.53
CA PHE A 50 -13.22 9.56 -9.65
C PHE A 50 -13.14 8.25 -8.96
N ARG A 51 -13.79 8.11 -7.79
CA ARG A 51 -14.03 6.88 -7.11
C ARG A 51 -12.95 6.39 -6.22
N GLY A 52 -13.35 6.12 -4.97
CA GLY A 52 -12.49 5.82 -3.86
C GLY A 52 -12.98 6.69 -2.76
N MET A 53 -13.04 6.14 -1.54
CA MET A 53 -13.39 6.90 -0.37
C MET A 53 -12.20 7.67 0.11
N SER A 54 -12.20 8.15 1.37
CA SER A 54 -11.12 8.96 1.82
C SER A 54 -9.82 8.23 1.91
N GLU A 55 -8.76 8.82 1.33
CA GLU A 55 -7.39 8.40 1.49
C GLU A 55 -6.93 8.48 2.90
N GLU A 56 -7.63 9.27 3.72
CA GLU A 56 -7.60 9.23 5.15
C GLU A 56 -8.05 7.96 5.77
N GLU A 57 -9.10 7.27 5.27
CA GLU A 57 -9.66 6.16 5.97
C GLU A 57 -8.88 4.92 5.66
N VAL A 58 -8.36 4.86 4.42
CA VAL A 58 -7.56 3.78 3.91
C VAL A 58 -6.30 3.64 4.69
N PHE A 59 -5.78 4.81 5.10
CA PHE A 59 -4.78 5.04 6.09
C PHE A 59 -5.23 4.68 7.47
N THR A 60 -6.36 5.21 7.96
CA THR A 60 -6.92 4.97 9.26
C THR A 60 -7.13 3.54 9.61
N GLU A 61 -7.73 2.73 8.71
CA GLU A 61 -8.05 1.38 9.00
C GLU A 61 -6.82 0.54 9.10
N VAL A 62 -5.86 0.70 8.18
CA VAL A 62 -4.55 0.11 8.20
C VAL A 62 -3.80 0.29 9.47
N ALA A 63 -3.94 1.48 10.08
CA ALA A 63 -3.29 1.91 11.28
C ALA A 63 -3.77 1.15 12.46
N ASN A 64 -5.03 0.71 12.43
CA ASN A 64 -5.64 0.00 13.52
C ASN A 64 -5.23 -1.43 13.54
N LEU A 65 -4.81 -2.00 12.39
CA LEU A 65 -4.13 -3.25 12.35
C LEU A 65 -2.71 -3.18 12.78
N PHE A 66 -2.04 -2.03 12.58
CA PHE A 66 -0.62 -1.88 12.69
C PHE A 66 -0.24 -1.34 14.03
N ARG A 67 -1.26 -1.07 14.86
CA ARG A 67 -1.30 -0.38 16.10
C ARG A 67 -0.13 -0.50 17.02
N GLY A 68 0.51 0.64 17.34
CA GLY A 68 1.68 0.70 18.16
C GLY A 68 2.94 0.88 17.37
N GLN A 69 2.86 0.81 16.03
CA GLN A 69 3.98 1.01 15.16
C GLN A 69 3.68 2.13 14.22
N GLU A 70 3.99 3.36 14.67
CA GLU A 70 3.67 4.58 13.98
C GLU A 70 4.61 4.88 12.86
N ASP A 71 5.81 4.28 12.89
CA ASP A 71 6.88 4.31 11.94
C ASP A 71 6.41 4.09 10.54
N LEU A 72 5.50 3.12 10.36
CA LEU A 72 4.92 2.77 9.09
C LEU A 72 3.99 3.81 8.57
N LEU A 73 3.03 4.31 9.38
CA LEU A 73 2.02 5.24 8.98
C LEU A 73 2.57 6.61 8.69
N SER A 74 3.75 6.89 9.28
CA SER A 74 4.48 8.12 9.09
C SER A 74 4.99 8.23 7.70
N GLU A 75 5.67 7.19 7.18
CA GLU A 75 6.02 7.12 5.79
C GLU A 75 4.87 6.90 4.86
N PHE A 76 3.72 6.41 5.34
CA PHE A 76 2.56 6.20 4.52
C PHE A 76 2.02 7.46 3.95
N GLY A 77 2.32 8.60 4.58
CA GLY A 77 2.01 9.92 4.13
C GLY A 77 2.69 10.33 2.86
N GLN A 78 3.76 9.65 2.43
CA GLN A 78 4.43 9.93 1.19
C GLN A 78 3.69 9.42 0.01
N PHE A 79 2.76 8.48 0.23
CA PHE A 79 1.84 7.98 -0.75
C PHE A 79 0.62 8.83 -0.81
N LEU A 80 0.49 9.79 0.12
CA LEU A 80 -0.59 10.74 0.17
C LEU A 80 -0.09 12.11 -0.12
N PRO A 81 -0.91 13.13 -0.23
CA PRO A 81 -0.45 14.49 -0.27
C PRO A 81 0.18 14.95 1.00
N GLU A 82 -0.57 15.01 2.11
CA GLU A 82 -0.10 15.46 3.38
C GLU A 82 -0.03 14.33 4.35
N ALA A 83 -0.73 14.41 5.48
CA ALA A 83 -0.61 13.44 6.53
C ALA A 83 -1.71 13.58 7.53
N LYS A 84 -2.12 14.83 7.81
CA LYS A 84 -3.13 15.22 8.74
C LYS A 84 -2.70 15.24 10.17
N ARG A 85 -1.42 14.88 10.42
CA ARG A 85 -0.78 14.77 11.69
C ARG A 85 -1.18 13.55 12.50
N VAL B 1 3.14 10.69 -13.42
CA VAL B 1 2.83 9.45 -12.65
C VAL B 1 3.42 9.53 -11.29
N ARG B 2 2.62 9.40 -10.22
CA ARG B 2 3.08 9.71 -8.89
C ARG B 2 2.57 8.75 -7.87
N MET B 3 3.16 8.80 -6.67
CA MET B 3 2.80 8.00 -5.54
C MET B 3 1.43 8.27 -5.02
N ASN B 4 0.56 7.24 -5.14
CA ASN B 4 -0.74 7.20 -4.53
C ASN B 4 -0.81 5.92 -3.77
N ILE B 5 -1.90 5.69 -3.02
CA ILE B 5 -2.19 4.47 -2.32
C ILE B 5 -2.24 3.30 -3.24
N GLN B 6 -2.64 3.53 -4.49
CA GLN B 6 -2.58 2.65 -5.63
C GLN B 6 -1.33 1.86 -5.79
N MET B 7 -0.16 2.42 -5.47
CA MET B 7 1.12 1.80 -5.62
C MET B 7 1.26 0.51 -4.89
N LEU B 8 0.66 0.41 -3.69
CA LEU B 8 0.75 -0.71 -2.80
C LEU B 8 0.20 -2.02 -3.24
N LEU B 9 -0.92 -2.01 -3.99
CA LEU B 9 -1.53 -3.21 -4.49
C LEU B 9 -0.75 -3.77 -5.63
N GLU B 10 0.04 -2.90 -6.29
CA GLU B 10 0.90 -3.30 -7.35
C GLU B 10 2.17 -3.85 -6.80
N ALA B 11 2.78 -3.16 -5.82
CA ALA B 11 3.94 -3.57 -5.10
C ALA B 11 3.79 -4.88 -4.40
N ALA B 12 2.65 -5.12 -3.73
CA ALA B 12 2.31 -6.37 -3.14
C ALA B 12 2.34 -7.52 -4.08
N ASP B 13 1.62 -7.42 -5.21
CA ASP B 13 1.54 -8.46 -6.20
C ASP B 13 2.80 -8.65 -6.97
N TYR B 14 3.59 -7.58 -7.16
CA TYR B 14 4.92 -7.61 -7.69
C TYR B 14 5.86 -8.36 -6.81
N LEU B 15 5.85 -8.13 -5.49
CA LEU B 15 6.75 -8.68 -4.55
C LEU B 15 6.40 -10.10 -4.20
N GLU B 16 5.13 -10.49 -4.37
CA GLU B 16 4.63 -11.82 -4.37
C GLU B 16 5.26 -12.69 -5.39
N ARG B 17 5.57 -12.14 -6.57
CA ARG B 17 6.29 -12.81 -7.62
C ARG B 17 7.67 -13.20 -7.26
N ARG B 18 8.33 -12.45 -6.35
CA ARG B 18 9.61 -12.80 -5.81
C ARG B 18 9.55 -13.99 -4.92
N GLU B 19 8.52 -14.06 -4.06
CA GLU B 19 8.25 -15.19 -3.22
C GLU B 19 7.89 -16.42 -3.99
N ARG B 20 7.07 -16.29 -5.05
CA ARG B 20 6.68 -17.38 -5.90
C ARG B 20 7.82 -18.00 -6.64
N GLU B 21 8.79 -17.18 -7.10
CA GLU B 21 10.03 -17.64 -7.64
C GLU B 21 10.85 -18.44 -6.68
N ALA B 22 10.93 -18.01 -5.41
CA ALA B 22 11.66 -18.65 -4.36
C ALA B 22 11.18 -20.02 -3.99
N GLU B 23 9.93 -20.36 -4.33
CA GLU B 23 9.40 -21.69 -4.22
C GLU B 23 9.99 -22.61 -5.22
N HIS B 24 9.84 -22.28 -6.51
CA HIS B 24 10.13 -23.11 -7.64
C HIS B 24 9.43 -24.46 -7.62
N GLU A 1 15.14 3.54 -20.24
CA GLU A 1 13.75 3.04 -20.36
C GLU A 1 12.97 3.41 -19.15
N SER A 2 13.16 2.70 -18.03
CA SER A 2 12.60 3.11 -16.77
C SER A 2 13.35 2.48 -15.64
N ASP A 3 13.68 3.27 -14.60
CA ASP A 3 14.21 2.77 -13.37
C ASP A 3 13.10 2.48 -12.42
N SER A 4 12.16 3.42 -12.26
CA SER A 4 10.99 3.31 -11.45
C SER A 4 11.29 3.29 -9.99
N VAL A 5 11.80 4.44 -9.53
CA VAL A 5 12.30 4.76 -8.23
C VAL A 5 11.21 4.76 -7.23
N GLU A 6 10.12 5.50 -7.51
CA GLU A 6 8.96 5.59 -6.67
C GLU A 6 8.24 4.29 -6.52
N PHE A 7 8.38 3.40 -7.52
CA PHE A 7 7.87 2.06 -7.48
C PHE A 7 8.59 1.27 -6.44
N ASN A 8 9.90 1.47 -6.30
CA ASN A 8 10.77 0.78 -5.38
C ASN A 8 10.58 1.28 -3.99
N ASN A 9 10.07 2.51 -3.81
CA ASN A 9 9.67 3.02 -2.54
C ASN A 9 8.40 2.40 -2.07
N ALA A 10 7.51 1.99 -3.00
CA ALA A 10 6.38 1.19 -2.65
C ALA A 10 6.79 -0.19 -2.24
N ILE A 11 7.75 -0.82 -2.95
CA ILE A 11 8.32 -2.08 -2.61
C ILE A 11 8.94 -2.11 -1.25
N SER A 12 9.79 -1.12 -0.95
CA SER A 12 10.50 -1.02 0.29
C SER A 12 9.61 -0.91 1.48
N TYR A 13 8.45 -0.22 1.36
CA TYR A 13 7.45 -0.16 2.38
C TYR A 13 6.81 -1.49 2.62
N VAL A 14 6.34 -2.19 1.58
CA VAL A 14 5.79 -3.51 1.65
C VAL A 14 6.74 -4.51 2.22
N ASN A 15 8.01 -4.46 1.81
CA ASN A 15 9.08 -5.19 2.44
C ASN A 15 9.23 -4.98 3.90
N LYS A 16 9.15 -3.74 4.43
CA LYS A 16 9.14 -3.47 5.83
C LYS A 16 7.99 -4.12 6.50
N ILE A 17 6.78 -3.98 5.93
CA ILE A 17 5.56 -4.56 6.38
C ILE A 17 5.59 -6.05 6.43
N LYS A 18 6.13 -6.72 5.39
CA LYS A 18 6.37 -8.14 5.37
C LYS A 18 7.22 -8.61 6.51
N THR A 19 8.34 -7.91 6.73
CA THR A 19 9.31 -8.21 7.74
C THR A 19 8.84 -7.90 9.13
N ARG A 20 7.86 -6.99 9.29
CA ARG A 20 7.18 -6.77 10.52
C ARG A 20 6.06 -7.73 10.79
N PHE A 21 5.22 -8.07 9.81
CA PHE A 21 4.10 -8.94 9.99
C PHE A 21 4.47 -10.39 9.91
N LEU A 22 5.53 -10.75 10.64
CA LEU A 22 5.91 -12.10 10.91
C LEU A 22 5.06 -12.67 12.00
N ASP A 23 4.72 -11.85 13.00
CA ASP A 23 3.75 -12.21 13.99
C ASP A 23 2.35 -12.21 13.49
N HIS A 24 2.09 -11.56 12.33
CA HIS A 24 0.77 -11.24 11.89
C HIS A 24 0.49 -11.63 10.48
N PRO A 25 0.47 -12.87 10.08
CA PRO A 25 0.24 -13.24 8.71
C PRO A 25 -1.17 -13.01 8.26
N GLU A 26 -2.16 -12.94 9.17
CA GLU A 26 -3.52 -12.67 8.85
C GLU A 26 -3.75 -11.32 8.27
N ILE A 27 -2.97 -10.32 8.74
CA ILE A 27 -3.05 -8.93 8.37
C ILE A 27 -2.58 -8.69 6.98
N TYR A 28 -1.75 -9.61 6.45
CA TYR A 28 -1.26 -9.55 5.11
C TYR A 28 -2.33 -9.64 4.09
N ARG A 29 -3.49 -10.23 4.45
CA ARG A 29 -4.71 -10.12 3.72
C ARG A 29 -5.43 -8.84 3.97
N SER A 30 -5.69 -8.48 5.25
CA SER A 30 -6.62 -7.47 5.64
C SER A 30 -6.17 -6.07 5.40
N PHE A 31 -4.87 -5.78 5.51
CA PHE A 31 -4.26 -4.54 5.13
C PHE A 31 -4.60 -4.10 3.75
N LEU A 32 -4.30 -4.95 2.74
CA LEU A 32 -4.48 -4.63 1.36
C LEU A 32 -5.92 -4.53 0.98
N GLU A 33 -6.76 -5.39 1.58
CA GLU A 33 -8.19 -5.32 1.51
C GLU A 33 -8.83 -4.01 1.81
N ILE A 34 -8.28 -3.19 2.72
CA ILE A 34 -8.68 -1.84 2.97
C ILE A 34 -8.27 -0.96 1.85
N LEU A 35 -7.03 -1.09 1.31
CA LEU A 35 -6.59 -0.34 0.17
C LEU A 35 -7.32 -0.68 -1.08
N HIS A 36 -7.86 -1.90 -1.18
CA HIS A 36 -8.70 -2.34 -2.26
C HIS A 36 -10.08 -1.79 -2.18
N THR A 37 -10.56 -1.46 -0.97
CA THR A 37 -11.75 -0.70 -0.70
C THR A 37 -11.67 0.65 -1.30
N TYR A 38 -10.47 1.26 -1.31
CA TYR A 38 -10.18 2.45 -2.06
C TYR A 38 -10.14 2.18 -3.52
N GLN A 39 -9.20 1.32 -3.96
CA GLN A 39 -8.70 1.25 -5.30
C GLN A 39 -9.69 0.79 -6.32
N LYS A 40 -10.76 0.11 -5.89
CA LYS A 40 -11.95 -0.21 -6.60
C LYS A 40 -12.56 0.90 -7.39
N GLU A 41 -12.40 2.14 -6.93
CA GLU A 41 -12.78 3.37 -7.57
C GLU A 41 -12.37 3.53 -8.98
N GLN A 42 -11.12 3.18 -9.32
CA GLN A 42 -10.58 3.32 -10.63
C GLN A 42 -10.95 2.17 -11.52
N LEU A 43 -11.13 0.98 -10.94
CA LEU A 43 -11.35 -0.25 -11.63
C LEU A 43 -12.69 -0.37 -12.29
N HIS A 44 -13.72 0.34 -11.80
CA HIS A 44 -14.97 0.49 -12.48
C HIS A 44 -14.81 1.26 -13.75
N THR A 45 -14.66 2.59 -13.65
CA THR A 45 -14.58 3.48 -14.77
C THR A 45 -14.32 4.86 -14.24
N LYS A 46 -13.71 5.73 -15.05
CA LYS A 46 -13.39 7.08 -14.72
C LYS A 46 -14.39 8.02 -15.30
N GLY A 47 -14.34 9.31 -14.92
CA GLY A 47 -15.10 10.37 -15.53
C GLY A 47 -16.23 10.85 -14.68
N ARG A 48 -16.77 9.97 -13.82
CA ARG A 48 -17.89 10.23 -12.97
C ARG A 48 -17.46 10.78 -11.65
N PRO A 49 -18.28 11.36 -10.83
CA PRO A 49 -17.90 11.86 -9.55
C PRO A 49 -17.33 10.83 -8.63
N PHE A 50 -16.20 11.17 -7.97
CA PHE A 50 -15.28 10.28 -7.34
C PHE A 50 -15.83 9.31 -6.35
N ARG A 51 -15.36 8.05 -6.43
CA ARG A 51 -15.70 6.99 -5.52
C ARG A 51 -14.63 6.78 -4.51
N GLY A 52 -13.39 7.21 -4.77
CA GLY A 52 -12.26 7.03 -3.90
C GLY A 52 -12.21 7.95 -2.72
N MET A 53 -13.33 8.01 -2.00
CA MET A 53 -13.53 8.37 -0.62
C MET A 53 -12.65 9.40 -0.01
N SER A 54 -12.20 9.16 1.22
CA SER A 54 -11.19 9.91 1.88
C SER A 54 -9.92 9.12 1.92
N GLU A 55 -8.79 9.74 1.54
CA GLU A 55 -7.46 9.21 1.64
C GLU A 55 -7.11 8.90 3.06
N GLU A 56 -7.59 9.71 4.01
CA GLU A 56 -7.42 9.45 5.41
C GLU A 56 -8.07 8.21 5.92
N GLU A 57 -9.09 7.63 5.25
CA GLU A 57 -9.84 6.55 5.82
C GLU A 57 -9.14 5.25 5.57
N VAL A 58 -8.49 5.17 4.40
CA VAL A 58 -7.82 3.98 3.98
C VAL A 58 -6.64 3.73 4.84
N PHE A 59 -6.01 4.86 5.23
CA PHE A 59 -5.06 5.04 6.29
C PHE A 59 -5.61 4.71 7.64
N THR A 60 -6.75 5.28 8.07
CA THR A 60 -7.38 5.08 9.33
C THR A 60 -7.72 3.68 9.69
N GLU A 61 -8.22 2.89 8.72
CA GLU A 61 -8.58 1.52 8.96
C GLU A 61 -7.36 0.67 9.10
N VAL A 62 -6.35 0.81 8.23
CA VAL A 62 -5.06 0.19 8.29
C VAL A 62 -4.34 0.40 9.57
N ALA A 63 -4.57 1.56 10.21
CA ALA A 63 -3.92 2.02 11.41
C ALA A 63 -4.20 1.13 12.56
N ASN A 64 -5.40 0.52 12.59
CA ASN A 64 -5.74 -0.36 13.66
C ASN A 64 -5.07 -1.68 13.53
N LEU A 65 -4.79 -2.11 12.29
CA LEU A 65 -4.17 -3.36 11.96
C LEU A 65 -2.73 -3.32 12.30
N PHE A 66 -2.14 -2.12 12.12
CA PHE A 66 -0.73 -1.83 12.18
C PHE A 66 -0.31 -1.44 13.56
N ARG A 67 -1.29 -1.19 14.44
CA ARG A 67 -1.20 -0.54 15.71
C ARG A 67 -0.05 -0.94 16.59
N GLY A 68 0.62 0.09 17.11
CA GLY A 68 1.85 -0.01 17.83
C GLY A 68 3.01 0.39 16.97
N GLN A 69 2.90 0.16 15.65
CA GLN A 69 3.93 0.48 14.71
C GLN A 69 3.63 1.75 13.99
N GLU A 70 4.01 2.86 14.66
CA GLU A 70 3.66 4.21 14.33
C GLU A 70 4.46 4.71 13.18
N ASP A 71 5.72 4.24 13.06
CA ASP A 71 6.65 4.62 12.04
C ASP A 71 6.27 4.18 10.68
N LEU A 72 5.43 3.13 10.55
CA LEU A 72 4.88 2.72 9.30
C LEU A 72 3.92 3.72 8.75
N LEU A 73 2.95 4.20 9.54
CA LEU A 73 1.96 5.15 9.12
C LEU A 73 2.52 6.50 8.84
N SER A 74 3.63 6.84 9.53
CA SER A 74 4.35 8.06 9.34
C SER A 74 4.92 8.15 7.97
N GLU A 75 5.65 7.10 7.53
CA GLU A 75 6.21 6.99 6.23
C GLU A 75 5.21 6.65 5.18
N PHE A 76 4.02 6.13 5.54
CA PHE A 76 2.91 5.97 4.66
C PHE A 76 2.40 7.25 4.09
N GLY A 77 2.66 8.37 4.76
CA GLY A 77 2.34 9.71 4.35
C GLY A 77 3.01 10.17 3.10
N GLN A 78 4.11 9.52 2.66
CA GLN A 78 4.81 9.94 1.48
C GLN A 78 4.08 9.60 0.23
N PHE A 79 3.20 8.59 0.29
CA PHE A 79 2.39 8.13 -0.79
C PHE A 79 1.19 8.99 -0.95
N LEU A 80 0.69 9.57 0.16
CA LEU A 80 -0.49 10.38 0.17
C LEU A 80 -0.22 11.80 -0.20
N PRO A 81 -1.11 12.54 -0.80
CA PRO A 81 -0.89 13.93 -1.08
C PRO A 81 -1.07 14.79 0.13
N GLU A 82 -0.32 15.89 0.21
CA GLU A 82 -0.44 16.86 1.28
C GLU A 82 -1.62 17.75 1.12
N ALA A 83 -1.82 18.29 -0.10
CA ALA A 83 -2.93 19.10 -0.48
C ALA A 83 -2.92 19.13 -1.98
N LYS A 84 -1.83 19.65 -2.57
CA LYS A 84 -1.66 19.65 -3.98
C LYS A 84 -0.23 19.91 -4.34
N ARG A 85 0.65 18.92 -4.10
CA ARG A 85 2.06 19.03 -4.30
C ARG A 85 2.47 18.90 -5.76
N VAL B 1 1.58 8.43 -14.12
CA VAL B 1 2.77 7.90 -13.42
C VAL B 1 3.10 8.65 -12.18
N ARG B 2 2.55 8.25 -11.02
CA ARG B 2 2.87 8.80 -9.74
C ARG B 2 2.88 7.71 -8.72
N MET B 3 2.98 8.05 -7.43
CA MET B 3 2.73 7.16 -6.34
C MET B 3 1.28 6.89 -6.15
N ASN B 4 0.67 7.45 -5.09
CA ASN B 4 -0.63 7.18 -4.57
C ASN B 4 -0.67 5.84 -3.91
N ILE B 5 -1.81 5.41 -3.33
CA ILE B 5 -1.93 4.13 -2.71
C ILE B 5 -2.01 3.00 -3.67
N GLN B 6 -2.38 3.27 -4.94
CA GLN B 6 -2.45 2.31 -6.01
C GLN B 6 -1.24 1.48 -6.24
N MET B 7 -0.05 1.99 -5.88
CA MET B 7 1.22 1.34 -6.02
C MET B 7 1.44 0.23 -5.05
N LEU B 8 0.86 0.29 -3.84
CA LEU B 8 0.93 -0.75 -2.86
C LEU B 8 0.43 -2.08 -3.32
N LEU B 9 -0.65 -2.06 -4.13
CA LEU B 9 -1.33 -3.25 -4.51
C LEU B 9 -0.60 -3.91 -5.64
N GLU B 10 0.26 -3.13 -6.31
CA GLU B 10 1.17 -3.63 -7.29
C GLU B 10 2.39 -4.19 -6.65
N ALA B 11 2.99 -3.44 -5.71
CA ALA B 11 4.14 -3.80 -4.94
C ALA B 11 3.97 -5.05 -4.15
N ALA B 12 2.83 -5.25 -3.48
CA ALA B 12 2.48 -6.44 -2.79
C ALA B 12 2.40 -7.65 -3.66
N ASP B 13 1.79 -7.55 -4.86
CA ASP B 13 1.68 -8.60 -5.81
C ASP B 13 3.00 -8.98 -6.39
N TYR B 14 3.82 -7.99 -6.76
CA TYR B 14 5.20 -8.11 -7.16
C TYR B 14 6.03 -8.85 -6.17
N LEU B 15 6.03 -8.45 -4.88
CA LEU B 15 6.79 -9.08 -3.86
C LEU B 15 6.33 -10.45 -3.50
N GLU B 16 5.04 -10.75 -3.73
CA GLU B 16 4.47 -12.05 -3.61
C GLU B 16 4.92 -12.97 -4.69
N ARG B 17 4.91 -12.50 -5.95
CA ARG B 17 5.45 -13.14 -7.11
C ARG B 17 6.91 -13.44 -7.03
N ARG B 18 7.69 -12.54 -6.41
CA ARG B 18 9.10 -12.69 -6.14
C ARG B 18 9.49 -13.94 -5.44
N GLU B 19 8.63 -14.46 -4.54
CA GLU B 19 8.87 -15.66 -3.80
C GLU B 19 8.85 -16.90 -4.62
N ARG B 20 8.05 -16.91 -5.70
CA ARG B 20 8.01 -17.95 -6.69
C ARG B 20 9.14 -17.80 -7.64
N GLU B 21 9.47 -16.55 -8.03
CA GLU B 21 10.56 -16.20 -8.89
C GLU B 21 11.90 -16.63 -8.40
N ALA B 22 12.20 -16.39 -7.11
CA ALA B 22 13.40 -16.71 -6.41
C ALA B 22 13.78 -18.15 -6.37
N GLU B 23 12.84 -19.07 -6.61
CA GLU B 23 13.07 -20.48 -6.65
C GLU B 23 13.91 -20.90 -7.80
N HIS B 24 13.74 -20.24 -8.96
CA HIS B 24 14.37 -20.58 -10.20
C HIS B 24 15.30 -19.47 -10.69
N GLU A 1 17.40 1.45 -19.13
CA GLU A 1 17.08 0.57 -17.99
C GLU A 1 15.94 1.04 -17.16
N SER A 2 15.44 2.26 -17.41
CA SER A 2 14.25 2.85 -16.88
C SER A 2 14.33 3.27 -15.46
N ASP A 3 13.74 4.44 -15.13
CA ASP A 3 13.70 4.93 -13.78
C ASP A 3 12.48 4.42 -13.11
N SER A 4 12.65 3.54 -12.11
CA SER A 4 11.61 2.85 -11.41
C SER A 4 11.84 2.94 -9.94
N VAL A 5 12.39 4.08 -9.49
CA VAL A 5 12.74 4.45 -8.15
C VAL A 5 11.56 4.38 -7.24
N GLU A 6 10.48 5.10 -7.59
CA GLU A 6 9.36 5.27 -6.71
C GLU A 6 8.50 4.05 -6.65
N PHE A 7 8.62 3.22 -7.70
CA PHE A 7 8.11 1.89 -7.71
C PHE A 7 8.75 1.05 -6.65
N ASN A 8 10.06 1.18 -6.43
CA ASN A 8 10.86 0.50 -5.45
C ASN A 8 10.68 1.08 -4.09
N ASN A 9 10.38 2.38 -3.97
CA ASN A 9 9.98 3.01 -2.75
C ASN A 9 8.69 2.47 -2.24
N ALA A 10 7.78 2.05 -3.14
CA ALA A 10 6.60 1.33 -2.77
C ALA A 10 6.89 -0.05 -2.30
N ILE A 11 7.80 -0.80 -2.96
CA ILE A 11 8.21 -2.11 -2.59
C ILE A 11 8.77 -2.20 -1.22
N SER A 12 9.69 -1.29 -0.88
CA SER A 12 10.36 -1.24 0.39
C SER A 12 9.42 -1.17 1.55
N TYR A 13 8.29 -0.45 1.39
CA TYR A 13 7.29 -0.33 2.40
C TYR A 13 6.57 -1.61 2.65
N VAL A 14 5.98 -2.24 1.60
CA VAL A 14 5.31 -3.49 1.70
C VAL A 14 6.20 -4.59 2.17
N ASN A 15 7.47 -4.62 1.71
CA ASN A 15 8.46 -5.50 2.24
C ASN A 15 8.73 -5.35 3.70
N LYS A 16 8.95 -4.12 4.23
CA LYS A 16 9.12 -3.89 5.63
C LYS A 16 7.96 -4.34 6.46
N ILE A 17 6.73 -4.10 5.96
CA ILE A 17 5.50 -4.55 6.53
C ILE A 17 5.46 -6.04 6.63
N LYS A 18 5.79 -6.76 5.55
CA LYS A 18 5.82 -8.18 5.48
C LYS A 18 6.85 -8.80 6.37
N THR A 19 8.05 -8.21 6.49
CA THR A 19 9.07 -8.60 7.40
C THR A 19 8.69 -8.49 8.85
N ARG A 20 7.95 -7.44 9.24
CA ARG A 20 7.41 -7.39 10.57
C ARG A 20 6.27 -8.33 10.78
N PHE A 21 5.33 -8.44 9.83
CA PHE A 21 4.17 -9.27 9.96
C PHE A 21 4.40 -10.68 9.56
N LEU A 22 5.48 -11.30 10.05
CA LEU A 22 5.71 -12.71 9.96
C LEU A 22 4.99 -13.41 11.07
N ASP A 23 5.00 -12.78 12.25
CA ASP A 23 4.27 -13.19 13.41
C ASP A 23 2.82 -12.84 13.35
N HIS A 24 2.38 -12.11 12.30
CA HIS A 24 1.01 -11.75 12.12
C HIS A 24 0.64 -11.84 10.68
N PRO A 25 0.55 -12.95 10.01
CA PRO A 25 0.40 -13.00 8.59
C PRO A 25 -0.97 -12.66 8.13
N GLU A 26 -1.93 -12.44 9.05
CA GLU A 26 -3.30 -12.17 8.76
C GLU A 26 -3.51 -10.74 8.37
N ILE A 27 -2.57 -9.85 8.71
CA ILE A 27 -2.61 -8.47 8.37
C ILE A 27 -2.45 -8.30 6.89
N TYR A 28 -1.66 -9.19 6.25
CA TYR A 28 -1.39 -9.18 4.85
C TYR A 28 -2.59 -9.43 3.99
N ARG A 29 -3.67 -10.02 4.55
CA ARG A 29 -4.95 -9.99 3.93
C ARG A 29 -5.61 -8.65 4.09
N SER A 30 -5.87 -8.22 5.34
CA SER A 30 -6.83 -7.20 5.63
C SER A 30 -6.34 -5.81 5.40
N PHE A 31 -5.01 -5.58 5.46
CA PHE A 31 -4.37 -4.37 5.07
C PHE A 31 -4.68 -3.90 3.68
N LEU A 32 -4.46 -4.78 2.68
CA LEU A 32 -4.61 -4.46 1.29
C LEU A 32 -6.04 -4.27 0.91
N GLU A 33 -6.91 -5.10 1.49
CA GLU A 33 -8.34 -4.98 1.45
C GLU A 33 -8.87 -3.61 1.69
N ILE A 34 -8.39 -2.88 2.72
CA ILE A 34 -8.73 -1.52 2.99
C ILE A 34 -8.29 -0.60 1.89
N LEU A 35 -7.06 -0.74 1.35
CA LEU A 35 -6.62 0.03 0.23
C LEU A 35 -7.41 -0.19 -1.01
N HIS A 36 -7.81 -1.45 -1.27
CA HIS A 36 -8.65 -1.84 -2.36
C HIS A 36 -9.99 -1.20 -2.30
N THR A 37 -10.55 -0.96 -1.11
CA THR A 37 -11.77 -0.23 -0.89
C THR A 37 -11.79 1.13 -1.48
N TYR A 38 -10.61 1.77 -1.63
CA TYR A 38 -10.47 2.90 -2.49
C TYR A 38 -10.34 2.55 -3.92
N GLN A 39 -9.30 1.76 -4.28
CA GLN A 39 -8.82 1.67 -5.62
C GLN A 39 -9.61 0.84 -6.56
N LYS A 40 -10.52 -0.02 -6.04
CA LYS A 40 -11.43 -0.90 -6.70
C LYS A 40 -12.10 -0.42 -7.94
N GLU A 41 -12.49 0.87 -7.91
CA GLU A 41 -13.09 1.63 -8.96
C GLU A 41 -12.37 1.61 -10.26
N GLN A 42 -11.05 1.42 -10.25
CA GLN A 42 -10.22 1.42 -11.42
C GLN A 42 -10.21 0.13 -12.17
N LEU A 43 -10.57 -0.99 -11.52
CA LEU A 43 -10.48 -2.31 -12.08
C LEU A 43 -11.28 -2.53 -13.31
N HIS A 44 -12.55 -2.09 -13.32
CA HIS A 44 -13.31 -1.97 -14.53
C HIS A 44 -13.78 -0.56 -14.70
N THR A 45 -12.85 0.40 -14.77
CA THR A 45 -13.15 1.76 -15.08
C THR A 45 -13.30 1.95 -16.54
N LYS A 46 -14.21 2.88 -16.93
CA LYS A 46 -14.48 3.23 -18.29
C LYS A 46 -14.49 4.71 -18.35
N GLY A 47 -15.65 5.34 -18.57
CA GLY A 47 -15.80 6.76 -18.69
C GLY A 47 -16.34 7.41 -17.46
N ARG A 48 -16.03 6.84 -16.28
CA ARG A 48 -16.38 7.39 -15.02
C ARG A 48 -15.36 8.41 -14.60
N PRO A 49 -15.66 9.39 -13.81
CA PRO A 49 -14.65 10.12 -13.09
C PRO A 49 -14.10 9.30 -11.97
N PHE A 50 -13.00 9.77 -11.35
CA PHE A 50 -12.37 9.12 -10.25
C PHE A 50 -13.17 9.26 -8.99
N ARG A 51 -13.30 8.14 -8.27
CA ARG A 51 -14.00 8.09 -7.02
C ARG A 51 -13.08 8.12 -5.84
N GLY A 52 -12.86 7.00 -5.14
CA GLY A 52 -12.19 7.03 -3.86
C GLY A 52 -13.05 7.66 -2.82
N MET A 53 -12.41 8.20 -1.77
CA MET A 53 -13.12 8.54 -0.57
C MET A 53 -12.36 9.59 0.17
N SER A 54 -12.27 9.46 1.50
CA SER A 54 -11.30 10.16 2.28
C SER A 54 -10.04 9.37 2.32
N GLU A 55 -8.91 9.93 1.87
CA GLU A 55 -7.62 9.33 1.97
C GLU A 55 -7.22 9.04 3.38
N GLU A 56 -7.75 9.83 4.32
CA GLU A 56 -7.69 9.61 5.73
C GLU A 56 -8.28 8.32 6.20
N GLU A 57 -9.29 7.74 5.53
CA GLU A 57 -10.02 6.63 6.08
C GLU A 57 -9.28 5.36 5.82
N VAL A 58 -8.61 5.31 4.65
CA VAL A 58 -7.84 4.18 4.23
C VAL A 58 -6.72 3.95 5.18
N PHE A 59 -6.10 5.07 5.58
CA PHE A 59 -5.17 5.22 6.65
C PHE A 59 -5.72 4.86 7.98
N THR A 60 -6.88 5.41 8.38
CA THR A 60 -7.54 5.17 9.63
C THR A 60 -7.83 3.74 9.94
N GLU A 61 -8.32 2.98 8.95
CA GLU A 61 -8.66 1.60 9.16
C GLU A 61 -7.45 0.72 9.28
N VAL A 62 -6.42 0.90 8.42
CA VAL A 62 -5.14 0.27 8.50
C VAL A 62 -4.44 0.45 9.80
N ALA A 63 -4.66 1.61 10.44
CA ALA A 63 -3.99 2.03 11.63
C ALA A 63 -4.32 1.14 12.79
N ASN A 64 -5.54 0.58 12.82
CA ASN A 64 -5.90 -0.28 13.91
C ASN A 64 -5.21 -1.61 13.82
N LEU A 65 -4.89 -2.04 12.59
CA LEU A 65 -4.20 -3.25 12.31
C LEU A 65 -2.77 -3.14 12.73
N PHE A 66 -2.17 -1.97 12.46
CA PHE A 66 -0.76 -1.74 12.51
C PHE A 66 -0.35 -1.21 13.84
N ARG A 67 -1.32 -0.68 14.60
CA ARG A 67 -1.25 -0.05 15.88
C ARG A 67 -0.24 -0.59 16.84
N GLY A 68 0.64 0.31 17.32
CA GLY A 68 1.85 -0.03 17.99
C GLY A 68 2.99 0.50 17.19
N GLN A 69 3.00 0.24 15.87
CA GLN A 69 4.04 0.65 14.98
C GLN A 69 3.71 1.93 14.29
N GLU A 70 4.30 3.06 14.74
CA GLU A 70 4.13 4.34 14.13
C GLU A 70 5.04 4.54 12.96
N ASP A 71 6.20 3.86 12.91
CA ASP A 71 7.27 4.12 12.00
C ASP A 71 6.95 3.80 10.57
N LEU A 72 5.96 2.91 10.37
CA LEU A 72 5.37 2.63 9.10
C LEU A 72 4.46 3.73 8.63
N LEU A 73 3.44 4.11 9.41
CA LEU A 73 2.46 5.11 9.08
C LEU A 73 3.05 6.47 8.90
N SER A 74 4.23 6.67 9.49
CA SER A 74 5.08 7.82 9.43
C SER A 74 5.49 8.14 8.03
N GLU A 75 6.06 7.14 7.34
CA GLU A 75 6.48 7.20 5.97
C GLU A 75 5.36 7.00 5.01
N PHE A 76 4.26 6.34 5.42
CA PHE A 76 3.10 6.09 4.62
C PHE A 76 2.45 7.32 4.08
N GLY A 77 2.70 8.46 4.73
CA GLY A 77 2.34 9.79 4.32
C GLY A 77 2.85 10.20 2.98
N GLN A 78 3.88 9.55 2.42
CA GLN A 78 4.31 9.80 1.08
C GLN A 78 3.34 9.43 0.00
N PHE A 79 2.49 8.41 0.23
CA PHE A 79 1.51 7.97 -0.70
C PHE A 79 0.27 8.78 -0.61
N LEU A 80 0.05 9.42 0.55
CA LEU A 80 -1.12 10.21 0.82
C LEU A 80 -0.89 11.65 0.54
N PRO A 81 -1.86 12.50 0.39
CA PRO A 81 -1.62 13.87 0.03
C PRO A 81 -1.03 14.71 1.11
N GLU A 82 -0.45 15.86 0.79
CA GLU A 82 -0.16 16.86 1.77
C GLU A 82 -1.28 17.84 1.91
N ALA A 83 -1.91 18.23 0.78
CA ALA A 83 -3.05 19.09 0.76
C ALA A 83 -3.81 18.69 -0.46
N LYS A 84 -4.08 19.62 -1.38
CA LYS A 84 -4.29 19.31 -2.75
C LYS A 84 -3.27 20.06 -3.55
N ARG A 85 -3.56 21.34 -3.83
CA ARG A 85 -2.64 22.26 -4.42
C ARG A 85 -1.92 23.05 -3.33
N VAL B 1 2.31 5.98 -13.16
CA VAL B 1 2.81 5.33 -11.93
C VAL B 1 3.27 6.30 -10.90
N ARG B 2 2.34 7.13 -10.39
CA ARG B 2 2.58 8.10 -9.36
C ARG B 2 2.47 7.49 -8.00
N MET B 3 3.01 8.16 -6.96
CA MET B 3 2.93 7.74 -5.61
C MET B 3 1.59 7.97 -4.98
N ASN B 4 0.61 7.12 -5.34
CA ASN B 4 -0.67 7.03 -4.72
C ASN B 4 -0.75 5.73 -4.00
N ILE B 5 -1.84 5.45 -3.25
CA ILE B 5 -2.02 4.23 -2.53
C ILE B 5 -2.05 3.02 -3.40
N GLN B 6 -2.50 3.16 -4.66
CA GLN B 6 -2.45 2.20 -5.71
C GLN B 6 -1.19 1.41 -5.81
N MET B 7 -0.03 2.07 -5.62
CA MET B 7 1.28 1.52 -5.66
C MET B 7 1.49 0.31 -4.82
N LEU B 8 0.96 0.30 -3.58
CA LEU B 8 0.99 -0.83 -2.70
C LEU B 8 0.38 -2.07 -3.23
N LEU B 9 -0.71 -1.94 -4.02
CA LEU B 9 -1.45 -3.07 -4.49
C LEU B 9 -0.76 -3.66 -5.67
N GLU B 10 0.12 -2.89 -6.31
CA GLU B 10 1.00 -3.35 -7.34
C GLU B 10 2.19 -4.01 -6.75
N ALA B 11 2.84 -3.35 -5.78
CA ALA B 11 3.97 -3.77 -5.01
C ALA B 11 3.77 -5.04 -4.27
N ALA B 12 2.60 -5.23 -3.62
CA ALA B 12 2.21 -6.42 -2.95
C ALA B 12 2.16 -7.61 -3.85
N ASP B 13 1.60 -7.45 -5.06
CA ASP B 13 1.48 -8.50 -6.03
C ASP B 13 2.78 -8.84 -6.66
N TYR B 14 3.66 -7.84 -6.86
CA TYR B 14 5.02 -7.98 -7.27
C TYR B 14 5.81 -8.77 -6.30
N LEU B 15 5.74 -8.45 -4.99
CA LEU B 15 6.46 -9.13 -3.95
C LEU B 15 5.99 -10.53 -3.69
N GLU B 16 4.72 -10.88 -4.00
CA GLU B 16 4.29 -12.24 -4.03
C GLU B 16 4.98 -13.06 -5.06
N ARG B 17 5.09 -12.54 -6.29
CA ARG B 17 5.83 -13.16 -7.35
C ARG B 17 7.29 -13.25 -7.10
N ARG B 18 7.89 -12.20 -6.51
CA ARG B 18 9.28 -12.15 -6.20
C ARG B 18 9.74 -13.07 -5.12
N GLU B 19 8.86 -13.42 -4.15
CA GLU B 19 9.15 -14.45 -3.20
C GLU B 19 9.17 -15.81 -3.79
N ARG B 20 8.44 -16.08 -4.89
CA ARG B 20 8.48 -17.33 -5.58
C ARG B 20 9.81 -17.63 -6.18
N GLU B 21 10.60 -16.60 -6.52
CA GLU B 21 11.97 -16.76 -6.91
C GLU B 21 12.85 -17.23 -5.82
N ALA B 22 12.61 -16.77 -4.58
CA ALA B 22 13.29 -17.23 -3.40
C ALA B 22 12.94 -18.63 -3.02
N GLU B 23 11.81 -19.16 -3.54
CA GLU B 23 11.40 -20.51 -3.30
C GLU B 23 12.17 -21.53 -4.04
N HIS B 24 12.92 -21.18 -5.11
CA HIS B 24 13.63 -22.15 -5.87
C HIS B 24 14.95 -22.63 -5.28
#